data_1WG7
#
_entry.id   1WG7
#
_entity_poly.entity_id   1
_entity_poly.type   'polypeptide(L)'
_entity_poly.pdbx_seq_one_letter_code
;GSSGSSGAASLGSQKGGITKHGWLYKGNMNSAISVTMRSFKRRFFHLIQLGDGSYNLNFYKDEKISKEPKGSIFLDSCMG
VVQNNKVRRFAFELKMQDKSSYLLAADSEVEMEEWITILNKILQLNFEAAMQEKRNGDSHEDDESGPSSG
;
_entity_poly.pdbx_strand_id   A
#
# COMPACT_ATOMS: atom_id res chain seq x y z
N GLY A 1 23.60 -18.28 26.25
CA GLY A 1 22.57 -17.28 26.03
C GLY A 1 21.32 -17.91 25.40
N SER A 2 20.77 -17.21 24.42
CA SER A 2 19.59 -17.68 23.74
C SER A 2 19.66 -17.35 22.24
N SER A 3 19.77 -16.05 21.98
CA SER A 3 19.85 -15.58 20.61
C SER A 3 19.97 -14.05 20.59
N GLY A 4 20.29 -13.53 19.41
CA GLY A 4 20.43 -12.09 19.24
C GLY A 4 21.80 -11.74 18.67
N SER A 5 21.79 -10.79 17.75
CA SER A 5 23.03 -10.37 17.11
C SER A 5 23.26 -8.88 17.39
N SER A 6 23.67 -8.60 18.62
CA SER A 6 23.94 -7.23 19.03
C SER A 6 22.88 -6.29 18.44
N GLY A 7 21.70 -6.33 19.02
CA GLY A 7 20.61 -5.50 18.57
C GLY A 7 20.56 -5.43 17.04
N ALA A 8 20.06 -4.31 16.53
CA ALA A 8 19.97 -4.11 15.10
C ALA A 8 20.53 -2.73 14.74
N ALA A 9 20.32 -2.35 13.50
CA ALA A 9 20.80 -1.06 13.01
C ALA A 9 20.15 -0.75 11.67
N SER A 10 20.61 0.33 11.06
CA SER A 10 20.09 0.76 9.77
C SER A 10 18.60 1.10 9.90
N LEU A 11 18.19 1.39 11.13
CA LEU A 11 16.81 1.74 11.40
C LEU A 11 16.68 3.25 11.53
N GLY A 12 15.78 3.82 10.74
CA GLY A 12 15.56 5.25 10.78
C GLY A 12 15.02 5.75 9.43
N SER A 13 14.57 7.00 9.43
CA SER A 13 14.03 7.60 8.22
C SER A 13 14.50 9.05 8.12
N GLN A 14 13.98 9.74 7.10
CA GLN A 14 14.34 11.12 6.88
C GLN A 14 13.23 11.83 6.08
N LYS A 15 13.18 13.14 6.24
CA LYS A 15 12.19 13.94 5.55
C LYS A 15 10.79 13.39 5.85
N GLY A 16 9.79 14.15 5.44
CA GLY A 16 8.40 13.74 5.65
C GLY A 16 8.07 12.49 4.85
N GLY A 17 7.02 12.61 4.03
CA GLY A 17 6.58 11.51 3.21
C GLY A 17 5.19 11.79 2.62
N ILE A 18 4.48 10.70 2.33
CA ILE A 18 3.15 10.81 1.78
C ILE A 18 2.13 10.36 2.81
N THR A 19 0.89 10.22 2.36
CA THR A 19 -0.19 9.80 3.24
C THR A 19 -1.54 9.94 2.53
N LYS A 20 -2.57 9.40 3.16
CA LYS A 20 -3.91 9.46 2.61
C LYS A 20 -4.86 8.66 3.50
N HIS A 21 -6.10 9.13 3.56
CA HIS A 21 -7.11 8.47 4.37
C HIS A 21 -8.50 8.68 3.74
N GLY A 22 -9.36 7.70 3.93
CA GLY A 22 -10.70 7.76 3.38
C GLY A 22 -11.38 6.39 3.44
N TRP A 23 -12.67 6.40 3.16
CA TRP A 23 -13.45 5.17 3.17
C TRP A 23 -13.38 4.56 1.77
N LEU A 24 -12.82 3.36 1.71
CA LEU A 24 -12.69 2.65 0.44
C LEU A 24 -13.63 1.45 0.44
N TYR A 25 -13.58 0.70 -0.65
CA TYR A 25 -14.42 -0.48 -0.81
C TYR A 25 -13.58 -1.72 -1.09
N LYS A 26 -13.20 -2.40 -0.03
CA LYS A 26 -12.39 -3.61 -0.15
C LYS A 26 -13.27 -4.75 -0.64
N GLY A 27 -12.64 -5.67 -1.37
CA GLY A 27 -13.36 -6.82 -1.91
C GLY A 27 -12.61 -8.12 -1.61
N ASN A 28 -13.09 -9.19 -2.22
CA ASN A 28 -12.48 -10.50 -2.03
C ASN A 28 -11.65 -10.84 -3.28
N MET A 29 -12.19 -10.47 -4.43
CA MET A 29 -11.52 -10.73 -5.69
C MET A 29 -11.49 -12.24 -5.99
N ASN A 30 -11.94 -12.58 -7.17
CA ASN A 30 -11.97 -13.97 -7.59
C ASN A 30 -12.34 -14.04 -9.07
N SER A 31 -12.41 -15.28 -9.57
CA SER A 31 -12.75 -15.50 -10.97
C SER A 31 -14.05 -14.77 -11.31
N ALA A 32 -15.16 -15.40 -10.99
CA ALA A 32 -16.46 -14.82 -11.25
C ALA A 32 -16.49 -13.37 -10.76
N ILE A 33 -17.61 -12.71 -11.02
CA ILE A 33 -17.77 -11.32 -10.60
C ILE A 33 -18.39 -11.28 -9.21
N SER A 34 -19.53 -11.96 -9.09
CA SER A 34 -20.24 -12.01 -7.82
C SER A 34 -19.28 -12.42 -6.70
N VAL A 35 -18.19 -13.06 -7.10
CA VAL A 35 -17.19 -13.51 -6.14
C VAL A 35 -16.11 -12.43 -6.00
N THR A 36 -15.77 -11.83 -7.13
CA THR A 36 -14.75 -10.79 -7.15
C THR A 36 -15.09 -9.70 -6.13
N MET A 37 -16.37 -9.36 -6.07
CA MET A 37 -16.83 -8.34 -5.14
C MET A 37 -17.33 -8.97 -3.84
N ARG A 38 -17.88 -10.17 -3.98
CA ARG A 38 -18.39 -10.89 -2.82
C ARG A 38 -18.99 -9.91 -1.82
N SER A 39 -19.80 -9.00 -2.33
CA SER A 39 -20.45 -8.00 -1.49
C SER A 39 -19.44 -6.93 -1.08
N PHE A 40 -19.07 -6.10 -2.04
CA PHE A 40 -18.12 -5.03 -1.79
C PHE A 40 -18.45 -4.31 -0.49
N LYS A 41 -17.53 -4.41 0.46
CA LYS A 41 -17.70 -3.77 1.75
C LYS A 41 -16.86 -2.51 1.80
N ARG A 42 -17.32 -1.55 2.60
CA ARG A 42 -16.61 -0.29 2.74
C ARG A 42 -15.86 -0.25 4.08
N ARG A 43 -14.65 0.27 4.04
CA ARG A 43 -13.83 0.38 5.24
C ARG A 43 -12.93 1.61 5.16
N PHE A 44 -12.51 2.07 6.32
CA PHE A 44 -11.63 3.23 6.40
C PHE A 44 -10.16 2.82 6.25
N PHE A 45 -9.61 3.15 5.09
CA PHE A 45 -8.23 2.83 4.81
C PHE A 45 -7.30 3.97 5.25
N HIS A 46 -6.47 3.67 6.23
CA HIS A 46 -5.53 4.66 6.75
C HIS A 46 -4.10 4.26 6.37
N LEU A 47 -3.34 5.24 5.93
CA LEU A 47 -1.96 5.00 5.54
C LEU A 47 -1.03 5.44 6.68
N ILE A 48 -0.05 4.60 6.95
CA ILE A 48 0.91 4.88 8.00
C ILE A 48 2.30 4.44 7.55
N GLN A 49 3.30 5.20 7.99
CA GLN A 49 4.68 4.89 7.64
C GLN A 49 5.33 4.04 8.74
N LEU A 50 5.69 2.82 8.35
CA LEU A 50 6.31 1.90 9.29
C LEU A 50 7.51 2.59 9.95
N GLY A 51 7.98 1.98 11.03
CA GLY A 51 9.11 2.52 11.75
C GLY A 51 10.43 2.17 11.05
N ASP A 52 10.55 2.66 9.83
CA ASP A 52 11.75 2.41 9.04
C ASP A 52 11.79 3.37 7.85
N GLY A 53 10.64 3.52 7.22
CA GLY A 53 10.52 4.40 6.07
C GLY A 53 9.43 3.92 5.10
N SER A 54 9.21 2.61 5.14
CA SER A 54 8.20 2.01 4.28
C SER A 54 6.81 2.49 4.69
N TYR A 55 5.84 2.20 3.83
CA TYR A 55 4.47 2.60 4.08
C TYR A 55 3.54 1.39 4.08
N ASN A 56 2.65 1.36 5.06
CA ASN A 56 1.70 0.27 5.18
C ASN A 56 0.28 0.83 5.21
N LEU A 57 -0.58 0.24 4.39
CA LEU A 57 -1.97 0.67 4.32
C LEU A 57 -2.82 -0.19 5.25
N ASN A 58 -3.25 0.41 6.34
CA ASN A 58 -4.07 -0.28 7.31
C ASN A 58 -5.48 0.29 7.30
N PHE A 59 -6.44 -0.61 7.18
CA PHE A 59 -7.85 -0.21 7.14
C PHE A 59 -8.58 -0.64 8.42
N TYR A 60 -9.42 0.26 8.91
CA TYR A 60 -10.17 -0.02 10.11
C TYR A 60 -11.68 -0.06 9.82
N LYS A 61 -12.44 -0.40 10.85
CA LYS A 61 -13.89 -0.49 10.71
C LYS A 61 -14.47 0.92 10.55
N ASP A 62 -13.79 1.87 11.17
CA ASP A 62 -14.23 3.26 11.09
C ASP A 62 -13.00 4.16 10.98
N GLU A 63 -13.21 5.44 11.30
CA GLU A 63 -12.13 6.42 11.24
C GLU A 63 -11.25 6.31 12.49
N LYS A 64 -11.90 5.94 13.59
CA LYS A 64 -11.18 5.80 14.85
C LYS A 64 -10.15 4.67 14.72
N ILE A 65 -8.91 5.08 14.49
CA ILE A 65 -7.82 4.12 14.35
C ILE A 65 -7.08 4.00 15.68
N SER A 66 -5.77 3.86 15.58
CA SER A 66 -4.94 3.73 16.77
C SER A 66 -4.96 2.28 17.26
N LYS A 67 -6.16 1.75 17.40
CA LYS A 67 -6.33 0.39 17.86
C LYS A 67 -5.92 -0.58 16.75
N GLU A 68 -6.20 -1.85 16.98
CA GLU A 68 -5.86 -2.88 16.01
C GLU A 68 -6.80 -2.79 14.80
N PRO A 69 -6.18 -2.56 13.61
CA PRO A 69 -6.95 -2.47 12.38
C PRO A 69 -7.41 -3.84 11.91
N LYS A 70 -8.25 -3.82 10.89
CA LYS A 70 -8.78 -5.06 10.33
C LYS A 70 -7.67 -5.80 9.59
N GLY A 71 -6.73 -5.03 9.05
CA GLY A 71 -5.61 -5.59 8.33
C GLY A 71 -4.69 -4.50 7.80
N SER A 72 -3.56 -4.93 7.26
CA SER A 72 -2.59 -4.00 6.72
C SER A 72 -2.01 -4.54 5.41
N ILE A 73 -1.88 -3.65 4.43
CA ILE A 73 -1.36 -4.03 3.14
C ILE A 73 0.12 -3.66 3.07
N PHE A 74 0.95 -4.68 2.86
CA PHE A 74 2.38 -4.47 2.77
C PHE A 74 2.76 -3.85 1.41
N LEU A 75 2.47 -2.57 1.28
CA LEU A 75 2.77 -1.85 0.06
C LEU A 75 4.20 -2.18 -0.37
N ASP A 76 5.04 -2.44 0.62
CA ASP A 76 6.44 -2.77 0.35
C ASP A 76 6.51 -3.93 -0.63
N SER A 77 5.43 -4.70 -0.68
CA SER A 77 5.35 -5.84 -1.58
C SER A 77 4.46 -5.50 -2.78
N CYS A 78 3.47 -4.66 -2.53
CA CYS A 78 2.55 -4.26 -3.56
C CYS A 78 3.34 -4.05 -4.86
N MET A 79 2.89 -4.68 -5.91
CA MET A 79 3.54 -4.58 -7.20
C MET A 79 3.09 -3.32 -7.94
N GLY A 80 1.78 -3.10 -7.91
CA GLY A 80 1.20 -1.93 -8.58
C GLY A 80 -0.32 -1.97 -8.50
N VAL A 81 -0.93 -0.83 -8.83
CA VAL A 81 -2.37 -0.71 -8.81
C VAL A 81 -2.91 -0.83 -10.24
N VAL A 82 -3.87 -1.73 -10.40
CA VAL A 82 -4.48 -1.95 -11.70
C VAL A 82 -5.86 -1.31 -11.72
N GLN A 83 -6.45 -1.27 -12.92
CA GLN A 83 -7.77 -0.70 -13.09
C GLN A 83 -8.78 -1.77 -13.50
N ASN A 84 -9.68 -2.06 -12.59
CA ASN A 84 -10.70 -3.07 -12.85
C ASN A 84 -11.76 -2.49 -13.80
N ASN A 85 -12.66 -1.71 -13.23
CA ASN A 85 -13.71 -1.09 -14.01
C ASN A 85 -14.90 -2.06 -14.11
N LYS A 86 -14.57 -3.32 -14.37
CA LYS A 86 -15.59 -4.35 -14.49
C LYS A 86 -16.49 -4.31 -13.26
N VAL A 87 -15.89 -4.62 -12.11
CA VAL A 87 -16.63 -4.64 -10.86
C VAL A 87 -17.43 -3.34 -10.73
N ARG A 88 -16.71 -2.25 -10.50
CA ARG A 88 -17.34 -0.96 -10.36
C ARG A 88 -16.69 0.06 -11.30
N ARG A 89 -17.35 1.21 -11.44
CA ARG A 89 -16.85 2.25 -12.31
C ARG A 89 -15.47 2.73 -11.83
N PHE A 90 -15.37 2.90 -10.52
CA PHE A 90 -14.11 3.34 -9.93
C PHE A 90 -13.59 2.31 -8.94
N ALA A 91 -13.05 1.24 -9.47
CA ALA A 91 -12.50 0.17 -8.64
C ALA A 91 -11.15 -0.28 -9.22
N PHE A 92 -10.17 -0.36 -8.33
CA PHE A 92 -8.84 -0.78 -8.73
C PHE A 92 -8.36 -1.97 -7.90
N GLU A 93 -7.64 -2.86 -8.56
CA GLU A 93 -7.11 -4.04 -7.89
C GLU A 93 -5.64 -3.83 -7.53
N LEU A 94 -5.29 -4.31 -6.34
CA LEU A 94 -3.92 -4.19 -5.87
C LEU A 94 -3.17 -5.49 -6.12
N LYS A 95 -2.20 -5.43 -7.03
CA LYS A 95 -1.41 -6.59 -7.38
C LYS A 95 -0.29 -6.76 -6.36
N MET A 96 -0.54 -7.61 -5.38
CA MET A 96 0.44 -7.86 -4.34
C MET A 96 1.54 -8.80 -4.84
N GLN A 97 2.49 -9.06 -3.96
CA GLN A 97 3.61 -9.93 -4.30
C GLN A 97 3.53 -11.23 -3.48
N ASP A 98 2.71 -11.19 -2.45
CA ASP A 98 2.55 -12.35 -1.58
C ASP A 98 1.42 -13.23 -2.13
N LYS A 99 1.37 -13.34 -3.45
CA LYS A 99 0.36 -14.14 -4.10
C LYS A 99 -1.03 -13.72 -3.59
N SER A 100 -1.60 -12.73 -4.26
CA SER A 100 -2.90 -12.23 -3.90
C SER A 100 -3.10 -10.81 -4.41
N SER A 101 -4.30 -10.29 -4.22
CA SER A 101 -4.62 -8.94 -4.67
C SER A 101 -5.90 -8.46 -4.00
N TYR A 102 -5.90 -7.18 -3.63
CA TYR A 102 -7.06 -6.60 -2.98
C TYR A 102 -7.89 -5.78 -3.97
N LEU A 103 -9.20 -5.79 -3.75
CA LEU A 103 -10.12 -5.07 -4.62
C LEU A 103 -10.55 -3.77 -3.93
N LEU A 104 -9.93 -2.68 -4.33
CA LEU A 104 -10.24 -1.38 -3.77
C LEU A 104 -11.19 -0.63 -4.71
N ALA A 105 -11.95 0.29 -4.12
CA ALA A 105 -12.90 1.07 -4.89
C ALA A 105 -13.29 2.32 -4.08
N ALA A 106 -13.31 3.44 -4.79
CA ALA A 106 -13.67 4.70 -4.16
C ALA A 106 -15.09 5.09 -4.56
N ASP A 107 -15.57 6.17 -3.95
CA ASP A 107 -16.91 6.65 -4.23
C ASP A 107 -16.90 7.45 -5.53
N SER A 108 -15.81 8.16 -5.74
CA SER A 108 -15.66 8.98 -6.93
C SER A 108 -14.33 8.66 -7.63
N GLU A 109 -14.26 9.02 -8.89
CA GLU A 109 -13.06 8.78 -9.68
C GLU A 109 -11.83 9.30 -8.93
N VAL A 110 -11.94 10.53 -8.44
CA VAL A 110 -10.85 11.15 -7.71
C VAL A 110 -10.41 10.21 -6.58
N GLU A 111 -11.32 9.98 -5.65
CA GLU A 111 -11.04 9.11 -4.51
C GLU A 111 -10.45 7.78 -5.01
N MET A 112 -10.72 7.48 -6.27
CA MET A 112 -10.23 6.24 -6.86
C MET A 112 -8.87 6.46 -7.50
N GLU A 113 -8.66 7.66 -8.01
CA GLU A 113 -7.41 8.01 -8.66
C GLU A 113 -6.35 8.36 -7.61
N GLU A 114 -6.80 9.08 -6.59
CA GLU A 114 -5.91 9.48 -5.51
C GLU A 114 -5.13 8.28 -4.99
N TRP A 115 -5.88 7.28 -4.54
CA TRP A 115 -5.27 6.07 -4.01
C TRP A 115 -4.35 5.49 -5.09
N ILE A 116 -4.93 5.29 -6.27
CA ILE A 116 -4.16 4.74 -7.38
C ILE A 116 -2.84 5.51 -7.51
N THR A 117 -2.87 6.76 -7.09
CA THR A 117 -1.69 7.61 -7.16
C THR A 117 -0.85 7.45 -5.89
N ILE A 118 -1.55 7.31 -4.77
CA ILE A 118 -0.88 7.15 -3.49
C ILE A 118 -0.14 5.83 -3.46
N LEU A 119 -0.90 4.74 -3.51
CA LEU A 119 -0.33 3.41 -3.50
C LEU A 119 0.81 3.34 -4.52
N ASN A 120 0.48 3.73 -5.74
CA ASN A 120 1.46 3.72 -6.82
C ASN A 120 2.71 4.48 -6.38
N LYS A 121 2.48 5.62 -5.74
CA LYS A 121 3.57 6.44 -5.26
C LYS A 121 4.50 5.59 -4.39
N ILE A 122 3.94 5.11 -3.28
CA ILE A 122 4.70 4.29 -2.35
C ILE A 122 5.24 3.06 -3.09
N LEU A 123 4.44 2.58 -4.04
CA LEU A 123 4.82 1.42 -4.82
C LEU A 123 6.08 1.75 -5.63
N GLN A 124 5.97 2.79 -6.45
CA GLN A 124 7.08 3.21 -7.27
C GLN A 124 8.23 3.73 -6.40
N LEU A 125 7.86 4.49 -5.39
CA LEU A 125 8.85 5.05 -4.47
C LEU A 125 9.53 3.91 -3.71
N ASN A 126 8.75 2.88 -3.42
CA ASN A 126 9.27 1.73 -2.70
C ASN A 126 10.46 1.15 -3.46
N PHE A 127 10.39 1.27 -4.78
CA PHE A 127 11.46 0.76 -5.63
C PHE A 127 12.71 1.62 -5.51
N GLU A 128 12.50 2.94 -5.51
CA GLU A 128 13.60 3.88 -5.40
C GLU A 128 14.08 3.97 -3.95
N ALA A 129 13.18 3.61 -3.04
CA ALA A 129 13.50 3.65 -1.63
C ALA A 129 14.49 2.52 -1.30
N ALA A 130 14.29 1.39 -1.96
CA ALA A 130 15.15 0.24 -1.75
C ALA A 130 16.59 0.62 -2.12
N MET A 131 16.74 1.17 -3.31
CA MET A 131 18.05 1.58 -3.78
C MET A 131 18.59 2.74 -2.96
N GLN A 132 17.67 3.48 -2.36
CA GLN A 132 18.05 4.62 -1.53
C GLN A 132 18.48 4.16 -0.14
N GLU A 133 17.76 3.16 0.36
CA GLU A 133 18.06 2.62 1.67
C GLU A 133 19.32 1.75 1.62
N LYS A 134 19.45 1.00 0.53
CA LYS A 134 20.59 0.13 0.35
C LYS A 134 21.88 0.92 0.64
N ARG A 135 21.94 2.11 0.06
CA ARG A 135 23.11 2.96 0.25
C ARG A 135 22.78 4.09 1.22
N ASN A 136 22.32 3.70 2.40
CA ASN A 136 21.95 4.67 3.42
C ASN A 136 21.75 3.95 4.76
N GLY A 137 22.73 4.11 5.63
CA GLY A 137 22.67 3.48 6.94
C GLY A 137 22.26 4.49 8.02
N ASP A 138 23.06 5.55 8.12
CA ASP A 138 22.79 6.59 9.10
C ASP A 138 21.28 6.89 9.12
N SER A 139 20.65 6.51 10.23
CA SER A 139 19.22 6.73 10.38
C SER A 139 18.80 6.42 11.82
N HIS A 140 17.80 7.15 12.28
CA HIS A 140 17.30 6.98 13.63
C HIS A 140 15.78 6.74 13.58
N GLU A 141 15.32 5.84 14.43
CA GLU A 141 13.91 5.51 14.50
C GLU A 141 13.49 5.25 15.94
N ASP A 142 12.20 5.02 16.12
CA ASP A 142 11.66 4.76 17.44
C ASP A 142 10.29 4.08 17.30
N ASP A 143 10.16 2.95 17.98
CA ASP A 143 8.92 2.20 17.94
C ASP A 143 8.63 1.62 19.33
N GLU A 144 7.38 1.77 19.74
CA GLU A 144 6.96 1.27 21.05
C GLU A 144 5.47 1.50 21.25
N SER A 145 4.69 0.45 21.03
CA SER A 145 3.25 0.54 21.19
C SER A 145 2.72 -0.77 21.78
N GLY A 146 1.94 -0.63 22.85
CA GLY A 146 1.36 -1.78 23.51
C GLY A 146 2.40 -2.89 23.69
N PRO A 147 3.06 -2.87 24.88
CA PRO A 147 4.07 -3.86 25.19
C PRO A 147 3.45 -5.21 25.53
N SER A 148 2.55 -5.17 26.51
CA SER A 148 1.86 -6.38 26.94
C SER A 148 0.92 -6.05 28.11
N SER A 149 0.03 -6.99 28.38
CA SER A 149 -0.94 -6.82 29.45
C SER A 149 -1.57 -8.17 29.81
N GLY A 150 -1.86 -8.33 31.09
CA GLY A 150 -2.45 -9.56 31.58
C GLY A 150 -1.88 -10.77 30.85
N GLY A 1 23.34 10.07 20.61
CA GLY A 1 22.58 9.80 21.81
C GLY A 1 23.32 8.82 22.73
N SER A 2 23.49 7.62 22.23
CA SER A 2 24.19 6.58 22.98
C SER A 2 24.87 5.60 22.03
N SER A 3 24.05 4.94 21.22
CA SER A 3 24.56 3.98 20.26
C SER A 3 23.43 3.51 19.34
N GLY A 4 23.77 3.36 18.07
CA GLY A 4 22.80 2.91 17.08
C GLY A 4 22.62 1.40 17.13
N SER A 5 23.38 0.72 16.28
CA SER A 5 23.32 -0.73 16.21
C SER A 5 21.89 -1.17 15.91
N SER A 6 21.72 -1.69 14.69
CA SER A 6 20.40 -2.16 14.27
C SER A 6 20.56 -3.22 13.16
N GLY A 7 19.85 -4.31 13.34
CA GLY A 7 19.90 -5.40 12.38
C GLY A 7 18.49 -5.89 12.03
N ALA A 8 17.69 -4.96 11.51
CA ALA A 8 16.32 -5.28 11.13
C ALA A 8 15.68 -4.05 10.51
N ALA A 9 14.48 -4.26 9.96
CA ALA A 9 13.75 -3.18 9.33
C ALA A 9 14.56 -2.64 8.16
N SER A 10 13.94 -2.69 6.98
CA SER A 10 14.59 -2.20 5.78
C SER A 10 13.55 -1.56 4.85
N LEU A 11 14.06 -0.98 3.76
CA LEU A 11 13.20 -0.33 2.80
C LEU A 11 12.54 0.89 3.45
N GLY A 12 12.73 2.04 2.82
CA GLY A 12 12.16 3.27 3.33
C GLY A 12 13.25 4.23 3.81
N SER A 13 13.26 5.41 3.23
CA SER A 13 14.24 6.43 3.58
C SER A 13 14.11 7.64 2.67
N GLN A 14 14.84 8.68 3.01
CA GLN A 14 14.82 9.90 2.22
C GLN A 14 13.41 10.52 2.24
N LYS A 15 13.33 11.74 1.73
CA LYS A 15 12.05 12.45 1.69
C LYS A 15 10.98 11.51 1.12
N GLY A 16 9.74 11.97 1.21
CA GLY A 16 8.62 11.19 0.70
C GLY A 16 7.48 11.17 1.72
N GLY A 17 7.03 12.37 2.09
CA GLY A 17 5.95 12.50 3.05
C GLY A 17 4.59 12.46 2.35
N ILE A 18 3.99 11.28 2.36
CA ILE A 18 2.70 11.08 1.73
C ILE A 18 1.69 10.58 2.78
N THR A 19 0.47 10.38 2.32
CA THR A 19 -0.58 9.90 3.20
C THR A 19 -1.94 9.97 2.50
N LYS A 20 -2.93 9.38 3.15
CA LYS A 20 -4.28 9.36 2.60
C LYS A 20 -5.20 8.56 3.52
N HIS A 21 -6.46 8.98 3.56
CA HIS A 21 -7.44 8.32 4.39
C HIS A 21 -8.84 8.52 3.81
N GLY A 22 -9.62 7.45 3.82
CA GLY A 22 -10.98 7.50 3.29
C GLY A 22 -11.63 6.13 3.35
N TRP A 23 -12.96 6.14 3.30
CA TRP A 23 -13.71 4.90 3.33
C TRP A 23 -13.67 4.28 1.94
N LEU A 24 -12.86 3.24 1.82
CA LEU A 24 -12.72 2.55 0.54
C LEU A 24 -13.50 1.23 0.60
N TYR A 25 -13.64 0.61 -0.57
CA TYR A 25 -14.35 -0.65 -0.67
C TYR A 25 -13.42 -1.78 -1.09
N LYS A 26 -13.08 -2.62 -0.13
CA LYS A 26 -12.19 -3.75 -0.39
C LYS A 26 -13.01 -5.04 -0.42
N GLY A 27 -12.72 -5.86 -1.41
CA GLY A 27 -13.41 -7.12 -1.57
C GLY A 27 -12.46 -8.23 -2.01
N ASN A 28 -13.01 -9.21 -2.72
CA ASN A 28 -12.22 -10.33 -3.21
C ASN A 28 -12.44 -10.48 -4.72
N MET A 29 -11.43 -10.09 -5.47
CA MET A 29 -11.50 -10.18 -6.92
C MET A 29 -11.86 -11.61 -7.36
N ASN A 30 -12.47 -11.69 -8.53
CA ASN A 30 -12.88 -12.98 -9.07
C ASN A 30 -13.74 -12.75 -10.32
N SER A 31 -13.56 -13.64 -11.28
CA SER A 31 -14.30 -13.56 -12.52
C SER A 31 -15.76 -13.18 -12.23
N ALA A 32 -16.47 -14.12 -11.64
CA ALA A 32 -17.87 -13.89 -11.30
C ALA A 32 -18.00 -12.57 -10.53
N ILE A 33 -18.72 -11.64 -11.12
CA ILE A 33 -18.93 -10.34 -10.51
C ILE A 33 -19.55 -10.53 -9.12
N SER A 34 -20.40 -11.54 -9.02
CA SER A 34 -21.07 -11.85 -7.76
C SER A 34 -20.02 -12.18 -6.70
N VAL A 35 -18.92 -12.78 -7.14
CA VAL A 35 -17.85 -13.15 -6.24
C VAL A 35 -16.83 -12.02 -6.17
N THR A 36 -16.51 -11.48 -7.34
CA THR A 36 -15.55 -10.39 -7.43
C THR A 36 -15.79 -9.38 -6.32
N MET A 37 -17.04 -8.97 -6.20
CA MET A 37 -17.42 -8.00 -5.19
C MET A 37 -17.87 -8.69 -3.90
N ARG A 38 -18.44 -9.88 -4.09
CA ARG A 38 -18.91 -10.65 -2.95
C ARG A 38 -19.45 -9.72 -1.85
N SER A 39 -20.21 -8.73 -2.28
CA SER A 39 -20.78 -7.78 -1.36
C SER A 39 -19.72 -6.76 -0.93
N PHE A 40 -19.36 -5.91 -1.88
CA PHE A 40 -18.36 -4.88 -1.62
C PHE A 40 -18.51 -4.32 -0.21
N LYS A 41 -17.44 -4.43 0.57
CA LYS A 41 -17.44 -3.93 1.93
C LYS A 41 -16.59 -2.66 2.00
N ARG A 42 -17.15 -1.65 2.65
CA ARG A 42 -16.47 -0.38 2.80
C ARG A 42 -15.71 -0.35 4.12
N ARG A 43 -14.46 0.09 4.03
CA ARG A 43 -13.61 0.18 5.22
C ARG A 43 -12.67 1.37 5.10
N PHE A 44 -12.48 2.04 6.23
CA PHE A 44 -11.61 3.21 6.27
C PHE A 44 -10.14 2.79 6.17
N PHE A 45 -9.54 3.13 5.04
CA PHE A 45 -8.14 2.79 4.80
C PHE A 45 -7.21 3.90 5.34
N HIS A 46 -6.39 3.51 6.30
CA HIS A 46 -5.46 4.44 6.91
C HIS A 46 -4.07 4.24 6.31
N LEU A 47 -3.35 5.35 6.17
CA LEU A 47 -2.01 5.31 5.61
C LEU A 47 -1.02 5.92 6.62
N ILE A 48 0.02 5.16 6.91
CA ILE A 48 1.04 5.61 7.85
C ILE A 48 2.41 5.16 7.36
N GLN A 49 3.42 5.97 7.68
CA GLN A 49 4.78 5.66 7.28
C GLN A 49 5.52 4.93 8.41
N LEU A 50 6.08 3.79 8.07
CA LEU A 50 6.82 2.99 9.04
C LEU A 50 8.03 3.78 9.53
N GLY A 51 8.82 3.13 10.36
CA GLY A 51 10.02 3.76 10.90
C GLY A 51 11.12 3.84 9.85
N ASP A 52 11.35 2.72 9.18
CA ASP A 52 12.37 2.67 8.14
C ASP A 52 12.14 3.81 7.15
N GLY A 53 10.91 3.93 6.68
CA GLY A 53 10.56 4.97 5.73
C GLY A 53 9.40 4.52 4.83
N SER A 54 9.22 3.22 4.76
CA SER A 54 8.16 2.65 3.94
C SER A 54 6.80 3.09 4.48
N TYR A 55 5.76 2.66 3.77
CA TYR A 55 4.40 3.00 4.17
C TYR A 55 3.53 1.75 4.28
N ASN A 56 2.70 1.73 5.31
CA ASN A 56 1.81 0.60 5.54
C ASN A 56 0.36 1.08 5.51
N LEU A 57 -0.43 0.43 4.67
CA LEU A 57 -1.83 0.79 4.55
C LEU A 57 -2.66 -0.07 5.51
N ASN A 58 -3.04 0.56 6.62
CA ASN A 58 -3.84 -0.13 7.62
C ASN A 58 -5.30 0.31 7.50
N PHE A 59 -6.17 -0.69 7.37
CA PHE A 59 -7.59 -0.42 7.26
C PHE A 59 -8.34 -0.86 8.51
N TYR A 60 -9.13 0.06 9.04
CA TYR A 60 -9.91 -0.21 10.23
C TYR A 60 -11.40 -0.38 9.90
N LYS A 61 -12.18 -0.67 10.93
CA LYS A 61 -13.61 -0.86 10.76
C LYS A 61 -14.29 0.51 10.76
N ASP A 62 -13.71 1.43 11.51
CA ASP A 62 -14.26 2.78 11.60
C ASP A 62 -13.11 3.80 11.55
N GLU A 63 -13.46 5.04 11.82
CA GLU A 63 -12.47 6.10 11.80
C GLU A 63 -11.59 6.04 13.05
N LYS A 64 -12.19 5.59 14.15
CA LYS A 64 -11.48 5.48 15.40
C LYS A 64 -10.39 4.41 15.27
N ILE A 65 -9.20 4.88 14.92
CA ILE A 65 -8.07 3.98 14.75
C ILE A 65 -7.31 3.88 16.07
N SER A 66 -5.98 3.83 15.95
CA SER A 66 -5.13 3.73 17.13
C SER A 66 -5.10 2.29 17.63
N LYS A 67 -6.29 1.76 17.87
CA LYS A 67 -6.43 0.41 18.36
C LYS A 67 -5.91 -0.57 17.29
N GLU A 68 -6.20 -1.84 17.52
CA GLU A 68 -5.77 -2.87 16.58
C GLU A 68 -6.60 -2.80 15.31
N PRO A 69 -5.87 -2.66 14.16
CA PRO A 69 -6.54 -2.57 12.87
C PRO A 69 -7.01 -3.96 12.41
N LYS A 70 -7.84 -3.94 11.37
CA LYS A 70 -8.37 -5.18 10.83
C LYS A 70 -7.28 -5.92 10.07
N GLY A 71 -6.36 -5.14 9.50
CA GLY A 71 -5.27 -5.71 8.74
C GLY A 71 -4.33 -4.61 8.23
N SER A 72 -3.66 -4.91 7.13
CA SER A 72 -2.73 -3.96 6.53
C SER A 72 -2.21 -4.51 5.20
N ILE A 73 -1.85 -3.59 4.32
CA ILE A 73 -1.34 -3.96 3.01
C ILE A 73 0.15 -3.63 2.94
N PHE A 74 0.95 -4.68 2.83
CA PHE A 74 2.39 -4.52 2.74
C PHE A 74 2.80 -3.96 1.38
N LEU A 75 2.53 -2.67 1.20
CA LEU A 75 2.88 -2.01 -0.04
C LEU A 75 4.30 -2.39 -0.45
N ASP A 76 5.13 -2.63 0.56
CA ASP A 76 6.51 -3.01 0.32
C ASP A 76 6.56 -4.15 -0.70
N SER A 77 5.46 -4.89 -0.77
CA SER A 77 5.36 -6.01 -1.69
C SER A 77 4.48 -5.63 -2.88
N CYS A 78 3.50 -4.76 -2.61
CA CYS A 78 2.59 -4.31 -3.63
C CYS A 78 3.39 -4.04 -4.91
N MET A 79 3.06 -4.80 -5.95
CA MET A 79 3.74 -4.65 -7.22
C MET A 79 3.29 -3.38 -7.95
N GLY A 80 1.98 -3.13 -7.88
CA GLY A 80 1.41 -1.96 -8.53
C GLY A 80 -0.11 -2.02 -8.50
N VAL A 81 -0.73 -0.93 -8.95
CA VAL A 81 -2.17 -0.84 -8.99
C VAL A 81 -2.65 -0.97 -10.44
N VAL A 82 -3.61 -1.86 -10.62
CA VAL A 82 -4.17 -2.09 -11.95
C VAL A 82 -5.48 -1.33 -12.10
N GLN A 83 -6.01 -1.34 -13.31
CA GLN A 83 -7.26 -0.65 -13.58
C GLN A 83 -8.35 -1.66 -13.95
N ASN A 84 -9.45 -1.60 -13.22
CA ASN A 84 -10.57 -2.50 -13.47
C ASN A 84 -11.73 -1.72 -14.09
N ASN A 85 -12.89 -2.33 -14.08
CA ASN A 85 -14.08 -1.71 -14.65
C ASN A 85 -15.26 -2.68 -14.52
N LYS A 86 -14.97 -3.95 -14.76
CA LYS A 86 -16.00 -4.97 -14.69
C LYS A 86 -16.77 -4.82 -13.38
N VAL A 87 -16.03 -4.78 -12.28
CA VAL A 87 -16.63 -4.65 -10.97
C VAL A 87 -17.42 -3.34 -10.92
N ARG A 88 -16.70 -2.24 -10.95
CA ARG A 88 -17.31 -0.92 -10.90
C ARG A 88 -16.59 0.04 -11.84
N ARG A 89 -17.18 1.23 -12.00
CA ARG A 89 -16.60 2.23 -12.87
C ARG A 89 -15.27 2.73 -12.29
N PHE A 90 -15.21 2.74 -10.97
CA PHE A 90 -14.01 3.19 -10.28
C PHE A 90 -13.52 2.13 -9.29
N ALA A 91 -12.90 1.10 -9.84
CA ALA A 91 -12.38 0.02 -9.01
C ALA A 91 -11.01 -0.41 -9.55
N PHE A 92 -10.05 -0.51 -8.64
CA PHE A 92 -8.71 -0.91 -9.01
C PHE A 92 -8.21 -2.05 -8.12
N GLU A 93 -7.48 -2.96 -8.74
CA GLU A 93 -6.94 -4.11 -8.02
C GLU A 93 -5.47 -3.86 -7.65
N LEU A 94 -5.11 -4.33 -6.46
CA LEU A 94 -3.74 -4.17 -5.99
C LEU A 94 -2.97 -5.45 -6.23
N LYS A 95 -2.03 -5.38 -7.16
CA LYS A 95 -1.21 -6.53 -7.49
C LYS A 95 -0.06 -6.64 -6.50
N MET A 96 -0.14 -7.67 -5.66
CA MET A 96 0.89 -7.90 -4.66
C MET A 96 1.94 -8.88 -5.17
N GLN A 97 2.98 -9.07 -4.36
CA GLN A 97 4.05 -9.98 -4.71
C GLN A 97 3.99 -11.24 -3.85
N ASP A 98 3.23 -11.14 -2.77
CA ASP A 98 3.07 -12.27 -1.86
C ASP A 98 1.90 -13.13 -2.32
N LYS A 99 1.82 -13.32 -3.63
CA LYS A 99 0.75 -14.12 -4.21
C LYS A 99 -0.59 -13.68 -3.62
N SER A 100 -1.20 -12.71 -4.30
CA SER A 100 -2.48 -12.18 -3.87
C SER A 100 -2.70 -10.79 -4.45
N SER A 101 -3.91 -10.30 -4.27
CA SER A 101 -4.27 -8.97 -4.76
C SER A 101 -5.58 -8.50 -4.13
N TYR A 102 -5.60 -7.22 -3.79
CA TYR A 102 -6.78 -6.64 -3.17
C TYR A 102 -7.62 -5.88 -4.20
N LEU A 103 -8.94 -5.96 -4.02
CA LEU A 103 -9.86 -5.30 -4.92
C LEU A 103 -10.40 -4.03 -4.25
N LEU A 104 -9.74 -2.92 -4.53
CA LEU A 104 -10.15 -1.65 -3.95
C LEU A 104 -11.11 -0.94 -4.92
N ALA A 105 -11.94 -0.08 -4.35
CA ALA A 105 -12.91 0.66 -5.14
C ALA A 105 -13.40 1.87 -4.35
N ALA A 106 -13.51 3.00 -5.04
CA ALA A 106 -13.96 4.23 -4.42
C ALA A 106 -15.36 4.57 -4.93
N ASP A 107 -15.87 5.70 -4.45
CA ASP A 107 -17.20 6.15 -4.84
C ASP A 107 -17.07 7.04 -6.08
N SER A 108 -16.00 7.80 -6.12
CA SER A 108 -15.75 8.69 -7.24
C SER A 108 -14.39 8.39 -7.86
N GLU A 109 -14.28 8.69 -9.16
CA GLU A 109 -13.04 8.45 -9.87
C GLU A 109 -11.85 8.99 -9.07
N VAL A 110 -12.00 10.21 -8.60
CA VAL A 110 -10.96 10.84 -7.81
C VAL A 110 -10.52 9.90 -6.69
N GLU A 111 -11.43 9.68 -5.77
CA GLU A 111 -11.16 8.79 -4.64
C GLU A 111 -10.50 7.50 -5.13
N MET A 112 -10.80 7.15 -6.37
CA MET A 112 -10.25 5.95 -6.96
C MET A 112 -8.86 6.21 -7.54
N GLU A 113 -8.68 7.43 -8.04
CA GLU A 113 -7.42 7.82 -8.63
C GLU A 113 -6.41 8.21 -7.54
N GLU A 114 -6.93 8.89 -6.53
CA GLU A 114 -6.10 9.32 -5.41
C GLU A 114 -5.25 8.15 -4.90
N TRP A 115 -5.93 7.07 -4.57
CA TRP A 115 -5.26 5.89 -4.07
C TRP A 115 -4.30 5.39 -5.16
N ILE A 116 -4.88 5.13 -6.33
CA ILE A 116 -4.10 4.65 -7.45
C ILE A 116 -2.80 5.44 -7.55
N THR A 117 -2.86 6.69 -7.08
CA THR A 117 -1.70 7.56 -7.10
C THR A 117 -0.89 7.40 -5.81
N ILE A 118 -1.62 7.25 -4.72
CA ILE A 118 -0.99 7.09 -3.42
C ILE A 118 -0.22 5.76 -3.39
N LEU A 119 -0.97 4.67 -3.49
CA LEU A 119 -0.37 3.35 -3.48
C LEU A 119 0.79 3.31 -4.47
N ASN A 120 0.49 3.70 -5.70
CA ASN A 120 1.51 3.71 -6.75
C ASN A 120 2.73 4.48 -6.25
N LYS A 121 2.46 5.57 -5.55
CA LYS A 121 3.52 6.40 -5.02
C LYS A 121 4.42 5.56 -4.11
N ILE A 122 3.80 5.01 -3.07
CA ILE A 122 4.52 4.18 -2.12
C ILE A 122 5.10 2.96 -2.85
N LEU A 123 4.42 2.57 -3.91
CA LEU A 123 4.84 1.42 -4.70
C LEU A 123 6.10 1.79 -5.49
N GLN A 124 6.03 2.94 -6.15
CA GLN A 124 7.15 3.42 -6.95
C GLN A 124 8.29 3.89 -6.03
N LEU A 125 7.89 4.62 -4.98
CA LEU A 125 8.86 5.14 -4.04
C LEU A 125 9.53 3.98 -3.31
N ASN A 126 8.77 2.90 -3.14
CA ASN A 126 9.28 1.72 -2.47
C ASN A 126 10.50 1.19 -3.23
N PHE A 127 10.41 1.27 -4.56
CA PHE A 127 11.49 0.80 -5.40
C PHE A 127 12.72 1.71 -5.27
N GLU A 128 12.47 3.01 -5.34
CA GLU A 128 13.55 3.97 -5.24
C GLU A 128 14.06 4.04 -3.79
N ALA A 129 13.21 3.61 -2.87
CA ALA A 129 13.56 3.61 -1.46
C ALA A 129 14.60 2.53 -1.20
N ALA A 130 14.36 1.36 -1.78
CA ALA A 130 15.26 0.23 -1.62
C ALA A 130 16.68 0.66 -2.02
N MET A 131 16.78 1.13 -3.25
CA MET A 131 18.07 1.57 -3.77
C MET A 131 18.61 2.75 -2.97
N GLN A 132 17.68 3.51 -2.40
CA GLN A 132 18.05 4.67 -1.60
C GLN A 132 18.61 4.23 -0.25
N GLU A 133 17.97 3.21 0.31
CA GLU A 133 18.39 2.68 1.60
C GLU A 133 19.65 1.82 1.43
N LYS A 134 19.66 1.06 0.34
CA LYS A 134 20.78 0.18 0.06
C LYS A 134 22.09 0.95 0.26
N ARG A 135 22.14 2.14 -0.35
CA ARG A 135 23.31 2.98 -0.25
C ARG A 135 23.09 4.08 0.78
N ASN A 136 22.69 3.67 1.97
CA ASN A 136 22.43 4.61 3.05
C ASN A 136 22.04 3.84 4.31
N GLY A 137 22.91 3.94 5.31
CA GLY A 137 22.66 3.25 6.57
C GLY A 137 21.41 3.80 7.25
N ASP A 138 21.49 3.93 8.57
CA ASP A 138 20.38 4.43 9.36
C ASP A 138 20.68 4.25 10.85
N SER A 139 19.87 4.91 11.65
CA SER A 139 20.03 4.83 13.10
C SER A 139 18.66 4.91 13.79
N HIS A 140 18.55 4.20 14.91
CA HIS A 140 17.32 4.20 15.67
C HIS A 140 16.20 3.56 14.82
N GLU A 141 15.70 2.44 15.32
CA GLU A 141 14.63 1.74 14.62
C GLU A 141 13.89 0.81 15.60
N ASP A 142 12.70 0.40 15.18
CA ASP A 142 11.90 -0.48 16.00
C ASP A 142 10.71 -1.00 15.17
N ASP A 143 10.46 -2.29 15.31
CA ASP A 143 9.37 -2.92 14.58
C ASP A 143 9.37 -4.43 14.86
N GLU A 144 8.30 -5.08 14.42
CA GLU A 144 8.17 -6.51 14.63
C GLU A 144 8.02 -6.83 16.12
N SER A 145 6.97 -6.28 16.70
CA SER A 145 6.69 -6.50 18.11
C SER A 145 5.43 -7.34 18.28
N GLY A 146 5.63 -8.65 18.27
CA GLY A 146 4.52 -9.57 18.42
C GLY A 146 4.47 -10.57 17.26
N PRO A 147 3.47 -11.48 17.32
CA PRO A 147 3.30 -12.48 16.28
C PRO A 147 2.72 -11.87 15.01
N SER A 148 2.70 -12.68 13.96
CA SER A 148 2.19 -12.22 12.68
C SER A 148 1.35 -13.34 12.03
N SER A 149 2.00 -14.47 11.81
CA SER A 149 1.33 -15.61 11.21
C SER A 149 0.85 -15.24 9.81
N GLY A 150 0.57 -16.27 9.02
CA GLY A 150 0.10 -16.07 7.66
C GLY A 150 0.99 -15.08 6.92
N GLY A 1 2.88 10.66 23.87
CA GLY A 1 3.87 9.63 24.05
C GLY A 1 3.24 8.24 24.08
N SER A 2 4.03 7.27 24.51
CA SER A 2 3.56 5.89 24.58
C SER A 2 3.09 5.43 23.21
N SER A 3 4.04 4.92 22.43
CA SER A 3 3.74 4.43 21.09
C SER A 3 4.97 3.77 20.49
N GLY A 4 4.73 3.00 19.44
CA GLY A 4 5.82 2.32 18.76
C GLY A 4 6.65 1.49 19.73
N SER A 5 7.67 0.83 19.20
CA SER A 5 8.54 0.00 20.01
C SER A 5 9.71 -0.51 19.16
N SER A 6 10.90 -0.37 19.71
CA SER A 6 12.11 -0.82 19.02
C SER A 6 12.93 -1.72 19.94
N GLY A 7 13.39 -2.82 19.38
CA GLY A 7 14.19 -3.77 20.13
C GLY A 7 15.41 -4.22 19.33
N ALA A 8 16.37 -3.32 19.22
CA ALA A 8 17.60 -3.61 18.47
C ALA A 8 17.23 -4.19 17.11
N ALA A 9 17.17 -3.32 16.12
CA ALA A 9 16.84 -3.73 14.76
C ALA A 9 17.20 -2.61 13.79
N SER A 10 17.49 -3.01 12.56
CA SER A 10 17.84 -2.05 11.53
C SER A 10 16.77 -0.96 11.42
N LEU A 11 17.15 0.24 11.85
CA LEU A 11 16.24 1.36 11.81
C LEU A 11 16.98 2.60 11.31
N GLY A 12 16.54 3.09 10.16
CA GLY A 12 17.16 4.26 9.56
C GLY A 12 16.66 4.48 8.12
N SER A 13 16.17 5.68 7.87
CA SER A 13 15.67 6.02 6.55
C SER A 13 15.64 7.54 6.38
N GLN A 14 15.46 7.96 5.13
CA GLN A 14 15.42 9.38 4.82
C GLN A 14 14.31 9.66 3.80
N LYS A 15 13.99 10.95 3.67
CA LYS A 15 12.95 11.36 2.74
C LYS A 15 11.75 10.44 2.89
N GLY A 16 10.82 10.58 1.94
CA GLY A 16 9.62 9.76 1.96
C GLY A 16 8.66 10.22 3.06
N GLY A 17 7.59 10.89 2.64
CA GLY A 17 6.59 11.39 3.57
C GLY A 17 5.24 11.58 2.89
N ILE A 18 4.49 10.49 2.82
CA ILE A 18 3.18 10.52 2.19
C ILE A 18 2.12 10.15 3.23
N THR A 19 0.87 10.19 2.79
CA THR A 19 -0.24 9.86 3.65
C THR A 19 -1.57 10.20 2.98
N LYS A 20 -2.66 9.76 3.60
CA LYS A 20 -3.98 10.00 3.08
C LYS A 20 -4.97 9.02 3.70
N HIS A 21 -6.24 9.40 3.67
CA HIS A 21 -7.29 8.56 4.23
C HIS A 21 -8.54 8.65 3.35
N GLY A 22 -9.56 7.92 3.77
CA GLY A 22 -10.82 7.92 3.03
C GLY A 22 -11.44 6.52 3.02
N TRP A 23 -12.76 6.49 2.90
CA TRP A 23 -13.48 5.23 2.88
C TRP A 23 -13.32 4.62 1.48
N LEU A 24 -12.93 3.35 1.46
CA LEU A 24 -12.74 2.65 0.22
C LEU A 24 -13.64 1.41 0.18
N TYR A 25 -13.51 0.64 -0.88
CA TYR A 25 -14.30 -0.57 -1.04
C TYR A 25 -13.40 -1.79 -1.27
N LYS A 26 -13.12 -2.49 -0.17
CA LYS A 26 -12.28 -3.66 -0.23
C LYS A 26 -13.13 -4.87 -0.65
N GLY A 27 -12.46 -5.86 -1.24
CA GLY A 27 -13.13 -7.06 -1.69
C GLY A 27 -12.13 -8.08 -2.24
N ASN A 28 -12.67 -9.13 -2.83
CA ASN A 28 -11.84 -10.18 -3.39
C ASN A 28 -12.15 -10.32 -4.88
N MET A 29 -11.16 -10.82 -5.62
CA MET A 29 -11.31 -11.01 -7.05
C MET A 29 -11.67 -12.46 -7.37
N ASN A 30 -12.60 -12.62 -8.31
CA ASN A 30 -13.03 -13.94 -8.72
C ASN A 30 -13.70 -13.85 -10.08
N SER A 31 -13.73 -14.99 -10.77
CA SER A 31 -14.33 -15.05 -12.09
C SER A 31 -15.61 -14.22 -12.12
N ALA A 32 -16.71 -14.86 -11.77
CA ALA A 32 -18.00 -14.19 -11.75
C ALA A 32 -17.87 -12.86 -10.99
N ILE A 33 -18.90 -12.05 -11.12
CA ILE A 33 -18.92 -10.75 -10.45
C ILE A 33 -19.59 -10.90 -9.08
N SER A 34 -20.73 -11.57 -9.09
CA SER A 34 -21.48 -11.77 -7.86
C SER A 34 -20.61 -12.49 -6.83
N VAL A 35 -19.56 -13.13 -7.33
CA VAL A 35 -18.64 -13.85 -6.47
C VAL A 35 -17.45 -12.94 -6.12
N THR A 36 -17.31 -11.89 -6.91
CA THR A 36 -16.23 -10.94 -6.70
C THR A 36 -16.59 -9.96 -5.58
N MET A 37 -17.88 -9.90 -5.30
CA MET A 37 -18.37 -9.01 -4.25
C MET A 37 -18.60 -9.78 -2.94
N ARG A 38 -18.26 -11.05 -2.98
CA ARG A 38 -18.43 -11.90 -1.80
C ARG A 38 -18.48 -11.05 -0.54
N SER A 39 -17.44 -10.25 -0.36
CA SER A 39 -17.34 -9.40 0.81
C SER A 39 -16.87 -8.00 0.39
N PHE A 40 -17.66 -7.36 -0.46
CA PHE A 40 -17.34 -6.04 -0.94
C PHE A 40 -18.11 -4.97 -0.17
N LYS A 41 -17.58 -4.63 1.00
CA LYS A 41 -18.22 -3.63 1.84
C LYS A 41 -17.24 -2.46 2.06
N ARG A 42 -17.76 -1.25 1.86
CA ARG A 42 -16.94 -0.07 2.02
C ARG A 42 -16.37 -0.01 3.44
N ARG A 43 -15.06 0.21 3.50
CA ARG A 43 -14.38 0.28 4.78
C ARG A 43 -13.39 1.45 4.79
N PHE A 44 -12.94 1.80 5.99
CA PHE A 44 -12.00 2.88 6.15
C PHE A 44 -10.56 2.43 5.87
N PHE A 45 -9.80 3.32 5.25
CA PHE A 45 -8.42 3.02 4.93
C PHE A 45 -7.49 4.16 5.35
N HIS A 46 -6.63 3.86 6.31
CA HIS A 46 -5.69 4.84 6.82
C HIS A 46 -4.26 4.40 6.49
N LEU A 47 -3.57 5.26 5.77
CA LEU A 47 -2.19 4.98 5.38
C LEU A 47 -1.25 5.40 6.52
N ILE A 48 -0.38 4.49 6.91
CA ILE A 48 0.57 4.75 7.97
C ILE A 48 1.96 4.24 7.54
N GLN A 49 2.98 4.93 8.04
CA GLN A 49 4.35 4.56 7.72
C GLN A 49 4.86 3.53 8.72
N LEU A 50 5.55 2.53 8.18
CA LEU A 50 6.10 1.46 9.02
C LEU A 50 6.94 2.09 10.13
N GLY A 51 7.65 1.22 10.85
CA GLY A 51 8.51 1.67 11.93
C GLY A 51 9.05 3.07 11.66
N ASP A 52 9.63 3.22 10.47
CA ASP A 52 10.20 4.49 10.07
C ASP A 52 10.88 4.33 8.71
N GLY A 53 10.06 4.09 7.69
CA GLY A 53 10.58 3.92 6.34
C GLY A 53 9.45 3.58 5.37
N SER A 54 9.26 2.29 5.14
CA SER A 54 8.22 1.83 4.23
C SER A 54 6.85 2.25 4.75
N TYR A 55 5.83 1.99 3.94
CA TYR A 55 4.47 2.35 4.31
C TYR A 55 3.57 1.10 4.31
N ASN A 56 2.38 1.27 4.88
CA ASN A 56 1.43 0.19 4.94
C ASN A 56 0.01 0.77 5.04
N LEU A 57 -0.85 0.28 4.16
CA LEU A 57 -2.23 0.73 4.14
C LEU A 57 -3.09 -0.21 4.98
N ASN A 58 -3.60 0.32 6.08
CA ASN A 58 -4.44 -0.46 6.97
C ASN A 58 -5.85 0.12 6.97
N PHE A 59 -6.82 -0.79 7.01
CA PHE A 59 -8.21 -0.39 7.02
C PHE A 59 -8.95 -0.95 8.24
N TYR A 60 -9.94 -0.21 8.69
CA TYR A 60 -10.72 -0.61 9.85
C TYR A 60 -12.21 -0.63 9.53
N LYS A 61 -12.99 -1.16 10.46
CA LYS A 61 -14.43 -1.24 10.28
C LYS A 61 -15.03 0.15 10.41
N ASP A 62 -14.29 1.02 11.08
CA ASP A 62 -14.74 2.39 11.29
C ASP A 62 -13.53 3.32 11.34
N GLU A 63 -13.82 4.61 11.51
CA GLU A 63 -12.76 5.60 11.58
C GLU A 63 -11.93 5.40 12.85
N LYS A 64 -12.61 4.97 13.90
CA LYS A 64 -11.94 4.74 15.18
C LYS A 64 -10.90 3.63 15.02
N ILE A 65 -9.70 4.04 14.64
CA ILE A 65 -8.61 3.09 14.44
C ILE A 65 -7.96 2.78 15.79
N SER A 66 -6.64 2.68 15.77
CA SER A 66 -5.90 2.38 16.98
C SER A 66 -5.96 0.87 17.28
N LYS A 67 -7.18 0.37 17.33
CA LYS A 67 -7.39 -1.05 17.61
C LYS A 67 -6.84 -1.87 16.44
N GLU A 68 -7.19 -3.15 16.45
CA GLU A 68 -6.74 -4.05 15.40
C GLU A 68 -7.48 -3.77 14.10
N PRO A 69 -6.68 -3.52 13.02
CA PRO A 69 -7.25 -3.22 11.72
C PRO A 69 -7.79 -4.50 11.06
N LYS A 70 -8.75 -4.31 10.18
CA LYS A 70 -9.35 -5.43 9.47
C LYS A 70 -8.27 -6.17 8.69
N GLY A 71 -7.30 -5.41 8.21
CA GLY A 71 -6.21 -5.98 7.44
C GLY A 71 -5.19 -4.89 7.05
N SER A 72 -3.99 -5.34 6.75
CA SER A 72 -2.93 -4.44 6.36
C SER A 72 -2.35 -4.85 5.01
N ILE A 73 -1.83 -3.86 4.28
CA ILE A 73 -1.26 -4.11 2.97
C ILE A 73 0.25 -3.85 3.04
N PHE A 74 1.01 -4.81 2.53
CA PHE A 74 2.46 -4.70 2.52
C PHE A 74 2.94 -3.95 1.27
N LEU A 75 2.86 -2.63 1.35
CA LEU A 75 3.29 -1.79 0.24
C LEU A 75 4.72 -2.16 -0.15
N ASP A 76 5.42 -2.80 0.78
CA ASP A 76 6.79 -3.21 0.55
C ASP A 76 6.81 -4.37 -0.44
N SER A 77 5.66 -5.02 -0.56
CA SER A 77 5.54 -6.14 -1.48
C SER A 77 4.67 -5.76 -2.68
N CYS A 78 3.76 -4.83 -2.43
CA CYS A 78 2.86 -4.36 -3.47
C CYS A 78 3.69 -4.14 -4.75
N MET A 79 3.19 -4.69 -5.84
CA MET A 79 3.87 -4.57 -7.11
C MET A 79 3.39 -3.32 -7.87
N GLY A 80 2.11 -3.02 -7.70
CA GLY A 80 1.52 -1.87 -8.35
C GLY A 80 -0.01 -1.93 -8.30
N VAL A 81 -0.62 -0.80 -8.61
CA VAL A 81 -2.07 -0.71 -8.60
C VAL A 81 -2.60 -0.87 -10.03
N VAL A 82 -3.66 -1.65 -10.16
CA VAL A 82 -4.26 -1.89 -11.46
C VAL A 82 -5.68 -1.29 -11.48
N GLN A 83 -6.21 -1.15 -12.68
CA GLN A 83 -7.55 -0.61 -12.85
C GLN A 83 -8.56 -1.73 -13.11
N ASN A 84 -9.61 -1.73 -12.33
CA ASN A 84 -10.66 -2.72 -12.46
C ASN A 84 -12.01 -2.04 -12.61
N ASN A 85 -12.48 -1.98 -13.86
CA ASN A 85 -13.75 -1.35 -14.15
C ASN A 85 -14.84 -2.43 -14.25
N LYS A 86 -14.53 -3.59 -13.68
CA LYS A 86 -15.46 -4.70 -13.71
C LYS A 86 -16.43 -4.57 -12.53
N VAL A 87 -15.86 -4.53 -11.33
CA VAL A 87 -16.66 -4.42 -10.13
C VAL A 87 -17.35 -3.05 -10.12
N ARG A 88 -16.61 -2.05 -9.67
CA ARG A 88 -17.14 -0.69 -9.61
C ARG A 88 -16.48 0.19 -10.67
N ARG A 89 -17.23 1.20 -11.10
CA ARG A 89 -16.73 2.11 -12.11
C ARG A 89 -15.34 2.63 -11.72
N PHE A 90 -15.07 2.58 -10.43
CA PHE A 90 -13.78 3.03 -9.92
C PHE A 90 -13.22 2.04 -8.89
N ALA A 91 -12.80 0.89 -9.39
CA ALA A 91 -12.23 -0.14 -8.53
C ALA A 91 -10.86 -0.54 -9.06
N PHE A 92 -9.89 -0.55 -8.16
CA PHE A 92 -8.53 -0.92 -8.52
C PHE A 92 -8.02 -2.06 -7.65
N GLU A 93 -7.27 -2.96 -8.27
CA GLU A 93 -6.72 -4.10 -7.56
C GLU A 93 -5.26 -3.84 -7.19
N LEU A 94 -4.88 -4.33 -6.03
CA LEU A 94 -3.52 -4.16 -5.54
C LEU A 94 -2.72 -5.43 -5.81
N LYS A 95 -1.88 -5.36 -6.83
CA LYS A 95 -1.05 -6.51 -7.20
C LYS A 95 0.09 -6.65 -6.19
N MET A 96 -0.07 -7.62 -5.32
CA MET A 96 0.94 -7.89 -4.30
C MET A 96 1.92 -8.97 -4.76
N GLN A 97 3.01 -9.07 -4.02
CA GLN A 97 4.03 -10.05 -4.35
C GLN A 97 3.85 -11.31 -3.49
N ASP A 98 3.01 -11.17 -2.48
CA ASP A 98 2.73 -12.28 -1.59
C ASP A 98 1.59 -13.12 -2.14
N LYS A 99 1.66 -13.36 -3.45
CA LYS A 99 0.64 -14.14 -4.13
C LYS A 99 -0.74 -13.76 -3.57
N SER A 100 -1.11 -12.51 -3.82
CA SER A 100 -2.40 -12.01 -3.35
C SER A 100 -2.65 -10.61 -3.91
N SER A 101 -3.89 -10.18 -3.79
CA SER A 101 -4.28 -8.86 -4.28
C SER A 101 -5.61 -8.44 -3.66
N TYR A 102 -5.70 -7.16 -3.33
CA TYR A 102 -6.91 -6.62 -2.73
C TYR A 102 -7.70 -5.79 -3.74
N LEU A 103 -9.01 -5.97 -3.71
CA LEU A 103 -9.88 -5.25 -4.62
C LEU A 103 -10.42 -4.00 -3.92
N LEU A 104 -9.78 -2.87 -4.22
CA LEU A 104 -10.16 -1.61 -3.63
C LEU A 104 -11.04 -0.84 -4.62
N ALA A 105 -11.80 0.10 -4.08
CA ALA A 105 -12.69 0.91 -4.90
C ALA A 105 -13.09 2.17 -4.12
N ALA A 106 -13.24 3.26 -4.85
CA ALA A 106 -13.62 4.52 -4.25
C ALA A 106 -15.04 4.89 -4.70
N ASP A 107 -15.51 6.03 -4.19
CA ASP A 107 -16.84 6.49 -4.53
C ASP A 107 -16.78 7.26 -5.86
N SER A 108 -15.71 8.02 -6.02
CA SER A 108 -15.53 8.80 -7.24
C SER A 108 -14.17 8.46 -7.88
N GLU A 109 -14.08 8.73 -9.16
CA GLU A 109 -12.85 8.46 -9.91
C GLU A 109 -11.65 9.01 -9.14
N VAL A 110 -11.77 10.24 -8.71
CA VAL A 110 -10.71 10.90 -7.97
C VAL A 110 -10.30 10.02 -6.79
N GLU A 111 -11.21 9.89 -5.84
CA GLU A 111 -10.97 9.09 -4.66
C GLU A 111 -10.35 7.75 -5.05
N MET A 112 -10.61 7.34 -6.28
CA MET A 112 -10.09 6.09 -6.79
C MET A 112 -8.70 6.28 -7.39
N GLU A 113 -8.50 7.44 -7.99
CA GLU A 113 -7.22 7.76 -8.60
C GLU A 113 -6.22 8.20 -7.53
N GLU A 114 -6.72 8.96 -6.57
CA GLU A 114 -5.88 9.44 -5.48
C GLU A 114 -5.09 8.29 -4.86
N TRP A 115 -5.82 7.24 -4.49
CA TRP A 115 -5.20 6.08 -3.89
C TRP A 115 -4.23 5.48 -4.91
N ILE A 116 -4.75 5.26 -6.11
CA ILE A 116 -3.95 4.69 -7.18
C ILE A 116 -2.61 5.43 -7.27
N THR A 117 -2.62 6.67 -6.78
CA THR A 117 -1.43 7.49 -6.79
C THR A 117 -0.62 7.28 -5.51
N ILE A 118 -1.34 7.24 -4.40
CA ILE A 118 -0.70 7.04 -3.11
C ILE A 118 0.03 5.69 -3.10
N LEU A 119 -0.76 4.63 -3.25
CA LEU A 119 -0.20 3.29 -3.28
C LEU A 119 0.96 3.23 -4.27
N ASN A 120 0.70 3.77 -5.46
CA ASN A 120 1.71 3.78 -6.50
C ASN A 120 2.90 4.63 -6.04
N LYS A 121 2.59 5.67 -5.28
CA LYS A 121 3.61 6.56 -4.77
C LYS A 121 4.65 5.75 -3.98
N ILE A 122 4.18 5.16 -2.90
CA ILE A 122 5.03 4.35 -2.05
C ILE A 122 5.63 3.21 -2.87
N LEU A 123 4.82 2.68 -3.78
CA LEU A 123 5.25 1.59 -4.64
C LEU A 123 6.43 2.05 -5.49
N GLN A 124 6.21 3.17 -6.19
CA GLN A 124 7.25 3.71 -7.05
C GLN A 124 8.41 4.25 -6.21
N LEU A 125 8.05 4.91 -5.12
CA LEU A 125 9.05 5.47 -4.22
C LEU A 125 9.84 4.33 -3.58
N ASN A 126 9.16 3.22 -3.38
CA ASN A 126 9.78 2.06 -2.76
C ASN A 126 10.96 1.60 -3.64
N PHE A 127 10.79 1.76 -4.93
CA PHE A 127 11.83 1.38 -5.88
C PHE A 127 13.05 2.29 -5.75
N GLU A 128 12.78 3.57 -5.58
CA GLU A 128 13.84 4.55 -5.44
C GLU A 128 14.42 4.51 -4.01
N ALA A 129 13.59 4.05 -3.09
CA ALA A 129 14.00 3.96 -1.69
C ALA A 129 15.04 2.84 -1.54
N ALA A 130 14.77 1.75 -2.24
CA ALA A 130 15.66 0.60 -2.19
C ALA A 130 17.08 1.05 -2.55
N MET A 131 17.18 1.69 -3.71
CA MET A 131 18.47 2.17 -4.19
C MET A 131 19.06 3.21 -3.22
N GLN A 132 18.16 3.84 -2.48
CA GLN A 132 18.56 4.86 -1.52
C GLN A 132 19.14 4.21 -0.26
N GLU A 133 18.54 3.08 0.10
CA GLU A 133 18.97 2.35 1.28
C GLU A 133 20.24 1.55 0.97
N LYS A 134 20.35 1.13 -0.28
CA LYS A 134 21.50 0.36 -0.71
C LYS A 134 22.78 1.06 -0.26
N ARG A 135 22.85 2.36 -0.55
CA ARG A 135 24.00 3.15 -0.18
C ARG A 135 23.67 4.04 1.01
N ASN A 136 23.25 3.40 2.10
CA ASN A 136 22.90 4.12 3.31
C ASN A 136 23.10 3.20 4.52
N GLY A 137 24.20 3.45 5.23
CA GLY A 137 24.51 2.65 6.40
C GLY A 137 25.18 3.52 7.48
N ASP A 138 26.30 4.11 7.11
CA ASP A 138 27.04 4.96 8.03
C ASP A 138 26.06 5.89 8.75
N SER A 139 26.57 6.54 9.79
CA SER A 139 25.75 7.46 10.57
C SER A 139 24.65 6.69 11.29
N HIS A 140 24.66 6.80 12.61
CA HIS A 140 23.67 6.13 13.44
C HIS A 140 23.52 6.86 14.77
N GLU A 141 22.50 6.46 15.51
CA GLU A 141 22.25 7.08 16.82
C GLU A 141 21.81 8.53 16.63
N ASP A 142 21.37 9.13 17.74
CA ASP A 142 20.93 10.51 17.71
C ASP A 142 20.12 10.77 16.44
N ASP A 143 18.82 10.54 16.54
CA ASP A 143 17.94 10.74 15.41
C ASP A 143 16.50 10.84 15.91
N GLU A 144 15.63 11.32 15.02
CA GLU A 144 14.23 11.47 15.35
C GLU A 144 13.53 10.11 15.37
N SER A 145 13.56 9.48 16.53
CA SER A 145 12.94 8.17 16.69
C SER A 145 11.79 8.27 17.69
N GLY A 146 12.13 8.69 18.90
CA GLY A 146 11.14 8.83 19.96
C GLY A 146 11.78 8.62 21.34
N PRO A 147 11.52 9.60 22.25
CA PRO A 147 12.06 9.53 23.59
C PRO A 147 11.30 8.50 24.44
N SER A 148 11.77 8.33 25.67
CA SER A 148 11.15 7.38 26.58
C SER A 148 10.68 8.10 27.84
N SER A 149 9.90 7.38 28.64
CA SER A 149 9.38 7.94 29.88
C SER A 149 9.47 6.90 30.99
N GLY A 150 10.33 7.18 31.95
CA GLY A 150 10.51 6.28 33.09
C GLY A 150 9.29 6.31 34.01
N GLY A 1 19.88 -9.73 -9.10
CA GLY A 1 19.22 -8.43 -9.10
C GLY A 1 19.97 -7.44 -10.01
N SER A 2 19.45 -6.23 -10.05
CA SER A 2 20.06 -5.19 -10.87
C SER A 2 21.18 -4.50 -10.09
N SER A 3 22.20 -4.07 -10.82
CA SER A 3 23.33 -3.40 -10.23
C SER A 3 24.16 -2.70 -11.30
N GLY A 4 23.83 -1.43 -11.53
CA GLY A 4 24.54 -0.65 -12.53
C GLY A 4 25.77 0.02 -11.93
N SER A 5 26.01 1.25 -12.36
CA SER A 5 27.15 2.01 -11.88
C SER A 5 26.74 3.47 -11.64
N SER A 6 26.11 3.68 -10.49
CA SER A 6 25.65 5.02 -10.12
C SER A 6 25.80 5.22 -8.62
N GLY A 7 25.72 6.48 -8.21
CA GLY A 7 25.84 6.82 -6.80
C GLY A 7 25.61 8.32 -6.58
N ALA A 8 24.47 8.62 -5.99
CA ALA A 8 24.12 10.02 -5.72
C ALA A 8 23.17 10.06 -4.52
N ALA A 9 23.16 11.21 -3.84
CA ALA A 9 22.32 11.40 -2.69
C ALA A 9 22.43 12.85 -2.21
N SER A 10 21.33 13.58 -2.39
CA SER A 10 21.29 14.98 -1.99
C SER A 10 21.22 15.08 -0.47
N LEU A 11 21.76 16.18 0.05
CA LEU A 11 21.76 16.40 1.48
C LEU A 11 20.57 17.30 1.86
N GLY A 12 19.99 17.00 3.00
CA GLY A 12 18.85 17.76 3.47
C GLY A 12 17.77 16.85 4.05
N SER A 13 18.11 16.22 5.17
CA SER A 13 17.18 15.32 5.83
C SER A 13 15.84 16.01 6.06
N GLN A 14 14.80 15.39 5.53
CA GLN A 14 13.46 15.94 5.68
C GLN A 14 12.57 14.98 6.48
N LYS A 15 11.39 15.46 6.81
CA LYS A 15 10.44 14.66 7.58
C LYS A 15 9.02 14.96 7.10
N GLY A 16 8.44 13.97 6.43
CA GLY A 16 7.09 14.10 5.92
C GLY A 16 6.95 13.41 4.57
N GLY A 17 6.56 12.15 4.62
CA GLY A 17 6.38 11.36 3.41
C GLY A 17 5.00 11.62 2.79
N ILE A 18 4.27 10.53 2.58
CA ILE A 18 2.95 10.63 1.99
C ILE A 18 1.91 10.21 3.02
N THR A 19 0.68 10.05 2.55
CA THR A 19 -0.41 9.65 3.42
C THR A 19 -1.76 9.86 2.72
N LYS A 20 -2.80 9.35 3.34
CA LYS A 20 -4.14 9.47 2.80
C LYS A 20 -5.13 8.75 3.71
N HIS A 21 -6.36 9.26 3.72
CA HIS A 21 -7.40 8.69 4.55
C HIS A 21 -8.76 8.91 3.89
N GLY A 22 -9.70 8.03 4.21
CA GLY A 22 -11.04 8.12 3.65
C GLY A 22 -11.70 6.74 3.56
N TRP A 23 -13.02 6.75 3.45
CA TRP A 23 -13.77 5.51 3.35
C TRP A 23 -13.51 4.92 1.97
N LEU A 24 -13.04 3.67 1.98
CA LEU A 24 -12.75 2.97 0.74
C LEU A 24 -13.42 1.60 0.76
N TYR A 25 -13.69 1.08 -0.43
CA TYR A 25 -14.33 -0.21 -0.56
C TYR A 25 -13.32 -1.28 -0.99
N LYS A 26 -13.17 -2.29 -0.14
CA LYS A 26 -12.23 -3.36 -0.41
C LYS A 26 -13.01 -4.69 -0.48
N GLY A 27 -12.61 -5.52 -1.43
CA GLY A 27 -13.25 -6.81 -1.61
C GLY A 27 -12.22 -7.91 -1.81
N ASN A 28 -12.53 -8.80 -2.75
CA ASN A 28 -11.63 -9.92 -3.05
C ASN A 28 -11.91 -10.41 -4.47
N MET A 29 -10.93 -10.19 -5.34
CA MET A 29 -11.05 -10.60 -6.72
C MET A 29 -11.29 -12.12 -6.82
N ASN A 30 -11.74 -12.53 -8.00
CA ASN A 30 -12.01 -13.94 -8.23
C ASN A 30 -12.60 -14.12 -9.64
N SER A 31 -12.40 -15.31 -10.18
CA SER A 31 -12.89 -15.62 -11.51
C SER A 31 -14.31 -15.06 -11.68
N ALA A 32 -15.21 -15.56 -10.85
CA ALA A 32 -16.59 -15.12 -10.90
C ALA A 32 -16.68 -13.66 -10.45
N ILE A 33 -17.15 -12.82 -11.36
CA ILE A 33 -17.30 -11.40 -11.07
C ILE A 33 -18.07 -11.23 -9.76
N SER A 34 -19.23 -11.87 -9.70
CA SER A 34 -20.07 -11.81 -8.52
C SER A 34 -19.22 -12.01 -7.26
N VAL A 35 -18.16 -12.78 -7.42
CA VAL A 35 -17.25 -13.06 -6.31
C VAL A 35 -16.18 -11.97 -6.24
N THR A 36 -15.56 -11.72 -7.38
CA THR A 36 -14.52 -10.73 -7.46
C THR A 36 -14.89 -9.50 -6.62
N MET A 37 -16.18 -9.25 -6.54
CA MET A 37 -16.68 -8.12 -5.78
C MET A 37 -16.71 -8.43 -4.29
N ARG A 38 -17.25 -9.60 -3.96
CA ARG A 38 -17.34 -10.03 -2.58
C ARG A 38 -17.98 -8.94 -1.72
N SER A 39 -19.14 -8.47 -2.18
CA SER A 39 -19.87 -7.43 -1.47
C SER A 39 -18.89 -6.41 -0.91
N PHE A 40 -18.32 -5.61 -1.81
CA PHE A 40 -17.37 -4.59 -1.42
C PHE A 40 -17.81 -3.91 -0.12
N LYS A 41 -16.95 -4.03 0.89
CA LYS A 41 -17.25 -3.43 2.19
C LYS A 41 -16.42 -2.15 2.34
N ARG A 42 -17.13 -1.06 2.58
CA ARG A 42 -16.49 0.23 2.75
C ARG A 42 -15.87 0.34 4.15
N ARG A 43 -14.57 0.58 4.17
CA ARG A 43 -13.86 0.72 5.43
C ARG A 43 -12.92 1.93 5.38
N PHE A 44 -12.54 2.38 6.58
CA PHE A 44 -11.66 3.52 6.69
C PHE A 44 -10.19 3.10 6.53
N PHE A 45 -9.68 3.31 5.32
CA PHE A 45 -8.30 2.96 5.03
C PHE A 45 -7.36 4.13 5.32
N HIS A 46 -6.62 4.01 6.41
CA HIS A 46 -5.68 5.06 6.81
C HIS A 46 -4.25 4.59 6.52
N LEU A 47 -3.52 5.45 5.82
CA LEU A 47 -2.15 5.14 5.47
C LEU A 47 -1.22 5.61 6.59
N ILE A 48 -0.36 4.71 7.02
CA ILE A 48 0.58 5.01 8.10
C ILE A 48 1.97 4.52 7.70
N GLN A 49 2.97 5.28 8.11
CA GLN A 49 4.35 4.93 7.81
C GLN A 49 4.89 3.93 8.84
N LEU A 50 5.56 2.91 8.34
CA LEU A 50 6.13 1.89 9.21
C LEU A 50 7.01 2.55 10.25
N GLY A 51 7.73 1.71 10.98
CA GLY A 51 8.62 2.20 12.03
C GLY A 51 9.16 3.59 11.67
N ASP A 52 9.69 3.70 10.47
CA ASP A 52 10.25 4.96 10.00
C ASP A 52 10.87 4.75 8.62
N GLY A 53 10.01 4.61 7.63
CA GLY A 53 10.47 4.41 6.26
C GLY A 53 9.34 3.89 5.37
N SER A 54 9.21 2.58 5.33
CA SER A 54 8.18 1.95 4.53
C SER A 54 6.80 2.38 5.02
N TYR A 55 5.80 2.12 4.19
CA TYR A 55 4.44 2.49 4.52
C TYR A 55 3.54 1.24 4.58
N ASN A 56 2.36 1.43 5.15
CA ASN A 56 1.40 0.34 5.27
C ASN A 56 -0.02 0.91 5.32
N LEU A 57 -0.88 0.35 4.48
CA LEU A 57 -2.26 0.79 4.41
C LEU A 57 -3.10 -0.05 5.36
N ASN A 58 -3.43 0.54 6.50
CA ASN A 58 -4.24 -0.14 7.50
C ASN A 58 -5.66 0.42 7.47
N PHE A 59 -6.62 -0.49 7.46
CA PHE A 59 -8.02 -0.10 7.43
C PHE A 59 -8.71 -0.49 8.75
N TYR A 60 -9.61 0.39 9.18
CA TYR A 60 -10.34 0.17 10.42
C TYR A 60 -11.85 0.00 10.13
N LYS A 61 -12.58 -0.30 11.19
CA LYS A 61 -14.02 -0.49 11.07
C LYS A 61 -14.68 0.87 10.90
N ASP A 62 -14.04 1.89 11.45
CA ASP A 62 -14.55 3.25 11.36
C ASP A 62 -13.39 4.23 11.25
N GLU A 63 -13.72 5.51 11.37
CA GLU A 63 -12.72 6.55 11.28
C GLU A 63 -11.86 6.58 12.55
N LYS A 64 -12.52 6.31 13.66
CA LYS A 64 -11.84 6.30 14.94
C LYS A 64 -10.83 5.14 14.97
N ILE A 65 -9.57 5.50 14.73
CA ILE A 65 -8.51 4.51 14.73
C ILE A 65 -7.95 4.35 16.15
N SER A 66 -6.64 4.18 16.22
CA SER A 66 -5.99 4.03 17.51
C SER A 66 -6.04 2.56 17.94
N LYS A 67 -7.24 2.00 17.87
CA LYS A 67 -7.45 0.60 18.24
C LYS A 67 -6.73 -0.30 17.24
N GLU A 68 -7.10 -1.58 17.28
CA GLU A 68 -6.51 -2.55 16.38
C GLU A 68 -7.23 -2.54 15.04
N PRO A 69 -6.41 -2.49 13.94
CA PRO A 69 -6.96 -2.47 12.60
C PRO A 69 -7.45 -3.86 12.20
N LYS A 70 -8.30 -3.88 11.18
CA LYS A 70 -8.86 -5.13 10.69
C LYS A 70 -7.80 -5.87 9.89
N GLY A 71 -6.84 -5.11 9.37
CA GLY A 71 -5.76 -5.67 8.59
C GLY A 71 -4.81 -4.59 8.09
N SER A 72 -4.17 -4.87 6.96
CA SER A 72 -3.25 -3.93 6.37
C SER A 72 -2.72 -4.47 5.04
N ILE A 73 -2.26 -3.56 4.20
CA ILE A 73 -1.73 -3.93 2.90
C ILE A 73 -0.22 -3.71 2.88
N PHE A 74 0.52 -4.80 2.76
CA PHE A 74 1.97 -4.74 2.73
C PHE A 74 2.46 -4.09 1.43
N LEU A 75 2.33 -2.77 1.37
CA LEU A 75 2.75 -2.03 0.19
C LEU A 75 4.19 -2.42 -0.15
N ASP A 76 4.90 -2.89 0.86
CA ASP A 76 6.29 -3.30 0.67
C ASP A 76 6.33 -4.45 -0.34
N SER A 77 5.20 -5.12 -0.49
CA SER A 77 5.11 -6.24 -1.41
C SER A 77 4.24 -5.85 -2.62
N CYS A 78 3.32 -4.93 -2.38
CA CYS A 78 2.44 -4.46 -3.43
C CYS A 78 3.28 -4.17 -4.68
N MET A 79 2.91 -4.82 -5.76
CA MET A 79 3.62 -4.64 -7.02
C MET A 79 3.14 -3.38 -7.75
N GLY A 80 1.84 -3.13 -7.63
CA GLY A 80 1.25 -1.97 -8.26
C GLY A 80 -0.28 -2.05 -8.25
N VAL A 81 -0.91 -0.96 -8.66
CA VAL A 81 -2.36 -0.90 -8.69
C VAL A 81 -2.83 -1.01 -10.14
N VAL A 82 -3.85 -1.83 -10.33
CA VAL A 82 -4.40 -2.04 -11.66
C VAL A 82 -5.76 -1.34 -11.75
N GLN A 83 -6.29 -1.30 -12.97
CA GLN A 83 -7.58 -0.66 -13.20
C GLN A 83 -8.65 -1.73 -13.48
N ASN A 84 -9.62 -1.80 -12.59
CA ASN A 84 -10.71 -2.75 -12.73
C ASN A 84 -12.04 -2.01 -12.84
N ASN A 85 -12.33 -1.57 -14.06
CA ASN A 85 -13.57 -0.85 -14.31
C ASN A 85 -14.67 -1.83 -14.70
N LYS A 86 -14.62 -3.01 -14.09
CA LYS A 86 -15.60 -4.04 -14.37
C LYS A 86 -16.65 -4.06 -13.26
N VAL A 87 -16.20 -4.45 -12.07
CA VAL A 87 -17.10 -4.51 -10.93
C VAL A 87 -17.76 -3.14 -10.72
N ARG A 88 -16.93 -2.14 -10.52
CA ARG A 88 -17.42 -0.79 -10.32
C ARG A 88 -16.78 0.17 -11.33
N ARG A 89 -17.49 1.26 -11.60
CA ARG A 89 -17.00 2.25 -12.54
C ARG A 89 -15.61 2.74 -12.12
N PHE A 90 -15.37 2.69 -10.82
CA PHE A 90 -14.10 3.13 -10.27
C PHE A 90 -13.56 2.12 -9.26
N ALA A 91 -13.15 0.98 -9.76
CA ALA A 91 -12.61 -0.07 -8.92
C ALA A 91 -11.22 -0.47 -9.42
N PHE A 92 -10.27 -0.52 -8.49
CA PHE A 92 -8.92 -0.90 -8.82
C PHE A 92 -8.42 -2.05 -7.95
N GLU A 93 -7.66 -2.94 -8.57
CA GLU A 93 -7.13 -4.09 -7.85
C GLU A 93 -5.67 -3.84 -7.46
N LEU A 94 -5.30 -4.37 -6.30
CA LEU A 94 -3.95 -4.21 -5.81
C LEU A 94 -3.16 -5.49 -6.07
N LYS A 95 -2.17 -5.37 -6.95
CA LYS A 95 -1.34 -6.51 -7.30
C LYS A 95 -0.22 -6.66 -6.27
N MET A 96 -0.29 -7.74 -5.52
CA MET A 96 0.72 -8.00 -4.50
C MET A 96 1.76 -9.00 -5.00
N GLN A 97 2.77 -9.22 -4.18
CA GLN A 97 3.84 -10.14 -4.52
C GLN A 97 3.70 -11.44 -3.72
N ASP A 98 2.87 -11.38 -2.70
CA ASP A 98 2.64 -12.54 -1.85
C ASP A 98 1.49 -13.38 -2.44
N LYS A 99 1.52 -13.50 -3.75
CA LYS A 99 0.50 -14.28 -4.45
C LYS A 99 -0.88 -13.87 -3.93
N SER A 100 -1.42 -12.82 -4.52
CA SER A 100 -2.73 -12.32 -4.13
C SER A 100 -2.89 -10.87 -4.57
N SER A 101 -4.11 -10.37 -4.43
CA SER A 101 -4.41 -9.00 -4.80
C SER A 101 -5.75 -8.57 -4.19
N TYR A 102 -5.82 -7.30 -3.83
CA TYR A 102 -7.03 -6.76 -3.24
C TYR A 102 -7.84 -5.97 -4.27
N LEU A 103 -9.15 -5.95 -4.08
CA LEU A 103 -10.04 -5.24 -4.99
C LEU A 103 -10.56 -3.99 -4.29
N LEU A 104 -9.92 -2.87 -4.59
CA LEU A 104 -10.31 -1.60 -4.01
C LEU A 104 -11.29 -0.89 -4.94
N ALA A 105 -12.06 0.02 -4.36
CA ALA A 105 -13.04 0.77 -5.13
C ALA A 105 -13.45 2.01 -4.34
N ALA A 106 -13.74 3.07 -5.08
CA ALA A 106 -14.16 4.33 -4.47
C ALA A 106 -15.54 4.72 -5.00
N ASP A 107 -16.04 5.83 -4.50
CA ASP A 107 -17.34 6.33 -4.90
C ASP A 107 -17.18 7.23 -6.13
N SER A 108 -16.03 7.89 -6.19
CA SER A 108 -15.74 8.78 -7.30
C SER A 108 -14.38 8.42 -7.91
N GLU A 109 -14.20 8.86 -9.16
CA GLU A 109 -12.96 8.59 -9.87
C GLU A 109 -11.77 9.06 -9.04
N VAL A 110 -11.90 10.26 -8.49
CA VAL A 110 -10.85 10.84 -7.68
C VAL A 110 -10.46 9.85 -6.59
N GLU A 111 -11.42 9.56 -5.71
CA GLU A 111 -11.19 8.63 -4.62
C GLU A 111 -10.62 7.32 -5.15
N MET A 112 -10.84 7.10 -6.44
CA MET A 112 -10.35 5.88 -7.08
C MET A 112 -8.94 6.07 -7.64
N GLU A 113 -8.68 7.30 -8.05
CA GLU A 113 -7.38 7.63 -8.62
C GLU A 113 -6.40 8.00 -7.50
N GLU A 114 -6.92 8.69 -6.50
CA GLU A 114 -6.10 9.11 -5.37
C GLU A 114 -5.25 7.93 -4.88
N TRP A 115 -5.93 6.95 -4.29
CA TRP A 115 -5.25 5.79 -3.77
C TRP A 115 -4.35 5.22 -4.88
N ILE A 116 -4.96 5.02 -6.04
CA ILE A 116 -4.22 4.49 -7.18
C ILE A 116 -2.87 5.20 -7.28
N THR A 117 -2.88 6.47 -6.90
CA THR A 117 -1.66 7.26 -6.94
C THR A 117 -0.87 7.11 -5.64
N ILE A 118 -1.61 7.07 -4.54
CA ILE A 118 -0.99 6.93 -3.23
C ILE A 118 -0.28 5.57 -3.16
N LEU A 119 -1.07 4.52 -3.33
CA LEU A 119 -0.54 3.18 -3.27
C LEU A 119 0.62 3.04 -4.27
N ASN A 120 0.38 3.51 -5.48
CA ASN A 120 1.39 3.45 -6.52
C ASN A 120 2.59 4.30 -6.10
N LYS A 121 2.31 5.34 -5.34
CA LYS A 121 3.36 6.22 -4.86
C LYS A 121 4.33 5.43 -3.98
N ILE A 122 3.79 4.90 -2.89
CA ILE A 122 4.60 4.13 -1.96
C ILE A 122 5.17 2.91 -2.69
N LEU A 123 4.46 2.49 -3.73
CA LEU A 123 4.89 1.35 -4.53
C LEU A 123 6.08 1.75 -5.39
N GLN A 124 5.90 2.82 -6.14
CA GLN A 124 6.94 3.32 -7.01
C GLN A 124 8.11 3.87 -6.19
N LEU A 125 7.75 4.53 -5.10
CA LEU A 125 8.74 5.12 -4.21
C LEU A 125 9.50 3.99 -3.49
N ASN A 126 8.80 2.90 -3.27
CA ASN A 126 9.39 1.75 -2.59
C ASN A 126 10.56 1.23 -3.43
N PHE A 127 10.42 1.36 -4.74
CA PHE A 127 11.44 0.89 -5.66
C PHE A 127 12.70 1.76 -5.55
N GLU A 128 12.47 3.06 -5.41
CA GLU A 128 13.58 4.00 -5.30
C GLU A 128 14.12 4.00 -3.87
N ALA A 129 13.26 3.63 -2.94
CA ALA A 129 13.65 3.59 -1.53
C ALA A 129 14.63 2.44 -1.31
N ALA A 130 14.56 1.47 -2.21
CA ALA A 130 15.43 0.31 -2.13
C ALA A 130 16.82 0.68 -2.64
N MET A 131 16.83 1.34 -3.79
CA MET A 131 18.09 1.76 -4.40
C MET A 131 18.79 2.82 -3.53
N GLN A 132 17.97 3.57 -2.81
CA GLN A 132 18.48 4.62 -1.94
C GLN A 132 19.13 4.01 -0.69
N GLU A 133 18.40 3.07 -0.11
CA GLU A 133 18.88 2.40 1.09
C GLU A 133 20.11 1.55 0.77
N LYS A 134 20.14 1.03 -0.44
CA LYS A 134 21.25 0.21 -0.88
C LYS A 134 22.56 0.81 -0.37
N ARG A 135 22.70 2.11 -0.61
CA ARG A 135 23.90 2.82 -0.19
C ARG A 135 23.64 3.54 1.13
N ASN A 136 23.09 2.80 2.08
CA ASN A 136 22.80 3.37 3.38
C ASN A 136 22.47 2.23 4.36
N GLY A 137 23.49 1.84 5.11
CA GLY A 137 23.33 0.77 6.08
C GLY A 137 24.32 0.92 7.23
N ASP A 138 25.49 0.32 7.04
CA ASP A 138 26.53 0.37 8.05
C ASP A 138 26.82 1.84 8.41
N SER A 139 27.24 2.05 9.65
CA SER A 139 27.56 3.38 10.11
C SER A 139 28.44 4.10 9.10
N HIS A 140 27.92 5.19 8.56
CA HIS A 140 28.66 5.97 7.57
C HIS A 140 29.15 7.26 8.22
N GLU A 141 29.95 8.00 7.46
CA GLU A 141 30.49 9.26 7.94
C GLU A 141 29.45 10.37 7.81
N ASP A 142 28.72 10.60 8.89
CA ASP A 142 27.70 11.62 8.90
C ASP A 142 27.24 11.88 10.34
N ASP A 143 26.60 13.01 10.53
CA ASP A 143 26.11 13.38 11.85
C ASP A 143 25.16 12.29 12.36
N GLU A 144 24.54 12.58 13.50
CA GLU A 144 23.61 11.64 14.09
C GLU A 144 22.35 11.51 13.24
N SER A 145 21.22 11.50 13.90
CA SER A 145 19.94 11.39 13.22
C SER A 145 18.82 11.96 14.09
N GLY A 146 17.73 12.34 13.42
CA GLY A 146 16.59 12.90 14.12
C GLY A 146 16.20 12.05 15.33
N PRO A 147 15.54 12.71 16.32
CA PRO A 147 15.11 12.03 17.52
C PRO A 147 13.89 11.14 17.25
N SER A 148 13.65 10.23 18.18
CA SER A 148 12.53 9.31 18.05
C SER A 148 12.23 8.66 19.40
N SER A 149 11.04 8.09 19.49
CA SER A 149 10.62 7.43 20.72
C SER A 149 9.66 6.27 20.39
N GLY A 150 9.57 5.34 21.32
CA GLY A 150 8.71 4.19 21.15
C GLY A 150 7.32 4.62 20.65
N GLY A 1 26.57 -15.00 11.21
CA GLY A 1 25.15 -15.12 10.91
C GLY A 1 24.88 -14.90 9.42
N SER A 2 23.63 -14.59 9.12
CA SER A 2 23.22 -14.34 7.75
C SER A 2 23.79 -13.01 7.26
N SER A 3 24.92 -13.10 6.57
CA SER A 3 25.57 -11.91 6.04
C SER A 3 26.11 -12.19 4.64
N GLY A 4 26.98 -13.20 4.56
CA GLY A 4 27.57 -13.57 3.29
C GLY A 4 26.52 -14.09 2.32
N SER A 5 26.94 -14.99 1.45
CA SER A 5 26.04 -15.56 0.46
C SER A 5 25.52 -14.46 -0.47
N SER A 6 25.00 -14.89 -1.62
CA SER A 6 24.46 -13.96 -2.59
C SER A 6 23.00 -13.65 -2.26
N GLY A 7 22.72 -12.37 -2.15
CA GLY A 7 21.37 -11.92 -1.85
C GLY A 7 21.08 -10.54 -2.46
N ALA A 8 19.86 -10.37 -2.93
CA ALA A 8 19.46 -9.12 -3.54
C ALA A 8 17.96 -8.90 -3.31
N ALA A 9 17.59 -8.87 -2.04
CA ALA A 9 16.19 -8.68 -1.67
C ALA A 9 15.82 -7.20 -1.88
N SER A 10 14.56 -6.90 -1.58
CA SER A 10 14.07 -5.55 -1.74
C SER A 10 14.19 -4.80 -0.41
N LEU A 11 15.17 -3.91 -0.35
CA LEU A 11 15.39 -3.12 0.85
C LEU A 11 15.02 -1.67 0.58
N GLY A 12 15.18 -0.84 1.61
CA GLY A 12 14.85 0.56 1.50
C GLY A 12 14.20 1.08 2.78
N SER A 13 12.91 1.38 2.67
CA SER A 13 12.16 1.89 3.81
C SER A 13 12.76 3.19 4.30
N GLN A 14 12.34 4.28 3.68
CA GLN A 14 12.83 5.60 4.04
C GLN A 14 12.24 6.66 3.12
N LYS A 15 12.28 7.90 3.59
CA LYS A 15 11.76 9.01 2.81
C LYS A 15 10.30 8.72 2.42
N GLY A 16 9.67 9.72 1.84
CA GLY A 16 8.28 9.58 1.41
C GLY A 16 7.41 10.67 2.02
N GLY A 17 7.07 10.48 3.29
CA GLY A 17 6.25 11.45 4.00
C GLY A 17 4.91 11.63 3.29
N ILE A 18 4.18 10.53 3.17
CA ILE A 18 2.88 10.57 2.52
C ILE A 18 1.79 10.18 3.54
N THR A 19 0.56 10.18 3.07
CA THR A 19 -0.57 9.84 3.91
C THR A 19 -1.89 10.19 3.22
N LYS A 20 -2.98 9.76 3.84
CA LYS A 20 -4.30 10.02 3.30
C LYS A 20 -5.31 9.07 3.94
N HIS A 21 -6.57 9.48 3.90
CA HIS A 21 -7.64 8.68 4.47
C HIS A 21 -8.86 8.71 3.55
N GLY A 22 -9.85 7.91 3.91
CA GLY A 22 -11.08 7.84 3.12
C GLY A 22 -11.69 6.44 3.17
N TRP A 23 -12.94 6.36 2.77
CA TRP A 23 -13.64 5.10 2.76
C TRP A 23 -13.54 4.51 1.35
N LEU A 24 -12.93 3.33 1.27
CA LEU A 24 -12.76 2.65 0.00
C LEU A 24 -13.63 1.40 -0.03
N TYR A 25 -13.52 0.65 -1.11
CA TYR A 25 -14.29 -0.57 -1.27
C TYR A 25 -13.37 -1.77 -1.55
N LYS A 26 -12.96 -2.42 -0.47
CA LYS A 26 -12.09 -3.57 -0.57
C LYS A 26 -12.91 -4.77 -1.06
N GLY A 27 -12.19 -5.72 -1.65
CA GLY A 27 -12.83 -6.92 -2.17
C GLY A 27 -11.79 -7.94 -2.62
N ASN A 28 -12.27 -9.15 -2.87
CA ASN A 28 -11.38 -10.23 -3.31
C ASN A 28 -11.80 -10.68 -4.71
N MET A 29 -10.87 -10.57 -5.64
CA MET A 29 -11.12 -10.96 -7.02
C MET A 29 -11.14 -12.48 -7.15
N ASN A 30 -12.11 -12.96 -7.91
CA ASN A 30 -12.26 -14.39 -8.13
C ASN A 30 -12.99 -14.63 -9.45
N SER A 31 -12.88 -15.86 -9.94
CA SER A 31 -13.52 -16.23 -11.19
C SER A 31 -14.95 -15.69 -11.23
N ALA A 32 -15.81 -16.34 -10.45
CA ALA A 32 -17.21 -15.94 -10.38
C ALA A 32 -17.29 -14.46 -10.00
N ILE A 33 -17.90 -13.69 -10.88
CA ILE A 33 -18.06 -12.26 -10.66
C ILE A 33 -18.96 -12.04 -9.46
N SER A 34 -19.89 -12.96 -9.26
CA SER A 34 -20.82 -12.88 -8.15
C SER A 34 -20.06 -12.96 -6.82
N VAL A 35 -18.86 -13.52 -6.89
CA VAL A 35 -18.03 -13.65 -5.71
C VAL A 35 -17.07 -12.46 -5.62
N THR A 36 -16.70 -11.96 -6.80
CA THR A 36 -15.79 -10.83 -6.85
C THR A 36 -16.41 -9.60 -6.19
N MET A 37 -17.71 -9.70 -5.94
CA MET A 37 -18.43 -8.62 -5.30
C MET A 37 -18.57 -8.86 -3.79
N ARG A 38 -19.10 -10.02 -3.45
CA ARG A 38 -19.30 -10.39 -2.07
C ARG A 38 -19.75 -9.17 -1.26
N SER A 39 -20.85 -8.59 -1.71
CA SER A 39 -21.41 -7.42 -1.04
C SER A 39 -20.31 -6.38 -0.82
N PHE A 40 -19.85 -5.81 -1.92
CA PHE A 40 -18.80 -4.81 -1.86
C PHE A 40 -18.97 -3.91 -0.64
N LYS A 41 -18.18 -4.21 0.38
CA LYS A 41 -18.24 -3.44 1.62
C LYS A 41 -17.20 -2.33 1.56
N ARG A 42 -17.40 -1.33 2.42
CA ARG A 42 -16.48 -0.21 2.49
C ARG A 42 -15.76 -0.17 3.83
N ARG A 43 -14.57 0.41 3.82
CA ARG A 43 -13.78 0.52 5.03
C ARG A 43 -12.93 1.78 5.01
N PHE A 44 -12.52 2.21 6.20
CA PHE A 44 -11.70 3.40 6.32
C PHE A 44 -10.23 3.09 6.07
N PHE A 45 -9.77 3.45 4.87
CA PHE A 45 -8.39 3.20 4.50
C PHE A 45 -7.47 4.30 5.05
N HIS A 46 -6.77 3.95 6.13
CA HIS A 46 -5.86 4.89 6.77
C HIS A 46 -4.42 4.46 6.50
N LEU A 47 -3.67 5.37 5.90
CA LEU A 47 -2.28 5.10 5.58
C LEU A 47 -1.40 5.53 6.76
N ILE A 48 -0.54 4.62 7.19
CA ILE A 48 0.36 4.88 8.30
C ILE A 48 1.76 4.42 7.93
N GLN A 49 2.75 5.12 8.48
CA GLN A 49 4.14 4.79 8.22
C GLN A 49 4.64 3.78 9.26
N LEU A 50 5.36 2.78 8.77
CA LEU A 50 5.89 1.75 9.64
C LEU A 50 6.76 2.40 10.72
N GLY A 51 7.47 1.56 11.45
CA GLY A 51 8.34 2.04 12.52
C GLY A 51 8.84 3.45 12.22
N ASP A 52 9.44 3.60 11.05
CA ASP A 52 9.97 4.89 10.64
C ASP A 52 10.66 4.74 9.28
N GLY A 53 9.85 4.51 8.27
CA GLY A 53 10.37 4.35 6.92
C GLY A 53 9.28 3.83 5.97
N SER A 54 9.13 2.52 5.95
CA SER A 54 8.14 1.88 5.10
C SER A 54 6.74 2.33 5.51
N TYR A 55 5.80 2.10 4.61
CA TYR A 55 4.42 2.47 4.86
C TYR A 55 3.49 1.26 4.81
N ASN A 56 2.24 1.47 5.19
CA ASN A 56 1.26 0.41 5.19
C ASN A 56 -0.14 1.01 5.35
N LEU A 57 -1.02 0.64 4.42
CA LEU A 57 -2.38 1.13 4.44
C LEU A 57 -3.25 0.17 5.24
N ASN A 58 -3.59 0.59 6.45
CA ASN A 58 -4.42 -0.22 7.32
C ASN A 58 -5.86 0.29 7.27
N PHE A 59 -6.78 -0.64 7.01
CA PHE A 59 -8.19 -0.31 6.94
C PHE A 59 -8.95 -0.83 8.16
N TYR A 60 -9.69 0.07 8.78
CA TYR A 60 -10.47 -0.30 9.96
C TYR A 60 -11.96 -0.37 9.63
N LYS A 61 -12.70 -1.03 10.50
CA LYS A 61 -14.14 -1.17 10.32
C LYS A 61 -14.78 0.21 10.29
N ASP A 62 -14.13 1.16 10.94
CA ASP A 62 -14.63 2.52 11.00
C ASP A 62 -13.45 3.49 11.00
N GLU A 63 -13.74 4.72 11.39
CA GLU A 63 -12.72 5.76 11.44
C GLU A 63 -11.86 5.58 12.69
N LYS A 64 -12.52 5.51 13.83
CA LYS A 64 -11.84 5.34 15.10
C LYS A 64 -10.80 4.23 14.97
N ILE A 65 -9.55 4.63 14.77
CA ILE A 65 -8.47 3.68 14.64
C ILE A 65 -7.85 3.39 16.01
N SER A 66 -6.54 3.25 16.02
CA SER A 66 -5.83 2.98 17.26
C SER A 66 -5.89 1.48 17.58
N LYS A 67 -7.11 0.96 17.57
CA LYS A 67 -7.32 -0.45 17.85
C LYS A 67 -6.72 -1.29 16.72
N GLU A 68 -7.07 -2.57 16.73
CA GLU A 68 -6.57 -3.49 15.72
C GLU A 68 -7.32 -3.27 14.40
N PRO A 69 -6.52 -3.01 13.32
CA PRO A 69 -7.10 -2.79 12.01
C PRO A 69 -7.56 -4.10 11.39
N LYS A 70 -8.70 -4.04 10.71
CA LYS A 70 -9.26 -5.21 10.06
C LYS A 70 -8.16 -5.91 9.25
N GLY A 71 -7.26 -5.10 8.72
CA GLY A 71 -6.16 -5.63 7.93
C GLY A 71 -5.18 -4.52 7.55
N SER A 72 -4.27 -4.86 6.64
CA SER A 72 -3.28 -3.91 6.19
C SER A 72 -2.70 -4.35 4.84
N ILE A 73 -2.08 -3.41 4.15
CA ILE A 73 -1.49 -3.69 2.86
C ILE A 73 0.02 -3.47 2.93
N PHE A 74 0.76 -4.55 2.72
CA PHE A 74 2.20 -4.50 2.77
C PHE A 74 2.77 -3.91 1.48
N LEU A 75 2.73 -2.59 1.40
CA LEU A 75 3.24 -1.89 0.22
C LEU A 75 4.65 -2.39 -0.08
N ASP A 76 5.28 -2.95 0.93
CA ASP A 76 6.64 -3.46 0.78
C ASP A 76 6.64 -4.59 -0.25
N SER A 77 5.48 -5.23 -0.38
CA SER A 77 5.32 -6.33 -1.31
C SER A 77 4.49 -5.88 -2.51
N CYS A 78 3.54 -5.00 -2.24
CA CYS A 78 2.66 -4.50 -3.28
C CYS A 78 3.51 -4.25 -4.53
N MET A 79 3.07 -4.84 -5.63
CA MET A 79 3.76 -4.70 -6.90
C MET A 79 3.35 -3.41 -7.61
N GLY A 80 2.06 -3.10 -7.50
CA GLY A 80 1.53 -1.90 -8.12
C GLY A 80 0.00 -1.92 -8.11
N VAL A 81 -0.57 -0.78 -8.49
CA VAL A 81 -2.02 -0.65 -8.53
C VAL A 81 -2.51 -0.73 -9.98
N VAL A 82 -3.41 -1.66 -10.23
CA VAL A 82 -3.95 -1.85 -11.56
C VAL A 82 -5.33 -1.18 -11.64
N GLN A 83 -5.83 -1.07 -12.86
CA GLN A 83 -7.12 -0.45 -13.10
C GLN A 83 -8.18 -1.52 -13.33
N ASN A 84 -9.38 -1.24 -12.85
CA ASN A 84 -10.49 -2.16 -13.00
C ASN A 84 -11.63 -1.47 -13.75
N ASN A 85 -12.70 -2.23 -13.98
CA ASN A 85 -13.86 -1.71 -14.68
C ASN A 85 -14.96 -2.76 -14.68
N LYS A 86 -14.55 -4.00 -14.86
CA LYS A 86 -15.48 -5.11 -14.89
C LYS A 86 -16.43 -5.02 -13.69
N VAL A 87 -15.82 -4.95 -12.51
CA VAL A 87 -16.58 -4.86 -11.28
C VAL A 87 -17.25 -3.48 -11.21
N ARG A 88 -16.42 -2.47 -10.97
CA ARG A 88 -16.91 -1.11 -10.87
C ARG A 88 -16.11 -0.18 -11.79
N ARG A 89 -16.74 0.92 -12.17
CA ARG A 89 -16.11 1.88 -13.05
C ARG A 89 -14.78 2.34 -12.45
N PHE A 90 -14.87 2.88 -11.24
CA PHE A 90 -13.69 3.37 -10.54
C PHE A 90 -13.22 2.37 -9.48
N ALA A 91 -12.51 1.37 -9.94
CA ALA A 91 -12.00 0.34 -9.05
C ALA A 91 -10.61 -0.10 -9.53
N PHE A 92 -9.73 -0.32 -8.56
CA PHE A 92 -8.37 -0.74 -8.87
C PHE A 92 -7.94 -1.90 -7.98
N GLU A 93 -7.19 -2.82 -8.56
CA GLU A 93 -6.71 -3.98 -7.84
C GLU A 93 -5.26 -3.77 -7.39
N LEU A 94 -4.96 -4.25 -6.19
CA LEU A 94 -3.62 -4.13 -5.66
C LEU A 94 -2.86 -5.43 -5.88
N LYS A 95 -1.95 -5.38 -6.84
CA LYS A 95 -1.14 -6.55 -7.16
C LYS A 95 -0.06 -6.74 -6.10
N MET A 96 -0.34 -7.67 -5.18
CA MET A 96 0.59 -7.94 -4.11
C MET A 96 1.59 -9.03 -4.53
N GLN A 97 2.65 -9.15 -3.72
CA GLN A 97 3.68 -10.13 -3.99
C GLN A 97 3.51 -11.35 -3.09
N ASP A 98 2.74 -11.15 -2.02
CA ASP A 98 2.49 -12.21 -1.07
C ASP A 98 1.32 -13.07 -1.55
N LYS A 99 1.34 -13.38 -2.84
CA LYS A 99 0.30 -14.18 -3.44
C LYS A 99 -1.07 -13.68 -2.96
N SER A 100 -1.59 -12.71 -3.70
CA SER A 100 -2.87 -12.12 -3.37
C SER A 100 -3.00 -10.73 -4.00
N SER A 101 -4.21 -10.20 -3.93
CA SER A 101 -4.47 -8.88 -4.48
C SER A 101 -5.78 -8.33 -3.91
N TYR A 102 -5.72 -7.06 -3.51
CA TYR A 102 -6.90 -6.40 -2.96
C TYR A 102 -7.66 -5.62 -4.03
N LEU A 103 -8.98 -5.67 -3.92
CA LEU A 103 -9.83 -4.99 -4.87
C LEU A 103 -10.34 -3.68 -4.25
N LEU A 104 -9.65 -2.60 -4.58
CA LEU A 104 -10.01 -1.30 -4.06
C LEU A 104 -10.99 -0.62 -5.03
N ALA A 105 -11.79 0.27 -4.48
CA ALA A 105 -12.76 0.99 -5.29
C ALA A 105 -13.27 2.22 -4.51
N ALA A 106 -13.22 3.36 -5.18
CA ALA A 106 -13.66 4.60 -4.57
C ALA A 106 -15.06 4.95 -5.08
N ASP A 107 -15.61 6.01 -4.51
CA ASP A 107 -16.95 6.46 -4.88
C ASP A 107 -16.84 7.31 -6.15
N SER A 108 -15.77 8.09 -6.22
CA SER A 108 -15.55 8.95 -7.37
C SER A 108 -14.21 8.61 -8.03
N GLU A 109 -14.07 9.07 -9.26
CA GLU A 109 -12.85 8.83 -10.02
C GLU A 109 -11.62 9.31 -9.23
N VAL A 110 -11.78 10.47 -8.61
CA VAL A 110 -10.71 11.06 -7.82
C VAL A 110 -10.31 10.09 -6.70
N GLU A 111 -11.22 9.95 -5.74
CA GLU A 111 -10.99 9.07 -4.62
C GLU A 111 -10.35 7.76 -5.10
N MET A 112 -10.64 7.40 -6.34
CA MET A 112 -10.11 6.19 -6.91
C MET A 112 -8.67 6.40 -7.40
N GLU A 113 -8.44 7.57 -8.00
CA GLU A 113 -7.13 7.90 -8.51
C GLU A 113 -6.19 8.27 -7.35
N GLU A 114 -6.75 8.96 -6.37
CA GLU A 114 -5.99 9.38 -5.21
C GLU A 114 -5.20 8.20 -4.64
N TRP A 115 -5.95 7.21 -4.16
CA TRP A 115 -5.35 6.02 -3.58
C TRP A 115 -4.40 5.42 -4.63
N ILE A 116 -4.94 5.23 -5.83
CA ILE A 116 -4.15 4.66 -6.91
C ILE A 116 -2.79 5.35 -6.97
N THR A 117 -2.76 6.58 -6.47
CA THR A 117 -1.53 7.36 -6.45
C THR A 117 -0.78 7.12 -5.14
N ILE A 118 -1.54 7.08 -4.06
CA ILE A 118 -0.95 6.86 -2.75
C ILE A 118 -0.27 5.49 -2.71
N LEU A 119 -1.07 4.46 -2.89
CA LEU A 119 -0.55 3.10 -2.89
C LEU A 119 0.60 2.99 -3.88
N ASN A 120 0.43 3.67 -5.02
CA ASN A 120 1.44 3.66 -6.05
C ASN A 120 2.66 4.45 -5.58
N LYS A 121 2.39 5.49 -4.81
CA LYS A 121 3.45 6.34 -4.28
C LYS A 121 4.42 5.49 -3.47
N ILE A 122 3.91 4.93 -2.38
CA ILE A 122 4.71 4.09 -1.51
C ILE A 122 5.28 2.92 -2.31
N LEU A 123 4.56 2.57 -3.38
CA LEU A 123 4.97 1.48 -4.24
C LEU A 123 6.18 1.92 -5.07
N GLN A 124 5.99 3.00 -5.81
CA GLN A 124 7.05 3.52 -6.64
C GLN A 124 8.20 4.04 -5.78
N LEU A 125 7.84 4.68 -4.68
CA LEU A 125 8.83 5.22 -3.77
C LEU A 125 9.60 4.07 -3.12
N ASN A 126 8.92 2.94 -2.98
CA ASN A 126 9.52 1.76 -2.38
C ASN A 126 10.68 1.30 -3.25
N PHE A 127 10.50 1.44 -4.56
CA PHE A 127 11.51 1.04 -5.51
C PHE A 127 12.75 1.95 -5.42
N GLU A 128 12.49 3.24 -5.39
CA GLU A 128 13.57 4.21 -5.31
C GLU A 128 14.25 4.13 -3.94
N ALA A 129 13.50 3.63 -2.97
CA ALA A 129 14.02 3.48 -1.62
C ALA A 129 15.08 2.40 -1.60
N ALA A 130 14.92 1.43 -2.50
CA ALA A 130 15.86 0.33 -2.59
C ALA A 130 17.18 0.83 -3.16
N MET A 131 17.07 1.57 -4.27
CA MET A 131 18.24 2.12 -4.92
C MET A 131 18.92 3.17 -4.04
N GLN A 132 18.12 3.76 -3.16
CA GLN A 132 18.63 4.78 -2.25
C GLN A 132 19.43 4.13 -1.12
N GLU A 133 18.93 3.00 -0.66
CA GLU A 133 19.59 2.27 0.42
C GLU A 133 20.79 1.49 -0.13
N LYS A 134 20.59 0.87 -1.27
CA LYS A 134 21.64 0.09 -1.90
C LYS A 134 22.94 0.90 -1.91
N ARG A 135 22.82 2.15 -2.30
CA ARG A 135 23.97 3.04 -2.35
C ARG A 135 24.10 3.82 -1.04
N ASN A 136 24.07 3.07 0.06
CA ASN A 136 24.16 3.68 1.38
C ASN A 136 24.67 2.63 2.38
N GLY A 137 25.99 2.59 2.52
CA GLY A 137 26.62 1.64 3.43
C GLY A 137 26.58 2.16 4.87
N ASP A 138 27.14 3.35 5.06
CA ASP A 138 27.18 3.96 6.37
C ASP A 138 25.84 3.75 7.06
N SER A 139 25.85 2.88 8.05
CA SER A 139 24.64 2.58 8.80
C SER A 139 23.48 2.32 7.84
N HIS A 140 23.25 1.03 7.57
CA HIS A 140 22.18 0.64 6.68
C HIS A 140 22.09 -0.89 6.63
N GLU A 141 20.87 -1.38 6.79
CA GLU A 141 20.63 -2.82 6.77
C GLU A 141 19.15 -3.12 7.02
N ASP A 142 18.65 -4.11 6.30
CA ASP A 142 17.26 -4.50 6.43
C ASP A 142 17.18 -6.00 6.74
N ASP A 143 17.79 -6.79 5.87
CA ASP A 143 17.80 -8.23 6.04
C ASP A 143 18.43 -8.88 4.81
N GLU A 144 18.73 -10.17 4.95
CA GLU A 144 19.34 -10.91 3.86
C GLU A 144 19.11 -12.41 4.05
N SER A 145 18.16 -12.93 3.28
CA SER A 145 17.83 -14.34 3.36
C SER A 145 18.27 -15.06 2.07
N GLY A 146 17.74 -14.57 0.96
CA GLY A 146 18.06 -15.15 -0.34
C GLY A 146 16.93 -14.93 -1.34
N PRO A 147 17.26 -15.13 -2.64
CA PRO A 147 16.28 -14.95 -3.70
C PRO A 147 15.31 -16.13 -3.75
N SER A 148 14.39 -16.06 -4.70
CA SER A 148 13.40 -17.11 -4.86
C SER A 148 12.85 -17.10 -6.29
N SER A 149 13.13 -18.17 -7.00
CA SER A 149 12.68 -18.30 -8.38
C SER A 149 12.71 -19.76 -8.81
N GLY A 150 11.98 -20.05 -9.89
CA GLY A 150 11.91 -21.41 -10.40
C GLY A 150 11.34 -21.42 -11.82
N GLY A 1 17.07 1.07 21.41
CA GLY A 1 18.44 0.59 21.43
C GLY A 1 18.95 0.29 20.01
N SER A 2 20.26 0.26 19.88
CA SER A 2 20.88 -0.01 18.60
C SER A 2 22.40 0.09 18.71
N SER A 3 23.07 -0.93 18.18
CA SER A 3 24.52 -0.97 18.22
C SER A 3 25.05 -2.00 17.21
N GLY A 4 26.22 -1.72 16.69
CA GLY A 4 26.84 -2.62 15.72
C GLY A 4 26.31 -2.34 14.30
N SER A 5 27.25 -2.24 13.37
CA SER A 5 26.90 -1.98 11.98
C SER A 5 28.13 -2.14 11.09
N SER A 6 28.16 -3.25 10.37
CA SER A 6 29.27 -3.54 9.48
C SER A 6 28.85 -4.54 8.42
N GLY A 7 28.63 -4.04 7.22
CA GLY A 7 28.21 -4.87 6.11
C GLY A 7 27.50 -4.06 5.04
N ALA A 8 26.41 -4.62 4.53
CA ALA A 8 25.63 -3.97 3.50
C ALA A 8 24.94 -2.74 4.10
N ALA A 9 23.89 -2.30 3.43
CA ALA A 9 23.13 -1.14 3.88
C ALA A 9 21.98 -1.61 4.78
N SER A 10 21.36 -0.64 5.44
CA SER A 10 20.25 -0.94 6.32
C SER A 10 19.97 0.27 7.23
N LEU A 11 18.72 0.35 7.68
CA LEU A 11 18.31 1.43 8.54
C LEU A 11 18.46 2.77 7.79
N GLY A 12 17.36 3.49 7.69
CA GLY A 12 17.36 4.77 7.01
C GLY A 12 16.32 5.71 7.62
N SER A 13 16.29 6.92 7.08
CA SER A 13 15.34 7.93 7.56
C SER A 13 15.27 9.08 6.56
N GLN A 14 14.27 9.93 6.77
CA GLN A 14 14.07 11.08 5.90
C GLN A 14 12.89 11.92 6.39
N LYS A 15 12.78 13.11 5.83
CA LYS A 15 11.71 14.03 6.20
C LYS A 15 10.72 14.15 5.04
N GLY A 16 9.50 14.49 5.38
CA GLY A 16 8.45 14.64 4.38
C GLY A 16 8.08 13.29 3.75
N GLY A 17 6.83 12.91 3.93
CA GLY A 17 6.35 11.65 3.40
C GLY A 17 4.97 11.83 2.76
N ILE A 18 4.37 10.70 2.40
CA ILE A 18 3.05 10.71 1.78
C ILE A 18 2.04 10.08 2.73
N THR A 19 0.78 10.17 2.36
CA THR A 19 -0.29 9.61 3.16
C THR A 19 -1.66 10.07 2.64
N LYS A 20 -2.70 9.50 3.22
CA LYS A 20 -4.06 9.83 2.82
C LYS A 20 -5.04 9.04 3.67
N HIS A 21 -6.32 9.38 3.51
CA HIS A 21 -7.37 8.70 4.26
C HIS A 21 -8.68 8.78 3.48
N GLY A 22 -9.72 8.19 4.06
CA GLY A 22 -11.03 8.19 3.44
C GLY A 22 -11.64 6.79 3.43
N TRP A 23 -12.92 6.72 3.10
CA TRP A 23 -13.62 5.45 3.06
C TRP A 23 -13.31 4.79 1.72
N LEU A 24 -13.35 3.47 1.72
CA LEU A 24 -13.09 2.70 0.52
C LEU A 24 -13.96 1.45 0.50
N TYR A 25 -13.77 0.63 -0.53
CA TYR A 25 -14.54 -0.58 -0.67
C TYR A 25 -13.61 -1.79 -0.89
N LYS A 26 -13.18 -2.38 0.21
CA LYS A 26 -12.29 -3.53 0.15
C LYS A 26 -13.09 -4.76 -0.27
N GLY A 27 -12.39 -5.72 -0.86
CA GLY A 27 -13.02 -6.94 -1.32
C GLY A 27 -11.98 -8.05 -1.53
N ASN A 28 -12.01 -8.60 -2.74
CA ASN A 28 -11.08 -9.66 -3.10
C ASN A 28 -11.41 -10.17 -4.51
N MET A 29 -10.56 -9.78 -5.45
CA MET A 29 -10.75 -10.18 -6.83
C MET A 29 -10.48 -11.69 -7.00
N ASN A 30 -11.51 -12.39 -7.44
CA ASN A 30 -11.40 -13.83 -7.66
C ASN A 30 -11.83 -14.16 -9.08
N SER A 31 -11.60 -15.41 -9.45
CA SER A 31 -11.95 -15.87 -10.79
C SER A 31 -13.31 -15.31 -11.20
N ALA A 32 -14.36 -15.99 -10.76
CA ALA A 32 -15.71 -15.55 -11.08
C ALA A 32 -15.85 -14.06 -10.79
N ILE A 33 -16.99 -13.52 -11.18
CA ILE A 33 -17.26 -12.11 -10.98
C ILE A 33 -18.01 -11.93 -9.65
N SER A 34 -19.01 -12.78 -9.44
CA SER A 34 -19.81 -12.71 -8.24
C SER A 34 -18.90 -12.88 -7.01
N VAL A 35 -17.71 -13.38 -7.26
CA VAL A 35 -16.74 -13.60 -6.19
C VAL A 35 -15.80 -12.39 -6.11
N THR A 36 -15.61 -11.76 -7.26
CA THR A 36 -14.74 -10.59 -7.32
C THR A 36 -15.31 -9.45 -6.49
N MET A 37 -16.64 -9.40 -6.44
CA MET A 37 -17.32 -8.36 -5.69
C MET A 37 -17.48 -8.77 -4.21
N ARG A 38 -18.03 -9.95 -4.02
CA ARG A 38 -18.25 -10.47 -2.67
C ARG A 38 -18.91 -9.40 -1.79
N SER A 39 -20.01 -8.87 -2.29
CA SER A 39 -20.75 -7.85 -1.56
C SER A 39 -19.81 -6.68 -1.22
N PHE A 40 -19.36 -6.00 -2.26
CA PHE A 40 -18.46 -4.88 -2.07
C PHE A 40 -18.85 -4.05 -0.84
N LYS A 41 -18.15 -4.30 0.25
CA LYS A 41 -18.41 -3.60 1.49
C LYS A 41 -17.51 -2.36 1.56
N ARG A 42 -17.96 -1.39 2.36
CA ARG A 42 -17.21 -0.16 2.53
C ARG A 42 -16.50 -0.16 3.88
N ARG A 43 -15.27 0.33 3.87
CA ARG A 43 -14.48 0.40 5.08
C ARG A 43 -13.51 1.58 5.02
N PHE A 44 -13.12 2.05 6.19
CA PHE A 44 -12.21 3.18 6.29
C PHE A 44 -10.78 2.75 5.96
N PHE A 45 -10.07 3.64 5.28
CA PHE A 45 -8.69 3.37 4.90
C PHE A 45 -7.77 4.50 5.34
N HIS A 46 -6.84 4.15 6.20
CA HIS A 46 -5.89 5.12 6.71
C HIS A 46 -4.46 4.64 6.45
N LEU A 47 -3.75 5.39 5.63
CA LEU A 47 -2.39 5.04 5.28
C LEU A 47 -1.45 5.56 6.38
N ILE A 48 -0.58 4.66 6.83
CA ILE A 48 0.37 5.02 7.88
C ILE A 48 1.77 4.56 7.46
N GLN A 49 2.76 5.33 7.87
CA GLN A 49 4.14 5.02 7.54
C GLN A 49 4.71 4.00 8.54
N LEU A 50 5.40 3.02 8.00
CA LEU A 50 6.00 1.98 8.84
C LEU A 50 6.87 2.64 9.91
N GLY A 51 7.62 1.80 10.61
CA GLY A 51 8.50 2.28 11.67
C GLY A 51 9.02 3.67 11.35
N ASP A 52 9.56 3.81 10.15
CA ASP A 52 10.11 5.08 9.71
C ASP A 52 10.76 4.91 8.34
N GLY A 53 9.92 4.79 7.33
CA GLY A 53 10.40 4.62 5.97
C GLY A 53 9.26 4.19 5.03
N SER A 54 9.09 2.88 4.92
CA SER A 54 8.04 2.33 4.07
C SER A 54 6.67 2.79 4.57
N TYR A 55 5.64 2.34 3.86
CA TYR A 55 4.28 2.69 4.22
C TYR A 55 3.37 1.45 4.21
N ASN A 56 2.26 1.56 4.93
CA ASN A 56 1.31 0.48 5.01
C ASN A 56 -0.10 1.04 5.13
N LEU A 57 -0.98 0.55 4.27
CA LEU A 57 -2.36 1.00 4.28
C LEU A 57 -3.20 0.07 5.16
N ASN A 58 -3.60 0.59 6.30
CA ASN A 58 -4.41 -0.17 7.24
C ASN A 58 -5.83 0.39 7.28
N PHE A 59 -6.79 -0.47 6.99
CA PHE A 59 -8.19 -0.07 6.98
C PHE A 59 -8.89 -0.53 8.26
N TYR A 60 -9.76 0.35 8.76
CA TYR A 60 -10.50 0.05 9.98
C TYR A 60 -11.99 -0.15 9.67
N LYS A 61 -12.70 -0.69 10.66
CA LYS A 61 -14.13 -0.93 10.50
C LYS A 61 -14.85 0.40 10.36
N ASP A 62 -14.27 1.43 10.99
CA ASP A 62 -14.85 2.76 10.93
C ASP A 62 -13.74 3.80 10.96
N GLU A 63 -14.13 5.05 10.79
CA GLU A 63 -13.18 6.15 10.81
C GLU A 63 -12.27 6.05 12.04
N LYS A 64 -12.88 6.19 13.20
CA LYS A 64 -12.14 6.12 14.45
C LYS A 64 -11.09 5.02 14.35
N ILE A 65 -9.85 5.44 14.12
CA ILE A 65 -8.75 4.50 14.01
C ILE A 65 -8.09 4.32 15.37
N SER A 66 -6.76 4.20 15.34
CA SER A 66 -6.00 4.02 16.57
C SER A 66 -6.04 2.56 17.01
N LYS A 67 -7.26 2.06 17.15
CA LYS A 67 -7.46 0.68 17.56
C LYS A 67 -6.77 -0.25 16.57
N GLU A 68 -7.07 -1.53 16.70
CA GLU A 68 -6.49 -2.53 15.82
C GLU A 68 -7.17 -2.50 14.45
N PRO A 69 -6.32 -2.45 13.39
CA PRO A 69 -6.82 -2.42 12.02
C PRO A 69 -7.34 -3.80 11.60
N LYS A 70 -8.20 -3.78 10.59
CA LYS A 70 -8.77 -5.01 10.07
C LYS A 70 -7.73 -5.73 9.20
N GLY A 71 -6.86 -4.93 8.60
CA GLY A 71 -5.83 -5.47 7.74
C GLY A 71 -4.89 -4.36 7.25
N SER A 72 -3.80 -4.78 6.62
CA SER A 72 -2.82 -3.85 6.11
C SER A 72 -2.35 -4.29 4.72
N ILE A 73 -1.85 -3.32 3.97
CA ILE A 73 -1.36 -3.61 2.62
C ILE A 73 0.15 -3.38 2.58
N PHE A 74 0.88 -4.49 2.58
CA PHE A 74 2.33 -4.43 2.55
C PHE A 74 2.82 -3.81 1.24
N LEU A 75 2.71 -2.49 1.18
CA LEU A 75 3.13 -1.76 -0.01
C LEU A 75 4.57 -2.17 -0.36
N ASP A 76 5.27 -2.65 0.65
CA ASP A 76 6.65 -3.09 0.46
C ASP A 76 6.69 -4.24 -0.55
N SER A 77 5.56 -4.92 -0.67
CA SER A 77 5.45 -6.03 -1.59
C SER A 77 4.60 -5.63 -2.81
N CYS A 78 3.60 -4.81 -2.54
CA CYS A 78 2.71 -4.34 -3.59
C CYS A 78 3.56 -4.00 -4.82
N MET A 79 3.08 -4.44 -5.97
CA MET A 79 3.78 -4.19 -7.21
C MET A 79 3.23 -2.95 -7.91
N GLY A 80 1.91 -2.84 -7.89
CA GLY A 80 1.24 -1.71 -8.53
C GLY A 80 -0.29 -1.83 -8.40
N VAL A 81 -0.96 -0.75 -8.78
CA VAL A 81 -2.41 -0.73 -8.71
C VAL A 81 -2.98 -0.82 -10.13
N VAL A 82 -3.97 -1.68 -10.28
CA VAL A 82 -4.61 -1.87 -11.58
C VAL A 82 -5.99 -1.19 -11.56
N GLN A 83 -6.59 -1.13 -12.75
CA GLN A 83 -7.89 -0.51 -12.88
C GLN A 83 -8.95 -1.57 -13.14
N ASN A 84 -10.12 -1.35 -12.54
CA ASN A 84 -11.23 -2.29 -12.68
C ASN A 84 -12.54 -1.51 -12.73
N ASN A 85 -13.15 -1.49 -13.91
CA ASN A 85 -14.41 -0.80 -14.09
C ASN A 85 -15.53 -1.81 -14.32
N LYS A 86 -15.38 -2.96 -13.67
CA LYS A 86 -16.37 -4.02 -13.80
C LYS A 86 -17.30 -3.99 -12.59
N VAL A 87 -16.73 -4.33 -11.44
CA VAL A 87 -17.51 -4.34 -10.21
C VAL A 87 -18.06 -2.94 -9.94
N ARG A 88 -17.15 -1.98 -9.90
CA ARG A 88 -17.54 -0.60 -9.65
C ARG A 88 -16.98 0.31 -10.74
N ARG A 89 -17.56 1.49 -10.84
CA ARG A 89 -17.14 2.46 -11.83
C ARG A 89 -15.75 3.00 -11.49
N PHE A 90 -15.36 2.78 -10.24
CA PHE A 90 -14.06 3.23 -9.77
C PHE A 90 -13.45 2.23 -8.79
N ALA A 91 -13.24 1.02 -9.29
CA ALA A 91 -12.65 -0.04 -8.48
C ALA A 91 -11.27 -0.40 -9.02
N PHE A 92 -10.30 -0.42 -8.12
CA PHE A 92 -8.94 -0.74 -8.49
C PHE A 92 -8.41 -1.91 -7.66
N GLU A 93 -7.65 -2.78 -8.33
CA GLU A 93 -7.08 -3.93 -7.67
C GLU A 93 -5.59 -3.70 -7.37
N LEU A 94 -5.16 -4.22 -6.24
CA LEU A 94 -3.77 -4.08 -5.82
C LEU A 94 -3.01 -5.37 -6.14
N LYS A 95 -2.07 -5.26 -7.07
CA LYS A 95 -1.28 -6.40 -7.46
C LYS A 95 -0.09 -6.54 -6.51
N MET A 96 -0.15 -7.59 -5.71
CA MET A 96 0.92 -7.85 -4.75
C MET A 96 1.93 -8.85 -5.32
N GLN A 97 3.17 -8.70 -4.86
CA GLN A 97 4.24 -9.58 -5.31
C GLN A 97 3.95 -11.02 -4.92
N ASP A 98 3.03 -11.17 -3.96
CA ASP A 98 2.65 -12.48 -3.48
C ASP A 98 1.45 -12.98 -4.28
N LYS A 99 1.36 -12.50 -5.50
CA LYS A 99 0.27 -12.89 -6.38
C LYS A 99 -1.03 -12.28 -5.88
N SER A 100 -1.33 -12.55 -4.61
CA SER A 100 -2.54 -12.04 -3.99
C SER A 100 -2.76 -10.58 -4.42
N SER A 101 -3.98 -10.12 -4.20
CA SER A 101 -4.34 -8.76 -4.56
C SER A 101 -5.61 -8.34 -3.80
N TYR A 102 -5.71 -7.04 -3.58
CA TYR A 102 -6.87 -6.49 -2.88
C TYR A 102 -7.78 -5.74 -3.85
N LEU A 103 -9.07 -5.79 -3.55
CA LEU A 103 -10.07 -5.12 -4.37
C LEU A 103 -10.62 -3.90 -3.62
N LEU A 104 -10.17 -2.73 -4.04
CA LEU A 104 -10.60 -1.49 -3.43
C LEU A 104 -11.47 -0.71 -4.41
N ALA A 105 -12.20 0.26 -3.86
CA ALA A 105 -13.06 1.09 -4.69
C ALA A 105 -13.43 2.36 -3.91
N ALA A 106 -13.42 3.47 -4.62
CA ALA A 106 -13.75 4.76 -4.02
C ALA A 106 -15.14 5.21 -4.50
N ASP A 107 -15.61 6.27 -3.90
CA ASP A 107 -16.92 6.82 -4.25
C ASP A 107 -16.80 7.62 -5.55
N SER A 108 -15.73 8.40 -5.63
CA SER A 108 -15.49 9.21 -6.82
C SER A 108 -14.14 8.84 -7.44
N GLU A 109 -14.06 9.04 -8.75
CA GLU A 109 -12.84 8.73 -9.47
C GLU A 109 -11.62 9.23 -8.69
N VAL A 110 -11.72 10.45 -8.21
CA VAL A 110 -10.65 11.06 -7.45
C VAL A 110 -10.24 10.11 -6.31
N GLU A 111 -11.17 9.93 -5.38
CA GLU A 111 -10.93 9.06 -4.25
C GLU A 111 -10.38 7.71 -4.72
N MET A 112 -10.66 7.40 -5.98
CA MET A 112 -10.21 6.15 -6.56
C MET A 112 -8.82 6.30 -7.17
N GLU A 113 -8.55 7.51 -7.65
CA GLU A 113 -7.27 7.80 -8.27
C GLU A 113 -6.24 8.17 -7.20
N GLU A 114 -6.69 8.93 -6.21
CA GLU A 114 -5.84 9.36 -5.13
C GLU A 114 -5.01 8.18 -4.62
N TRP A 115 -5.72 7.17 -4.13
CA TRP A 115 -5.06 5.98 -3.61
C TRP A 115 -4.18 5.40 -4.72
N ILE A 116 -4.82 5.13 -5.86
CA ILE A 116 -4.11 4.57 -7.00
C ILE A 116 -2.76 5.27 -7.15
N THR A 117 -2.76 6.57 -6.84
CA THR A 117 -1.54 7.36 -6.94
C THR A 117 -0.72 7.24 -5.65
N ILE A 118 -1.43 7.23 -4.53
CA ILE A 118 -0.79 7.13 -3.24
C ILE A 118 -0.06 5.78 -3.14
N LEU A 119 -0.84 4.72 -3.25
CA LEU A 119 -0.29 3.37 -3.19
C LEU A 119 0.84 3.24 -4.22
N ASN A 120 0.56 3.75 -5.41
CA ASN A 120 1.54 3.70 -6.49
C ASN A 120 2.80 4.46 -6.07
N LYS A 121 2.58 5.62 -5.48
CA LYS A 121 3.68 6.46 -5.03
C LYS A 121 4.62 5.63 -4.17
N ILE A 122 4.08 5.11 -3.06
CA ILE A 122 4.85 4.31 -2.15
C ILE A 122 5.40 3.08 -2.89
N LEU A 123 4.58 2.57 -3.80
CA LEU A 123 4.97 1.41 -4.58
C LEU A 123 6.22 1.74 -5.40
N GLN A 124 6.10 2.79 -6.19
CA GLN A 124 7.21 3.23 -7.03
C GLN A 124 8.39 3.66 -6.16
N LEU A 125 8.07 4.49 -5.17
CA LEU A 125 9.10 4.98 -4.26
C LEU A 125 9.79 3.80 -3.57
N ASN A 126 8.98 2.86 -3.14
CA ASN A 126 9.49 1.67 -2.47
C ASN A 126 10.65 1.09 -3.28
N PHE A 127 10.51 1.19 -4.59
CA PHE A 127 11.52 0.68 -5.49
C PHE A 127 12.76 1.58 -5.48
N GLU A 128 12.52 2.86 -5.24
CA GLU A 128 13.60 3.83 -5.19
C GLU A 128 14.28 3.83 -3.83
N ALA A 129 13.53 3.34 -2.84
CA ALA A 129 14.04 3.27 -1.48
C ALA A 129 15.12 2.19 -1.39
N ALA A 130 14.86 1.07 -2.06
CA ALA A 130 15.79 -0.04 -2.06
C ALA A 130 17.13 0.44 -2.63
N MET A 131 17.05 1.03 -3.81
CA MET A 131 18.25 1.53 -4.47
C MET A 131 18.87 2.69 -3.69
N GLN A 132 18.02 3.38 -2.94
CA GLN A 132 18.46 4.51 -2.15
C GLN A 132 19.23 4.01 -0.91
N GLU A 133 18.74 2.93 -0.34
CA GLU A 133 19.36 2.34 0.83
C GLU A 133 20.56 1.50 0.42
N LYS A 134 20.42 0.82 -0.70
CA LYS A 134 21.48 -0.03 -1.21
C LYS A 134 22.83 0.70 -1.07
N ARG A 135 22.83 1.94 -1.52
CA ARG A 135 24.03 2.75 -1.45
C ARG A 135 23.85 3.88 -0.43
N ASN A 136 23.53 3.49 0.79
CA ASN A 136 23.32 4.46 1.85
C ASN A 136 22.84 3.72 3.11
N GLY A 137 23.80 3.29 3.91
CA GLY A 137 23.48 2.58 5.14
C GLY A 137 24.68 1.74 5.61
N ASP A 138 24.39 0.81 6.49
CA ASP A 138 25.43 -0.06 7.03
C ASP A 138 24.78 -1.33 7.60
N SER A 139 25.59 -2.37 7.70
CA SER A 139 25.12 -3.65 8.22
C SER A 139 24.46 -4.45 7.11
N HIS A 140 24.61 -5.76 7.19
CA HIS A 140 24.03 -6.66 6.21
C HIS A 140 22.51 -6.65 6.34
N GLU A 141 21.86 -6.95 5.23
CA GLU A 141 20.40 -6.98 5.20
C GLU A 141 19.91 -8.10 4.28
N ASP A 142 18.82 -8.72 4.71
CA ASP A 142 18.24 -9.81 3.93
C ASP A 142 17.08 -9.28 3.10
N ASP A 143 17.36 -9.05 1.82
CA ASP A 143 16.35 -8.55 0.91
C ASP A 143 16.71 -8.96 -0.52
N GLU A 144 15.68 -9.04 -1.36
CA GLU A 144 15.87 -9.41 -2.74
C GLU A 144 14.66 -9.00 -3.58
N SER A 145 14.93 -8.12 -4.54
CA SER A 145 13.88 -7.63 -5.42
C SER A 145 14.04 -8.22 -6.82
N GLY A 146 12.99 -8.09 -7.60
CA GLY A 146 13.00 -8.61 -8.97
C GLY A 146 12.67 -7.51 -9.97
N PRO A 147 13.64 -7.27 -10.91
CA PRO A 147 13.45 -6.25 -11.93
C PRO A 147 12.47 -6.71 -13.00
N SER A 148 11.64 -5.79 -13.44
CA SER A 148 10.66 -6.10 -14.47
C SER A 148 9.90 -4.82 -14.88
N SER A 149 9.20 -4.91 -16.00
CA SER A 149 8.45 -3.79 -16.50
C SER A 149 9.35 -2.56 -16.59
N GLY A 150 9.81 -2.28 -17.79
CA GLY A 150 10.68 -1.14 -18.03
C GLY A 150 9.99 0.16 -17.61
N GLY A 1 27.29 -29.30 23.32
CA GLY A 1 26.84 -28.27 22.41
C GLY A 1 26.30 -27.05 23.16
N SER A 2 25.00 -26.86 23.04
CA SER A 2 24.34 -25.75 23.72
C SER A 2 24.96 -24.42 23.23
N SER A 3 24.14 -23.66 22.52
CA SER A 3 24.58 -22.38 22.00
C SER A 3 23.49 -21.76 21.14
N GLY A 4 23.67 -20.48 20.81
CA GLY A 4 22.71 -19.77 19.99
C GLY A 4 22.65 -18.29 20.37
N SER A 5 22.91 -17.44 19.39
CA SER A 5 22.89 -16.01 19.62
C SER A 5 22.98 -15.27 18.28
N SER A 6 21.94 -14.50 18.00
CA SER A 6 21.90 -13.73 16.76
C SER A 6 20.69 -12.79 16.78
N GLY A 7 20.69 -11.87 15.83
CA GLY A 7 19.61 -10.91 15.72
C GLY A 7 20.14 -9.48 15.68
N ALA A 8 19.91 -8.82 14.54
CA ALA A 8 20.36 -7.46 14.37
C ALA A 8 19.93 -6.96 12.98
N ALA A 9 19.11 -5.93 12.99
CA ALA A 9 18.61 -5.36 11.74
C ALA A 9 17.75 -4.14 12.06
N SER A 10 18.00 -3.07 11.30
CA SER A 10 17.26 -1.84 11.48
C SER A 10 17.84 -0.73 10.60
N LEU A 11 17.00 -0.24 9.69
CA LEU A 11 17.42 0.80 8.78
C LEU A 11 16.18 1.53 8.24
N GLY A 12 16.43 2.63 7.54
CA GLY A 12 15.35 3.41 6.97
C GLY A 12 15.46 4.88 7.39
N SER A 13 15.05 5.75 6.48
CA SER A 13 15.09 7.18 6.73
C SER A 13 14.65 7.95 5.49
N GLN A 14 13.52 8.64 5.63
CA GLN A 14 12.98 9.41 4.53
C GLN A 14 12.82 10.88 4.95
N LYS A 15 12.42 11.69 3.98
CA LYS A 15 12.22 13.11 4.24
C LYS A 15 10.86 13.54 3.68
N GLY A 16 9.93 13.77 4.59
CA GLY A 16 8.59 14.18 4.22
C GLY A 16 7.56 13.12 4.61
N GLY A 17 7.32 12.21 3.68
CA GLY A 17 6.36 11.14 3.90
C GLY A 17 5.00 11.48 3.29
N ILE A 18 4.25 10.43 2.98
CA ILE A 18 2.94 10.61 2.40
C ILE A 18 1.86 10.30 3.44
N THR A 19 0.63 10.17 2.97
CA THR A 19 -0.48 9.87 3.84
C THR A 19 -1.80 10.06 3.10
N LYS A 20 -2.87 9.53 3.71
CA LYS A 20 -4.19 9.63 3.13
C LYS A 20 -5.21 8.96 4.05
N HIS A 21 -6.43 9.46 3.99
CA HIS A 21 -7.50 8.92 4.82
C HIS A 21 -8.84 9.07 4.11
N GLY A 22 -9.63 8.02 4.17
CA GLY A 22 -10.94 8.02 3.52
C GLY A 22 -11.60 6.65 3.62
N TRP A 23 -12.81 6.57 3.10
CA TRP A 23 -13.56 5.33 3.13
C TRP A 23 -13.53 4.73 1.72
N LEU A 24 -12.88 3.59 1.60
CA LEU A 24 -12.76 2.91 0.33
C LEU A 24 -13.64 1.64 0.35
N TYR A 25 -13.66 0.97 -0.79
CA TYR A 25 -14.45 -0.25 -0.91
C TYR A 25 -13.54 -1.45 -1.19
N LYS A 26 -13.15 -2.11 -0.11
CA LYS A 26 -12.29 -3.28 -0.22
C LYS A 26 -13.12 -4.48 -0.67
N GLY A 27 -12.45 -5.41 -1.33
CA GLY A 27 -13.11 -6.61 -1.82
C GLY A 27 -12.31 -7.86 -1.48
N ASN A 28 -12.55 -8.91 -2.25
CA ASN A 28 -11.85 -10.17 -2.05
C ASN A 28 -10.98 -10.47 -3.27
N MET A 29 -11.53 -10.17 -4.44
CA MET A 29 -10.82 -10.40 -5.69
C MET A 29 -10.67 -11.90 -5.95
N ASN A 30 -11.00 -12.30 -7.17
CA ASN A 30 -10.90 -13.69 -7.56
C ASN A 30 -11.44 -13.85 -8.99
N SER A 31 -11.20 -15.04 -9.54
CA SER A 31 -11.66 -15.33 -10.90
C SER A 31 -13.10 -14.88 -11.08
N ALA A 32 -14.02 -15.69 -10.56
CA ALA A 32 -15.43 -15.39 -10.66
C ALA A 32 -15.66 -13.91 -10.33
N ILE A 33 -16.16 -13.19 -11.32
CA ILE A 33 -16.43 -11.77 -11.14
C ILE A 33 -17.34 -11.57 -9.93
N SER A 34 -18.43 -12.31 -9.92
CA SER A 34 -19.39 -12.23 -8.83
C SER A 34 -18.67 -12.34 -7.50
N VAL A 35 -17.49 -12.95 -7.54
CA VAL A 35 -16.70 -13.13 -6.35
C VAL A 35 -15.71 -11.97 -6.21
N THR A 36 -15.02 -11.68 -7.31
CA THR A 36 -14.05 -10.60 -7.32
C THR A 36 -14.57 -9.40 -6.51
N MET A 37 -15.84 -9.10 -6.72
CA MET A 37 -16.47 -7.99 -6.03
C MET A 37 -16.73 -8.34 -4.56
N ARG A 38 -17.19 -9.56 -4.35
CA ARG A 38 -17.49 -10.03 -3.01
C ARG A 38 -18.12 -8.92 -2.18
N SER A 39 -19.28 -8.47 -2.63
CA SER A 39 -19.99 -7.41 -1.94
C SER A 39 -19.00 -6.39 -1.39
N PHE A 40 -18.43 -5.61 -2.29
CA PHE A 40 -17.47 -4.60 -1.90
C PHE A 40 -17.84 -3.95 -0.56
N LYS A 41 -17.03 -4.23 0.44
CA LYS A 41 -17.28 -3.69 1.77
C LYS A 41 -16.52 -2.36 1.92
N ARG A 42 -17.19 -1.40 2.54
CA ARG A 42 -16.59 -0.10 2.75
C ARG A 42 -15.83 -0.07 4.08
N ARG A 43 -14.63 0.49 4.03
CA ARG A 43 -13.81 0.58 5.23
C ARG A 43 -12.99 1.88 5.21
N PHE A 44 -12.48 2.24 6.38
CA PHE A 44 -11.68 3.44 6.51
C PHE A 44 -10.20 3.14 6.28
N PHE A 45 -9.73 3.49 5.10
CA PHE A 45 -8.33 3.27 4.76
C PHE A 45 -7.44 4.38 5.32
N HIS A 46 -6.77 4.07 6.41
CA HIS A 46 -5.88 5.02 7.06
C HIS A 46 -4.42 4.61 6.81
N LEU A 47 -3.72 5.45 6.07
CA LEU A 47 -2.33 5.19 5.76
C LEU A 47 -1.46 5.63 6.95
N ILE A 48 -0.52 4.76 7.30
CA ILE A 48 0.37 5.05 8.41
C ILE A 48 1.79 4.61 8.04
N GLN A 49 2.76 5.33 8.57
CA GLN A 49 4.16 5.03 8.30
C GLN A 49 4.68 4.00 9.31
N LEU A 50 5.36 3.00 8.79
CA LEU A 50 5.92 1.95 9.63
C LEU A 50 6.80 2.58 10.72
N GLY A 51 7.51 1.72 11.43
CA GLY A 51 8.39 2.18 12.49
C GLY A 51 8.95 3.57 12.17
N ASP A 52 9.41 3.72 10.94
CA ASP A 52 9.97 4.98 10.50
C ASP A 52 10.64 4.80 9.14
N GLY A 53 9.80 4.71 8.12
CA GLY A 53 10.29 4.53 6.75
C GLY A 53 9.18 3.97 5.85
N SER A 54 9.06 2.65 5.87
CA SER A 54 8.07 1.97 5.07
C SER A 54 6.66 2.43 5.48
N TYR A 55 5.71 2.21 4.58
CA TYR A 55 4.34 2.58 4.85
C TYR A 55 3.42 1.36 4.83
N ASN A 56 2.19 1.57 5.27
CA ASN A 56 1.21 0.50 5.31
C ASN A 56 -0.19 1.09 5.48
N LEU A 57 -1.06 0.74 4.54
CA LEU A 57 -2.43 1.23 4.59
C LEU A 57 -3.30 0.24 5.37
N ASN A 58 -3.78 0.71 6.51
CA ASN A 58 -4.62 -0.11 7.36
C ASN A 58 -6.07 0.37 7.26
N PHE A 59 -6.93 -0.54 6.82
CA PHE A 59 -8.34 -0.22 6.67
C PHE A 59 -9.12 -0.59 7.93
N TYR A 60 -9.79 0.41 8.50
CA TYR A 60 -10.57 0.19 9.70
C TYR A 60 -12.06 0.21 9.39
N LYS A 61 -12.84 -0.29 10.33
CA LYS A 61 -14.28 -0.35 10.18
C LYS A 61 -14.86 1.06 10.32
N ASP A 62 -14.23 1.85 11.18
CA ASP A 62 -14.66 3.21 11.42
C ASP A 62 -13.45 4.13 11.47
N GLU A 63 -13.72 5.41 11.65
CA GLU A 63 -12.65 6.40 11.73
C GLU A 63 -11.77 6.14 12.95
N LYS A 64 -12.39 6.26 14.12
CA LYS A 64 -11.68 6.04 15.37
C LYS A 64 -10.71 4.87 15.20
N ILE A 65 -9.45 5.20 14.96
CA ILE A 65 -8.43 4.19 14.77
C ILE A 65 -7.76 3.90 16.12
N SER A 66 -6.45 3.72 16.06
CA SER A 66 -5.68 3.44 17.26
C SER A 66 -5.76 1.95 17.59
N LYS A 67 -6.98 1.44 17.63
CA LYS A 67 -7.20 0.05 17.94
C LYS A 67 -6.59 -0.82 16.83
N GLU A 68 -6.98 -2.08 16.82
CA GLU A 68 -6.49 -3.02 15.83
C GLU A 68 -7.30 -2.90 14.54
N PRO A 69 -6.56 -2.73 13.40
CA PRO A 69 -7.21 -2.60 12.10
C PRO A 69 -7.72 -3.96 11.61
N LYS A 70 -8.59 -3.90 10.60
CA LYS A 70 -9.16 -5.10 10.04
C LYS A 70 -8.09 -5.85 9.23
N GLY A 71 -7.02 -5.12 8.93
CA GLY A 71 -5.92 -5.70 8.17
C GLY A 71 -4.85 -4.65 7.87
N SER A 72 -4.25 -4.79 6.70
CA SER A 72 -3.21 -3.86 6.28
C SER A 72 -2.63 -4.28 4.92
N ILE A 73 -2.16 -3.30 4.18
CA ILE A 73 -1.58 -3.56 2.87
C ILE A 73 -0.07 -3.36 2.93
N PHE A 74 0.65 -4.46 2.78
CA PHE A 74 2.11 -4.42 2.81
C PHE A 74 2.67 -3.85 1.52
N LEU A 75 2.65 -2.53 1.42
CA LEU A 75 3.16 -1.85 0.24
C LEU A 75 4.56 -2.37 -0.07
N ASP A 76 5.21 -2.90 0.96
CA ASP A 76 6.56 -3.42 0.81
C ASP A 76 6.52 -4.65 -0.11
N SER A 77 5.32 -5.18 -0.29
CA SER A 77 5.14 -6.34 -1.14
C SER A 77 4.30 -5.97 -2.36
N CYS A 78 3.36 -5.07 -2.15
CA CYS A 78 2.50 -4.62 -3.23
C CYS A 78 3.36 -4.40 -4.47
N MET A 79 2.83 -4.83 -5.61
CA MET A 79 3.52 -4.69 -6.87
C MET A 79 3.07 -3.42 -7.59
N GLY A 80 1.79 -3.13 -7.49
CA GLY A 80 1.22 -1.96 -8.13
C GLY A 80 -0.31 -2.00 -8.10
N VAL A 81 -0.91 -0.90 -8.52
CA VAL A 81 -2.35 -0.79 -8.54
C VAL A 81 -2.85 -0.93 -9.98
N VAL A 82 -3.83 -1.81 -10.16
CA VAL A 82 -4.40 -2.04 -11.47
C VAL A 82 -5.77 -1.36 -11.57
N GLN A 83 -6.28 -1.29 -12.78
CA GLN A 83 -7.57 -0.68 -13.02
C GLN A 83 -8.64 -1.75 -13.26
N ASN A 84 -9.83 -1.50 -12.73
CA ASN A 84 -10.94 -2.42 -12.88
C ASN A 84 -12.24 -1.70 -12.60
N ASN A 85 -12.69 -0.94 -13.60
CA ASN A 85 -13.92 -0.19 -13.48
C ASN A 85 -15.08 -1.03 -14.01
N LYS A 86 -14.91 -2.34 -13.91
CA LYS A 86 -15.93 -3.27 -14.38
C LYS A 86 -16.71 -3.81 -13.18
N VAL A 87 -15.96 -4.23 -12.17
CA VAL A 87 -16.57 -4.77 -10.96
C VAL A 87 -17.46 -3.70 -10.33
N ARG A 88 -16.85 -2.57 -10.02
CA ARG A 88 -17.58 -1.47 -9.40
C ARG A 88 -17.08 -0.13 -9.96
N ARG A 89 -18.01 0.80 -10.10
CA ARG A 89 -17.69 2.11 -10.61
C ARG A 89 -16.43 2.65 -9.94
N PHE A 90 -15.34 2.67 -10.70
CA PHE A 90 -14.08 3.16 -10.19
C PHE A 90 -13.51 2.21 -9.13
N ALA A 91 -13.11 1.02 -9.59
CA ALA A 91 -12.56 0.02 -8.71
C ALA A 91 -11.18 -0.41 -9.21
N PHE A 92 -10.22 -0.40 -8.31
CA PHE A 92 -8.86 -0.79 -8.66
C PHE A 92 -8.37 -1.92 -7.77
N GLU A 93 -7.62 -2.83 -8.37
CA GLU A 93 -7.09 -3.98 -7.65
C GLU A 93 -5.62 -3.73 -7.29
N LEU A 94 -5.24 -4.24 -6.13
CA LEU A 94 -3.88 -4.08 -5.65
C LEU A 94 -3.12 -5.39 -5.84
N LYS A 95 -2.15 -5.36 -6.74
CA LYS A 95 -1.36 -6.55 -7.02
C LYS A 95 -0.24 -6.65 -5.99
N MET A 96 -0.14 -7.83 -5.39
CA MET A 96 0.87 -8.09 -4.39
C MET A 96 1.90 -9.10 -4.89
N GLN A 97 2.90 -9.35 -4.05
CA GLN A 97 3.95 -10.29 -4.40
C GLN A 97 3.87 -11.53 -3.52
N ASP A 98 3.06 -11.43 -2.47
CA ASP A 98 2.88 -12.53 -1.54
C ASP A 98 1.68 -13.37 -1.99
N LYS A 99 1.43 -13.34 -3.29
CA LYS A 99 0.33 -14.10 -3.86
C LYS A 99 -0.98 -13.61 -3.24
N SER A 100 -1.55 -12.60 -3.89
CA SER A 100 -2.81 -12.03 -3.43
C SER A 100 -2.96 -10.60 -3.97
N SER A 101 -4.17 -10.07 -3.80
CA SER A 101 -4.46 -8.73 -4.26
C SER A 101 -5.76 -8.22 -3.61
N TYR A 102 -5.82 -6.92 -3.42
CA TYR A 102 -6.99 -6.30 -2.83
C TYR A 102 -7.78 -5.51 -3.86
N LEU A 103 -9.09 -5.56 -3.72
CA LEU A 103 -9.97 -4.85 -4.64
C LEU A 103 -10.50 -3.59 -3.96
N LEU A 104 -9.95 -2.46 -4.39
CA LEU A 104 -10.35 -1.18 -3.82
C LEU A 104 -11.33 -0.50 -4.78
N ALA A 105 -12.08 0.45 -4.24
CA ALA A 105 -13.06 1.19 -5.02
C ALA A 105 -13.47 2.45 -4.28
N ALA A 106 -13.53 3.54 -5.03
CA ALA A 106 -13.90 4.83 -4.44
C ALA A 106 -15.30 5.21 -4.92
N ASP A 107 -15.82 6.28 -4.35
CA ASP A 107 -17.14 6.77 -4.72
C ASP A 107 -17.05 7.56 -6.03
N SER A 108 -15.92 8.24 -6.19
CA SER A 108 -15.71 9.03 -7.38
C SER A 108 -14.35 8.66 -8.01
N GLU A 109 -14.24 8.98 -9.29
CA GLU A 109 -13.02 8.68 -10.02
C GLU A 109 -11.80 9.22 -9.26
N VAL A 110 -11.96 10.40 -8.69
CA VAL A 110 -10.90 11.03 -7.93
C VAL A 110 -10.50 10.12 -6.77
N GLU A 111 -11.47 9.85 -5.91
CA GLU A 111 -11.24 8.99 -4.76
C GLU A 111 -10.69 7.63 -5.21
N MET A 112 -10.86 7.36 -6.49
CA MET A 112 -10.40 6.10 -7.06
C MET A 112 -8.97 6.24 -7.58
N GLU A 113 -8.67 7.42 -8.08
CA GLU A 113 -7.34 7.69 -8.62
C GLU A 113 -6.38 8.08 -7.49
N GLU A 114 -6.93 8.80 -6.52
CA GLU A 114 -6.13 9.25 -5.38
C GLU A 114 -5.38 8.07 -4.77
N TRP A 115 -6.14 7.13 -4.24
CA TRP A 115 -5.55 5.95 -3.62
C TRP A 115 -4.66 5.27 -4.65
N ILE A 116 -5.22 5.03 -5.82
CA ILE A 116 -4.48 4.39 -6.89
C ILE A 116 -3.10 5.04 -7.02
N THR A 117 -3.04 6.30 -6.61
CA THR A 117 -1.79 7.04 -6.66
C THR A 117 -1.02 6.88 -5.36
N ILE A 118 -1.75 6.92 -4.26
CA ILE A 118 -1.15 6.79 -2.94
C ILE A 118 -0.48 5.41 -2.84
N LEU A 119 -1.30 4.37 -2.92
CA LEU A 119 -0.81 3.01 -2.84
C LEU A 119 0.36 2.84 -3.82
N ASN A 120 0.15 3.33 -5.04
CA ASN A 120 1.17 3.23 -6.06
C ASN A 120 2.40 4.03 -5.64
N LYS A 121 2.13 5.15 -4.98
CA LYS A 121 3.20 6.02 -4.50
C LYS A 121 4.16 5.21 -3.63
N ILE A 122 3.65 4.79 -2.48
CA ILE A 122 4.45 4.00 -1.55
C ILE A 122 5.02 2.78 -2.28
N LEU A 123 4.35 2.41 -3.36
CA LEU A 123 4.77 1.27 -4.14
C LEU A 123 5.98 1.66 -5.00
N GLN A 124 5.81 2.73 -5.75
CA GLN A 124 6.87 3.23 -6.61
C GLN A 124 8.05 3.75 -5.77
N LEU A 125 7.69 4.43 -4.69
CA LEU A 125 8.70 4.99 -3.79
C LEU A 125 9.48 3.85 -3.15
N ASN A 126 8.78 2.74 -2.91
CA ASN A 126 9.40 1.58 -2.30
C ASN A 126 10.52 1.06 -3.21
N PHE A 127 10.30 1.23 -4.51
CA PHE A 127 11.28 0.79 -5.49
C PHE A 127 12.55 1.64 -5.42
N GLU A 128 12.35 2.95 -5.40
CA GLU A 128 13.46 3.88 -5.33
C GLU A 128 14.16 3.78 -3.98
N ALA A 129 13.39 3.33 -2.99
CA ALA A 129 13.92 3.20 -1.64
C ALA A 129 14.95 2.07 -1.62
N ALA A 130 14.81 1.17 -2.58
CA ALA A 130 15.72 0.04 -2.69
C ALA A 130 17.04 0.49 -3.33
N MET A 131 16.90 1.17 -4.47
CA MET A 131 18.06 1.66 -5.18
C MET A 131 18.83 2.68 -4.34
N GLN A 132 18.09 3.39 -3.50
CA GLN A 132 18.70 4.40 -2.63
C GLN A 132 19.46 3.72 -1.50
N GLU A 133 18.82 2.74 -0.89
CA GLU A 133 19.43 2.01 0.20
C GLU A 133 20.64 1.21 -0.29
N LYS A 134 20.52 0.71 -1.51
CA LYS A 134 21.60 -0.06 -2.11
C LYS A 134 22.94 0.61 -1.80
N ARG A 135 23.00 1.90 -2.07
CA ARG A 135 24.20 2.67 -1.83
C ARG A 135 24.20 3.22 -0.39
N ASN A 136 23.00 3.36 0.15
CA ASN A 136 22.84 3.88 1.50
C ASN A 136 23.85 5.00 1.73
N GLY A 137 23.45 6.20 1.32
CA GLY A 137 24.31 7.37 1.47
C GLY A 137 23.48 8.60 1.85
N ASP A 138 22.72 9.08 0.88
CA ASP A 138 21.89 10.26 1.10
C ASP A 138 20.76 10.28 0.05
N SER A 139 19.70 10.99 0.39
CA SER A 139 18.56 11.10 -0.50
C SER A 139 18.52 12.50 -1.13
N HIS A 140 17.62 12.66 -2.08
CA HIS A 140 17.47 13.94 -2.76
C HIS A 140 15.99 14.16 -3.11
N GLU A 141 15.69 15.40 -3.49
CA GLU A 141 14.33 15.75 -3.85
C GLU A 141 14.34 16.88 -4.88
N ASP A 142 13.16 17.13 -5.45
CA ASP A 142 13.02 18.18 -6.44
C ASP A 142 11.55 18.30 -6.84
N ASP A 143 11.25 19.39 -7.54
CA ASP A 143 9.89 19.63 -7.98
C ASP A 143 9.90 20.04 -9.46
N GLU A 144 8.72 20.03 -10.06
CA GLU A 144 8.59 20.38 -11.46
C GLU A 144 7.12 20.68 -11.79
N SER A 145 6.90 21.84 -12.38
CA SER A 145 5.56 22.26 -12.75
C SER A 145 5.47 22.42 -14.27
N GLY A 146 4.25 22.61 -14.74
CA GLY A 146 4.01 22.79 -16.16
C GLY A 146 2.98 23.89 -16.41
N PRO A 147 2.88 24.29 -17.72
CA PRO A 147 1.96 25.34 -18.10
C PRO A 147 0.52 24.81 -18.12
N SER A 148 -0.40 25.70 -18.48
CA SER A 148 -1.81 25.34 -18.55
C SER A 148 -2.31 25.48 -19.98
N SER A 149 -1.94 26.58 -20.61
CA SER A 149 -2.35 26.84 -21.98
C SER A 149 -3.87 26.88 -22.06
N GLY A 150 -4.35 27.29 -23.23
CA GLY A 150 -5.79 27.37 -23.46
C GLY A 150 -6.18 28.73 -24.02
N GLY A 1 9.71 -22.11 13.81
CA GLY A 1 11.03 -21.73 13.37
C GLY A 1 11.03 -21.34 11.89
N SER A 2 12.02 -20.52 11.52
CA SER A 2 12.14 -20.07 10.15
C SER A 2 13.37 -19.17 10.01
N SER A 3 14.15 -19.44 8.97
CA SER A 3 15.35 -18.66 8.70
C SER A 3 15.65 -18.66 7.21
N GLY A 4 16.36 -17.62 6.79
CA GLY A 4 16.73 -17.50 5.38
C GLY A 4 17.30 -16.11 5.10
N SER A 5 16.47 -15.27 4.51
CA SER A 5 16.88 -13.92 4.18
C SER A 5 18.01 -13.95 3.14
N SER A 6 17.80 -13.22 2.06
CA SER A 6 18.79 -13.15 1.00
C SER A 6 18.42 -12.06 0.00
N GLY A 7 19.36 -11.15 -0.23
CA GLY A 7 19.14 -10.06 -1.15
C GLY A 7 19.94 -8.82 -0.74
N ALA A 8 19.54 -7.68 -1.28
CA ALA A 8 20.20 -6.43 -0.97
C ALA A 8 19.15 -5.34 -0.77
N ALA A 9 19.59 -4.23 -0.18
CA ALA A 9 18.71 -3.11 0.08
C ALA A 9 17.64 -3.53 1.09
N SER A 10 17.26 -2.60 1.93
CA SER A 10 16.25 -2.86 2.95
C SER A 10 15.55 -1.55 3.34
N LEU A 11 14.87 -1.60 4.47
CA LEU A 11 14.15 -0.44 4.97
C LEU A 11 14.93 0.18 6.12
N GLY A 12 14.86 1.50 6.20
CA GLY A 12 15.55 2.23 7.26
C GLY A 12 15.97 3.62 6.78
N SER A 13 14.99 4.36 6.28
CA SER A 13 15.25 5.70 5.78
C SER A 13 13.94 6.35 5.34
N GLN A 14 13.31 7.04 6.28
CA GLN A 14 12.05 7.71 6.00
C GLN A 14 12.31 9.11 5.45
N LYS A 15 11.93 9.30 4.19
CA LYS A 15 12.11 10.59 3.54
C LYS A 15 11.04 10.76 2.45
N GLY A 16 9.84 11.09 2.90
CA GLY A 16 8.72 11.29 1.99
C GLY A 16 7.68 12.22 2.59
N GLY A 17 6.49 11.67 2.79
CA GLY A 17 5.40 12.44 3.35
C GLY A 17 4.11 12.23 2.56
N ILE A 18 3.85 10.97 2.23
CA ILE A 18 2.66 10.63 1.48
C ILE A 18 1.65 9.96 2.41
N THR A 19 0.47 10.56 2.46
CA THR A 19 -0.60 10.04 3.31
C THR A 19 -1.97 10.33 2.69
N LYS A 20 -2.97 9.61 3.18
CA LYS A 20 -4.33 9.79 2.68
C LYS A 20 -5.29 8.96 3.55
N HIS A 21 -6.55 9.36 3.50
CA HIS A 21 -7.57 8.68 4.28
C HIS A 21 -8.93 8.81 3.58
N GLY A 22 -9.72 7.76 3.66
CA GLY A 22 -11.03 7.75 3.04
C GLY A 22 -11.66 6.36 3.10
N TRP A 23 -12.98 6.34 2.94
CA TRP A 23 -13.71 5.08 2.97
C TRP A 23 -13.63 4.46 1.57
N LEU A 24 -12.93 3.34 1.50
CA LEU A 24 -12.77 2.63 0.25
C LEU A 24 -13.66 1.38 0.25
N TYR A 25 -13.55 0.62 -0.82
CA TYR A 25 -14.34 -0.59 -0.96
C TYR A 25 -13.44 -1.79 -1.30
N LYS A 26 -13.00 -2.47 -0.24
CA LYS A 26 -12.15 -3.63 -0.41
C LYS A 26 -12.99 -4.83 -0.87
N GLY A 27 -12.32 -5.76 -1.53
CA GLY A 27 -13.00 -6.95 -2.03
C GLY A 27 -11.99 -7.98 -2.54
N ASN A 28 -12.51 -9.13 -2.92
CA ASN A 28 -11.68 -10.20 -3.43
C ASN A 28 -11.96 -10.40 -4.92
N MET A 29 -10.93 -10.23 -5.72
CA MET A 29 -11.06 -10.38 -7.17
C MET A 29 -11.21 -11.86 -7.54
N ASN A 30 -11.90 -12.08 -8.64
CA ASN A 30 -12.13 -13.44 -9.12
C ASN A 30 -12.98 -13.39 -10.38
N SER A 31 -12.72 -14.35 -11.27
CA SER A 31 -13.47 -14.43 -12.53
C SER A 31 -14.96 -14.22 -12.27
N ALA A 32 -15.53 -15.12 -11.47
CA ALA A 32 -16.94 -15.05 -11.13
C ALA A 32 -17.23 -13.70 -10.46
N ILE A 33 -18.05 -12.91 -11.12
CA ILE A 33 -18.42 -11.60 -10.61
C ILE A 33 -19.10 -11.77 -9.25
N SER A 34 -20.08 -12.67 -9.22
CA SER A 34 -20.81 -12.93 -7.99
C SER A 34 -19.84 -13.08 -6.82
N VAL A 35 -18.69 -13.65 -7.13
CA VAL A 35 -17.66 -13.87 -6.11
C VAL A 35 -16.78 -12.63 -6.02
N THR A 36 -16.33 -12.17 -7.19
CA THR A 36 -15.48 -11.01 -7.25
C THR A 36 -15.97 -9.92 -6.28
N MET A 37 -17.29 -9.76 -6.26
CA MET A 37 -17.90 -8.77 -5.39
C MET A 37 -17.97 -9.27 -3.95
N ARG A 38 -18.44 -10.51 -3.80
CA ARG A 38 -18.56 -11.11 -2.48
C ARG A 38 -19.11 -10.09 -1.48
N SER A 39 -20.18 -9.43 -1.89
CA SER A 39 -20.82 -8.43 -1.04
C SER A 39 -19.80 -7.37 -0.64
N PHE A 40 -19.43 -6.56 -1.62
CA PHE A 40 -18.47 -5.50 -1.38
C PHE A 40 -18.73 -4.81 -0.04
N LYS A 41 -17.64 -4.48 0.64
CA LYS A 41 -17.73 -3.83 1.93
C LYS A 41 -16.90 -2.55 1.92
N ARG A 42 -17.37 -1.57 2.67
CA ARG A 42 -16.67 -0.28 2.75
C ARG A 42 -16.03 -0.12 4.12
N ARG A 43 -14.71 0.08 4.10
CA ARG A 43 -13.97 0.26 5.33
C ARG A 43 -13.07 1.50 5.24
N PHE A 44 -12.63 1.96 6.41
CA PHE A 44 -11.78 3.13 6.47
C PHE A 44 -10.30 2.74 6.33
N PHE A 45 -9.75 3.02 5.16
CA PHE A 45 -8.35 2.71 4.90
C PHE A 45 -7.45 3.90 5.20
N HIS A 46 -6.64 3.75 6.24
CA HIS A 46 -5.73 4.80 6.64
C HIS A 46 -4.30 4.42 6.25
N LEU A 47 -3.55 5.43 5.85
CA LEU A 47 -2.17 5.21 5.45
C LEU A 47 -1.24 5.66 6.58
N ILE A 48 -0.26 4.82 6.87
CA ILE A 48 0.70 5.11 7.92
C ILE A 48 2.08 4.64 7.49
N GLN A 49 3.09 5.43 7.87
CA GLN A 49 4.46 5.10 7.51
C GLN A 49 5.12 4.33 8.66
N LEU A 50 5.64 3.16 8.32
CA LEU A 50 6.30 2.32 9.30
C LEU A 50 7.48 3.08 9.90
N GLY A 51 8.09 2.47 10.92
CA GLY A 51 9.22 3.08 11.59
C GLY A 51 10.52 2.78 10.85
N ASP A 52 10.57 3.21 9.60
CA ASP A 52 11.74 2.99 8.77
C ASP A 52 11.69 3.93 7.55
N GLY A 53 10.67 3.73 6.74
CA GLY A 53 10.48 4.55 5.55
C GLY A 53 9.31 4.04 4.72
N SER A 54 9.14 2.73 4.72
CA SER A 54 8.07 2.10 3.97
C SER A 54 6.71 2.58 4.50
N TYR A 55 5.66 2.20 3.78
CA TYR A 55 4.32 2.58 4.18
C TYR A 55 3.39 1.37 4.20
N ASN A 56 2.31 1.50 4.98
CA ASN A 56 1.35 0.43 5.09
C ASN A 56 -0.06 1.01 5.21
N LEU A 57 -0.93 0.57 4.32
CA LEU A 57 -2.30 1.05 4.30
C LEU A 57 -3.16 0.11 5.17
N ASN A 58 -3.48 0.59 6.36
CA ASN A 58 -4.30 -0.18 7.28
C ASN A 58 -5.76 0.24 7.12
N PHE A 59 -6.65 -0.71 7.37
CA PHE A 59 -8.07 -0.46 7.27
C PHE A 59 -8.80 -0.87 8.55
N TYR A 60 -9.66 0.02 9.02
CA TYR A 60 -10.42 -0.24 10.23
C TYR A 60 -11.91 -0.34 9.93
N LYS A 61 -12.66 -0.74 10.95
CA LYS A 61 -14.11 -0.88 10.80
C LYS A 61 -14.73 0.52 10.70
N ASP A 62 -14.01 1.50 11.21
CA ASP A 62 -14.48 2.87 11.17
C ASP A 62 -13.29 3.82 11.08
N GLU A 63 -13.59 5.11 11.14
CA GLU A 63 -12.55 6.13 11.06
C GLU A 63 -11.60 5.99 12.25
N LYS A 64 -12.16 6.08 13.44
CA LYS A 64 -11.36 5.97 14.66
C LYS A 64 -10.30 4.89 14.47
N ILE A 65 -9.06 5.34 14.34
CA ILE A 65 -7.94 4.43 14.16
C ILE A 65 -7.17 4.30 15.46
N SER A 66 -5.86 4.20 15.34
CA SER A 66 -4.99 4.06 16.50
C SER A 66 -5.02 2.63 17.01
N LYS A 67 -6.22 2.14 17.26
CA LYS A 67 -6.40 0.78 17.75
C LYS A 67 -5.86 -0.20 16.71
N GLU A 68 -6.17 -1.47 16.92
CA GLU A 68 -5.73 -2.52 16.02
C GLU A 68 -6.66 -2.61 14.82
N PRO A 69 -6.06 -2.44 13.61
CA PRO A 69 -6.82 -2.51 12.37
C PRO A 69 -7.18 -3.96 12.03
N LYS A 70 -7.86 -4.10 10.90
CA LYS A 70 -8.27 -5.43 10.45
C LYS A 70 -7.12 -6.08 9.69
N GLY A 71 -6.23 -5.24 9.17
CA GLY A 71 -5.08 -5.72 8.43
C GLY A 71 -4.22 -4.55 7.93
N SER A 72 -3.67 -4.74 6.75
CA SER A 72 -2.82 -3.72 6.14
C SER A 72 -2.32 -4.19 4.78
N ILE A 73 -1.92 -3.23 3.97
CA ILE A 73 -1.41 -3.53 2.64
C ILE A 73 0.11 -3.36 2.63
N PHE A 74 0.80 -4.43 2.26
CA PHE A 74 2.25 -4.40 2.20
C PHE A 74 2.74 -3.72 0.93
N LEU A 75 2.79 -2.40 0.98
CA LEU A 75 3.24 -1.62 -0.16
C LEU A 75 4.69 -1.97 -0.48
N ASP A 76 5.34 -2.62 0.48
CA ASP A 76 6.72 -3.03 0.32
C ASP A 76 6.80 -4.15 -0.71
N SER A 77 5.69 -4.86 -0.86
CA SER A 77 5.62 -5.96 -1.80
C SER A 77 4.68 -5.61 -2.95
N CYS A 78 3.73 -4.73 -2.65
CA CYS A 78 2.77 -4.30 -3.64
C CYS A 78 3.51 -4.04 -4.96
N MET A 79 3.04 -4.71 -6.00
CA MET A 79 3.64 -4.58 -7.31
C MET A 79 3.22 -3.27 -7.98
N GLY A 80 1.94 -2.96 -7.84
CA GLY A 80 1.39 -1.75 -8.43
C GLY A 80 -0.14 -1.75 -8.36
N VAL A 81 -0.72 -0.66 -8.84
CA VAL A 81 -2.16 -0.52 -8.84
C VAL A 81 -2.69 -0.71 -10.26
N VAL A 82 -3.76 -1.50 -10.36
CA VAL A 82 -4.37 -1.77 -11.65
C VAL A 82 -5.80 -1.24 -11.65
N GLN A 83 -6.35 -1.08 -12.85
CA GLN A 83 -7.70 -0.59 -13.01
C GLN A 83 -8.61 -1.70 -13.53
N ASN A 84 -9.74 -1.85 -12.84
CA ASN A 84 -10.72 -2.86 -13.21
C ASN A 84 -11.80 -2.24 -14.09
N ASN A 85 -12.81 -1.69 -13.42
CA ASN A 85 -13.91 -1.06 -14.12
C ASN A 85 -14.99 -2.11 -14.43
N LYS A 86 -14.54 -3.35 -14.53
CA LYS A 86 -15.45 -4.45 -14.81
C LYS A 86 -16.40 -4.64 -13.63
N VAL A 87 -15.82 -5.00 -12.50
CA VAL A 87 -16.60 -5.21 -11.29
C VAL A 87 -17.62 -4.07 -11.13
N ARG A 88 -17.12 -2.94 -10.68
CA ARG A 88 -17.96 -1.78 -10.48
C ARG A 88 -17.25 -0.51 -10.99
N ARG A 89 -17.92 0.61 -10.79
CA ARG A 89 -17.37 1.89 -11.22
C ARG A 89 -16.28 2.36 -10.25
N PHE A 90 -15.15 2.76 -10.83
CA PHE A 90 -14.03 3.23 -10.04
C PHE A 90 -13.55 2.15 -9.07
N ALA A 91 -12.76 1.23 -9.59
CA ALA A 91 -12.23 0.13 -8.79
C ALA A 91 -10.85 -0.25 -9.31
N PHE A 92 -9.90 -0.33 -8.39
CA PHE A 92 -8.54 -0.68 -8.74
C PHE A 92 -8.01 -1.80 -7.83
N GLU A 93 -7.27 -2.71 -8.44
CA GLU A 93 -6.71 -3.82 -7.69
C GLU A 93 -5.24 -3.54 -7.35
N LEU A 94 -4.85 -3.97 -6.15
CA LEU A 94 -3.49 -3.76 -5.69
C LEU A 94 -2.71 -5.07 -5.84
N LYS A 95 -1.96 -5.17 -6.93
CA LYS A 95 -1.17 -6.35 -7.19
C LYS A 95 -0.05 -6.46 -6.15
N MET A 96 0.02 -7.63 -5.52
CA MET A 96 1.03 -7.88 -4.51
C MET A 96 2.08 -8.87 -5.01
N GLN A 97 3.09 -9.09 -4.18
CA GLN A 97 4.16 -10.01 -4.52
C GLN A 97 4.12 -11.22 -3.60
N ASP A 98 3.40 -11.07 -2.51
CA ASP A 98 3.27 -12.15 -1.53
C ASP A 98 2.03 -13.00 -1.87
N LYS A 99 1.67 -12.95 -3.14
CA LYS A 99 0.51 -13.70 -3.61
C LYS A 99 -0.75 -13.15 -2.95
N SER A 100 -1.38 -12.20 -3.64
CA SER A 100 -2.59 -11.59 -3.13
C SER A 100 -2.82 -10.23 -3.82
N SER A 101 -4.03 -9.71 -3.65
CA SER A 101 -4.38 -8.44 -4.25
C SER A 101 -5.64 -7.88 -3.59
N TYR A 102 -5.60 -6.59 -3.28
CA TYR A 102 -6.73 -5.94 -2.65
C TYR A 102 -7.55 -5.15 -3.68
N LEU A 103 -8.81 -5.55 -3.80
CA LEU A 103 -9.70 -4.89 -4.74
C LEU A 103 -10.31 -3.64 -4.08
N LEU A 104 -9.67 -2.51 -4.34
CA LEU A 104 -10.12 -1.25 -3.78
C LEU A 104 -11.07 -0.57 -4.77
N ALA A 105 -11.88 0.32 -4.24
CA ALA A 105 -12.84 1.03 -5.05
C ALA A 105 -13.34 2.28 -4.30
N ALA A 106 -13.30 3.41 -4.98
CA ALA A 106 -13.73 4.66 -4.38
C ALA A 106 -15.14 4.99 -4.86
N ASP A 107 -15.75 5.96 -4.21
CA ASP A 107 -17.09 6.38 -4.56
C ASP A 107 -17.04 7.26 -5.81
N SER A 108 -15.91 7.92 -5.98
CA SER A 108 -15.73 8.79 -7.13
C SER A 108 -14.36 8.53 -7.76
N GLU A 109 -14.27 8.82 -9.05
CA GLU A 109 -13.04 8.64 -9.78
C GLU A 109 -11.85 9.21 -8.99
N VAL A 110 -12.07 10.41 -8.46
CA VAL A 110 -11.03 11.08 -7.69
C VAL A 110 -10.58 10.15 -6.55
N GLU A 111 -11.53 9.82 -5.68
CA GLU A 111 -11.24 8.96 -4.55
C GLU A 111 -10.62 7.65 -5.04
N MET A 112 -10.81 7.38 -6.32
CA MET A 112 -10.28 6.17 -6.91
C MET A 112 -8.87 6.40 -7.47
N GLU A 113 -8.65 7.62 -7.95
CA GLU A 113 -7.36 7.99 -8.51
C GLU A 113 -6.41 8.44 -7.40
N GLU A 114 -6.98 9.10 -6.40
CA GLU A 114 -6.20 9.59 -5.28
C GLU A 114 -5.34 8.45 -4.70
N TRP A 115 -6.00 7.38 -4.31
CA TRP A 115 -5.32 6.23 -3.75
C TRP A 115 -4.39 5.67 -4.82
N ILE A 116 -4.98 5.35 -5.96
CA ILE A 116 -4.22 4.80 -7.08
C ILE A 116 -2.91 5.58 -7.23
N THR A 117 -2.96 6.84 -6.82
CA THR A 117 -1.79 7.69 -6.91
C THR A 117 -0.90 7.51 -5.68
N ILE A 118 -1.55 7.39 -4.53
CA ILE A 118 -0.84 7.22 -3.27
C ILE A 118 -0.22 5.82 -3.25
N LEU A 119 -1.06 4.83 -3.49
CA LEU A 119 -0.62 3.45 -3.49
C LEU A 119 0.55 3.29 -4.49
N ASN A 120 0.26 3.61 -5.73
CA ASN A 120 1.27 3.52 -6.78
C ASN A 120 2.44 4.42 -6.44
N LYS A 121 2.21 5.29 -5.46
CA LYS A 121 3.24 6.23 -5.03
C LYS A 121 4.33 5.46 -4.26
N ILE A 122 3.96 5.00 -3.08
CA ILE A 122 4.90 4.26 -2.24
C ILE A 122 5.43 3.06 -3.02
N LEU A 123 4.59 2.55 -3.92
CA LEU A 123 4.97 1.41 -4.73
C LEU A 123 6.14 1.80 -5.62
N GLN A 124 6.14 3.06 -6.05
CA GLN A 124 7.19 3.56 -6.91
C GLN A 124 8.36 4.08 -6.06
N LEU A 125 8.02 4.56 -4.88
CA LEU A 125 9.03 5.09 -3.97
C LEU A 125 9.72 3.93 -3.24
N ASN A 126 9.01 2.81 -3.19
CA ASN A 126 9.54 1.63 -2.53
C ASN A 126 10.71 1.07 -3.36
N PHE A 127 10.65 1.35 -4.65
CA PHE A 127 11.68 0.88 -5.57
C PHE A 127 12.96 1.69 -5.40
N GLU A 128 12.79 3.00 -5.30
CA GLU A 128 13.92 3.89 -5.14
C GLU A 128 14.41 3.88 -3.68
N ALA A 129 13.50 3.49 -2.80
CA ALA A 129 13.82 3.43 -1.38
C ALA A 129 14.79 2.27 -1.13
N ALA A 130 14.77 1.32 -2.06
CA ALA A 130 15.64 0.17 -1.95
C ALA A 130 17.03 0.52 -2.48
N MET A 131 17.06 1.17 -3.63
CA MET A 131 18.31 1.58 -4.24
C MET A 131 19.01 2.63 -3.39
N GLN A 132 18.23 3.36 -2.62
CA GLN A 132 18.77 4.40 -1.76
C GLN A 132 19.39 3.77 -0.50
N GLU A 133 18.65 2.83 0.07
CA GLU A 133 19.12 2.16 1.28
C GLU A 133 20.29 1.23 0.94
N LYS A 134 20.26 0.71 -0.27
CA LYS A 134 21.30 -0.19 -0.72
C LYS A 134 22.67 0.44 -0.44
N ARG A 135 22.81 1.68 -0.86
CA ARG A 135 24.06 2.41 -0.66
C ARG A 135 23.94 3.31 0.57
N ASN A 136 23.50 2.72 1.66
CA ASN A 136 23.34 3.45 2.91
C ASN A 136 23.92 2.62 4.06
N GLY A 137 23.48 1.37 4.12
CA GLY A 137 23.94 0.47 5.17
C GLY A 137 22.82 -0.49 5.58
N ASP A 138 22.61 -1.50 4.74
CA ASP A 138 21.58 -2.48 5.02
C ASP A 138 21.42 -3.39 3.80
N SER A 139 20.80 -4.55 4.03
CA SER A 139 20.58 -5.50 2.96
C SER A 139 19.56 -6.56 3.40
N HIS A 140 18.62 -6.83 2.50
CA HIS A 140 17.58 -7.81 2.79
C HIS A 140 17.03 -8.37 1.48
N GLU A 141 16.26 -7.54 0.81
CA GLU A 141 15.65 -7.94 -0.46
C GLU A 141 15.43 -6.71 -1.35
N ASP A 142 15.34 -6.97 -2.64
CA ASP A 142 15.12 -5.90 -3.60
C ASP A 142 14.90 -6.51 -4.99
N ASP A 143 14.25 -5.74 -5.84
CA ASP A 143 13.96 -6.17 -7.20
C ASP A 143 15.18 -5.89 -8.09
N GLU A 144 14.98 -6.11 -9.38
CA GLU A 144 16.05 -5.88 -10.35
C GLU A 144 15.50 -5.14 -11.57
N SER A 145 16.05 -3.95 -11.80
CA SER A 145 15.64 -3.15 -12.93
C SER A 145 16.27 -1.75 -12.83
N GLY A 146 15.89 -0.90 -13.76
CA GLY A 146 16.40 0.46 -13.80
C GLY A 146 15.41 1.43 -13.17
N PRO A 147 15.96 2.54 -12.60
CA PRO A 147 15.12 3.55 -11.97
C PRO A 147 14.42 4.41 -13.02
N SER A 148 13.60 5.33 -12.53
CA SER A 148 12.87 6.22 -13.42
C SER A 148 13.52 7.61 -13.42
N SER A 149 13.62 8.18 -12.22
CA SER A 149 14.22 9.50 -12.08
C SER A 149 13.37 10.54 -12.81
N GLY A 150 12.86 11.49 -12.04
CA GLY A 150 12.04 12.55 -12.60
C GLY A 150 11.08 13.11 -11.54
N GLY A 1 1.98 11.82 27.74
CA GLY A 1 3.23 11.72 28.48
C GLY A 1 3.84 10.31 28.32
N SER A 2 5.13 10.30 28.04
CA SER A 2 5.85 9.05 27.86
C SER A 2 6.06 8.37 29.21
N SER A 3 5.02 7.65 29.65
CA SER A 3 5.09 6.96 30.92
C SER A 3 6.42 6.23 31.06
N GLY A 4 6.68 5.35 30.10
CA GLY A 4 7.91 4.58 30.10
C GLY A 4 7.93 3.57 28.94
N SER A 5 8.55 3.99 27.85
CA SER A 5 8.65 3.14 26.68
C SER A 5 10.00 3.35 25.99
N SER A 6 10.95 2.51 26.38
CA SER A 6 12.29 2.59 25.81
C SER A 6 12.55 1.38 24.92
N GLY A 7 13.22 1.65 23.80
CA GLY A 7 13.54 0.60 22.85
C GLY A 7 13.05 0.96 21.45
N ALA A 8 13.87 1.72 20.75
CA ALA A 8 13.54 2.15 19.40
C ALA A 8 14.74 2.87 18.78
N ALA A 9 14.98 2.56 17.51
CA ALA A 9 16.09 3.17 16.80
C ALA A 9 15.91 2.94 15.30
N SER A 10 15.02 3.72 14.71
CA SER A 10 14.76 3.61 13.29
C SER A 10 14.09 4.89 12.78
N LEU A 11 14.91 5.94 12.66
CA LEU A 11 14.42 7.22 12.19
C LEU A 11 13.85 7.06 10.78
N GLY A 12 13.46 8.18 10.20
CA GLY A 12 12.89 8.18 8.86
C GLY A 12 12.03 9.42 8.62
N SER A 13 12.39 10.15 7.58
CA SER A 13 11.66 11.36 7.23
C SER A 13 12.17 11.92 5.90
N GLN A 14 11.58 13.03 5.49
CA GLN A 14 11.97 13.66 4.24
C GLN A 14 11.75 12.71 3.07
N LYS A 15 11.91 13.24 1.87
CA LYS A 15 11.73 12.44 0.66
C LYS A 15 10.56 11.48 0.86
N GLY A 16 9.38 11.96 0.51
CA GLY A 16 8.17 11.16 0.64
C GLY A 16 7.00 12.00 1.15
N GLY A 17 6.70 11.82 2.42
CA GLY A 17 5.61 12.55 3.05
C GLY A 17 4.29 12.33 2.29
N ILE A 18 3.88 11.07 2.26
CA ILE A 18 2.64 10.71 1.57
C ILE A 18 1.65 10.16 2.59
N THR A 19 0.37 10.23 2.22
CA THR A 19 -0.69 9.73 3.09
C THR A 19 -2.06 10.16 2.55
N LYS A 20 -3.09 9.63 3.18
CA LYS A 20 -4.45 9.95 2.78
C LYS A 20 -5.43 9.25 3.72
N HIS A 21 -6.70 9.64 3.62
CA HIS A 21 -7.74 9.06 4.45
C HIS A 21 -9.09 9.19 3.74
N GLY A 22 -9.85 8.10 3.80
CA GLY A 22 -11.16 8.07 3.18
C GLY A 22 -11.79 6.68 3.28
N TRP A 23 -13.10 6.65 3.12
CA TRP A 23 -13.84 5.39 3.19
C TRP A 23 -13.66 4.67 1.86
N LEU A 24 -12.82 3.65 1.89
CA LEU A 24 -12.55 2.86 0.69
C LEU A 24 -13.24 1.50 0.82
N TYR A 25 -13.42 0.85 -0.33
CA TYR A 25 -14.06 -0.45 -0.35
C TYR A 25 -13.07 -1.53 -0.79
N LYS A 26 -13.05 -2.61 -0.02
CA LYS A 26 -12.15 -3.73 -0.31
C LYS A 26 -12.98 -4.94 -0.74
N GLY A 27 -12.37 -5.75 -1.60
CA GLY A 27 -13.04 -6.94 -2.09
C GLY A 27 -12.03 -7.93 -2.66
N ASN A 28 -12.55 -9.01 -3.21
CA ASN A 28 -11.71 -10.06 -3.78
C ASN A 28 -12.00 -10.16 -5.28
N MET A 29 -10.98 -9.86 -6.07
CA MET A 29 -11.11 -9.92 -7.52
C MET A 29 -11.41 -11.35 -7.98
N ASN A 30 -12.09 -11.44 -9.11
CA ASN A 30 -12.45 -12.73 -9.67
C ASN A 30 -13.27 -12.53 -10.95
N SER A 31 -13.00 -13.37 -11.93
CA SER A 31 -13.70 -13.28 -13.20
C SER A 31 -15.19 -12.98 -12.97
N ALA A 32 -15.89 -14.00 -12.50
CA ALA A 32 -17.31 -13.87 -12.23
C ALA A 32 -17.53 -12.66 -11.32
N ILE A 33 -18.32 -11.72 -11.81
CA ILE A 33 -18.62 -10.51 -11.06
C ILE A 33 -19.18 -10.90 -9.68
N SER A 34 -20.14 -11.81 -9.71
CA SER A 34 -20.77 -12.27 -8.48
C SER A 34 -19.68 -12.65 -7.46
N VAL A 35 -18.55 -13.08 -7.98
CA VAL A 35 -17.44 -13.48 -7.13
C VAL A 35 -16.51 -12.27 -6.93
N THR A 36 -16.20 -11.62 -8.04
CA THR A 36 -15.33 -10.46 -8.01
C THR A 36 -15.71 -9.53 -6.84
N MET A 37 -17.00 -9.48 -6.58
CA MET A 37 -17.51 -8.65 -5.50
C MET A 37 -17.37 -9.35 -4.14
N ARG A 38 -17.79 -10.61 -4.12
CA ARG A 38 -17.71 -11.40 -2.90
C ARG A 38 -18.24 -10.59 -1.72
N SER A 39 -19.09 -9.63 -2.03
CA SER A 39 -19.68 -8.78 -1.00
C SER A 39 -18.70 -7.67 -0.61
N PHE A 40 -18.46 -6.77 -1.57
CA PHE A 40 -17.56 -5.66 -1.35
C PHE A 40 -17.79 -5.03 0.03
N LYS A 41 -16.72 -5.01 0.82
CA LYS A 41 -16.79 -4.44 2.15
C LYS A 41 -16.20 -3.04 2.13
N ARG A 42 -16.67 -2.21 3.06
CA ARG A 42 -16.21 -0.84 3.15
C ARG A 42 -15.45 -0.63 4.46
N ARG A 43 -14.33 0.08 4.35
CA ARG A 43 -13.50 0.35 5.51
C ARG A 43 -12.79 1.70 5.34
N PHE A 44 -12.23 2.17 6.45
CA PHE A 44 -11.52 3.44 6.43
C PHE A 44 -10.03 3.22 6.11
N PHE A 45 -9.71 3.41 4.84
CA PHE A 45 -8.33 3.24 4.39
C PHE A 45 -7.44 4.37 4.89
N HIS A 46 -6.79 4.11 6.02
CA HIS A 46 -5.91 5.09 6.62
C HIS A 46 -4.44 4.67 6.41
N LEU A 47 -3.76 5.45 5.57
CA LEU A 47 -2.37 5.17 5.26
C LEU A 47 -1.49 5.79 6.35
N ILE A 48 -0.41 5.09 6.68
CA ILE A 48 0.52 5.57 7.69
C ILE A 48 1.93 5.13 7.32
N GLN A 49 2.90 5.98 7.68
CA GLN A 49 4.29 5.70 7.39
C GLN A 49 4.91 4.90 8.54
N LEU A 50 5.26 3.65 8.23
CA LEU A 50 5.87 2.78 9.23
C LEU A 50 7.13 3.45 9.79
N GLY A 51 7.86 2.69 10.59
CA GLY A 51 9.08 3.20 11.19
C GLY A 51 10.26 3.07 10.22
N ASP A 52 10.55 1.84 9.85
CA ASP A 52 11.65 1.57 8.94
C ASP A 52 11.68 2.65 7.86
N GLY A 53 10.51 3.16 7.54
CA GLY A 53 10.38 4.20 6.53
C GLY A 53 9.29 3.85 5.52
N SER A 54 9.05 2.56 5.36
CA SER A 54 8.03 2.09 4.44
C SER A 54 6.66 2.61 4.87
N TYR A 55 5.65 2.20 4.12
CA TYR A 55 4.28 2.61 4.41
C TYR A 55 3.35 1.40 4.48
N ASN A 56 2.22 1.60 5.14
CA ASN A 56 1.23 0.53 5.29
C ASN A 56 -0.16 1.15 5.36
N LEU A 57 -1.02 0.69 4.46
CA LEU A 57 -2.39 1.18 4.42
C LEU A 57 -3.28 0.29 5.29
N ASN A 58 -3.60 0.81 6.47
CA ASN A 58 -4.44 0.07 7.41
C ASN A 58 -5.89 0.51 7.23
N PHE A 59 -6.79 -0.41 7.52
CA PHE A 59 -8.22 -0.12 7.41
C PHE A 59 -8.96 -0.49 8.69
N TYR A 60 -9.66 0.49 9.24
CA TYR A 60 -10.42 0.28 10.45
C TYR A 60 -11.91 0.20 10.17
N LYS A 61 -12.59 -0.65 10.93
CA LYS A 61 -14.02 -0.83 10.77
C LYS A 61 -14.69 0.54 10.66
N ASP A 62 -14.05 1.52 11.25
CA ASP A 62 -14.57 2.88 11.23
C ASP A 62 -13.41 3.87 11.04
N GLU A 63 -13.69 5.12 11.36
CA GLU A 63 -12.68 6.17 11.24
C GLU A 63 -11.80 6.21 12.49
N LYS A 64 -12.41 5.91 13.63
CA LYS A 64 -11.70 5.90 14.89
C LYS A 64 -10.57 4.88 14.83
N ILE A 65 -9.36 5.37 14.60
CA ILE A 65 -8.20 4.52 14.52
C ILE A 65 -7.52 4.45 15.89
N SER A 66 -6.19 4.40 15.86
CA SER A 66 -5.43 4.32 17.09
C SER A 66 -5.43 2.90 17.63
N LYS A 67 -6.63 2.36 17.81
CA LYS A 67 -6.78 1.01 18.31
C LYS A 67 -6.18 0.02 17.31
N GLU A 68 -6.49 -1.25 17.51
CA GLU A 68 -6.00 -2.29 16.64
C GLU A 68 -6.82 -2.35 15.35
N PRO A 69 -6.12 -2.21 14.20
CA PRO A 69 -6.78 -2.25 12.90
C PRO A 69 -7.17 -3.68 12.53
N LYS A 70 -7.94 -3.78 11.46
CA LYS A 70 -8.39 -5.09 10.98
C LYS A 70 -7.26 -5.76 10.22
N GLY A 71 -6.43 -4.94 9.59
CA GLY A 71 -5.31 -5.45 8.82
C GLY A 71 -4.45 -4.30 8.28
N SER A 72 -3.84 -4.56 7.13
CA SER A 72 -2.98 -3.56 6.50
C SER A 72 -2.36 -4.13 5.23
N ILE A 73 -2.16 -3.26 4.26
CA ILE A 73 -1.56 -3.66 3.00
C ILE A 73 -0.05 -3.47 3.06
N PHE A 74 0.66 -4.53 2.72
CA PHE A 74 2.12 -4.50 2.74
C PHE A 74 2.67 -3.91 1.44
N LEU A 75 2.58 -2.60 1.35
CA LEU A 75 3.07 -1.90 0.17
C LEU A 75 4.50 -2.34 -0.13
N ASP A 76 5.16 -2.85 0.90
CA ASP A 76 6.53 -3.32 0.76
C ASP A 76 6.57 -4.50 -0.20
N SER A 77 5.43 -5.17 -0.32
CA SER A 77 5.32 -6.32 -1.20
C SER A 77 4.43 -5.98 -2.40
N CYS A 78 3.49 -5.07 -2.16
CA CYS A 78 2.57 -4.65 -3.20
C CYS A 78 3.35 -4.55 -4.51
N MET A 79 2.80 -5.21 -5.53
CA MET A 79 3.42 -5.20 -6.84
C MET A 79 3.06 -3.93 -7.63
N GLY A 80 1.81 -3.52 -7.45
CA GLY A 80 1.32 -2.33 -8.13
C GLY A 80 -0.21 -2.33 -8.21
N VAL A 81 -0.76 -1.15 -8.45
CA VAL A 81 -2.21 -1.01 -8.55
C VAL A 81 -2.62 -1.07 -10.02
N VAL A 82 -3.66 -1.87 -10.27
CA VAL A 82 -4.16 -2.02 -11.63
C VAL A 82 -5.50 -1.31 -11.76
N GLN A 83 -5.96 -1.17 -12.99
CA GLN A 83 -7.22 -0.50 -13.27
C GLN A 83 -8.28 -1.52 -13.64
N ASN A 84 -9.35 -1.53 -12.85
CA ASN A 84 -10.45 -2.45 -13.09
C ASN A 84 -11.63 -1.68 -13.68
N ASN A 85 -12.63 -2.44 -14.12
CA ASN A 85 -13.81 -1.84 -14.71
C ASN A 85 -15.01 -2.77 -14.49
N LYS A 86 -14.79 -4.05 -14.74
CA LYS A 86 -15.84 -5.04 -14.56
C LYS A 86 -16.53 -4.80 -13.23
N VAL A 87 -15.77 -4.96 -12.15
CA VAL A 87 -16.31 -4.77 -10.82
C VAL A 87 -17.17 -3.50 -10.80
N ARG A 88 -16.51 -2.37 -10.95
CA ARG A 88 -17.20 -1.09 -10.95
C ARG A 88 -16.48 -0.10 -11.87
N ARG A 89 -17.10 1.06 -12.04
CA ARG A 89 -16.53 2.09 -12.88
C ARG A 89 -15.16 2.52 -12.35
N PHE A 90 -15.14 2.85 -11.07
CA PHE A 90 -13.91 3.28 -10.43
C PHE A 90 -13.44 2.24 -9.41
N ALA A 91 -12.85 1.17 -9.91
CA ALA A 91 -12.36 0.11 -9.05
C ALA A 91 -10.98 -0.34 -9.55
N PHE A 92 -10.07 -0.50 -8.60
CA PHE A 92 -8.72 -0.93 -8.92
C PHE A 92 -8.26 -2.06 -8.00
N GLU A 93 -7.49 -2.97 -8.58
CA GLU A 93 -6.99 -4.11 -7.82
C GLU A 93 -5.54 -3.85 -7.38
N LEU A 94 -5.23 -4.35 -6.20
CA LEU A 94 -3.90 -4.18 -5.65
C LEU A 94 -3.12 -5.49 -5.79
N LYS A 95 -2.27 -5.53 -6.81
CA LYS A 95 -1.47 -6.72 -7.07
C LYS A 95 -0.43 -6.89 -5.96
N MET A 96 -0.84 -7.62 -4.93
CA MET A 96 0.04 -7.86 -3.80
C MET A 96 0.87 -9.12 -4.00
N GLN A 97 2.12 -9.06 -3.55
CA GLN A 97 3.02 -10.19 -3.68
C GLN A 97 3.08 -10.98 -2.38
N ASP A 98 2.80 -10.28 -1.29
CA ASP A 98 2.81 -10.90 0.03
C ASP A 98 1.74 -11.99 0.08
N LYS A 99 0.76 -11.87 -0.81
CA LYS A 99 -0.33 -12.83 -0.87
C LYS A 99 -0.93 -12.81 -2.28
N SER A 100 -2.16 -12.30 -2.36
CA SER A 100 -2.86 -12.22 -3.62
C SER A 100 -2.99 -10.77 -4.06
N SER A 101 -4.23 -10.29 -4.03
CA SER A 101 -4.50 -8.90 -4.42
C SER A 101 -5.84 -8.45 -3.81
N TYR A 102 -5.93 -7.15 -3.60
CA TYR A 102 -7.14 -6.58 -3.02
C TYR A 102 -7.95 -5.82 -4.09
N LEU A 103 -9.26 -5.79 -3.88
CA LEU A 103 -10.14 -5.10 -4.81
C LEU A 103 -10.57 -3.77 -4.20
N LEU A 104 -9.93 -2.71 -4.67
CA LEU A 104 -10.23 -1.37 -4.19
C LEU A 104 -11.25 -0.71 -5.13
N ALA A 105 -12.10 0.11 -4.53
CA ALA A 105 -13.12 0.81 -5.31
C ALA A 105 -13.62 2.01 -4.51
N ALA A 106 -13.55 3.17 -5.13
CA ALA A 106 -14.00 4.39 -4.49
C ALA A 106 -15.36 4.80 -5.07
N ASP A 107 -15.94 5.82 -4.45
CA ASP A 107 -17.23 6.32 -4.90
C ASP A 107 -17.03 7.28 -6.08
N SER A 108 -15.89 7.96 -6.06
CA SER A 108 -15.57 8.90 -7.12
C SER A 108 -14.20 8.55 -7.72
N GLU A 109 -14.05 8.91 -9.00
CA GLU A 109 -12.81 8.64 -9.69
C GLU A 109 -11.61 9.13 -8.86
N VAL A 110 -11.79 10.30 -8.27
CA VAL A 110 -10.74 10.89 -7.45
C VAL A 110 -10.34 9.89 -6.36
N GLU A 111 -11.30 9.58 -5.51
CA GLU A 111 -11.05 8.64 -4.42
C GLU A 111 -10.49 7.33 -4.96
N MET A 112 -10.69 7.12 -6.25
CA MET A 112 -10.21 5.92 -6.91
C MET A 112 -8.80 6.11 -7.45
N GLU A 113 -8.52 7.34 -7.85
CA GLU A 113 -7.20 7.67 -8.38
C GLU A 113 -6.25 8.04 -7.25
N GLU A 114 -6.79 8.74 -6.26
CA GLU A 114 -5.99 9.15 -5.11
C GLU A 114 -5.13 7.99 -4.61
N TRP A 115 -5.81 6.98 -4.08
CA TRP A 115 -5.13 5.82 -3.55
C TRP A 115 -4.22 5.26 -4.66
N ILE A 116 -4.84 4.99 -5.80
CA ILE A 116 -4.10 4.47 -6.94
C ILE A 116 -2.74 5.17 -7.03
N THR A 117 -2.74 6.44 -6.67
CA THR A 117 -1.53 7.23 -6.71
C THR A 117 -0.76 7.09 -5.40
N ILE A 118 -1.50 7.13 -4.30
CA ILE A 118 -0.90 7.00 -2.99
C ILE A 118 -0.20 5.64 -2.87
N LEU A 119 -0.98 4.60 -3.07
CA LEU A 119 -0.46 3.25 -2.99
C LEU A 119 0.71 3.11 -3.97
N ASN A 120 0.48 3.58 -5.19
CA ASN A 120 1.51 3.51 -6.22
C ASN A 120 2.75 4.27 -5.75
N LYS A 121 2.53 5.52 -5.38
CA LYS A 121 3.62 6.36 -4.92
C LYS A 121 4.55 5.53 -4.02
N ILE A 122 3.98 4.99 -2.96
CA ILE A 122 4.74 4.17 -2.03
C ILE A 122 5.34 2.97 -2.78
N LEU A 123 4.51 2.37 -3.62
CA LEU A 123 4.95 1.22 -4.40
C LEU A 123 6.20 1.61 -5.20
N GLN A 124 6.05 2.65 -6.00
CA GLN A 124 7.14 3.12 -6.82
C GLN A 124 8.28 3.65 -5.95
N LEU A 125 7.91 4.49 -4.99
CA LEU A 125 8.88 5.06 -4.08
C LEU A 125 9.64 3.94 -3.37
N ASN A 126 8.92 2.85 -3.13
CA ASN A 126 9.50 1.71 -2.45
C ASN A 126 10.70 1.19 -3.26
N PHE A 127 10.51 1.18 -4.58
CA PHE A 127 11.56 0.72 -5.48
C PHE A 127 12.77 1.66 -5.44
N GLU A 128 12.48 2.95 -5.54
CA GLU A 128 13.53 3.95 -5.53
C GLU A 128 14.18 4.01 -4.14
N ALA A 129 13.42 3.57 -3.14
CA ALA A 129 13.92 3.57 -1.78
C ALA A 129 14.98 2.48 -1.63
N ALA A 130 14.75 1.38 -2.32
CA ALA A 130 15.68 0.27 -2.28
C ALA A 130 17.06 0.72 -2.75
N MET A 131 17.06 1.36 -3.92
CA MET A 131 18.31 1.86 -4.49
C MET A 131 18.88 3.00 -3.64
N GLN A 132 18.00 3.65 -2.90
CA GLN A 132 18.41 4.75 -2.05
C GLN A 132 19.04 4.22 -0.77
N GLU A 133 18.43 3.17 -0.24
CA GLU A 133 18.92 2.55 0.99
C GLU A 133 20.20 1.77 0.71
N LYS A 134 20.21 1.10 -0.43
CA LYS A 134 21.35 0.31 -0.83
C LYS A 134 22.63 1.11 -0.60
N ARG A 135 22.61 2.35 -1.07
CA ARG A 135 23.75 3.23 -0.92
C ARG A 135 23.47 4.30 0.14
N ASN A 136 23.14 3.82 1.34
CA ASN A 136 22.83 4.72 2.44
C ASN A 136 23.67 4.32 3.66
N GLY A 137 24.86 4.89 3.73
CA GLY A 137 25.76 4.60 4.83
C GLY A 137 26.50 5.87 5.29
N ASP A 138 25.72 6.88 5.61
CA ASP A 138 26.28 8.14 6.07
C ASP A 138 25.18 8.97 6.73
N SER A 139 25.61 10.05 7.38
CA SER A 139 24.67 10.93 8.07
C SER A 139 23.86 11.72 7.05
N HIS A 140 24.52 12.68 6.42
CA HIS A 140 23.87 13.51 5.43
C HIS A 140 22.81 14.38 6.10
N GLU A 141 23.10 15.67 6.18
CA GLU A 141 22.19 16.62 6.80
C GLU A 141 21.40 17.37 5.72
N ASP A 142 20.66 18.37 6.17
CA ASP A 142 19.86 19.17 5.26
C ASP A 142 19.76 20.60 5.79
N ASP A 143 19.19 20.72 6.97
CA ASP A 143 19.03 22.02 7.61
C ASP A 143 18.16 22.91 6.72
N GLU A 144 17.72 24.01 7.30
CA GLU A 144 16.87 24.95 6.57
C GLU A 144 16.84 26.30 7.31
N SER A 145 17.31 27.32 6.61
CA SER A 145 17.32 28.67 7.17
C SER A 145 16.15 29.48 6.63
N GLY A 146 15.86 30.56 7.33
CA GLY A 146 14.77 31.44 6.93
C GLY A 146 14.60 32.59 7.93
N PRO A 147 14.96 33.82 7.44
CA PRO A 147 14.85 35.01 8.28
C PRO A 147 13.39 35.44 8.42
N SER A 148 13.13 36.23 9.46
CA SER A 148 11.80 36.72 9.72
C SER A 148 11.81 37.67 10.92
N SER A 149 10.93 38.66 10.87
CA SER A 149 10.83 39.63 11.94
C SER A 149 9.69 39.26 12.88
N GLY A 150 9.87 39.60 14.15
CA GLY A 150 8.86 39.32 15.15
C GLY A 150 9.00 37.88 15.67
N GLY A 1 41.96 3.60 20.14
CA GLY A 1 41.91 4.87 20.86
C GLY A 1 40.53 5.51 20.75
N SER A 2 40.49 6.64 20.06
CA SER A 2 39.24 7.35 19.87
C SER A 2 38.70 7.83 21.23
N SER A 3 38.01 8.95 21.20
CA SER A 3 37.44 9.52 22.41
C SER A 3 36.26 10.42 22.06
N GLY A 4 35.50 10.77 23.10
CA GLY A 4 34.34 11.62 22.91
C GLY A 4 33.09 10.80 22.57
N SER A 5 31.94 11.36 22.91
CA SER A 5 30.69 10.69 22.65
C SER A 5 29.59 11.72 22.37
N SER A 6 28.58 11.28 21.64
CA SER A 6 27.47 12.15 21.29
C SER A 6 26.37 11.35 20.61
N GLY A 7 25.14 11.83 20.75
CA GLY A 7 23.99 11.17 20.16
C GLY A 7 23.35 10.19 21.14
N ALA A 8 24.14 9.18 21.51
CA ALA A 8 23.66 8.17 22.45
C ALA A 8 22.47 7.44 21.83
N ALA A 9 22.75 6.75 20.74
CA ALA A 9 21.71 6.00 20.05
C ALA A 9 20.64 6.97 19.53
N SER A 10 20.68 7.21 18.23
CA SER A 10 19.72 8.11 17.62
C SER A 10 19.76 7.95 16.09
N LEU A 11 19.11 6.90 15.62
CA LEU A 11 19.06 6.63 14.19
C LEU A 11 17.63 6.81 13.69
N GLY A 12 17.51 7.50 12.56
CA GLY A 12 16.21 7.74 11.96
C GLY A 12 15.94 9.24 11.84
N SER A 13 15.49 9.63 10.66
CA SER A 13 15.19 11.03 10.40
C SER A 13 14.41 11.16 9.09
N GLN A 14 13.17 11.64 9.21
CA GLN A 14 12.32 11.80 8.05
C GLN A 14 11.44 13.04 8.23
N LYS A 15 11.38 13.84 7.16
CA LYS A 15 10.57 15.06 7.19
C LYS A 15 9.80 15.16 5.88
N GLY A 16 8.56 14.69 5.93
CA GLY A 16 7.70 14.74 4.75
C GLY A 16 6.84 13.47 4.64
N GLY A 17 7.22 12.62 3.70
CA GLY A 17 6.50 11.38 3.49
C GLY A 17 5.13 11.63 2.85
N ILE A 18 4.45 10.54 2.56
CA ILE A 18 3.12 10.63 1.95
C ILE A 18 2.07 10.24 2.98
N THR A 19 0.84 10.12 2.49
CA THR A 19 -0.27 9.76 3.36
C THR A 19 -1.61 9.92 2.62
N LYS A 20 -2.66 9.43 3.25
CA LYS A 20 -3.99 9.52 2.66
C LYS A 20 -4.99 8.78 3.56
N HIS A 21 -6.21 9.29 3.58
CA HIS A 21 -7.25 8.69 4.39
C HIS A 21 -8.59 8.79 3.66
N GLY A 22 -9.58 8.09 4.19
CA GLY A 22 -10.90 8.09 3.59
C GLY A 22 -11.54 6.70 3.67
N TRP A 23 -12.75 6.61 3.13
CA TRP A 23 -13.47 5.35 3.13
C TRP A 23 -13.38 4.75 1.72
N LEU A 24 -13.09 3.46 1.69
CA LEU A 24 -12.97 2.76 0.41
C LEU A 24 -13.89 1.54 0.43
N TYR A 25 -13.86 0.81 -0.68
CA TYR A 25 -14.69 -0.38 -0.81
C TYR A 25 -13.83 -1.61 -1.07
N LYS A 26 -13.52 -2.31 0.01
CA LYS A 26 -12.70 -3.51 -0.08
C LYS A 26 -13.57 -4.67 -0.55
N GLY A 27 -12.94 -5.60 -1.26
CA GLY A 27 -13.64 -6.76 -1.78
C GLY A 27 -12.92 -8.06 -1.39
N ASN A 28 -13.18 -9.10 -2.15
CA ASN A 28 -12.57 -10.40 -1.89
C ASN A 28 -11.67 -10.78 -3.07
N MET A 29 -12.17 -10.48 -4.27
CA MET A 29 -11.42 -10.79 -5.48
C MET A 29 -11.35 -12.29 -5.71
N ASN A 30 -11.64 -12.69 -6.95
CA ASN A 30 -11.61 -14.09 -7.32
C ASN A 30 -12.04 -14.23 -8.79
N SER A 31 -11.75 -15.41 -9.33
CA SER A 31 -12.10 -15.68 -10.72
C SER A 31 -13.50 -15.16 -11.02
N ALA A 32 -14.47 -15.77 -10.36
CA ALA A 32 -15.87 -15.37 -10.56
C ALA A 32 -16.03 -13.89 -10.22
N ILE A 33 -16.64 -13.16 -11.14
CA ILE A 33 -16.85 -11.74 -10.96
C ILE A 33 -17.82 -11.53 -9.80
N SER A 34 -18.93 -12.24 -9.85
CA SER A 34 -19.94 -12.14 -8.80
C SER A 34 -19.29 -12.30 -7.43
N VAL A 35 -18.14 -12.95 -7.43
CA VAL A 35 -17.41 -13.17 -6.19
C VAL A 35 -16.38 -12.06 -6.01
N THR A 36 -15.64 -11.80 -7.07
CA THR A 36 -14.62 -10.76 -7.05
C THR A 36 -15.11 -9.55 -6.26
N MET A 37 -16.32 -9.11 -6.59
CA MET A 37 -16.91 -7.97 -5.92
C MET A 37 -17.35 -8.32 -4.50
N ARG A 38 -17.97 -9.49 -4.39
CA ARG A 38 -18.43 -9.96 -3.09
C ARG A 38 -19.00 -8.80 -2.27
N SER A 39 -19.95 -8.11 -2.87
CA SER A 39 -20.59 -6.97 -2.21
C SER A 39 -19.53 -6.13 -1.51
N PHE A 40 -18.77 -5.40 -2.31
CA PHE A 40 -17.73 -4.54 -1.77
C PHE A 40 -18.15 -3.91 -0.45
N LYS A 41 -17.35 -4.17 0.58
CA LYS A 41 -17.63 -3.65 1.90
C LYS A 41 -16.89 -2.32 2.09
N ARG A 42 -17.63 -1.32 2.54
CA ARG A 42 -17.07 0.00 2.76
C ARG A 42 -16.31 0.02 4.10
N ARG A 43 -15.02 0.27 4.00
CA ARG A 43 -14.18 0.33 5.19
C ARG A 43 -13.20 1.49 5.07
N PHE A 44 -12.80 2.00 6.23
CA PHE A 44 -11.86 3.11 6.28
C PHE A 44 -10.42 2.62 6.10
N PHE A 45 -9.73 3.25 5.17
CA PHE A 45 -8.35 2.90 4.89
C PHE A 45 -7.40 4.04 5.27
N HIS A 46 -6.62 3.80 6.31
CA HIS A 46 -5.67 4.79 6.78
C HIS A 46 -4.25 4.37 6.41
N LEU A 47 -3.45 5.34 5.99
CA LEU A 47 -2.07 5.07 5.61
C LEU A 47 -1.14 5.52 6.73
N ILE A 48 -0.22 4.64 7.08
CA ILE A 48 0.74 4.92 8.14
C ILE A 48 2.12 4.43 7.71
N GLN A 49 3.13 5.18 8.12
CA GLN A 49 4.50 4.83 7.79
C GLN A 49 5.04 3.82 8.80
N LEU A 50 5.68 2.78 8.26
CA LEU A 50 6.24 1.73 9.10
C LEU A 50 7.19 2.36 10.12
N GLY A 51 7.92 1.50 10.81
CA GLY A 51 8.87 1.96 11.81
C GLY A 51 9.36 3.36 11.50
N ASP A 52 9.88 3.52 10.29
CA ASP A 52 10.39 4.80 9.84
C ASP A 52 11.01 4.65 8.45
N GLY A 53 10.15 4.46 7.48
CA GLY A 53 10.59 4.30 6.11
C GLY A 53 9.44 3.82 5.20
N SER A 54 9.27 2.51 5.16
CA SER A 54 8.23 1.92 4.36
C SER A 54 6.85 2.39 4.85
N TYR A 55 5.83 2.09 4.05
CA TYR A 55 4.48 2.48 4.39
C TYR A 55 3.55 1.26 4.44
N ASN A 56 2.39 1.47 5.04
CA ASN A 56 1.41 0.40 5.17
C ASN A 56 0.02 1.00 5.30
N LEU A 57 -0.89 0.50 4.47
CA LEU A 57 -2.26 0.98 4.47
C LEU A 57 -3.10 0.09 5.40
N ASN A 58 -3.36 0.61 6.59
CA ASN A 58 -4.14 -0.11 7.57
C ASN A 58 -5.59 0.40 7.55
N PHE A 59 -6.50 -0.54 7.33
CA PHE A 59 -7.91 -0.21 7.27
C PHE A 59 -8.62 -0.59 8.57
N TYR A 60 -9.49 0.30 9.02
CA TYR A 60 -10.23 0.07 10.25
C TYR A 60 -11.74 0.01 9.97
N LYS A 61 -12.47 -0.52 10.94
CA LYS A 61 -13.91 -0.63 10.81
C LYS A 61 -14.51 0.76 10.76
N ASP A 62 -13.85 1.70 11.43
CA ASP A 62 -14.32 3.07 11.47
C ASP A 62 -13.12 4.01 11.36
N GLU A 63 -13.37 5.28 11.65
CA GLU A 63 -12.33 6.28 11.58
C GLU A 63 -11.36 6.13 12.77
N LYS A 64 -11.91 5.67 13.88
CA LYS A 64 -11.13 5.47 15.08
C LYS A 64 -10.01 4.45 14.79
N ILE A 65 -8.79 4.94 14.81
CA ILE A 65 -7.64 4.09 14.55
C ILE A 65 -6.76 4.04 15.80
N SER A 66 -5.45 4.00 15.56
CA SER A 66 -4.50 3.94 16.66
C SER A 66 -4.39 2.52 17.19
N LYS A 67 -5.54 1.96 17.52
CA LYS A 67 -5.60 0.60 18.05
C LYS A 67 -5.24 -0.38 16.93
N GLU A 68 -5.59 -1.64 17.16
CA GLU A 68 -5.30 -2.69 16.19
C GLU A 68 -6.35 -2.66 15.07
N PRO A 69 -5.85 -2.44 13.83
CA PRO A 69 -6.72 -2.38 12.67
C PRO A 69 -7.18 -3.79 12.27
N LYS A 70 -8.04 -3.83 11.25
CA LYS A 70 -8.56 -5.10 10.76
C LYS A 70 -7.48 -5.81 9.95
N GLY A 71 -6.60 -5.01 9.37
CA GLY A 71 -5.51 -5.55 8.56
C GLY A 71 -4.57 -4.44 8.09
N SER A 72 -3.88 -4.71 7.00
CA SER A 72 -2.95 -3.75 6.45
C SER A 72 -2.41 -4.24 5.11
N ILE A 73 -2.15 -3.31 4.21
CA ILE A 73 -1.64 -3.64 2.90
C ILE A 73 -0.12 -3.50 2.90
N PHE A 74 0.56 -4.59 2.59
CA PHE A 74 2.01 -4.60 2.55
C PHE A 74 2.53 -3.96 1.27
N LEU A 75 2.56 -2.64 1.27
CA LEU A 75 3.03 -1.89 0.12
C LEU A 75 4.43 -2.38 -0.27
N ASP A 76 5.08 -3.03 0.69
CA ASP A 76 6.42 -3.54 0.48
C ASP A 76 6.37 -4.65 -0.57
N SER A 77 5.26 -5.37 -0.57
CA SER A 77 5.07 -6.46 -1.51
C SER A 77 4.20 -6.00 -2.69
N CYS A 78 3.45 -4.93 -2.43
CA CYS A 78 2.58 -4.37 -3.45
C CYS A 78 3.41 -4.14 -4.72
N MET A 79 2.89 -4.64 -5.83
CA MET A 79 3.56 -4.49 -7.10
C MET A 79 3.09 -3.24 -7.84
N GLY A 80 1.78 -3.03 -7.81
CA GLY A 80 1.18 -1.88 -8.46
C GLY A 80 -0.35 -1.94 -8.38
N VAL A 81 -0.97 -0.81 -8.72
CA VAL A 81 -2.41 -0.72 -8.70
C VAL A 81 -2.95 -0.82 -10.13
N VAL A 82 -3.96 -1.66 -10.28
CA VAL A 82 -4.58 -1.85 -11.59
C VAL A 82 -5.97 -1.22 -11.59
N GLN A 83 -6.54 -1.11 -12.78
CA GLN A 83 -7.87 -0.53 -12.93
C GLN A 83 -8.82 -1.55 -13.56
N ASN A 84 -9.67 -2.12 -12.72
CA ASN A 84 -10.63 -3.11 -13.18
C ASN A 84 -11.70 -2.41 -14.02
N ASN A 85 -12.49 -1.59 -13.34
CA ASN A 85 -13.55 -0.85 -14.01
C ASN A 85 -14.62 -1.84 -14.49
N LYS A 86 -14.47 -3.09 -14.06
CA LYS A 86 -15.41 -4.13 -14.44
C LYS A 86 -16.40 -4.36 -13.30
N VAL A 87 -15.86 -4.49 -12.10
CA VAL A 87 -16.68 -4.71 -10.92
C VAL A 87 -17.41 -3.41 -10.56
N ARG A 88 -16.62 -2.37 -10.39
CA ARG A 88 -17.18 -1.06 -10.04
C ARG A 88 -16.62 0.02 -10.97
N ARG A 89 -17.46 0.99 -11.27
CA ARG A 89 -17.07 2.08 -12.14
C ARG A 89 -15.71 2.63 -11.71
N PHE A 90 -15.43 2.51 -10.42
CA PHE A 90 -14.18 3.00 -9.87
C PHE A 90 -13.61 2.00 -8.86
N ALA A 91 -13.16 0.88 -9.38
CA ALA A 91 -12.59 -0.16 -8.54
C ALA A 91 -11.20 -0.53 -9.06
N PHE A 92 -10.24 -0.52 -8.15
CA PHE A 92 -8.87 -0.85 -8.50
C PHE A 92 -8.34 -2.00 -7.64
N GLU A 93 -7.50 -2.83 -8.26
CA GLU A 93 -6.92 -3.96 -7.55
C GLU A 93 -5.46 -3.67 -7.20
N LEU A 94 -5.07 -4.14 -6.02
CA LEU A 94 -3.70 -3.94 -5.56
C LEU A 94 -2.92 -5.24 -5.74
N LYS A 95 -2.18 -5.29 -6.84
CA LYS A 95 -1.37 -6.47 -7.15
C LYS A 95 -0.22 -6.57 -6.15
N MET A 96 -0.19 -7.69 -5.44
CA MET A 96 0.85 -7.91 -4.44
C MET A 96 1.93 -8.85 -4.99
N GLN A 97 2.89 -9.15 -4.14
CA GLN A 97 3.99 -10.03 -4.52
C GLN A 97 3.82 -11.40 -3.85
N ASP A 98 3.34 -11.36 -2.62
CA ASP A 98 3.14 -12.59 -1.86
C ASP A 98 1.82 -12.49 -1.08
N LYS A 99 0.93 -11.65 -1.60
CA LYS A 99 -0.37 -11.45 -0.97
C LYS A 99 -1.42 -11.19 -2.04
N SER A 100 -1.49 -12.11 -3.00
CA SER A 100 -2.44 -11.98 -4.09
C SER A 100 -2.63 -10.52 -4.46
N SER A 101 -3.85 -10.04 -4.31
CA SER A 101 -4.17 -8.66 -4.63
C SER A 101 -5.51 -8.28 -4.01
N TYR A 102 -5.58 -7.04 -3.54
CA TYR A 102 -6.80 -6.54 -2.92
C TYR A 102 -7.71 -5.88 -3.96
N LEU A 103 -8.95 -5.63 -3.55
CA LEU A 103 -9.91 -5.00 -4.43
C LEU A 103 -10.57 -3.82 -3.71
N LEU A 104 -10.11 -2.63 -4.06
CA LEU A 104 -10.63 -1.42 -3.45
C LEU A 104 -11.50 -0.69 -4.47
N ALA A 105 -12.25 0.29 -3.97
CA ALA A 105 -13.13 1.07 -4.82
C ALA A 105 -13.54 2.34 -4.09
N ALA A 106 -13.54 3.44 -4.83
CA ALA A 106 -13.91 4.73 -4.26
C ALA A 106 -15.31 5.11 -4.75
N ASP A 107 -15.83 6.17 -4.15
CA ASP A 107 -17.16 6.65 -4.52
C ASP A 107 -17.05 7.50 -5.78
N SER A 108 -15.93 8.19 -5.91
CA SER A 108 -15.70 9.04 -7.05
C SER A 108 -14.36 8.67 -7.71
N GLU A 109 -14.30 8.86 -9.02
CA GLU A 109 -13.10 8.56 -9.78
C GLU A 109 -11.87 9.11 -9.05
N VAL A 110 -12.03 10.31 -8.50
CA VAL A 110 -10.94 10.96 -7.79
C VAL A 110 -10.49 10.05 -6.64
N GLU A 111 -11.42 9.78 -5.74
CA GLU A 111 -11.12 8.93 -4.59
C GLU A 111 -10.56 7.59 -5.06
N MET A 112 -10.80 7.29 -6.33
CA MET A 112 -10.34 6.05 -6.91
C MET A 112 -8.94 6.22 -7.52
N GLU A 113 -8.69 7.42 -8.03
CA GLU A 113 -7.41 7.73 -8.63
C GLU A 113 -6.40 8.14 -7.57
N GLU A 114 -6.91 8.81 -6.54
CA GLU A 114 -6.06 9.28 -5.45
C GLU A 114 -5.20 8.13 -4.93
N TRP A 115 -5.87 7.15 -4.34
CA TRP A 115 -5.18 5.99 -3.80
C TRP A 115 -4.28 5.41 -4.90
N ILE A 116 -4.88 5.23 -6.07
CA ILE A 116 -4.16 4.69 -7.21
C ILE A 116 -2.82 5.43 -7.35
N THR A 117 -2.82 6.68 -6.90
CA THR A 117 -1.63 7.50 -6.99
C THR A 117 -0.79 7.34 -5.71
N ILE A 118 -1.49 7.22 -4.59
CA ILE A 118 -0.82 7.07 -3.30
C ILE A 118 -0.14 5.70 -3.26
N LEU A 119 -0.93 4.67 -3.53
CA LEU A 119 -0.42 3.31 -3.51
C LEU A 119 0.73 3.20 -4.51
N ASN A 120 0.48 3.68 -5.71
CA ASN A 120 1.50 3.64 -6.76
C ASN A 120 2.71 4.44 -6.31
N LYS A 121 2.46 5.43 -5.46
CA LYS A 121 3.52 6.28 -4.95
C LYS A 121 4.46 5.44 -4.08
N ILE A 122 3.89 4.88 -3.03
CA ILE A 122 4.66 4.06 -2.11
C ILE A 122 5.19 2.84 -2.85
N LEU A 123 4.54 2.52 -3.96
CA LEU A 123 4.94 1.38 -4.76
C LEU A 123 6.15 1.76 -5.61
N GLN A 124 6.00 2.84 -6.36
CA GLN A 124 7.06 3.32 -7.22
C GLN A 124 8.23 3.81 -6.37
N LEU A 125 7.90 4.47 -5.28
CA LEU A 125 8.92 5.01 -4.38
C LEU A 125 9.66 3.84 -3.72
N ASN A 126 8.90 2.81 -3.37
CA ASN A 126 9.48 1.64 -2.74
C ASN A 126 10.66 1.14 -3.58
N PHE A 127 10.51 1.26 -4.88
CA PHE A 127 11.54 0.82 -5.80
C PHE A 127 12.78 1.70 -5.68
N GLU A 128 12.54 2.99 -5.53
CA GLU A 128 13.64 3.94 -5.40
C GLU A 128 14.20 3.92 -3.98
N ALA A 129 13.37 3.47 -3.05
CA ALA A 129 13.77 3.38 -1.66
C ALA A 129 14.78 2.25 -1.50
N ALA A 130 14.53 1.16 -2.23
CA ALA A 130 15.41 0.01 -2.17
C ALA A 130 16.82 0.42 -2.60
N MET A 131 16.88 1.13 -3.72
CA MET A 131 18.15 1.59 -4.25
C MET A 131 18.75 2.68 -3.37
N GLN A 132 17.86 3.43 -2.71
CA GLN A 132 18.28 4.51 -1.84
C GLN A 132 18.82 3.94 -0.52
N GLU A 133 18.18 2.88 -0.07
CA GLU A 133 18.58 2.24 1.18
C GLU A 133 19.90 1.50 0.99
N LYS A 134 20.11 1.03 -0.24
CA LYS A 134 21.33 0.30 -0.56
C LYS A 134 22.54 1.11 -0.10
N ARG A 135 22.54 2.38 -0.49
CA ARG A 135 23.63 3.28 -0.12
C ARG A 135 23.26 4.09 1.12
N ASN A 136 22.69 3.40 2.10
CA ASN A 136 22.29 4.05 3.33
C ASN A 136 21.83 2.99 4.34
N GLY A 137 22.79 2.54 5.14
CA GLY A 137 22.52 1.53 6.14
C GLY A 137 21.81 0.32 5.53
N ASP A 138 22.62 -0.57 4.97
CA ASP A 138 22.10 -1.76 4.33
C ASP A 138 23.07 -2.93 4.57
N SER A 139 22.62 -4.11 4.18
CA SER A 139 23.45 -5.30 4.34
C SER A 139 23.48 -6.09 3.03
N HIS A 140 22.30 -6.51 2.60
CA HIS A 140 22.19 -7.28 1.37
C HIS A 140 20.72 -7.69 1.16
N GLU A 141 20.47 -8.28 -0.01
CA GLU A 141 19.13 -8.73 -0.33
C GLU A 141 18.22 -7.53 -0.62
N ASP A 142 18.48 -6.89 -1.75
CA ASP A 142 17.70 -5.73 -2.15
C ASP A 142 18.27 -5.15 -3.45
N ASP A 143 17.86 -5.76 -4.55
CA ASP A 143 18.32 -5.31 -5.86
C ASP A 143 17.52 -6.03 -6.95
N GLU A 144 16.65 -5.28 -7.60
CA GLU A 144 15.83 -5.83 -8.66
C GLU A 144 16.03 -5.05 -9.96
N SER A 145 17.24 -5.14 -10.49
CA SER A 145 17.57 -4.44 -11.72
C SER A 145 17.50 -2.93 -11.50
N GLY A 146 17.88 -2.19 -12.53
CA GLY A 146 17.87 -0.75 -12.47
C GLY A 146 16.44 -0.20 -12.43
N PRO A 147 16.30 1.03 -11.86
CA PRO A 147 15.00 1.66 -11.76
C PRO A 147 14.53 2.19 -13.12
N SER A 148 15.27 3.18 -13.62
CA SER A 148 14.95 3.78 -14.90
C SER A 148 13.50 4.27 -14.90
N SER A 149 13.34 5.53 -14.54
CA SER A 149 12.02 6.13 -14.50
C SER A 149 11.75 6.92 -15.79
N GLY A 150 10.50 6.87 -16.23
CA GLY A 150 10.11 7.57 -17.44
C GLY A 150 9.17 8.72 -17.12
N GLY A 1 6.14 -24.84 -10.89
CA GLY A 1 6.96 -24.06 -9.98
C GLY A 1 8.34 -23.78 -10.59
N SER A 2 8.42 -22.68 -11.30
CA SER A 2 9.67 -22.28 -11.94
C SER A 2 10.46 -21.35 -11.02
N SER A 3 11.48 -21.92 -10.39
CA SER A 3 12.32 -21.17 -9.49
C SER A 3 11.47 -20.58 -8.35
N GLY A 4 12.16 -19.96 -7.40
CA GLY A 4 11.48 -19.36 -6.26
C GLY A 4 12.45 -19.19 -5.09
N SER A 5 13.33 -18.21 -5.22
CA SER A 5 14.30 -17.93 -4.19
C SER A 5 13.81 -16.79 -3.29
N SER A 6 13.81 -15.60 -3.87
CA SER A 6 13.36 -14.41 -3.15
C SER A 6 13.26 -13.23 -4.10
N GLY A 7 12.58 -12.19 -3.63
CA GLY A 7 12.40 -10.99 -4.42
C GLY A 7 12.31 -9.75 -3.54
N ALA A 8 12.87 -8.66 -4.04
CA ALA A 8 12.86 -7.41 -3.31
C ALA A 8 13.65 -7.57 -2.01
N ALA A 9 14.38 -6.52 -1.65
CA ALA A 9 15.18 -6.54 -0.45
C ALA A 9 15.80 -5.15 -0.22
N SER A 10 16.35 -4.97 0.97
CA SER A 10 16.97 -3.71 1.32
C SER A 10 15.94 -2.58 1.23
N LEU A 11 14.83 -2.78 1.92
CA LEU A 11 13.77 -1.79 1.94
C LEU A 11 13.77 -1.06 3.28
N GLY A 12 13.13 0.09 3.29
CA GLY A 12 13.05 0.89 4.50
C GLY A 12 14.00 2.09 4.43
N SER A 13 13.42 3.28 4.49
CA SER A 13 14.20 4.49 4.44
C SER A 13 13.36 5.69 4.89
N GLN A 14 14.03 6.79 5.17
CA GLN A 14 13.36 8.00 5.62
C GLN A 14 12.99 8.87 4.40
N LYS A 15 12.96 8.24 3.25
CA LYS A 15 12.63 8.94 2.02
C LYS A 15 11.16 8.66 1.66
N GLY A 16 10.29 9.51 2.20
CA GLY A 16 8.87 9.38 1.95
C GLY A 16 8.05 9.95 3.11
N GLY A 17 7.06 10.75 2.75
CA GLY A 17 6.20 11.38 3.74
C GLY A 17 4.83 11.70 3.15
N ILE A 18 4.11 10.63 2.79
CA ILE A 18 2.78 10.78 2.21
C ILE A 18 1.73 10.40 3.25
N THR A 19 0.48 10.44 2.83
CA THR A 19 -0.63 10.09 3.71
C THR A 19 -1.96 10.46 3.06
N LYS A 20 -3.03 10.03 3.70
CA LYS A 20 -4.37 10.29 3.20
C LYS A 20 -5.36 9.31 3.84
N HIS A 21 -6.62 9.70 3.82
CA HIS A 21 -7.67 8.87 4.38
C HIS A 21 -8.91 8.93 3.49
N GLY A 22 -9.85 8.03 3.77
CA GLY A 22 -11.08 7.96 3.01
C GLY A 22 -11.61 6.54 2.95
N TRP A 23 -12.93 6.43 2.85
CA TRP A 23 -13.57 5.13 2.78
C TRP A 23 -13.42 4.60 1.36
N LEU A 24 -13.12 3.31 1.26
CA LEU A 24 -12.95 2.68 -0.02
C LEU A 24 -13.83 1.43 -0.09
N TYR A 25 -13.70 0.72 -1.20
CA TYR A 25 -14.47 -0.50 -1.41
C TYR A 25 -13.56 -1.70 -1.63
N LYS A 26 -13.16 -2.32 -0.52
CA LYS A 26 -12.29 -3.48 -0.59
C LYS A 26 -13.10 -4.70 -1.05
N GLY A 27 -12.38 -5.65 -1.64
CA GLY A 27 -13.02 -6.86 -2.14
C GLY A 27 -12.01 -8.01 -2.21
N ASN A 28 -12.54 -9.20 -2.43
CA ASN A 28 -11.71 -10.39 -2.53
C ASN A 28 -11.05 -10.43 -3.90
N MET A 29 -11.84 -10.12 -4.92
CA MET A 29 -11.34 -10.11 -6.28
C MET A 29 -10.95 -11.52 -6.72
N ASN A 30 -11.74 -12.06 -7.64
CA ASN A 30 -11.50 -13.40 -8.15
C ASN A 30 -12.16 -13.55 -9.51
N SER A 31 -11.72 -14.56 -10.25
CA SER A 31 -12.26 -14.83 -11.57
C SER A 31 -13.79 -14.66 -11.55
N ALA A 32 -14.42 -15.42 -10.65
CA ALA A 32 -15.87 -15.37 -10.52
C ALA A 32 -16.28 -14.00 -10.00
N ILE A 33 -17.16 -13.36 -10.75
CA ILE A 33 -17.65 -12.04 -10.39
C ILE A 33 -18.37 -12.13 -9.05
N SER A 34 -19.29 -13.09 -8.96
CA SER A 34 -20.05 -13.28 -7.74
C SER A 34 -19.12 -13.24 -6.53
N VAL A 35 -17.88 -13.64 -6.76
CA VAL A 35 -16.88 -13.65 -5.69
C VAL A 35 -16.10 -12.34 -5.72
N THR A 36 -15.64 -12.00 -6.92
CA THR A 36 -14.88 -10.77 -7.10
C THR A 36 -15.46 -9.64 -6.24
N MET A 37 -16.77 -9.74 -6.02
CA MET A 37 -17.45 -8.74 -5.22
C MET A 37 -17.50 -9.14 -3.74
N ARG A 38 -17.87 -10.39 -3.52
CA ARG A 38 -17.96 -10.92 -2.17
C ARG A 38 -18.54 -9.86 -1.22
N SER A 39 -19.66 -9.29 -1.65
CA SER A 39 -20.32 -8.27 -0.86
C SER A 39 -19.40 -7.06 -0.69
N PHE A 40 -19.20 -6.36 -1.79
CA PHE A 40 -18.34 -5.18 -1.77
C PHE A 40 -18.51 -4.39 -0.47
N LYS A 41 -17.61 -4.64 0.46
CA LYS A 41 -17.65 -3.96 1.75
C LYS A 41 -16.65 -2.80 1.74
N ARG A 42 -17.07 -1.70 2.35
CA ARG A 42 -16.22 -0.52 2.43
C ARG A 42 -15.59 -0.41 3.82
N ARG A 43 -14.44 0.25 3.85
CA ARG A 43 -13.72 0.44 5.10
C ARG A 43 -12.95 1.75 5.08
N PHE A 44 -12.50 2.16 6.25
CA PHE A 44 -11.75 3.40 6.38
C PHE A 44 -10.26 3.16 6.10
N PHE A 45 -9.85 3.53 4.89
CA PHE A 45 -8.47 3.35 4.48
C PHE A 45 -7.60 4.49 5.03
N HIS A 46 -6.81 4.16 6.04
CA HIS A 46 -5.93 5.14 6.65
C HIS A 46 -4.48 4.70 6.46
N LEU A 47 -3.73 5.53 5.74
CA LEU A 47 -2.32 5.24 5.50
C LEU A 47 -1.50 5.67 6.70
N ILE A 48 -0.61 4.78 7.12
CA ILE A 48 0.25 5.06 8.26
C ILE A 48 1.68 4.66 7.91
N GLN A 49 2.62 5.44 8.44
CA GLN A 49 4.03 5.19 8.20
C GLN A 49 4.60 4.28 9.29
N LEU A 50 5.06 3.11 8.86
CA LEU A 50 5.63 2.15 9.80
C LEU A 50 6.85 2.77 10.49
N GLY A 51 7.41 2.02 11.42
CA GLY A 51 8.58 2.49 12.15
C GLY A 51 9.82 2.51 11.26
N ASP A 52 10.13 1.35 10.71
CA ASP A 52 11.28 1.22 9.83
C ASP A 52 11.35 2.43 8.90
N GLY A 53 10.17 2.88 8.49
CA GLY A 53 10.08 4.03 7.61
C GLY A 53 9.10 3.77 6.46
N SER A 54 8.86 2.48 6.22
CA SER A 54 7.96 2.09 5.15
C SER A 54 6.54 2.58 5.46
N TYR A 55 5.62 2.23 4.58
CA TYR A 55 4.23 2.63 4.75
C TYR A 55 3.29 1.43 4.66
N ASN A 56 2.11 1.60 5.21
CA ASN A 56 1.12 0.54 5.20
C ASN A 56 -0.29 1.15 5.33
N LEU A 57 -1.16 0.77 4.41
CA LEU A 57 -2.52 1.27 4.42
C LEU A 57 -3.40 0.31 5.22
N ASN A 58 -3.71 0.71 6.44
CA ASN A 58 -4.54 -0.09 7.32
C ASN A 58 -6.00 0.38 7.21
N PHE A 59 -6.88 -0.57 6.96
CA PHE A 59 -8.30 -0.26 6.84
C PHE A 59 -9.07 -0.72 8.08
N TYR A 60 -9.84 0.20 8.62
CA TYR A 60 -10.64 -0.09 9.80
C TYR A 60 -12.13 -0.18 9.45
N LYS A 61 -12.91 -0.61 10.44
CA LYS A 61 -14.34 -0.74 10.26
C LYS A 61 -14.97 0.65 10.19
N ASP A 62 -14.33 1.59 10.86
CA ASP A 62 -14.82 2.96 10.90
C ASP A 62 -13.63 3.91 10.89
N GLU A 63 -13.92 5.17 11.22
CA GLU A 63 -12.89 6.19 11.25
C GLU A 63 -12.07 6.06 12.54
N LYS A 64 -12.75 5.68 13.61
CA LYS A 64 -12.09 5.52 14.90
C LYS A 64 -11.05 4.40 14.79
N ILE A 65 -9.80 4.82 14.71
CA ILE A 65 -8.69 3.88 14.59
C ILE A 65 -8.13 3.60 16.00
N SER A 66 -6.82 3.45 16.05
CA SER A 66 -6.14 3.18 17.30
C SER A 66 -6.25 1.69 17.65
N LYS A 67 -7.48 1.20 17.62
CA LYS A 67 -7.74 -0.20 17.93
C LYS A 67 -7.07 -1.08 16.87
N GLU A 68 -7.39 -2.37 16.92
CA GLU A 68 -6.84 -3.31 15.97
C GLU A 68 -7.54 -3.18 14.62
N PRO A 69 -6.72 -2.94 13.56
CA PRO A 69 -7.24 -2.79 12.21
C PRO A 69 -7.63 -4.15 11.64
N LYS A 70 -8.59 -4.11 10.71
CA LYS A 70 -9.06 -5.32 10.07
C LYS A 70 -7.91 -5.98 9.31
N GLY A 71 -7.04 -5.13 8.78
CA GLY A 71 -5.89 -5.61 8.03
C GLY A 71 -4.98 -4.45 7.62
N SER A 72 -4.21 -4.69 6.57
CA SER A 72 -3.29 -3.68 6.06
C SER A 72 -2.74 -4.11 4.70
N ILE A 73 -2.57 -3.13 3.83
CA ILE A 73 -2.05 -3.39 2.50
C ILE A 73 -0.52 -3.25 2.52
N PHE A 74 0.15 -4.38 2.57
CA PHE A 74 1.60 -4.39 2.59
C PHE A 74 2.18 -3.74 1.32
N LEU A 75 2.19 -2.42 1.34
CA LEU A 75 2.70 -1.66 0.22
C LEU A 75 4.16 -2.06 -0.04
N ASP A 76 4.75 -2.70 0.95
CA ASP A 76 6.13 -3.14 0.85
C ASP A 76 6.21 -4.32 -0.12
N SER A 77 5.04 -4.87 -0.43
CA SER A 77 4.97 -6.00 -1.34
C SER A 77 4.20 -5.60 -2.61
N CYS A 78 3.21 -4.75 -2.41
CA CYS A 78 2.40 -4.28 -3.52
C CYS A 78 3.31 -3.97 -4.69
N MET A 79 3.00 -4.58 -5.84
CA MET A 79 3.79 -4.37 -7.03
C MET A 79 3.33 -3.13 -7.79
N GLY A 80 2.06 -2.79 -7.60
CA GLY A 80 1.49 -1.63 -8.25
C GLY A 80 -0.05 -1.70 -8.26
N VAL A 81 -0.66 -0.59 -8.63
CA VAL A 81 -2.11 -0.52 -8.68
C VAL A 81 -2.57 -0.64 -10.13
N VAL A 82 -3.59 -1.47 -10.33
CA VAL A 82 -4.12 -1.69 -11.66
C VAL A 82 -5.53 -1.10 -11.73
N GLN A 83 -6.01 -0.92 -12.95
CA GLN A 83 -7.33 -0.37 -13.18
C GLN A 83 -8.33 -1.50 -13.46
N ASN A 84 -9.35 -1.56 -12.61
CA ASN A 84 -10.38 -2.58 -12.75
C ASN A 84 -11.71 -1.91 -13.08
N ASN A 85 -11.95 -1.72 -14.37
CA ASN A 85 -13.17 -1.10 -14.83
C ASN A 85 -14.18 -2.18 -15.21
N LYS A 86 -13.92 -3.39 -14.73
CA LYS A 86 -14.79 -4.52 -15.02
C LYS A 86 -15.93 -4.54 -14.00
N VAL A 87 -15.57 -4.72 -12.75
CA VAL A 87 -16.55 -4.76 -11.68
C VAL A 87 -17.24 -3.40 -11.56
N ARG A 88 -16.53 -2.46 -10.95
CA ARG A 88 -17.05 -1.12 -10.77
C ARG A 88 -16.31 -0.14 -11.67
N ARG A 89 -16.99 0.95 -12.02
CA ARG A 89 -16.41 1.96 -12.87
C ARG A 89 -15.05 2.40 -12.31
N PHE A 90 -15.08 2.88 -11.07
CA PHE A 90 -13.87 3.34 -10.42
C PHE A 90 -13.39 2.31 -9.39
N ALA A 91 -12.73 1.27 -9.89
CA ALA A 91 -12.21 0.23 -9.02
C ALA A 91 -10.83 -0.20 -9.52
N PHE A 92 -9.89 -0.25 -8.58
CA PHE A 92 -8.53 -0.63 -8.90
C PHE A 92 -8.06 -1.78 -8.01
N GLU A 93 -7.23 -2.64 -8.59
CA GLU A 93 -6.70 -3.77 -7.86
C GLU A 93 -5.25 -3.52 -7.46
N LEU A 94 -4.92 -3.95 -6.25
CA LEU A 94 -3.57 -3.78 -5.74
C LEU A 94 -2.78 -5.07 -5.94
N LYS A 95 -1.94 -5.06 -6.96
CA LYS A 95 -1.12 -6.23 -7.27
C LYS A 95 -0.06 -6.40 -6.19
N MET A 96 -0.01 -7.60 -5.64
CA MET A 96 0.95 -7.92 -4.59
C MET A 96 2.04 -8.85 -5.12
N GLN A 97 2.99 -9.15 -4.23
CA GLN A 97 4.09 -10.02 -4.59
C GLN A 97 4.02 -11.32 -3.80
N ASP A 98 3.23 -11.29 -2.73
CA ASP A 98 3.07 -12.45 -1.89
C ASP A 98 1.86 -13.27 -2.37
N LYS A 99 1.55 -13.09 -3.65
CA LYS A 99 0.42 -13.79 -4.24
C LYS A 99 -0.87 -13.31 -3.58
N SER A 100 -1.47 -12.30 -4.19
CA SER A 100 -2.71 -11.75 -3.67
C SER A 100 -2.93 -10.33 -4.22
N SER A 101 -4.14 -9.83 -4.02
CA SER A 101 -4.48 -8.50 -4.49
C SER A 101 -5.77 -8.02 -3.83
N TYR A 102 -5.86 -6.71 -3.65
CA TYR A 102 -7.02 -6.12 -3.02
C TYR A 102 -7.86 -5.34 -4.04
N LEU A 103 -9.16 -5.59 -4.00
CA LEU A 103 -10.08 -4.92 -4.91
C LEU A 103 -10.57 -3.62 -4.28
N LEU A 104 -9.88 -2.53 -4.62
CA LEU A 104 -10.23 -1.23 -4.09
C LEU A 104 -11.16 -0.52 -5.08
N ALA A 105 -11.99 0.37 -4.54
CA ALA A 105 -12.93 1.11 -5.36
C ALA A 105 -13.44 2.31 -4.56
N ALA A 106 -13.38 3.47 -5.20
CA ALA A 106 -13.84 4.70 -4.56
C ALA A 106 -15.24 5.05 -5.08
N ASP A 107 -15.80 6.11 -4.51
CA ASP A 107 -17.11 6.55 -4.92
C ASP A 107 -17.00 7.41 -6.18
N SER A 108 -15.87 8.09 -6.29
CA SER A 108 -15.63 8.95 -7.45
C SER A 108 -14.24 8.67 -8.02
N GLU A 109 -14.08 9.02 -9.28
CA GLU A 109 -12.81 8.80 -9.96
C GLU A 109 -11.66 9.32 -9.09
N VAL A 110 -11.85 10.51 -8.55
CA VAL A 110 -10.84 11.11 -7.71
C VAL A 110 -10.48 10.15 -6.58
N GLU A 111 -11.46 9.91 -5.72
CA GLU A 111 -11.27 9.01 -4.60
C GLU A 111 -10.65 7.69 -5.07
N MET A 112 -10.83 7.42 -6.35
CA MET A 112 -10.31 6.19 -6.93
C MET A 112 -8.87 6.40 -7.43
N GLU A 113 -8.60 7.63 -7.87
CA GLU A 113 -7.28 7.96 -8.37
C GLU A 113 -6.36 8.35 -7.21
N GLU A 114 -6.94 9.02 -6.24
CA GLU A 114 -6.19 9.46 -5.07
C GLU A 114 -5.44 8.28 -4.46
N TRP A 115 -6.19 7.25 -4.11
CA TRP A 115 -5.61 6.06 -3.53
C TRP A 115 -4.68 5.41 -4.56
N ILE A 116 -5.25 5.13 -5.71
CA ILE A 116 -4.49 4.52 -6.79
C ILE A 116 -3.09 5.14 -6.84
N THR A 117 -3.02 6.40 -6.43
CA THR A 117 -1.76 7.11 -6.43
C THR A 117 -1.00 6.84 -5.11
N ILE A 118 -1.63 7.23 -4.01
CA ILE A 118 -1.03 7.03 -2.71
C ILE A 118 -0.44 5.63 -2.62
N LEU A 119 -1.25 4.65 -3.02
CA LEU A 119 -0.81 3.27 -3.00
C LEU A 119 0.40 3.09 -3.90
N ASN A 120 0.20 3.44 -5.17
CA ASN A 120 1.27 3.32 -6.15
C ASN A 120 2.37 4.34 -5.81
N LYS A 121 2.06 5.20 -4.85
CA LYS A 121 3.02 6.21 -4.42
C LYS A 121 4.07 5.57 -3.52
N ILE A 122 3.59 4.87 -2.51
CA ILE A 122 4.48 4.20 -1.57
C ILE A 122 5.19 3.04 -2.27
N LEU A 123 4.58 2.61 -3.37
CA LEU A 123 5.14 1.51 -4.15
C LEU A 123 6.37 2.01 -4.91
N GLN A 124 6.15 3.05 -5.71
CA GLN A 124 7.23 3.61 -6.50
C GLN A 124 8.30 4.20 -5.58
N LEU A 125 7.85 4.68 -4.42
CA LEU A 125 8.77 5.26 -3.45
C LEU A 125 9.54 4.14 -2.75
N ASN A 126 8.84 3.05 -2.50
CA ASN A 126 9.45 1.91 -1.84
C ASN A 126 10.59 1.37 -2.70
N PHE A 127 10.51 1.67 -3.99
CA PHE A 127 11.54 1.23 -4.92
C PHE A 127 12.82 2.04 -4.75
N GLU A 128 12.66 3.35 -4.77
CA GLU A 128 13.79 4.24 -4.62
C GLU A 128 14.46 4.03 -3.27
N ALA A 129 13.65 3.61 -2.30
CA ALA A 129 14.15 3.37 -0.96
C ALA A 129 15.11 2.18 -0.98
N ALA A 130 14.97 1.38 -2.02
CA ALA A 130 15.82 0.21 -2.18
C ALA A 130 17.03 0.56 -3.04
N MET A 131 16.73 0.98 -4.26
CA MET A 131 17.78 1.35 -5.20
C MET A 131 18.79 2.30 -4.55
N GLN A 132 18.32 3.01 -3.53
CA GLN A 132 19.15 3.95 -2.82
C GLN A 132 20.01 3.21 -1.79
N GLU A 133 19.45 2.15 -1.23
CA GLU A 133 20.15 1.36 -0.24
C GLU A 133 21.09 0.36 -0.92
N LYS A 134 20.78 0.07 -2.17
CA LYS A 134 21.59 -0.86 -2.94
C LYS A 134 23.06 -0.45 -2.85
N ARG A 135 23.32 0.82 -3.15
CA ARG A 135 24.67 1.34 -3.10
C ARG A 135 25.02 1.75 -1.67
N ASN A 136 24.85 0.81 -0.75
CA ASN A 136 25.15 1.06 0.65
C ASN A 136 25.44 -0.27 1.34
N GLY A 137 26.73 -0.53 1.54
CA GLY A 137 27.14 -1.76 2.19
C GLY A 137 26.22 -2.10 3.36
N ASP A 138 26.23 -1.23 4.35
CA ASP A 138 25.41 -1.43 5.53
C ASP A 138 24.03 -1.93 5.11
N SER A 139 23.79 -3.20 5.39
CA SER A 139 22.51 -3.81 5.04
C SER A 139 22.33 -5.11 5.84
N HIS A 140 21.13 -5.67 5.71
CA HIS A 140 20.81 -6.90 6.41
C HIS A 140 19.54 -7.52 5.80
N GLU A 141 19.67 -8.78 5.42
CA GLU A 141 18.56 -9.50 4.83
C GLU A 141 18.13 -10.65 5.73
N ASP A 142 16.92 -11.14 5.46
CA ASP A 142 16.37 -12.24 6.25
C ASP A 142 14.98 -12.59 5.73
N ASP A 143 14.48 -13.72 6.19
CA ASP A 143 13.16 -14.17 5.79
C ASP A 143 13.17 -14.50 4.29
N GLU A 144 12.03 -14.95 3.80
CA GLU A 144 11.90 -15.31 2.40
C GLU A 144 12.97 -16.32 2.01
N SER A 145 12.87 -17.51 2.60
CA SER A 145 13.82 -18.57 2.33
C SER A 145 13.15 -19.94 2.51
N GLY A 146 13.67 -20.92 1.79
CA GLY A 146 13.14 -22.26 1.86
C GLY A 146 13.94 -23.22 0.98
N PRO A 147 13.84 -24.54 1.31
CA PRO A 147 14.55 -25.56 0.56
C PRO A 147 13.87 -25.82 -0.78
N SER A 148 14.70 -26.09 -1.78
CA SER A 148 14.20 -26.36 -3.12
C SER A 148 15.30 -27.01 -3.97
N SER A 149 14.99 -28.20 -4.45
CA SER A 149 15.94 -28.93 -5.29
C SER A 149 15.18 -29.80 -6.29
N GLY A 150 14.36 -30.68 -5.76
CA GLY A 150 13.57 -31.57 -6.61
C GLY A 150 12.09 -31.51 -6.24
N GLY A 1 30.85 3.49 19.45
CA GLY A 1 31.39 4.79 19.11
C GLY A 1 30.37 5.89 19.32
N SER A 2 29.94 6.02 20.58
CA SER A 2 28.95 7.04 20.92
C SER A 2 28.67 6.98 22.42
N SER A 3 29.41 7.80 23.16
CA SER A 3 29.25 7.85 24.61
C SER A 3 28.19 8.89 24.98
N GLY A 4 27.30 8.49 25.87
CA GLY A 4 26.23 9.37 26.32
C GLY A 4 25.59 8.85 27.60
N SER A 5 24.27 8.99 27.67
CA SER A 5 23.53 8.54 28.83
C SER A 5 22.22 7.87 28.39
N SER A 6 22.37 6.69 27.81
CA SER A 6 21.22 5.93 27.34
C SER A 6 20.46 6.74 26.27
N GLY A 7 20.71 6.37 25.02
CA GLY A 7 20.06 7.04 23.91
C GLY A 7 20.79 6.75 22.59
N ALA A 8 20.00 6.41 21.59
CA ALA A 8 20.56 6.11 20.27
C ALA A 8 19.43 5.86 19.29
N ALA A 9 19.48 6.57 18.17
CA ALA A 9 18.47 6.43 17.14
C ALA A 9 18.96 7.07 15.85
N SER A 10 19.44 6.22 14.95
CA SER A 10 19.95 6.69 13.68
C SER A 10 19.09 6.16 12.54
N LEU A 11 18.44 7.08 11.84
CA LEU A 11 17.57 6.72 10.74
C LEU A 11 17.81 7.69 9.57
N GLY A 12 17.22 7.36 8.44
CA GLY A 12 17.36 8.19 7.25
C GLY A 12 16.00 8.46 6.61
N SER A 13 15.86 8.01 5.37
CA SER A 13 14.62 8.19 4.65
C SER A 13 14.36 9.68 4.43
N GLN A 14 13.96 10.03 3.21
CA GLN A 14 13.68 11.41 2.87
C GLN A 14 13.00 11.48 1.50
N LYS A 15 12.54 12.68 1.17
CA LYS A 15 11.88 12.91 -0.11
C LYS A 15 10.69 11.96 -0.22
N GLY A 16 9.50 12.53 -0.11
CA GLY A 16 8.27 11.76 -0.20
C GLY A 16 7.21 12.28 0.77
N GLY A 17 7.19 11.70 1.95
CA GLY A 17 6.23 12.11 2.97
C GLY A 17 4.83 12.29 2.36
N ILE A 18 4.16 11.16 2.18
CA ILE A 18 2.82 11.18 1.62
C ILE A 18 1.84 10.59 2.62
N THR A 19 0.57 10.55 2.23
CA THR A 19 -0.47 10.02 3.09
C THR A 19 -1.85 10.31 2.49
N LYS A 20 -2.86 9.68 3.08
CA LYS A 20 -4.22 9.88 2.63
C LYS A 20 -5.17 9.10 3.55
N HIS A 21 -6.42 9.52 3.53
CA HIS A 21 -7.44 8.88 4.36
C HIS A 21 -8.81 9.05 3.71
N GLY A 22 -9.70 8.12 4.03
CA GLY A 22 -11.04 8.15 3.48
C GLY A 22 -11.67 6.75 3.49
N TRP A 23 -12.95 6.71 3.14
CA TRP A 23 -13.68 5.45 3.12
C TRP A 23 -13.42 4.80 1.75
N LEU A 24 -13.29 3.48 1.79
CA LEU A 24 -13.05 2.72 0.58
C LEU A 24 -13.88 1.45 0.60
N TYR A 25 -13.70 0.63 -0.44
CA TYR A 25 -14.42 -0.62 -0.54
C TYR A 25 -13.48 -1.77 -0.91
N LYS A 26 -13.01 -2.46 0.12
CA LYS A 26 -12.10 -3.57 -0.09
C LYS A 26 -12.89 -4.78 -0.59
N GLY A 27 -12.19 -5.67 -1.28
CA GLY A 27 -12.81 -6.86 -1.82
C GLY A 27 -11.91 -8.08 -1.65
N ASN A 28 -11.55 -8.67 -2.78
CA ASN A 28 -10.69 -9.84 -2.77
C ASN A 28 -10.36 -10.24 -4.21
N MET A 29 -11.36 -10.13 -5.07
CA MET A 29 -11.20 -10.47 -6.47
C MET A 29 -10.96 -11.97 -6.65
N ASN A 30 -11.82 -12.58 -7.45
CA ASN A 30 -11.71 -14.01 -7.70
C ASN A 30 -12.09 -14.28 -9.16
N SER A 31 -12.07 -15.57 -9.51
CA SER A 31 -12.41 -15.98 -10.86
C SER A 31 -13.76 -15.39 -11.27
N ALA A 32 -14.81 -16.09 -10.87
CA ALA A 32 -16.16 -15.66 -11.19
C ALA A 32 -16.32 -14.18 -10.79
N ILE A 33 -17.48 -13.64 -11.13
CA ILE A 33 -17.77 -12.25 -10.81
C ILE A 33 -18.38 -12.16 -9.41
N SER A 34 -19.36 -13.02 -9.18
CA SER A 34 -20.03 -13.05 -7.89
C SER A 34 -19.02 -13.31 -6.77
N VAL A 35 -17.87 -13.83 -7.18
CA VAL A 35 -16.82 -14.13 -6.22
C VAL A 35 -15.83 -12.95 -6.18
N THR A 36 -15.91 -12.13 -7.21
CA THR A 36 -15.03 -10.97 -7.30
C THR A 36 -15.50 -9.86 -6.35
N MET A 37 -16.76 -9.50 -6.50
CA MET A 37 -17.34 -8.46 -5.68
C MET A 37 -17.40 -8.90 -4.20
N ARG A 38 -17.69 -10.18 -4.01
CA ARG A 38 -17.78 -10.73 -2.67
C ARG A 38 -18.41 -9.72 -1.72
N SER A 39 -19.42 -9.03 -2.23
CA SER A 39 -20.11 -8.03 -1.43
C SER A 39 -19.12 -6.97 -0.94
N PHE A 40 -18.74 -6.10 -1.85
CA PHE A 40 -17.80 -5.03 -1.53
C PHE A 40 -18.18 -4.35 -0.21
N LYS A 41 -17.35 -4.60 0.80
CA LYS A 41 -17.59 -4.01 2.11
C LYS A 41 -16.78 -2.72 2.25
N ARG A 42 -17.46 -1.69 2.70
CA ARG A 42 -16.83 -0.39 2.88
C ARG A 42 -15.98 -0.39 4.15
N ARG A 43 -14.81 0.23 4.04
CA ARG A 43 -13.89 0.31 5.17
C ARG A 43 -13.08 1.60 5.09
N PHE A 44 -12.43 1.92 6.20
CA PHE A 44 -11.61 3.11 6.28
C PHE A 44 -10.12 2.78 6.11
N PHE A 45 -9.60 3.14 4.95
CA PHE A 45 -8.20 2.88 4.66
C PHE A 45 -7.33 4.08 5.04
N HIS A 46 -6.36 3.81 5.91
CA HIS A 46 -5.47 4.85 6.38
C HIS A 46 -4.02 4.47 6.01
N LEU A 47 -3.31 5.46 5.50
CA LEU A 47 -1.92 5.25 5.11
C LEU A 47 -1.00 5.71 6.24
N ILE A 48 -0.08 4.83 6.61
CA ILE A 48 0.86 5.13 7.67
C ILE A 48 2.26 4.70 7.24
N GLN A 49 3.24 5.50 7.67
CA GLN A 49 4.63 5.21 7.33
C GLN A 49 5.28 4.35 8.41
N LEU A 50 5.97 3.31 7.96
CA LEU A 50 6.63 2.39 8.88
C LEU A 50 7.56 3.18 9.79
N GLY A 51 8.38 2.45 10.53
CA GLY A 51 9.32 3.06 11.45
C GLY A 51 9.64 4.50 11.03
N ASP A 52 10.10 4.64 9.79
CA ASP A 52 10.44 5.94 9.25
C ASP A 52 11.08 5.77 7.87
N GLY A 53 10.28 5.25 6.95
CA GLY A 53 10.74 5.03 5.59
C GLY A 53 9.61 4.51 4.71
N SER A 54 9.54 3.18 4.62
CA SER A 54 8.52 2.55 3.81
C SER A 54 7.13 2.89 4.34
N TYR A 55 6.14 2.67 3.50
CA TYR A 55 4.76 2.95 3.88
C TYR A 55 3.93 1.67 3.95
N ASN A 56 2.71 1.82 4.44
CA ASN A 56 1.81 0.69 4.56
C ASN A 56 0.37 1.19 4.69
N LEU A 57 -0.50 0.64 3.85
CA LEU A 57 -1.90 1.04 3.86
C LEU A 57 -2.67 0.08 4.77
N ASN A 58 -3.26 0.66 5.81
CA ASN A 58 -4.04 -0.12 6.76
C ASN A 58 -5.51 0.28 6.67
N PHE A 59 -6.37 -0.63 7.07
CA PHE A 59 -7.80 -0.39 7.04
C PHE A 59 -8.47 -0.82 8.35
N TYR A 60 -9.24 0.09 8.91
CA TYR A 60 -9.93 -0.19 10.16
C TYR A 60 -11.44 -0.34 9.93
N LYS A 61 -12.09 -0.99 10.88
CA LYS A 61 -13.52 -1.21 10.80
C LYS A 61 -14.23 0.14 10.67
N ASP A 62 -13.57 1.17 11.17
CA ASP A 62 -14.13 2.52 11.12
C ASP A 62 -12.99 3.53 11.08
N GLU A 63 -13.37 4.80 11.14
CA GLU A 63 -12.39 5.88 11.10
C GLU A 63 -11.53 5.85 12.36
N LYS A 64 -12.13 5.35 13.43
CA LYS A 64 -11.43 5.26 14.70
C LYS A 64 -10.27 4.26 14.59
N ILE A 65 -9.08 4.81 14.39
CA ILE A 65 -7.90 3.97 14.25
C ILE A 65 -7.18 3.90 15.60
N SER A 66 -5.85 3.90 15.52
CA SER A 66 -5.04 3.83 16.73
C SER A 66 -4.99 2.39 17.24
N LYS A 67 -6.18 1.82 17.44
CA LYS A 67 -6.28 0.46 17.93
C LYS A 67 -5.74 -0.50 16.87
N GLU A 68 -5.98 -1.78 17.10
CA GLU A 68 -5.52 -2.81 16.18
C GLU A 68 -6.34 -2.77 14.89
N PRO A 69 -5.62 -2.58 13.74
CA PRO A 69 -6.27 -2.52 12.44
C PRO A 69 -6.70 -3.91 11.99
N LYS A 70 -7.57 -3.93 10.99
CA LYS A 70 -8.08 -5.17 10.45
C LYS A 70 -6.98 -5.84 9.61
N GLY A 71 -6.14 -5.01 9.03
CA GLY A 71 -5.05 -5.49 8.20
C GLY A 71 -4.20 -4.34 7.67
N SER A 72 -3.05 -4.70 7.13
CA SER A 72 -2.14 -3.70 6.57
C SER A 72 -1.52 -4.22 5.28
N ILE A 73 -1.61 -3.40 4.25
CA ILE A 73 -1.06 -3.76 2.95
C ILE A 73 0.45 -3.49 2.94
N PHE A 74 1.19 -4.48 2.48
CA PHE A 74 2.64 -4.37 2.42
C PHE A 74 3.08 -3.69 1.11
N LEU A 75 2.94 -2.38 1.10
CA LEU A 75 3.32 -1.60 -0.07
C LEU A 75 4.74 -1.98 -0.50
N ASP A 76 5.49 -2.52 0.46
CA ASP A 76 6.85 -2.94 0.20
C ASP A 76 6.85 -4.06 -0.84
N SER A 77 5.70 -4.71 -0.96
CA SER A 77 5.55 -5.80 -1.91
C SER A 77 4.60 -5.39 -3.04
N CYS A 78 3.72 -4.47 -2.71
CA CYS A 78 2.76 -3.97 -3.69
C CYS A 78 3.51 -3.68 -5.00
N MET A 79 3.08 -4.35 -6.05
CA MET A 79 3.69 -4.17 -7.35
C MET A 79 3.19 -2.90 -8.04
N GLY A 80 1.87 -2.71 -7.96
CA GLY A 80 1.25 -1.54 -8.55
C GLY A 80 -0.28 -1.65 -8.48
N VAL A 81 -0.93 -0.54 -8.82
CA VAL A 81 -2.38 -0.48 -8.79
C VAL A 81 -2.91 -0.61 -10.23
N VAL A 82 -3.82 -1.56 -10.40
CA VAL A 82 -4.41 -1.79 -11.71
C VAL A 82 -5.78 -1.12 -11.76
N GLN A 83 -6.38 -1.17 -12.94
CA GLN A 83 -7.69 -0.58 -13.14
C GLN A 83 -8.71 -1.65 -13.53
N ASN A 84 -9.76 -1.74 -12.72
CA ASN A 84 -10.81 -2.72 -12.97
C ASN A 84 -12.09 -2.00 -13.38
N ASN A 85 -12.57 -1.16 -12.47
CA ASN A 85 -13.79 -0.41 -12.71
C ASN A 85 -14.83 -1.32 -13.36
N LYS A 86 -14.73 -2.61 -13.02
CA LYS A 86 -15.66 -3.58 -13.55
C LYS A 86 -16.74 -3.89 -12.50
N VAL A 87 -16.27 -4.19 -11.30
CA VAL A 87 -17.18 -4.49 -10.21
C VAL A 87 -18.06 -3.27 -9.92
N ARG A 88 -17.52 -2.40 -9.08
CA ARG A 88 -18.24 -1.18 -8.72
C ARG A 88 -17.60 0.04 -9.36
N ARG A 89 -18.43 1.00 -9.72
CA ARG A 89 -17.95 2.22 -10.34
C ARG A 89 -16.68 2.72 -9.64
N PHE A 90 -15.60 2.75 -10.40
CA PHE A 90 -14.33 3.21 -9.86
C PHE A 90 -13.76 2.19 -8.85
N ALA A 91 -13.21 1.12 -9.39
CA ALA A 91 -12.63 0.08 -8.56
C ALA A 91 -11.26 -0.31 -9.12
N PHE A 92 -10.28 -0.33 -8.23
CA PHE A 92 -8.92 -0.68 -8.62
C PHE A 92 -8.40 -1.84 -7.77
N GLU A 93 -7.57 -2.66 -8.39
CA GLU A 93 -6.98 -3.80 -7.70
C GLU A 93 -5.53 -3.52 -7.33
N LEU A 94 -5.14 -4.01 -6.17
CA LEU A 94 -3.78 -3.82 -5.67
C LEU A 94 -2.97 -5.09 -5.93
N LYS A 95 -2.04 -4.99 -6.87
CA LYS A 95 -1.19 -6.11 -7.21
C LYS A 95 -0.05 -6.21 -6.20
N MET A 96 0.00 -7.34 -5.52
CA MET A 96 1.04 -7.58 -4.52
C MET A 96 2.06 -8.59 -5.03
N GLN A 97 3.14 -8.73 -4.27
CA GLN A 97 4.20 -9.65 -4.62
C GLN A 97 4.12 -10.91 -3.75
N ASP A 98 3.31 -10.82 -2.71
CA ASP A 98 3.12 -11.93 -1.80
C ASP A 98 1.94 -12.78 -2.27
N LYS A 99 1.79 -12.86 -3.59
CA LYS A 99 0.71 -13.62 -4.18
C LYS A 99 -0.61 -13.23 -3.53
N SER A 100 -1.19 -12.16 -4.06
CA SER A 100 -2.46 -11.67 -3.54
C SER A 100 -2.70 -10.23 -4.02
N SER A 101 -3.96 -9.84 -3.99
CA SER A 101 -4.34 -8.50 -4.41
C SER A 101 -5.69 -8.12 -3.80
N TYR A 102 -5.79 -6.86 -3.39
CA TYR A 102 -7.01 -6.36 -2.80
C TYR A 102 -7.86 -5.62 -3.84
N LEU A 103 -9.16 -5.62 -3.59
CA LEU A 103 -10.09 -4.96 -4.49
C LEU A 103 -10.60 -3.67 -3.83
N LEU A 104 -9.99 -2.56 -4.23
CA LEU A 104 -10.37 -1.27 -3.69
C LEU A 104 -11.35 -0.58 -4.64
N ALA A 105 -12.15 0.32 -4.08
CA ALA A 105 -13.12 1.04 -4.87
C ALA A 105 -13.60 2.27 -4.09
N ALA A 106 -13.58 3.41 -4.77
CA ALA A 106 -14.00 4.66 -4.14
C ALA A 106 -15.42 5.00 -4.62
N ASP A 107 -15.95 6.08 -4.06
CA ASP A 107 -17.28 6.53 -4.43
C ASP A 107 -17.21 7.41 -5.66
N SER A 108 -16.10 8.13 -5.78
CA SER A 108 -15.89 9.01 -6.91
C SER A 108 -14.56 8.69 -7.59
N GLU A 109 -14.48 9.06 -8.86
CA GLU A 109 -13.27 8.80 -9.64
C GLU A 109 -12.04 9.32 -8.88
N VAL A 110 -12.16 10.54 -8.39
CA VAL A 110 -11.07 11.16 -7.65
C VAL A 110 -10.62 10.21 -6.53
N GLU A 111 -11.54 10.00 -5.59
CA GLU A 111 -11.27 9.13 -4.46
C GLU A 111 -10.67 7.79 -4.95
N MET A 112 -10.99 7.47 -6.20
CA MET A 112 -10.51 6.23 -6.79
C MET A 112 -9.13 6.43 -7.41
N GLU A 113 -8.90 7.63 -7.92
CA GLU A 113 -7.63 7.97 -8.55
C GLU A 113 -6.60 8.35 -7.48
N GLU A 114 -7.09 9.07 -6.47
CA GLU A 114 -6.23 9.52 -5.39
C GLU A 114 -5.36 8.36 -4.89
N TRP A 115 -6.04 7.31 -4.43
CA TRP A 115 -5.35 6.14 -3.91
C TRP A 115 -4.46 5.59 -5.03
N ILE A 116 -5.08 5.37 -6.18
CA ILE A 116 -4.36 4.85 -7.33
C ILE A 116 -3.03 5.59 -7.47
N THR A 117 -3.02 6.82 -6.99
CA THR A 117 -1.82 7.63 -7.05
C THR A 117 -0.97 7.43 -5.79
N ILE A 118 -1.62 7.57 -4.64
CA ILE A 118 -0.94 7.41 -3.37
C ILE A 118 -0.26 6.03 -3.33
N LEU A 119 -1.05 5.01 -3.61
CA LEU A 119 -0.54 3.65 -3.61
C LEU A 119 0.62 3.55 -4.59
N ASN A 120 0.35 3.90 -5.84
CA ASN A 120 1.35 3.85 -6.88
C ASN A 120 2.60 4.59 -6.40
N LYS A 121 2.38 5.78 -5.87
CA LYS A 121 3.48 6.59 -5.36
C LYS A 121 4.40 5.72 -4.50
N ILE A 122 3.88 5.34 -3.35
CA ILE A 122 4.65 4.51 -2.43
C ILE A 122 5.23 3.31 -3.18
N LEU A 123 4.42 2.79 -4.10
CA LEU A 123 4.83 1.64 -4.89
C LEU A 123 6.02 2.03 -5.76
N GLN A 124 6.05 3.30 -6.13
CA GLN A 124 7.14 3.82 -6.95
C GLN A 124 8.28 4.33 -6.08
N LEU A 125 7.92 4.78 -4.89
CA LEU A 125 8.90 5.29 -3.95
C LEU A 125 9.59 4.12 -3.26
N ASN A 126 8.86 3.02 -3.16
CA ASN A 126 9.39 1.82 -2.51
C ASN A 126 10.54 1.26 -3.36
N PHE A 127 10.44 1.49 -4.66
CA PHE A 127 11.47 1.02 -5.58
C PHE A 127 12.77 1.80 -5.39
N GLU A 128 12.62 3.09 -5.15
CA GLU A 128 13.77 3.96 -4.95
C GLU A 128 14.30 3.82 -3.52
N ALA A 129 13.39 3.44 -2.63
CA ALA A 129 13.75 3.27 -1.23
C ALA A 129 14.64 2.03 -1.08
N ALA A 130 14.34 1.02 -1.90
CA ALA A 130 15.10 -0.21 -1.87
C ALA A 130 16.56 0.08 -2.21
N MET A 131 16.74 0.83 -3.27
CA MET A 131 18.09 1.19 -3.71
C MET A 131 18.74 2.17 -2.73
N GLN A 132 17.89 2.83 -1.95
CA GLN A 132 18.38 3.78 -0.97
C GLN A 132 18.87 3.07 0.28
N GLU A 133 18.16 2.01 0.64
CA GLU A 133 18.52 1.23 1.81
C GLU A 133 19.68 0.29 1.49
N LYS A 134 19.74 -0.13 0.23
CA LYS A 134 20.79 -1.03 -0.22
C LYS A 134 22.15 -0.48 0.21
N ARG A 135 22.35 0.80 -0.09
CA ARG A 135 23.59 1.46 0.24
C ARG A 135 23.42 2.32 1.50
N ASN A 136 22.88 1.69 2.54
CA ASN A 136 22.66 2.38 3.80
C ASN A 136 22.59 1.35 4.93
N GLY A 137 21.65 0.42 4.79
CA GLY A 137 21.48 -0.62 5.78
C GLY A 137 20.59 -1.75 5.25
N ASP A 138 20.99 -2.28 4.11
CA ASP A 138 20.25 -3.36 3.47
C ASP A 138 21.01 -3.84 2.25
N SER A 139 20.52 -4.93 1.68
CA SER A 139 21.15 -5.52 0.50
C SER A 139 20.10 -6.25 -0.34
N HIS A 140 19.93 -5.79 -1.57
CA HIS A 140 18.96 -6.40 -2.47
C HIS A 140 19.10 -5.77 -3.86
N GLU A 141 19.47 -6.61 -4.82
CA GLU A 141 19.65 -6.15 -6.18
C GLU A 141 19.87 -7.34 -7.12
N ASP A 142 19.50 -7.15 -8.38
CA ASP A 142 19.67 -8.19 -9.37
C ASP A 142 18.98 -7.76 -10.67
N ASP A 143 17.77 -7.25 -10.51
CA ASP A 143 16.99 -6.80 -11.66
C ASP A 143 16.84 -7.95 -12.65
N GLU A 144 16.04 -7.71 -13.68
CA GLU A 144 15.80 -8.71 -14.70
C GLU A 144 16.71 -8.47 -15.91
N SER A 145 16.15 -7.84 -16.92
CA SER A 145 16.89 -7.55 -18.13
C SER A 145 15.92 -7.24 -19.28
N GLY A 146 15.24 -8.28 -19.73
CA GLY A 146 14.28 -8.13 -20.82
C GLY A 146 14.92 -8.47 -22.16
N PRO A 147 15.01 -9.80 -22.43
CA PRO A 147 15.59 -10.28 -23.67
C PRO A 147 14.64 -10.08 -24.85
N SER A 148 15.01 -10.65 -25.99
CA SER A 148 14.20 -10.54 -27.18
C SER A 148 14.01 -9.06 -27.54
N SER A 149 13.58 -8.83 -28.77
CA SER A 149 13.35 -7.48 -29.25
C SER A 149 13.12 -7.49 -30.76
N GLY A 150 11.90 -7.85 -31.14
CA GLY A 150 11.55 -7.90 -32.55
C GLY A 150 10.51 -6.83 -32.90
N GLY A 1 32.39 -18.71 -3.07
CA GLY A 1 32.07 -17.39 -3.59
C GLY A 1 31.22 -17.48 -4.85
N SER A 2 30.18 -16.67 -4.88
CA SER A 2 29.28 -16.65 -6.02
C SER A 2 28.27 -15.49 -5.87
N SER A 3 27.71 -15.10 -7.00
CA SER A 3 26.74 -14.01 -7.01
C SER A 3 27.46 -12.66 -6.87
N GLY A 4 26.86 -11.65 -7.48
CA GLY A 4 27.43 -10.31 -7.43
C GLY A 4 26.84 -9.43 -8.52
N SER A 5 26.94 -8.12 -8.30
CA SER A 5 26.42 -7.15 -9.26
C SER A 5 26.75 -5.73 -8.80
N SER A 6 26.40 -4.78 -9.65
CA SER A 6 26.66 -3.38 -9.34
C SER A 6 26.00 -2.49 -10.40
N GLY A 7 25.96 -1.20 -10.10
CA GLY A 7 25.37 -0.24 -11.01
C GLY A 7 25.29 1.15 -10.36
N ALA A 8 24.65 2.07 -11.09
CA ALA A 8 24.51 3.43 -10.59
C ALA A 8 23.52 4.18 -11.49
N ALA A 9 22.97 5.25 -10.94
CA ALA A 9 22.02 6.07 -11.67
C ALA A 9 22.05 7.49 -11.14
N SER A 10 21.43 8.39 -11.89
CA SER A 10 21.39 9.79 -11.50
C SER A 10 20.18 10.04 -10.59
N LEU A 11 20.07 9.22 -9.56
CA LEU A 11 18.98 9.34 -8.61
C LEU A 11 19.50 9.96 -7.31
N GLY A 12 18.58 10.51 -6.54
CA GLY A 12 18.93 11.14 -5.28
C GLY A 12 17.68 11.52 -4.49
N SER A 13 17.41 12.82 -4.43
CA SER A 13 16.26 13.32 -3.71
C SER A 13 16.53 13.30 -2.21
N GLN A 14 15.48 13.55 -1.44
CA GLN A 14 15.59 13.56 0.01
C GLN A 14 14.22 13.83 0.64
N LYS A 15 14.06 13.32 1.85
CA LYS A 15 12.81 13.49 2.58
C LYS A 15 11.64 13.20 1.64
N GLY A 16 10.44 13.53 2.11
CA GLY A 16 9.24 13.31 1.34
C GLY A 16 8.32 12.28 2.02
N GLY A 17 7.16 12.75 2.42
CA GLY A 17 6.19 11.89 3.08
C GLY A 17 4.78 12.11 2.50
N ILE A 18 4.07 11.01 2.38
CA ILE A 18 2.71 11.05 1.84
C ILE A 18 1.73 10.57 2.92
N THR A 19 0.46 10.56 2.55
CA THR A 19 -0.59 10.13 3.45
C THR A 19 -1.97 10.46 2.88
N LYS A 20 -2.98 9.95 3.56
CA LYS A 20 -4.36 10.19 3.13
C LYS A 20 -5.29 9.23 3.87
N HIS A 21 -6.56 9.61 3.92
CA HIS A 21 -7.56 8.80 4.60
C HIS A 21 -8.86 8.82 3.81
N GLY A 22 -9.78 7.95 4.20
CA GLY A 22 -11.07 7.87 3.53
C GLY A 22 -11.59 6.43 3.52
N TRP A 23 -12.87 6.29 3.25
CA TRP A 23 -13.50 4.99 3.20
C TRP A 23 -13.28 4.41 1.80
N LEU A 24 -12.87 3.15 1.78
CA LEU A 24 -12.61 2.46 0.52
C LEU A 24 -13.20 1.05 0.58
N TYR A 25 -13.36 0.46 -0.59
CA TYR A 25 -13.91 -0.88 -0.68
C TYR A 25 -12.86 -1.87 -1.18
N LYS A 26 -12.60 -2.87 -0.35
CA LYS A 26 -11.62 -3.89 -0.69
C LYS A 26 -12.33 -5.24 -0.87
N GLY A 27 -12.01 -5.90 -1.97
CA GLY A 27 -12.60 -7.19 -2.27
C GLY A 27 -11.66 -8.05 -3.10
N ASN A 28 -12.24 -8.88 -3.95
CA ASN A 28 -11.46 -9.76 -4.80
C ASN A 28 -12.12 -9.82 -6.18
N MET A 29 -11.27 -9.96 -7.19
CA MET A 29 -11.75 -10.04 -8.56
C MET A 29 -12.15 -11.47 -8.93
N ASN A 30 -13.15 -11.56 -9.79
CA ASN A 30 -13.64 -12.85 -10.23
C ASN A 30 -14.63 -12.66 -11.38
N SER A 31 -14.75 -13.71 -12.18
CA SER A 31 -15.66 -13.66 -13.32
C SER A 31 -17.04 -13.15 -12.88
N ALA A 32 -17.63 -13.88 -11.96
CA ALA A 32 -18.94 -13.51 -11.44
C ALA A 32 -18.79 -12.34 -10.47
N ILE A 33 -19.80 -11.49 -10.46
CA ILE A 33 -19.80 -10.33 -9.58
C ILE A 33 -20.07 -10.77 -8.15
N SER A 34 -21.13 -11.53 -7.98
CA SER A 34 -21.50 -12.03 -6.67
C SER A 34 -20.32 -12.78 -6.04
N VAL A 35 -19.42 -13.22 -6.91
CA VAL A 35 -18.24 -13.95 -6.45
C VAL A 35 -17.08 -12.97 -6.27
N THR A 36 -17.24 -11.79 -6.86
CA THR A 36 -16.22 -10.77 -6.76
C THR A 36 -16.39 -9.96 -5.47
N MET A 37 -17.63 -9.60 -5.20
CA MET A 37 -17.94 -8.82 -4.01
C MET A 37 -17.97 -9.72 -2.76
N ARG A 38 -17.64 -10.98 -2.98
CA ARG A 38 -17.62 -11.94 -1.89
C ARG A 38 -17.28 -11.25 -0.57
N SER A 39 -16.31 -10.34 -0.65
CA SER A 39 -15.89 -9.60 0.53
C SER A 39 -15.66 -8.13 0.16
N PHE A 40 -16.69 -7.53 -0.40
CA PHE A 40 -16.62 -6.13 -0.79
C PHE A 40 -17.23 -5.22 0.28
N LYS A 41 -16.45 -4.98 1.32
CA LYS A 41 -16.90 -4.14 2.41
C LYS A 41 -16.08 -2.85 2.42
N ARG A 42 -16.78 -1.74 2.66
CA ARG A 42 -16.14 -0.44 2.71
C ARG A 42 -15.42 -0.24 4.05
N ARG A 43 -14.10 -0.14 3.96
CA ARG A 43 -13.28 0.05 5.15
C ARG A 43 -12.59 1.41 5.11
N PHE A 44 -12.06 1.80 6.26
CA PHE A 44 -11.38 3.08 6.37
C PHE A 44 -9.89 2.93 6.02
N PHE A 45 -9.57 3.20 4.77
CA PHE A 45 -8.20 3.11 4.31
C PHE A 45 -7.36 4.27 4.83
N HIS A 46 -6.60 3.98 5.89
CA HIS A 46 -5.75 4.99 6.49
C HIS A 46 -4.28 4.63 6.25
N LEU A 47 -3.63 5.48 5.46
CA LEU A 47 -2.23 5.27 5.14
C LEU A 47 -1.36 5.77 6.30
N ILE A 48 -0.40 4.93 6.69
CA ILE A 48 0.49 5.28 7.78
C ILE A 48 1.91 4.87 7.40
N GLN A 49 2.86 5.64 7.91
CA GLN A 49 4.27 5.38 7.63
C GLN A 49 4.83 4.42 8.67
N LEU A 50 5.56 3.42 8.18
CA LEU A 50 6.16 2.43 9.05
C LEU A 50 7.02 3.13 10.10
N GLY A 51 7.77 2.33 10.84
CA GLY A 51 8.64 2.86 11.88
C GLY A 51 9.10 4.28 11.54
N ASP A 52 9.60 4.42 10.32
CA ASP A 52 10.09 5.71 9.85
C ASP A 52 10.76 5.55 8.49
N GLY A 53 9.93 5.33 7.48
CA GLY A 53 10.43 5.15 6.13
C GLY A 53 9.35 4.56 5.22
N SER A 54 9.27 3.23 5.23
CA SER A 54 8.30 2.53 4.42
C SER A 54 6.88 2.91 4.85
N TYR A 55 5.93 2.64 3.97
CA TYR A 55 4.54 2.96 4.24
C TYR A 55 3.69 1.69 4.26
N ASN A 56 2.44 1.86 4.68
CA ASN A 56 1.51 0.75 4.73
C ASN A 56 0.08 1.27 4.89
N LEU A 57 -0.78 0.86 3.98
CA LEU A 57 -2.17 1.29 4.01
C LEU A 57 -2.99 0.28 4.82
N ASN A 58 -3.28 0.66 6.05
CA ASN A 58 -4.06 -0.19 6.94
C ASN A 58 -5.51 0.29 6.96
N PHE A 59 -6.42 -0.67 6.87
CA PHE A 59 -7.84 -0.36 6.87
C PHE A 59 -8.48 -0.73 8.22
N TYR A 60 -9.18 0.23 8.80
CA TYR A 60 -9.84 0.02 10.07
C TYR A 60 -11.35 -0.14 9.88
N LYS A 61 -11.92 -1.07 10.64
CA LYS A 61 -13.35 -1.32 10.56
C LYS A 61 -14.09 0.01 10.60
N ASP A 62 -13.50 0.97 11.30
CA ASP A 62 -14.10 2.29 11.41
C ASP A 62 -12.99 3.35 11.38
N GLU A 63 -13.43 4.60 11.32
CA GLU A 63 -12.49 5.71 11.28
C GLU A 63 -11.52 5.62 12.45
N LYS A 64 -12.08 5.68 13.65
CA LYS A 64 -11.27 5.61 14.87
C LYS A 64 -10.15 4.59 14.66
N ILE A 65 -8.96 5.11 14.42
CA ILE A 65 -7.80 4.26 14.21
C ILE A 65 -7.04 4.11 15.53
N SER A 66 -5.72 4.06 15.41
CA SER A 66 -4.87 3.92 16.58
C SER A 66 -4.85 2.45 17.04
N LYS A 67 -6.05 1.92 17.26
CA LYS A 67 -6.18 0.54 17.70
C LYS A 67 -5.58 -0.39 16.64
N GLU A 68 -5.77 -1.68 16.85
CA GLU A 68 -5.26 -2.68 15.93
C GLU A 68 -6.08 -2.67 14.64
N PRO A 69 -5.35 -2.57 13.49
CA PRO A 69 -6.00 -2.56 12.19
C PRO A 69 -6.48 -3.96 11.80
N LYS A 70 -7.35 -4.00 10.81
CA LYS A 70 -7.89 -5.27 10.34
C LYS A 70 -6.89 -5.91 9.38
N GLY A 71 -6.00 -5.08 8.85
CA GLY A 71 -4.99 -5.55 7.92
C GLY A 71 -4.17 -4.39 7.37
N SER A 72 -3.00 -4.73 6.85
CA SER A 72 -2.11 -3.74 6.28
C SER A 72 -1.60 -4.20 4.92
N ILE A 73 -1.49 -3.25 4.00
CA ILE A 73 -1.01 -3.56 2.66
C ILE A 73 0.48 -3.23 2.57
N PHE A 74 1.27 -4.27 2.38
CA PHE A 74 2.72 -4.12 2.28
C PHE A 74 3.10 -3.48 0.94
N LEU A 75 2.86 -2.18 0.85
CA LEU A 75 3.18 -1.44 -0.36
C LEU A 75 4.59 -1.79 -0.80
N ASP A 76 5.41 -2.17 0.17
CA ASP A 76 6.79 -2.52 -0.10
C ASP A 76 6.83 -3.70 -1.08
N SER A 77 5.85 -4.58 -0.95
CA SER A 77 5.75 -5.74 -1.81
C SER A 77 4.87 -5.42 -3.03
N CYS A 78 3.86 -4.61 -2.79
CA CYS A 78 2.93 -4.22 -3.84
C CYS A 78 3.76 -3.95 -5.11
N MET A 79 3.29 -4.50 -6.22
CA MET A 79 3.96 -4.32 -7.49
C MET A 79 3.48 -3.05 -8.19
N GLY A 80 2.18 -2.84 -8.13
CA GLY A 80 1.58 -1.67 -8.75
C GLY A 80 0.05 -1.74 -8.70
N VAL A 81 -0.58 -0.62 -9.02
CA VAL A 81 -2.03 -0.54 -9.01
C VAL A 81 -2.54 -0.62 -10.46
N VAL A 82 -3.49 -1.53 -10.66
CA VAL A 82 -4.07 -1.72 -11.98
C VAL A 82 -5.48 -1.14 -11.99
N GLN A 83 -6.01 -0.97 -13.20
CA GLN A 83 -7.35 -0.42 -13.36
C GLN A 83 -8.35 -1.55 -13.62
N ASN A 84 -9.54 -1.38 -13.07
CA ASN A 84 -10.59 -2.38 -13.23
C ASN A 84 -11.94 -1.68 -13.29
N ASN A 85 -12.73 -2.05 -14.28
CA ASN A 85 -14.05 -1.46 -14.45
C ASN A 85 -15.09 -2.58 -14.60
N LYS A 86 -14.75 -3.74 -14.02
CA LYS A 86 -15.64 -4.89 -14.09
C LYS A 86 -16.62 -4.83 -12.91
N VAL A 87 -16.10 -5.12 -11.74
CA VAL A 87 -16.91 -5.10 -10.53
C VAL A 87 -17.87 -3.92 -10.58
N ARG A 88 -17.33 -2.76 -10.23
CA ARG A 88 -18.12 -1.53 -10.23
C ARG A 88 -17.32 -0.38 -10.86
N ARG A 89 -17.96 0.77 -10.92
CA ARG A 89 -17.32 1.95 -11.49
C ARG A 89 -16.16 2.40 -10.61
N PHE A 90 -15.07 2.77 -11.26
CA PHE A 90 -13.88 3.22 -10.55
C PHE A 90 -13.37 2.15 -9.59
N ALA A 91 -12.63 1.20 -10.15
CA ALA A 91 -12.08 0.12 -9.36
C ALA A 91 -10.66 -0.20 -9.85
N PHE A 92 -9.79 -0.46 -8.88
CA PHE A 92 -8.41 -0.78 -9.20
C PHE A 92 -7.88 -1.91 -8.31
N GLU A 93 -7.08 -2.77 -8.91
CA GLU A 93 -6.50 -3.88 -8.19
C GLU A 93 -5.04 -3.61 -7.84
N LEU A 94 -4.63 -4.13 -6.70
CA LEU A 94 -3.27 -3.95 -6.23
C LEU A 94 -2.46 -5.23 -6.46
N LYS A 95 -1.65 -5.22 -7.51
CA LYS A 95 -0.83 -6.36 -7.85
C LYS A 95 0.26 -6.53 -6.80
N MET A 96 0.02 -7.44 -5.87
CA MET A 96 0.98 -7.69 -4.81
C MET A 96 2.02 -8.74 -5.25
N GLN A 97 3.10 -8.82 -4.47
CA GLN A 97 4.16 -9.77 -4.78
C GLN A 97 4.02 -11.00 -3.88
N ASP A 98 3.19 -10.87 -2.85
CA ASP A 98 2.97 -11.96 -1.92
C ASP A 98 1.86 -12.88 -2.45
N LYS A 99 1.96 -13.18 -3.74
CA LYS A 99 0.98 -14.03 -4.38
C LYS A 99 -0.42 -13.62 -3.93
N SER A 100 -0.90 -12.53 -4.51
CA SER A 100 -2.22 -12.01 -4.18
C SER A 100 -2.41 -10.62 -4.79
N SER A 101 -3.62 -10.11 -4.64
CA SER A 101 -3.95 -8.80 -5.18
C SER A 101 -5.25 -8.28 -4.55
N TYR A 102 -5.21 -7.02 -4.14
CA TYR A 102 -6.37 -6.40 -3.53
C TYR A 102 -7.17 -5.60 -4.56
N LEU A 103 -8.47 -5.86 -4.59
CA LEU A 103 -9.34 -5.17 -5.52
C LEU A 103 -10.00 -3.99 -4.81
N LEU A 104 -9.47 -2.81 -5.08
CA LEU A 104 -9.99 -1.60 -4.47
C LEU A 104 -11.04 -0.98 -5.39
N ALA A 105 -11.91 -0.19 -4.79
CA ALA A 105 -12.97 0.46 -5.53
C ALA A 105 -13.55 1.61 -4.71
N ALA A 106 -13.50 2.81 -5.30
CA ALA A 106 -14.01 3.99 -4.64
C ALA A 106 -15.39 4.32 -5.18
N ASP A 107 -15.97 5.39 -4.64
CA ASP A 107 -17.29 5.82 -5.06
C ASP A 107 -17.15 6.78 -6.25
N SER A 108 -16.12 7.61 -6.19
CA SER A 108 -15.87 8.57 -7.24
C SER A 108 -14.49 8.31 -7.86
N GLU A 109 -14.35 8.72 -9.12
CA GLU A 109 -13.10 8.54 -9.83
C GLU A 109 -11.93 9.03 -8.98
N VAL A 110 -12.11 10.21 -8.40
CA VAL A 110 -11.08 10.80 -7.57
C VAL A 110 -10.67 9.80 -6.48
N GLU A 111 -11.62 9.52 -5.60
CA GLU A 111 -11.36 8.58 -4.52
C GLU A 111 -10.72 7.31 -5.05
N MET A 112 -10.93 7.06 -6.34
CA MET A 112 -10.38 5.89 -6.99
C MET A 112 -8.98 6.19 -7.55
N GLU A 113 -8.80 7.42 -7.97
CA GLU A 113 -7.53 7.85 -8.53
C GLU A 113 -6.55 8.18 -7.42
N GLU A 114 -7.04 8.89 -6.42
CA GLU A 114 -6.22 9.28 -5.28
C GLU A 114 -5.38 8.09 -4.81
N TRP A 115 -6.08 7.07 -4.32
CA TRP A 115 -5.42 5.88 -3.83
C TRP A 115 -4.46 5.40 -4.91
N ILE A 116 -5.02 5.17 -6.10
CA ILE A 116 -4.22 4.70 -7.22
C ILE A 116 -2.91 5.50 -7.28
N THR A 117 -2.98 6.72 -6.78
CA THR A 117 -1.82 7.59 -6.76
C THR A 117 -1.02 7.40 -5.47
N ILE A 118 -1.74 7.34 -4.37
CA ILE A 118 -1.12 7.16 -3.07
C ILE A 118 -0.33 5.85 -3.07
N LEU A 119 -1.05 4.75 -3.25
CA LEU A 119 -0.42 3.44 -3.27
C LEU A 119 0.74 3.46 -4.26
N ASN A 120 0.44 3.89 -5.48
CA ASN A 120 1.45 3.94 -6.51
C ASN A 120 2.68 4.71 -5.99
N LYS A 121 2.41 5.88 -5.44
CA LYS A 121 3.47 6.71 -4.89
C LYS A 121 4.41 5.85 -4.05
N ILE A 122 3.85 5.33 -2.96
CA ILE A 122 4.62 4.48 -2.06
C ILE A 122 5.23 3.32 -2.86
N LEU A 123 4.46 2.83 -3.82
CA LEU A 123 4.91 1.73 -4.65
C LEU A 123 6.20 2.14 -5.39
N GLN A 124 6.07 3.19 -6.18
CA GLN A 124 7.21 3.69 -6.94
C GLN A 124 8.31 4.16 -5.99
N LEU A 125 7.89 4.88 -4.96
CA LEU A 125 8.83 5.39 -3.98
C LEU A 125 9.53 4.22 -3.29
N ASN A 126 8.79 3.14 -3.12
CA ASN A 126 9.32 1.95 -2.48
C ASN A 126 10.51 1.42 -3.29
N PHE A 127 10.41 1.61 -4.61
CA PHE A 127 11.46 1.16 -5.51
C PHE A 127 12.73 2.00 -5.32
N GLU A 128 12.53 3.29 -5.13
CA GLU A 128 13.64 4.20 -4.94
C GLU A 128 14.15 4.12 -3.50
N ALA A 129 13.27 3.71 -2.61
CA ALA A 129 13.62 3.58 -1.20
C ALA A 129 14.60 2.42 -1.03
N ALA A 130 14.36 1.37 -1.81
CA ALA A 130 15.21 0.19 -1.74
C ALA A 130 16.66 0.58 -2.06
N MET A 131 16.85 1.13 -3.25
CA MET A 131 18.16 1.55 -3.68
C MET A 131 18.78 2.53 -2.67
N GLN A 132 17.92 3.38 -2.13
CA GLN A 132 18.37 4.37 -1.16
C GLN A 132 18.75 3.68 0.16
N GLU A 133 18.05 2.61 0.45
CA GLU A 133 18.31 1.85 1.67
C GLU A 133 19.54 0.97 1.49
N LYS A 134 19.51 0.17 0.44
CA LYS A 134 20.63 -0.72 0.15
C LYS A 134 20.69 -1.82 1.21
N ARG A 135 20.86 -1.39 2.46
CA ARG A 135 20.95 -2.31 3.57
C ARG A 135 19.59 -2.41 4.27
N ASN A 136 18.57 -2.77 3.50
CA ASN A 136 17.23 -2.90 4.03
C ASN A 136 16.36 -3.64 3.01
N GLY A 137 16.48 -3.24 1.76
CA GLY A 137 15.71 -3.86 0.69
C GLY A 137 16.63 -4.48 -0.36
N ASP A 138 16.40 -4.10 -1.60
CA ASP A 138 17.20 -4.60 -2.70
C ASP A 138 18.68 -4.63 -2.30
N SER A 139 19.45 -5.41 -3.04
CA SER A 139 20.87 -5.53 -2.76
C SER A 139 21.69 -5.07 -3.97
N HIS A 140 21.95 -3.77 -4.01
CA HIS A 140 22.71 -3.20 -5.11
C HIS A 140 23.86 -2.36 -4.54
N GLU A 141 24.56 -1.69 -5.45
CA GLU A 141 25.68 -0.85 -5.06
C GLU A 141 25.40 0.61 -5.39
N ASP A 142 24.61 1.24 -4.53
CA ASP A 142 24.25 2.64 -4.71
C ASP A 142 23.78 3.22 -3.39
N ASP A 143 24.45 4.29 -2.98
CA ASP A 143 24.11 4.95 -1.73
C ASP A 143 25.06 6.14 -1.52
N GLU A 144 24.55 7.15 -0.82
CA GLU A 144 25.34 8.33 -0.54
C GLU A 144 24.64 9.21 0.50
N SER A 145 25.10 9.10 1.73
CA SER A 145 24.52 9.87 2.82
C SER A 145 23.21 9.23 3.27
N GLY A 146 22.41 10.04 3.96
CA GLY A 146 21.13 9.57 4.45
C GLY A 146 21.25 8.17 5.05
N PRO A 147 20.17 7.36 4.87
CA PRO A 147 20.14 6.00 5.38
C PRO A 147 21.03 5.08 4.55
N SER A 148 22.01 4.49 5.21
CA SER A 148 22.93 3.58 4.55
C SER A 148 23.75 2.82 5.58
N SER A 149 23.87 1.52 5.36
CA SER A 149 24.62 0.67 6.25
C SER A 149 24.05 0.75 7.67
N GLY A 150 22.99 -0.01 7.89
CA GLY A 150 22.34 -0.03 9.19
C GLY A 150 21.93 -1.46 9.57
N GLY A 1 13.39 48.83 15.13
CA GLY A 1 12.83 47.56 14.73
C GLY A 1 13.78 46.40 15.07
N SER A 2 14.13 45.64 14.04
CA SER A 2 15.02 44.52 14.22
C SER A 2 14.32 43.41 15.02
N SER A 3 14.36 42.21 14.48
CA SER A 3 13.75 41.06 15.13
C SER A 3 13.77 39.85 14.19
N GLY A 4 13.67 38.68 14.81
CA GLY A 4 13.68 37.44 14.04
C GLY A 4 15.00 36.70 14.23
N SER A 5 14.91 35.56 14.90
CA SER A 5 16.09 34.74 15.16
C SER A 5 15.68 33.43 15.82
N SER A 6 15.30 32.47 14.99
CA SER A 6 14.89 31.17 15.49
C SER A 6 14.54 30.24 14.31
N GLY A 7 15.43 29.29 14.08
CA GLY A 7 15.22 28.34 13.00
C GLY A 7 16.02 27.05 13.25
N ALA A 8 15.47 26.23 14.13
CA ALA A 8 16.12 24.97 14.47
C ALA A 8 15.20 24.16 15.40
N ALA A 9 14.63 23.10 14.86
CA ALA A 9 13.74 22.25 15.64
C ALA A 9 13.23 21.11 14.74
N SER A 10 12.59 20.15 15.39
CA SER A 10 12.06 19.01 14.68
C SER A 10 13.20 18.14 14.13
N LEU A 11 13.14 16.85 14.43
CA LEU A 11 14.15 15.93 13.97
C LEU A 11 13.50 14.58 13.65
N GLY A 12 14.17 13.83 12.78
CA GLY A 12 13.66 12.52 12.39
C GLY A 12 14.26 12.09 11.05
N SER A 13 13.73 10.98 10.54
CA SER A 13 14.20 10.45 9.26
C SER A 13 13.04 10.34 8.29
N GLN A 14 12.79 11.42 7.56
CA GLN A 14 11.71 11.45 6.59
C GLN A 14 11.76 12.74 5.79
N LYS A 15 11.39 12.63 4.52
CA LYS A 15 11.38 13.78 3.63
C LYS A 15 9.95 14.05 3.16
N GLY A 16 9.22 14.81 3.96
CA GLY A 16 7.85 15.15 3.63
C GLY A 16 6.92 13.95 3.86
N GLY A 17 7.07 12.95 3.01
CA GLY A 17 6.26 11.75 3.11
C GLY A 17 4.86 11.99 2.55
N ILE A 18 4.17 10.89 2.25
CA ILE A 18 2.84 10.97 1.70
C ILE A 18 1.84 10.43 2.74
N THR A 19 0.61 10.24 2.28
CA THR A 19 -0.43 9.74 3.15
C THR A 19 -1.80 9.89 2.49
N LYS A 20 -2.81 9.30 3.13
CA LYS A 20 -4.17 9.36 2.60
C LYS A 20 -5.10 8.61 3.54
N HIS A 21 -6.32 9.13 3.66
CA HIS A 21 -7.32 8.52 4.51
C HIS A 21 -8.71 8.84 3.99
N GLY A 22 -9.52 7.80 3.84
CA GLY A 22 -10.88 7.98 3.35
C GLY A 22 -11.63 6.64 3.36
N TRP A 23 -12.95 6.74 3.28
CA TRP A 23 -13.80 5.56 3.29
C TRP A 23 -13.66 4.88 1.92
N LEU A 24 -13.19 3.64 1.96
CA LEU A 24 -12.99 2.87 0.74
C LEU A 24 -13.80 1.58 0.83
N TYR A 25 -13.84 0.86 -0.28
CA TYR A 25 -14.57 -0.40 -0.34
C TYR A 25 -13.66 -1.55 -0.75
N LYS A 26 -13.29 -2.35 0.23
CA LYS A 26 -12.42 -3.49 -0.02
C LYS A 26 -13.22 -4.60 -0.72
N GLY A 27 -12.49 -5.45 -1.42
CA GLY A 27 -13.12 -6.55 -2.13
C GLY A 27 -12.49 -7.89 -1.74
N ASN A 28 -12.14 -8.66 -2.75
CA ASN A 28 -11.52 -9.96 -2.53
C ASN A 28 -10.97 -10.50 -3.84
N MET A 29 -11.77 -10.32 -4.90
CA MET A 29 -11.37 -10.79 -6.22
C MET A 29 -11.28 -12.31 -6.27
N ASN A 30 -12.15 -12.89 -7.08
CA ASN A 30 -12.18 -14.34 -7.22
C ASN A 30 -12.62 -14.69 -8.65
N SER A 31 -12.56 -15.98 -8.95
CA SER A 31 -12.95 -16.46 -10.26
C SER A 31 -14.24 -15.76 -10.71
N ALA A 32 -15.35 -16.24 -10.19
CA ALA A 32 -16.64 -15.67 -10.52
C ALA A 32 -16.61 -14.15 -10.29
N ILE A 33 -17.66 -13.49 -10.73
CA ILE A 33 -17.76 -12.05 -10.58
C ILE A 33 -18.44 -11.73 -9.24
N SER A 34 -19.60 -12.32 -9.04
CA SER A 34 -20.34 -12.11 -7.81
C SER A 34 -19.42 -12.29 -6.59
N VAL A 35 -18.37 -13.07 -6.81
CA VAL A 35 -17.41 -13.32 -5.75
C VAL A 35 -16.35 -12.22 -5.76
N THR A 36 -15.97 -11.80 -6.96
CA THR A 36 -14.96 -10.77 -7.12
C THR A 36 -15.33 -9.54 -6.30
N MET A 37 -16.62 -9.20 -6.34
CA MET A 37 -17.11 -8.04 -5.60
C MET A 37 -17.29 -8.38 -4.12
N ARG A 38 -17.77 -9.59 -3.87
CA ARG A 38 -17.98 -10.05 -2.51
C ARG A 38 -18.59 -8.92 -1.67
N SER A 39 -19.77 -8.49 -2.08
CA SER A 39 -20.47 -7.42 -1.38
C SER A 39 -19.47 -6.38 -0.88
N PHE A 40 -18.99 -5.58 -1.82
CA PHE A 40 -18.03 -4.54 -1.50
C PHE A 40 -18.34 -3.91 -0.14
N LYS A 41 -17.46 -4.17 0.82
CA LYS A 41 -17.63 -3.64 2.15
C LYS A 41 -16.84 -2.34 2.28
N ARG A 42 -17.51 -1.34 2.84
CA ARG A 42 -16.88 -0.04 3.03
C ARG A 42 -16.04 -0.03 4.31
N ARG A 43 -14.76 0.28 4.14
CA ARG A 43 -13.84 0.32 5.26
C ARG A 43 -13.00 1.60 5.22
N PHE A 44 -12.38 1.90 6.34
CA PHE A 44 -11.54 3.09 6.44
C PHE A 44 -10.07 2.73 6.23
N PHE A 45 -9.58 3.01 5.03
CA PHE A 45 -8.20 2.73 4.69
C PHE A 45 -7.29 3.87 5.14
N HIS A 46 -6.46 3.56 6.14
CA HIS A 46 -5.53 4.55 6.66
C HIS A 46 -4.10 4.18 6.27
N LEU A 47 -3.41 5.16 5.70
CA LEU A 47 -2.04 4.95 5.26
C LEU A 47 -1.09 5.48 6.34
N ILE A 48 -0.07 4.67 6.64
CA ILE A 48 0.91 5.03 7.63
C ILE A 48 2.31 4.68 7.13
N GLN A 49 3.27 5.53 7.46
CA GLN A 49 4.64 5.31 7.05
C GLN A 49 5.41 4.56 8.13
N LEU A 50 5.76 3.32 7.81
CA LEU A 50 6.49 2.48 8.75
C LEU A 50 7.67 3.28 9.32
N GLY A 51 8.23 2.74 10.39
CA GLY A 51 9.36 3.39 11.04
C GLY A 51 10.68 3.06 10.33
N ASP A 52 10.80 3.55 9.11
CA ASP A 52 11.99 3.31 8.32
C ASP A 52 11.90 4.10 7.01
N GLY A 53 10.71 4.06 6.42
CA GLY A 53 10.47 4.76 5.17
C GLY A 53 9.35 4.10 4.37
N SER A 54 9.28 2.79 4.49
CA SER A 54 8.25 2.02 3.79
C SER A 54 6.87 2.39 4.31
N TYR A 55 5.89 2.31 3.44
CA TYR A 55 4.52 2.63 3.80
C TYR A 55 3.65 1.37 3.84
N ASN A 56 2.55 1.49 4.55
CA ASN A 56 1.62 0.36 4.67
C ASN A 56 0.19 0.90 4.76
N LEU A 57 -0.67 0.31 3.95
CA LEU A 57 -2.08 0.72 3.93
C LEU A 57 -2.86 -0.14 4.91
N ASN A 58 -3.15 0.44 6.08
CA ASN A 58 -3.89 -0.26 7.10
C ASN A 58 -5.32 0.28 7.15
N PHE A 59 -6.27 -0.62 6.96
CA PHE A 59 -7.67 -0.25 6.98
C PHE A 59 -8.36 -0.74 8.27
N TYR A 60 -9.16 0.14 8.85
CA TYR A 60 -9.87 -0.19 10.07
C TYR A 60 -11.38 -0.25 9.83
N LYS A 61 -12.07 -0.95 10.72
CA LYS A 61 -13.51 -1.09 10.61
C LYS A 61 -14.14 0.30 10.56
N ASP A 62 -13.56 1.21 11.31
CA ASP A 62 -14.06 2.57 11.35
C ASP A 62 -12.89 3.55 11.26
N GLU A 63 -13.22 4.84 11.31
CA GLU A 63 -12.20 5.88 11.25
C GLU A 63 -11.30 5.83 12.48
N LYS A 64 -11.93 5.65 13.63
CA LYS A 64 -11.19 5.57 14.87
C LYS A 64 -10.21 4.40 14.82
N ILE A 65 -8.96 4.74 14.51
CA ILE A 65 -7.92 3.73 14.43
C ILE A 65 -7.26 3.56 15.80
N SER A 66 -5.95 3.35 15.78
CA SER A 66 -5.19 3.17 17.01
C SER A 66 -5.25 1.71 17.43
N LYS A 67 -6.45 1.15 17.40
CA LYS A 67 -6.65 -0.23 17.79
C LYS A 67 -6.10 -1.15 16.69
N GLU A 68 -6.38 -2.43 16.84
CA GLU A 68 -5.93 -3.41 15.87
C GLU A 68 -6.68 -3.25 14.55
N PRO A 69 -5.89 -3.13 13.45
CA PRO A 69 -6.46 -2.95 12.13
C PRO A 69 -7.03 -4.28 11.61
N LYS A 70 -7.68 -4.19 10.45
CA LYS A 70 -8.28 -5.37 9.85
C LYS A 70 -7.25 -6.04 8.92
N GLY A 71 -6.32 -5.22 8.44
CA GLY A 71 -5.29 -5.72 7.55
C GLY A 71 -4.40 -4.57 7.05
N SER A 72 -3.23 -4.94 6.55
CA SER A 72 -2.29 -3.96 6.04
C SER A 72 -1.68 -4.46 4.73
N ILE A 73 -1.83 -3.65 3.69
CA ILE A 73 -1.29 -3.99 2.38
C ILE A 73 0.21 -3.67 2.35
N PHE A 74 0.99 -4.68 1.99
CA PHE A 74 2.43 -4.53 1.92
C PHE A 74 2.83 -3.75 0.67
N LEU A 75 2.65 -2.44 0.74
CA LEU A 75 2.99 -1.57 -0.37
C LEU A 75 4.44 -1.84 -0.80
N ASP A 76 5.20 -2.39 0.13
CA ASP A 76 6.59 -2.70 -0.13
C ASP A 76 6.68 -3.84 -1.16
N SER A 77 5.60 -4.61 -1.24
CA SER A 77 5.53 -5.72 -2.16
C SER A 77 4.59 -5.39 -3.32
N CYS A 78 3.73 -4.41 -3.07
CA CYS A 78 2.77 -3.98 -4.08
C CYS A 78 3.52 -3.73 -5.39
N MET A 79 3.12 -4.46 -6.42
CA MET A 79 3.75 -4.32 -7.72
C MET A 79 3.20 -3.10 -8.46
N GLY A 80 1.97 -2.75 -8.14
CA GLY A 80 1.33 -1.61 -8.77
C GLY A 80 -0.20 -1.78 -8.79
N VAL A 81 -0.88 -0.65 -8.87
CA VAL A 81 -2.34 -0.66 -8.91
C VAL A 81 -2.82 -0.81 -10.35
N VAL A 82 -3.85 -1.62 -10.51
CA VAL A 82 -4.42 -1.86 -11.83
C VAL A 82 -5.82 -1.25 -11.90
N GLN A 83 -6.36 -1.22 -13.12
CA GLN A 83 -7.68 -0.66 -13.34
C GLN A 83 -8.69 -1.79 -13.57
N ASN A 84 -9.85 -1.63 -12.93
CA ASN A 84 -10.90 -2.62 -13.05
C ASN A 84 -12.26 -1.92 -12.92
N ASN A 85 -12.75 -1.41 -14.03
CA ASN A 85 -14.03 -0.72 -14.05
C ASN A 85 -15.12 -1.71 -14.46
N LYS A 86 -14.87 -2.98 -14.18
CA LYS A 86 -15.83 -4.02 -14.50
C LYS A 86 -16.80 -4.22 -13.34
N VAL A 87 -16.22 -4.43 -12.17
CA VAL A 87 -17.02 -4.63 -10.96
C VAL A 87 -17.64 -3.30 -10.54
N ARG A 88 -16.77 -2.30 -10.37
CA ARG A 88 -17.22 -0.98 -9.98
C ARG A 88 -16.58 0.09 -10.87
N ARG A 89 -17.43 0.96 -11.40
CA ARG A 89 -16.97 2.02 -12.27
C ARG A 89 -15.58 2.51 -11.82
N PHE A 90 -15.40 2.54 -10.51
CA PHE A 90 -14.12 2.98 -9.95
C PHE A 90 -13.54 1.91 -9.03
N ALA A 91 -13.21 0.77 -9.62
CA ALA A 91 -12.64 -0.33 -8.86
C ALA A 91 -11.25 -0.64 -9.39
N PHE A 92 -10.30 -0.69 -8.47
CA PHE A 92 -8.92 -0.98 -8.83
C PHE A 92 -8.35 -2.12 -7.98
N GLU A 93 -7.55 -2.96 -8.63
CA GLU A 93 -6.95 -4.09 -7.94
C GLU A 93 -5.51 -3.77 -7.56
N LEU A 94 -5.11 -4.24 -6.38
CA LEU A 94 -3.76 -4.01 -5.90
C LEU A 94 -2.92 -5.26 -6.14
N LYS A 95 -1.97 -5.12 -7.06
CA LYS A 95 -1.10 -6.23 -7.39
C LYS A 95 0.04 -6.30 -6.36
N MET A 96 0.11 -7.44 -5.70
CA MET A 96 1.14 -7.66 -4.69
C MET A 96 2.15 -8.71 -5.15
N GLN A 97 3.27 -8.77 -4.43
CA GLN A 97 4.31 -9.72 -4.75
C GLN A 97 4.14 -11.00 -3.94
N ASP A 98 3.31 -10.90 -2.91
CA ASP A 98 3.05 -12.04 -2.05
C ASP A 98 1.90 -12.88 -2.65
N LYS A 99 1.97 -13.06 -3.96
CA LYS A 99 0.96 -13.83 -4.66
C LYS A 99 -0.41 -13.51 -4.08
N SER A 100 -0.79 -12.24 -4.19
CA SER A 100 -2.08 -11.79 -3.69
C SER A 100 -2.39 -10.40 -4.22
N SER A 101 -3.65 -10.02 -4.11
CA SER A 101 -4.09 -8.71 -4.57
C SER A 101 -5.46 -8.38 -3.97
N TYR A 102 -5.63 -7.10 -3.66
CA TYR A 102 -6.88 -6.63 -3.07
C TYR A 102 -7.74 -5.91 -4.12
N LEU A 103 -9.04 -5.91 -3.87
CA LEU A 103 -9.97 -5.26 -4.78
C LEU A 103 -10.56 -4.03 -4.09
N LEU A 104 -9.94 -2.88 -4.36
CA LEU A 104 -10.39 -1.63 -3.77
C LEU A 104 -11.35 -0.94 -4.74
N ALA A 105 -12.17 -0.07 -4.18
CA ALA A 105 -13.15 0.67 -4.98
C ALA A 105 -13.60 1.91 -4.21
N ALA A 106 -13.60 3.03 -4.91
CA ALA A 106 -14.02 4.29 -4.31
C ALA A 106 -15.41 4.66 -4.81
N ASP A 107 -15.92 5.77 -4.29
CA ASP A 107 -17.24 6.24 -4.69
C ASP A 107 -17.09 7.18 -5.88
N SER A 108 -16.08 8.03 -5.81
CA SER A 108 -15.82 8.98 -6.88
C SER A 108 -14.48 8.68 -7.55
N GLU A 109 -14.45 8.87 -8.85
CA GLU A 109 -13.24 8.62 -9.62
C GLU A 109 -12.01 9.11 -8.85
N VAL A 110 -12.11 10.36 -8.39
CA VAL A 110 -11.02 10.96 -7.64
C VAL A 110 -10.60 10.01 -6.51
N GLU A 111 -11.51 9.83 -5.57
CA GLU A 111 -11.26 8.96 -4.43
C GLU A 111 -10.62 7.65 -4.90
N MET A 112 -10.96 7.27 -6.12
CA MET A 112 -10.44 6.04 -6.70
C MET A 112 -9.05 6.28 -7.30
N GLU A 113 -8.86 7.47 -7.82
CA GLU A 113 -7.59 7.83 -8.43
C GLU A 113 -6.58 8.24 -7.35
N GLU A 114 -7.09 8.92 -6.34
CA GLU A 114 -6.24 9.37 -5.24
C GLU A 114 -5.37 8.22 -4.74
N TRP A 115 -6.01 7.08 -4.54
CA TRP A 115 -5.30 5.90 -4.06
C TRP A 115 -4.42 5.39 -5.20
N ILE A 116 -5.06 5.10 -6.32
CA ILE A 116 -4.35 4.60 -7.49
C ILE A 116 -3.03 5.36 -7.64
N THR A 117 -3.04 6.61 -7.18
CA THR A 117 -1.86 7.45 -7.26
C THR A 117 -1.00 7.26 -6.01
N ILE A 118 -1.64 7.44 -4.86
CA ILE A 118 -0.96 7.30 -3.59
C ILE A 118 -0.23 5.96 -3.56
N LEU A 119 -0.98 4.91 -3.82
CA LEU A 119 -0.42 3.56 -3.81
C LEU A 119 0.79 3.52 -4.73
N ASN A 120 0.54 3.86 -5.99
CA ASN A 120 1.60 3.86 -6.99
C ASN A 120 2.76 4.73 -6.49
N LYS A 121 2.40 5.84 -5.86
CA LYS A 121 3.38 6.76 -5.34
C LYS A 121 4.36 6.00 -4.44
N ILE A 122 3.81 5.31 -3.46
CA ILE A 122 4.61 4.54 -2.53
C ILE A 122 5.31 3.41 -3.29
N LEU A 123 4.61 2.87 -4.27
CA LEU A 123 5.15 1.79 -5.07
C LEU A 123 6.26 2.34 -5.97
N GLN A 124 6.24 3.66 -6.14
CA GLN A 124 7.24 4.31 -6.97
C GLN A 124 8.41 4.80 -6.11
N LEU A 125 8.10 5.05 -4.85
CA LEU A 125 9.12 5.52 -3.93
C LEU A 125 9.76 4.32 -3.22
N ASN A 126 8.90 3.42 -2.75
CA ASN A 126 9.35 2.23 -2.05
C ASN A 126 10.45 1.56 -2.89
N PHE A 127 10.30 1.65 -4.21
CA PHE A 127 11.25 1.05 -5.12
C PHE A 127 12.62 1.75 -5.01
N GLU A 128 12.56 3.07 -4.92
CA GLU A 128 13.78 3.86 -4.82
C GLU A 128 14.30 3.84 -3.37
N ALA A 129 13.38 3.64 -2.45
CA ALA A 129 13.73 3.60 -1.03
C ALA A 129 14.54 2.33 -0.76
N ALA A 130 14.32 1.33 -1.60
CA ALA A 130 15.02 0.07 -1.45
C ALA A 130 16.47 0.23 -1.93
N MET A 131 16.60 0.83 -3.11
CA MET A 131 17.92 1.05 -3.68
C MET A 131 18.72 2.05 -2.85
N GLN A 132 18.00 2.94 -2.19
CA GLN A 132 18.63 3.95 -1.36
C GLN A 132 19.15 3.31 -0.06
N GLU A 133 18.28 2.51 0.54
CA GLU A 133 18.63 1.84 1.79
C GLU A 133 19.75 0.83 1.55
N LYS A 134 19.76 0.27 0.35
CA LYS A 134 20.76 -0.72 -0.02
C LYS A 134 22.15 -0.20 0.37
N ARG A 135 22.41 1.05 -0.02
CA ARG A 135 23.69 1.67 0.29
C ARG A 135 23.68 2.22 1.72
N ASN A 136 23.29 1.35 2.65
CA ASN A 136 23.25 1.74 4.04
C ASN A 136 22.74 0.55 4.88
N GLY A 137 23.68 -0.24 5.35
CA GLY A 137 23.34 -1.40 6.17
C GLY A 137 23.46 -2.69 5.34
N ASP A 138 23.80 -3.76 6.04
CA ASP A 138 23.95 -5.05 5.39
C ASP A 138 22.56 -5.66 5.15
N SER A 139 22.55 -6.77 4.42
CA SER A 139 21.31 -7.45 4.11
C SER A 139 20.41 -6.55 3.26
N HIS A 140 19.99 -7.08 2.13
CA HIS A 140 19.13 -6.35 1.23
C HIS A 140 18.50 -7.30 0.20
N GLU A 141 17.30 -6.95 -0.23
CA GLU A 141 16.60 -7.77 -1.20
C GLU A 141 15.75 -6.88 -2.13
N ASP A 142 15.83 -7.18 -3.41
CA ASP A 142 15.09 -6.42 -4.41
C ASP A 142 15.38 -6.99 -5.79
N ASP A 143 14.59 -6.54 -6.76
CA ASP A 143 14.75 -7.00 -8.13
C ASP A 143 14.20 -5.93 -9.08
N GLU A 144 14.49 -6.12 -10.36
CA GLU A 144 14.04 -5.19 -11.37
C GLU A 144 13.24 -5.92 -12.46
N SER A 145 12.04 -5.42 -12.70
CA SER A 145 11.18 -6.02 -13.70
C SER A 145 11.42 -5.38 -15.07
N GLY A 146 10.77 -5.93 -16.07
CA GLY A 146 10.91 -5.42 -17.43
C GLY A 146 9.56 -5.36 -18.14
N PRO A 147 9.18 -4.13 -18.55
CA PRO A 147 7.92 -3.93 -19.24
C PRO A 147 7.99 -4.41 -20.69
N SER A 148 6.89 -4.23 -21.41
CA SER A 148 6.83 -4.65 -22.80
C SER A 148 6.46 -3.46 -23.69
N SER A 149 6.60 -3.66 -24.99
CA SER A 149 6.29 -2.62 -25.94
C SER A 149 6.21 -3.21 -27.35
N GLY A 150 4.98 -3.33 -27.83
CA GLY A 150 4.75 -3.88 -29.16
C GLY A 150 3.36 -4.55 -29.25
N GLY A 1 16.89 -24.89 15.43
CA GLY A 1 15.95 -23.82 15.12
C GLY A 1 15.87 -23.56 13.61
N SER A 2 16.50 -22.47 13.20
CA SER A 2 16.51 -22.10 11.79
C SER A 2 15.08 -22.00 11.27
N SER A 3 14.96 -21.39 10.10
CA SER A 3 13.65 -21.23 9.48
C SER A 3 13.83 -20.78 8.02
N GLY A 4 13.10 -21.44 7.14
CA GLY A 4 13.17 -21.13 5.72
C GLY A 4 12.36 -19.85 5.41
N SER A 5 12.64 -19.30 4.24
CA SER A 5 11.96 -18.08 3.82
C SER A 5 12.40 -17.71 2.39
N SER A 6 11.70 -16.74 1.83
CA SER A 6 12.00 -16.28 0.49
C SER A 6 11.31 -14.94 0.23
N GLY A 7 12.09 -13.99 -0.27
CA GLY A 7 11.57 -12.67 -0.57
C GLY A 7 12.69 -11.64 -0.64
N ALA A 8 12.46 -10.51 0.00
CA ALA A 8 13.44 -9.43 0.03
C ALA A 8 12.99 -8.35 1.01
N ALA A 9 13.82 -7.34 1.13
CA ALA A 9 13.53 -6.23 2.04
C ALA A 9 14.55 -5.11 1.83
N SER A 10 14.28 -3.98 2.45
CA SER A 10 15.16 -2.83 2.34
C SER A 10 14.72 -1.74 3.32
N LEU A 11 15.01 -2.00 4.59
CA LEU A 11 14.67 -1.04 5.63
C LEU A 11 15.90 -0.23 6.02
N GLY A 12 15.65 0.97 6.53
CA GLY A 12 16.72 1.85 6.93
C GLY A 12 16.43 3.30 6.53
N SER A 13 15.57 3.93 7.31
CA SER A 13 15.19 5.31 7.04
C SER A 13 14.85 5.48 5.55
N GLN A 14 13.58 5.25 5.24
CA GLN A 14 13.11 5.37 3.87
C GLN A 14 12.68 6.82 3.59
N LYS A 15 12.75 7.17 2.32
CA LYS A 15 12.38 8.51 1.90
C LYS A 15 10.93 8.50 1.40
N GLY A 16 10.09 9.25 2.11
CA GLY A 16 8.68 9.34 1.76
C GLY A 16 8.05 10.61 2.33
N GLY A 17 7.06 10.40 3.19
CA GLY A 17 6.37 11.51 3.83
C GLY A 17 5.02 11.77 3.14
N ILE A 18 4.30 10.69 2.89
CA ILE A 18 3.00 10.79 2.25
C ILE A 18 1.91 10.41 3.24
N THR A 19 0.70 10.25 2.73
CA THR A 19 -0.43 9.87 3.55
C THR A 19 -1.74 10.00 2.77
N LYS A 20 -2.80 9.51 3.37
CA LYS A 20 -4.11 9.56 2.74
C LYS A 20 -5.15 8.94 3.68
N HIS A 21 -6.34 9.53 3.68
CA HIS A 21 -7.42 9.06 4.51
C HIS A 21 -8.75 9.19 3.78
N GLY A 22 -9.59 8.20 3.94
CA GLY A 22 -10.89 8.19 3.29
C GLY A 22 -11.50 6.79 3.28
N TRP A 23 -12.78 6.73 2.96
CA TRP A 23 -13.48 5.45 2.90
C TRP A 23 -13.19 4.82 1.54
N LEU A 24 -13.31 3.50 1.51
CA LEU A 24 -13.06 2.76 0.29
C LEU A 24 -13.97 1.53 0.25
N TYR A 25 -13.80 0.73 -0.80
CA TYR A 25 -14.59 -0.47 -0.97
C TYR A 25 -13.71 -1.68 -1.24
N LYS A 26 -13.22 -2.27 -0.16
CA LYS A 26 -12.36 -3.44 -0.26
C LYS A 26 -13.21 -4.70 -0.43
N GLY A 27 -12.72 -5.61 -1.25
CA GLY A 27 -13.44 -6.84 -1.51
C GLY A 27 -12.47 -8.02 -1.67
N ASN A 28 -12.93 -9.04 -2.38
CA ASN A 28 -12.11 -10.22 -2.61
C ASN A 28 -12.16 -10.58 -4.10
N MET A 29 -11.02 -10.43 -4.75
CA MET A 29 -10.92 -10.73 -6.16
C MET A 29 -10.72 -12.24 -6.39
N ASN A 30 -11.59 -12.80 -7.20
CA ASN A 30 -11.53 -14.22 -7.50
C ASN A 30 -11.67 -14.42 -9.01
N SER A 31 -11.62 -15.69 -9.42
CA SER A 31 -11.76 -16.03 -10.82
C SER A 31 -12.93 -15.27 -11.44
N ALA A 32 -14.12 -15.83 -11.24
CA ALA A 32 -15.33 -15.22 -11.76
C ALA A 32 -15.36 -13.74 -11.37
N ILE A 33 -16.42 -13.06 -11.81
CA ILE A 33 -16.58 -11.66 -11.50
C ILE A 33 -17.45 -11.51 -10.25
N SER A 34 -18.60 -12.19 -10.27
CA SER A 34 -19.52 -12.14 -9.15
C SER A 34 -18.79 -12.55 -7.86
N VAL A 35 -17.66 -13.21 -8.04
CA VAL A 35 -16.87 -13.66 -6.90
C VAL A 35 -15.79 -12.62 -6.60
N THR A 36 -15.55 -11.76 -7.58
CA THR A 36 -14.56 -10.71 -7.42
C THR A 36 -15.10 -9.59 -6.54
N MET A 37 -16.28 -9.12 -6.90
CA MET A 37 -16.93 -8.05 -6.14
C MET A 37 -17.16 -8.47 -4.69
N ARG A 38 -17.57 -9.72 -4.53
CA ARG A 38 -17.84 -10.26 -3.21
C ARG A 38 -18.53 -9.20 -2.34
N SER A 39 -19.46 -8.49 -2.95
CA SER A 39 -20.20 -7.45 -2.26
C SER A 39 -19.22 -6.45 -1.64
N PHE A 40 -18.68 -5.60 -2.49
CA PHE A 40 -17.73 -4.59 -2.05
C PHE A 40 -18.13 -4.05 -0.67
N LYS A 41 -17.27 -4.32 0.30
CA LYS A 41 -17.50 -3.87 1.66
C LYS A 41 -16.83 -2.51 1.87
N ARG A 42 -17.59 -1.57 2.40
CA ARG A 42 -17.08 -0.25 2.67
C ARG A 42 -16.38 -0.20 4.01
N ARG A 43 -15.13 0.25 3.99
CA ARG A 43 -14.33 0.35 5.20
C ARG A 43 -13.34 1.50 5.10
N PHE A 44 -12.98 2.04 6.26
CA PHE A 44 -12.05 3.15 6.31
C PHE A 44 -10.61 2.66 6.14
N PHE A 45 -9.84 3.43 5.39
CA PHE A 45 -8.44 3.08 5.13
C PHE A 45 -7.52 4.27 5.44
N HIS A 46 -6.74 4.10 6.49
CA HIS A 46 -5.81 5.14 6.90
C HIS A 46 -4.38 4.69 6.63
N LEU A 47 -3.63 5.56 5.98
CA LEU A 47 -2.24 5.26 5.65
C LEU A 47 -1.35 5.69 6.82
N ILE A 48 -0.48 4.78 7.22
CA ILE A 48 0.43 5.04 8.31
C ILE A 48 1.82 4.53 7.95
N GLN A 49 2.83 5.26 8.39
CA GLN A 49 4.21 4.89 8.12
C GLN A 49 4.76 4.01 9.24
N LEU A 50 5.13 2.78 8.88
CA LEU A 50 5.66 1.85 9.85
C LEU A 50 6.79 2.51 10.62
N GLY A 51 7.18 1.86 11.72
CA GLY A 51 8.24 2.38 12.56
C GLY A 51 9.62 2.06 11.97
N ASP A 52 9.79 2.43 10.71
CA ASP A 52 11.04 2.19 10.02
C ASP A 52 11.19 3.20 8.88
N GLY A 53 10.21 3.19 7.99
CA GLY A 53 10.23 4.10 6.86
C GLY A 53 9.15 3.71 5.84
N SER A 54 8.92 2.41 5.74
CA SER A 54 7.93 1.90 4.80
C SER A 54 6.54 2.42 5.19
N TYR A 55 5.58 2.19 4.29
CA TYR A 55 4.22 2.63 4.53
C TYR A 55 3.25 1.44 4.48
N ASN A 56 2.25 1.49 5.35
CA ASN A 56 1.26 0.43 5.41
C ASN A 56 -0.13 1.06 5.48
N LEU A 57 -1.02 0.53 4.64
CA LEU A 57 -2.38 1.02 4.59
C LEU A 57 -3.25 0.19 5.55
N ASN A 58 -3.54 0.77 6.70
CA ASN A 58 -4.36 0.10 7.69
C ASN A 58 -5.81 0.58 7.57
N PHE A 59 -6.72 -0.38 7.62
CA PHE A 59 -8.15 -0.07 7.51
C PHE A 59 -8.87 -0.43 8.81
N TYR A 60 -9.84 0.41 9.15
CA TYR A 60 -10.63 0.19 10.36
C TYR A 60 -12.12 0.08 10.02
N LYS A 61 -12.87 -0.40 11.00
CA LYS A 61 -14.30 -0.56 10.83
C LYS A 61 -14.97 0.82 10.80
N ASP A 62 -14.34 1.75 11.51
CA ASP A 62 -14.86 3.11 11.58
C ASP A 62 -13.71 4.10 11.38
N GLU A 63 -14.07 5.37 11.27
CA GLU A 63 -13.09 6.42 11.07
C GLU A 63 -12.17 6.53 12.30
N LYS A 64 -12.77 6.33 13.46
CA LYS A 64 -12.03 6.40 14.71
C LYS A 64 -10.94 5.33 14.70
N ILE A 65 -9.73 5.75 14.35
CA ILE A 65 -8.60 4.85 14.31
C ILE A 65 -7.89 4.85 15.66
N SER A 66 -6.57 4.78 15.60
CA SER A 66 -5.76 4.79 16.81
C SER A 66 -5.71 3.37 17.41
N LYS A 67 -6.90 2.84 17.65
CA LYS A 67 -7.00 1.50 18.22
C LYS A 67 -6.42 0.48 17.25
N GLU A 68 -6.77 -0.77 17.47
CA GLU A 68 -6.28 -1.85 16.62
C GLU A 68 -7.13 -1.94 15.35
N PRO A 69 -6.42 -1.92 14.18
CA PRO A 69 -7.10 -2.00 12.90
C PRO A 69 -7.58 -3.43 12.62
N LYS A 70 -8.19 -3.59 11.46
CA LYS A 70 -8.70 -4.89 11.06
C LYS A 70 -7.63 -5.61 10.23
N GLY A 71 -6.69 -4.84 9.72
CA GLY A 71 -5.62 -5.39 8.91
C GLY A 71 -4.71 -4.29 8.36
N SER A 72 -4.07 -4.59 7.24
CA SER A 72 -3.18 -3.64 6.61
C SER A 72 -2.71 -4.17 5.26
N ILE A 73 -2.08 -3.30 4.50
CA ILE A 73 -1.57 -3.67 3.19
C ILE A 73 -0.06 -3.46 3.15
N PHE A 74 0.65 -4.53 2.83
CA PHE A 74 2.10 -4.48 2.76
C PHE A 74 2.56 -3.79 1.47
N LEU A 75 2.50 -2.48 1.48
CA LEU A 75 2.91 -1.68 0.34
C LEU A 75 4.32 -2.09 -0.08
N ASP A 76 5.10 -2.50 0.91
CA ASP A 76 6.47 -2.91 0.66
C ASP A 76 6.47 -4.15 -0.25
N SER A 77 5.35 -4.86 -0.24
CA SER A 77 5.21 -6.06 -1.04
C SER A 77 4.33 -5.76 -2.26
N CYS A 78 3.38 -4.86 -2.06
CA CYS A 78 2.47 -4.48 -3.12
C CYS A 78 3.28 -4.29 -4.40
N MET A 79 2.76 -4.87 -5.49
CA MET A 79 3.44 -4.77 -6.77
C MET A 79 3.01 -3.50 -7.52
N GLY A 80 1.75 -3.16 -7.37
CA GLY A 80 1.21 -1.97 -8.01
C GLY A 80 -0.32 -1.97 -7.96
N VAL A 81 -0.90 -0.90 -8.51
CA VAL A 81 -2.35 -0.77 -8.54
C VAL A 81 -2.85 -0.96 -9.97
N VAL A 82 -3.79 -1.88 -10.11
CA VAL A 82 -4.37 -2.17 -11.42
C VAL A 82 -5.69 -1.42 -11.57
N GLN A 83 -6.16 -1.35 -12.80
CA GLN A 83 -7.41 -0.68 -13.09
C GLN A 83 -8.50 -1.70 -13.42
N ASN A 84 -9.65 -1.49 -12.80
CA ASN A 84 -10.78 -2.37 -13.02
C ASN A 84 -11.99 -1.56 -13.49
N ASN A 85 -13.13 -2.22 -13.53
CA ASN A 85 -14.36 -1.57 -13.97
C ASN A 85 -15.48 -2.61 -14.06
N LYS A 86 -15.09 -3.82 -14.46
CA LYS A 86 -16.04 -4.90 -14.58
C LYS A 86 -16.86 -5.02 -13.29
N VAL A 87 -16.27 -4.53 -12.22
CA VAL A 87 -16.93 -4.57 -10.92
C VAL A 87 -17.56 -3.21 -10.63
N ARG A 88 -16.72 -2.18 -10.70
CA ARG A 88 -17.17 -0.82 -10.45
C ARG A 88 -16.39 0.17 -11.31
N ARG A 89 -17.13 1.06 -11.96
CA ARG A 89 -16.52 2.06 -12.81
C ARG A 89 -15.17 2.49 -12.24
N PHE A 90 -15.18 2.76 -10.94
CA PHE A 90 -13.96 3.19 -10.26
C PHE A 90 -13.53 2.15 -9.22
N ALA A 91 -12.91 1.09 -9.72
CA ALA A 91 -12.44 0.02 -8.85
C ALA A 91 -11.02 -0.38 -9.27
N PHE A 92 -10.13 -0.44 -8.29
CA PHE A 92 -8.75 -0.82 -8.55
C PHE A 92 -8.30 -1.92 -7.59
N GLU A 93 -7.60 -2.89 -8.15
CA GLU A 93 -7.10 -4.00 -7.37
C GLU A 93 -5.62 -3.77 -7.00
N LEU A 94 -5.28 -4.18 -5.78
CA LEU A 94 -3.92 -4.03 -5.31
C LEU A 94 -3.17 -5.35 -5.48
N LYS A 95 -2.32 -5.38 -6.50
CA LYS A 95 -1.54 -6.58 -6.78
C LYS A 95 -0.43 -6.71 -5.74
N MET A 96 -0.60 -7.70 -4.87
CA MET A 96 0.37 -7.95 -3.83
C MET A 96 1.33 -9.08 -4.23
N GLN A 97 2.46 -9.13 -3.54
CA GLN A 97 3.46 -10.15 -3.82
C GLN A 97 3.27 -11.34 -2.88
N ASP A 98 2.47 -11.13 -1.84
CA ASP A 98 2.19 -12.18 -0.88
C ASP A 98 1.00 -13.01 -1.37
N LYS A 99 1.04 -13.35 -2.65
CA LYS A 99 -0.02 -14.14 -3.25
C LYS A 99 -1.37 -13.65 -2.73
N SER A 100 -1.84 -12.57 -3.33
CA SER A 100 -3.12 -11.99 -2.94
C SER A 100 -3.27 -10.59 -3.54
N SER A 101 -4.47 -10.04 -3.41
CA SER A 101 -4.75 -8.72 -3.93
C SER A 101 -6.05 -8.19 -3.34
N TYR A 102 -6.04 -6.92 -2.99
CA TYR A 102 -7.22 -6.28 -2.41
C TYR A 102 -7.95 -5.43 -3.46
N LEU A 103 -9.22 -5.75 -3.64
CA LEU A 103 -10.04 -5.03 -4.61
C LEU A 103 -10.61 -3.77 -3.94
N LEU A 104 -9.91 -2.67 -4.15
CA LEU A 104 -10.33 -1.39 -3.58
C LEU A 104 -11.21 -0.66 -4.59
N ALA A 105 -11.98 0.29 -4.07
CA ALA A 105 -12.87 1.07 -4.91
C ALA A 105 -13.30 2.33 -4.15
N ALA A 106 -13.43 3.41 -4.91
CA ALA A 106 -13.83 4.68 -4.33
C ALA A 106 -15.25 5.02 -4.77
N ASP A 107 -15.82 6.04 -4.15
CA ASP A 107 -17.17 6.47 -4.47
C ASP A 107 -17.12 7.38 -5.70
N SER A 108 -15.92 7.86 -6.00
CA SER A 108 -15.73 8.74 -7.14
C SER A 108 -14.37 8.46 -7.80
N GLU A 109 -14.23 8.95 -9.02
CA GLU A 109 -13.00 8.77 -9.76
C GLU A 109 -11.81 9.30 -8.96
N VAL A 110 -12.00 10.48 -8.39
CA VAL A 110 -10.95 11.11 -7.59
C VAL A 110 -10.52 10.15 -6.48
N GLU A 111 -11.48 9.83 -5.61
CA GLU A 111 -11.22 8.93 -4.51
C GLU A 111 -10.62 7.62 -5.02
N MET A 112 -10.81 7.38 -6.30
CA MET A 112 -10.30 6.17 -6.93
C MET A 112 -8.89 6.38 -7.48
N GLU A 113 -8.65 7.61 -7.92
CA GLU A 113 -7.36 7.97 -8.48
C GLU A 113 -6.39 8.36 -7.36
N GLU A 114 -6.94 8.99 -6.34
CA GLU A 114 -6.15 9.42 -5.20
C GLU A 114 -5.33 8.25 -4.65
N TRP A 115 -6.04 7.19 -4.29
CA TRP A 115 -5.39 6.01 -3.75
C TRP A 115 -4.53 5.40 -4.85
N ILE A 116 -5.18 5.10 -5.97
CA ILE A 116 -4.49 4.52 -7.10
C ILE A 116 -3.08 5.10 -7.20
N THR A 117 -2.99 6.38 -6.85
CA THR A 117 -1.71 7.08 -6.89
C THR A 117 -0.90 6.77 -5.63
N ILE A 118 -1.40 7.25 -4.51
CA ILE A 118 -0.73 7.05 -3.24
C ILE A 118 -0.16 5.63 -3.19
N LEU A 119 -1.02 4.67 -3.51
CA LEU A 119 -0.61 3.27 -3.52
C LEU A 119 0.61 3.11 -4.41
N ASN A 120 0.42 3.36 -5.69
CA ASN A 120 1.50 3.25 -6.65
C ASN A 120 2.60 4.27 -6.32
N LYS A 121 2.26 5.16 -5.41
CA LYS A 121 3.19 6.20 -4.99
C LYS A 121 4.24 5.58 -4.07
N ILE A 122 3.76 4.97 -3.00
CA ILE A 122 4.66 4.33 -2.04
C ILE A 122 5.32 3.12 -2.69
N LEU A 123 4.57 2.47 -3.57
CA LEU A 123 5.07 1.30 -4.26
C LEU A 123 6.35 1.66 -5.01
N GLN A 124 6.21 2.62 -5.91
CA GLN A 124 7.35 3.07 -6.71
C GLN A 124 8.44 3.63 -5.80
N LEU A 125 8.01 4.44 -4.84
CA LEU A 125 8.92 5.05 -3.90
C LEU A 125 9.65 3.95 -3.12
N ASN A 126 8.92 2.90 -2.80
CA ASN A 126 9.47 1.78 -2.07
C ASN A 126 10.61 1.15 -2.89
N PHE A 127 10.38 1.09 -4.19
CA PHE A 127 11.37 0.52 -5.09
C PHE A 127 12.62 1.40 -5.17
N GLU A 128 12.39 2.70 -5.30
CA GLU A 128 13.49 3.64 -5.38
C GLU A 128 14.24 3.71 -4.05
N ALA A 129 13.52 3.33 -2.99
CA ALA A 129 14.10 3.35 -1.66
C ALA A 129 15.16 2.25 -1.55
N ALA A 130 14.92 1.18 -2.29
CA ALA A 130 15.85 0.06 -2.29
C ALA A 130 17.11 0.44 -3.05
N MET A 131 16.91 1.01 -4.23
CA MET A 131 18.02 1.43 -5.06
C MET A 131 18.72 2.65 -4.47
N GLN A 132 18.03 3.32 -3.56
CA GLN A 132 18.58 4.50 -2.91
C GLN A 132 19.47 4.09 -1.74
N GLU A 133 19.04 3.04 -1.04
CA GLU A 133 19.80 2.54 0.09
C GLU A 133 20.92 1.62 -0.38
N LYS A 134 20.67 0.96 -1.50
CA LYS A 134 21.64 0.05 -2.07
C LYS A 134 23.03 0.68 -2.00
N ARG A 135 23.11 1.91 -2.50
CA ARG A 135 24.37 2.63 -2.50
C ARG A 135 24.39 3.67 -1.37
N ASN A 136 24.12 3.19 -0.17
CA ASN A 136 24.10 4.06 1.00
C ASN A 136 23.97 3.20 2.26
N GLY A 137 25.13 2.92 2.85
CA GLY A 137 25.16 2.11 4.06
C GLY A 137 25.28 0.62 3.73
N ASP A 138 24.13 -0.03 3.64
CA ASP A 138 24.09 -1.45 3.33
C ASP A 138 22.63 -1.89 3.19
N SER A 139 22.45 -3.04 2.56
CA SER A 139 21.13 -3.60 2.36
C SER A 139 21.01 -4.96 3.07
N HIS A 140 20.70 -4.90 4.35
CA HIS A 140 20.56 -6.10 5.15
C HIS A 140 19.24 -6.79 4.80
N GLU A 141 19.10 -8.02 5.29
CA GLU A 141 17.89 -8.78 5.05
C GLU A 141 17.50 -9.58 6.29
N ASP A 142 16.85 -8.88 7.21
CA ASP A 142 16.43 -9.50 8.46
C ASP A 142 15.08 -10.20 8.23
N ASP A 143 15.15 -11.49 7.93
CA ASP A 143 13.96 -12.28 7.70
C ASP A 143 13.21 -12.47 9.02
N GLU A 144 11.89 -12.61 8.89
CA GLU A 144 11.05 -12.80 10.06
C GLU A 144 9.59 -12.93 9.64
N SER A 145 9.26 -14.12 9.14
CA SER A 145 7.89 -14.39 8.71
C SER A 145 7.79 -15.82 8.17
N GLY A 146 6.56 -16.30 8.11
CA GLY A 146 6.31 -17.64 7.63
C GLY A 146 5.09 -17.68 6.70
N PRO A 147 4.63 -18.93 6.40
CA PRO A 147 3.48 -19.11 5.52
C PRO A 147 2.18 -18.76 6.25
N SER A 148 1.08 -18.87 5.53
CA SER A 148 -0.23 -18.58 6.09
C SER A 148 -1.32 -19.21 5.22
N SER A 149 -2.08 -20.11 5.84
CA SER A 149 -3.16 -20.78 5.14
C SER A 149 -4.15 -19.75 4.58
N GLY A 150 -4.31 -19.79 3.27
CA GLY A 150 -5.22 -18.86 2.60
C GLY A 150 -4.46 -17.67 2.01
N GLY A 1 12.87 -11.88 21.52
CA GLY A 1 12.18 -12.96 20.83
C GLY A 1 13.02 -13.50 19.68
N SER A 2 12.40 -13.56 18.52
CA SER A 2 13.08 -14.05 17.32
C SER A 2 13.46 -12.88 16.42
N SER A 3 14.38 -13.15 15.51
CA SER A 3 14.84 -12.13 14.58
C SER A 3 14.50 -12.54 13.14
N GLY A 4 15.15 -13.60 12.69
CA GLY A 4 14.92 -14.10 11.34
C GLY A 4 16.22 -14.11 10.54
N SER A 5 16.06 -14.28 9.23
CA SER A 5 17.22 -14.31 8.34
C SER A 5 16.75 -14.35 6.89
N SER A 6 16.76 -13.17 6.26
CA SER A 6 16.34 -13.06 4.87
C SER A 6 16.66 -11.65 4.34
N GLY A 7 16.49 -11.49 3.05
CA GLY A 7 16.75 -10.21 2.41
C GLY A 7 15.79 -9.14 2.91
N ALA A 8 15.29 -8.34 1.98
CA ALA A 8 14.36 -7.28 2.31
C ALA A 8 15.06 -6.27 3.23
N ALA A 9 14.91 -5.00 2.88
CA ALA A 9 15.52 -3.93 3.66
C ALA A 9 15.02 -2.59 3.14
N SER A 10 14.52 -1.78 4.07
CA SER A 10 14.01 -0.46 3.72
C SER A 10 13.41 0.20 4.95
N LEU A 11 14.27 0.82 5.74
CA LEU A 11 13.83 1.50 6.95
C LEU A 11 14.93 2.48 7.40
N GLY A 12 14.60 3.24 8.43
CA GLY A 12 15.53 4.21 8.98
C GLY A 12 15.67 5.41 8.04
N SER A 13 15.98 6.55 8.64
CA SER A 13 16.15 7.78 7.88
C SER A 13 14.85 8.11 7.13
N GLN A 14 14.84 9.29 6.52
CA GLN A 14 13.68 9.73 5.77
C GLN A 14 12.55 10.12 6.73
N LYS A 15 11.87 11.19 6.38
CA LYS A 15 10.77 11.67 7.20
C LYS A 15 9.48 10.97 6.77
N GLY A 16 8.37 11.48 7.29
CA GLY A 16 7.06 10.91 6.98
C GLY A 16 7.02 10.44 5.51
N GLY A 17 6.57 11.33 4.65
CA GLY A 17 6.47 11.02 3.24
C GLY A 17 5.09 11.39 2.69
N ILE A 18 4.29 10.37 2.42
CA ILE A 18 2.95 10.58 1.90
C ILE A 18 1.92 10.16 2.96
N THR A 19 0.67 10.16 2.54
CA THR A 19 -0.41 9.79 3.43
C THR A 19 -1.77 10.08 2.79
N LYS A 20 -2.81 9.58 3.43
CA LYS A 20 -4.16 9.80 2.93
C LYS A 20 -5.17 9.16 3.89
N HIS A 21 -6.43 9.52 3.71
CA HIS A 21 -7.49 8.99 4.56
C HIS A 21 -8.82 9.02 3.79
N GLY A 22 -9.74 8.21 4.26
CA GLY A 22 -11.05 8.13 3.64
C GLY A 22 -11.63 6.71 3.74
N TRP A 23 -12.83 6.56 3.20
CA TRP A 23 -13.49 5.27 3.22
C TRP A 23 -13.54 4.73 1.79
N LEU A 24 -12.87 3.61 1.60
CA LEU A 24 -12.82 2.98 0.29
C LEU A 24 -13.75 1.77 0.27
N TYR A 25 -13.74 1.08 -0.86
CA TYR A 25 -14.59 -0.10 -1.02
C TYR A 25 -13.73 -1.35 -1.29
N LYS A 26 -13.44 -2.07 -0.22
CA LYS A 26 -12.65 -3.28 -0.34
C LYS A 26 -13.54 -4.45 -0.73
N GLY A 27 -12.92 -5.44 -1.36
CA GLY A 27 -13.66 -6.62 -1.79
C GLY A 27 -12.72 -7.82 -1.97
N ASN A 28 -11.57 -7.55 -2.57
CA ASN A 28 -10.59 -8.59 -2.80
C ASN A 28 -10.95 -9.36 -4.06
N MET A 29 -10.15 -9.14 -5.11
CA MET A 29 -10.37 -9.81 -6.37
C MET A 29 -10.15 -11.33 -6.25
N ASN A 30 -10.77 -12.06 -7.16
CA ASN A 30 -10.65 -13.50 -7.17
C ASN A 30 -11.03 -14.04 -8.54
N SER A 31 -11.00 -15.36 -8.67
CA SER A 31 -11.34 -16.01 -9.92
C SER A 31 -12.66 -15.44 -10.46
N ALA A 32 -13.74 -16.12 -10.13
CA ALA A 32 -15.06 -15.68 -10.57
C ALA A 32 -15.21 -14.18 -10.33
N ILE A 33 -16.34 -13.66 -10.78
CA ILE A 33 -16.62 -12.25 -10.61
C ILE A 33 -17.19 -12.00 -9.21
N SER A 34 -18.25 -12.74 -8.90
CA SER A 34 -18.90 -12.61 -7.59
C SER A 34 -17.84 -12.66 -6.49
N VAL A 35 -16.83 -13.48 -6.71
CA VAL A 35 -15.75 -13.63 -5.74
C VAL A 35 -14.83 -12.42 -5.83
N THR A 36 -14.76 -11.85 -7.01
CA THR A 36 -13.92 -10.69 -7.24
C THR A 36 -14.41 -9.50 -6.41
N MET A 37 -15.69 -9.21 -6.55
CA MET A 37 -16.29 -8.11 -5.81
C MET A 37 -16.37 -8.43 -4.32
N ARG A 38 -16.92 -9.58 -4.02
CA ARG A 38 -17.07 -10.02 -2.64
C ARG A 38 -17.75 -8.93 -1.81
N SER A 39 -19.00 -8.67 -2.16
CA SER A 39 -19.77 -7.65 -1.46
C SER A 39 -18.87 -6.50 -1.03
N PHE A 40 -18.46 -5.72 -2.03
CA PHE A 40 -17.58 -4.58 -1.77
C PHE A 40 -17.96 -3.89 -0.46
N LYS A 41 -17.15 -4.13 0.56
CA LYS A 41 -17.38 -3.54 1.85
C LYS A 41 -16.61 -2.22 1.96
N ARG A 42 -17.21 -1.27 2.67
CA ARG A 42 -16.60 0.03 2.85
C ARG A 42 -15.78 0.05 4.15
N ARG A 43 -14.56 0.56 4.04
CA ARG A 43 -13.68 0.65 5.19
C ARG A 43 -12.83 1.92 5.11
N PHE A 44 -12.41 2.38 6.27
CA PHE A 44 -11.60 3.58 6.35
C PHE A 44 -10.13 3.26 6.10
N PHE A 45 -9.70 3.55 4.87
CA PHE A 45 -8.31 3.30 4.49
C PHE A 45 -7.38 4.34 5.11
N HIS A 46 -6.66 3.90 6.13
CA HIS A 46 -5.72 4.78 6.82
C HIS A 46 -4.29 4.35 6.49
N LEU A 47 -3.55 5.29 5.92
CA LEU A 47 -2.16 5.03 5.56
C LEU A 47 -1.24 5.46 6.70
N ILE A 48 -0.27 4.62 6.99
CA ILE A 48 0.67 4.90 8.06
C ILE A 48 2.06 4.38 7.65
N GLN A 49 3.07 5.11 8.10
CA GLN A 49 4.45 4.73 7.80
C GLN A 49 4.92 3.65 8.76
N LEU A 50 5.56 2.63 8.19
CA LEU A 50 6.07 1.53 8.98
C LEU A 50 6.99 2.08 10.08
N GLY A 51 7.66 1.16 10.76
CA GLY A 51 8.57 1.54 11.83
C GLY A 51 9.20 2.90 11.56
N ASP A 52 9.59 3.09 10.32
CA ASP A 52 10.21 4.35 9.90
C ASP A 52 10.87 4.17 8.53
N GLY A 53 10.02 4.13 7.52
CA GLY A 53 10.50 3.97 6.15
C GLY A 53 9.35 3.58 5.22
N SER A 54 9.14 2.28 5.09
CA SER A 54 8.09 1.77 4.24
C SER A 54 6.72 2.25 4.73
N TYR A 55 5.70 2.00 3.93
CA TYR A 55 4.35 2.40 4.27
C TYR A 55 3.41 1.19 4.29
N ASN A 56 2.28 1.38 4.96
CA ASN A 56 1.29 0.33 5.06
C ASN A 56 -0.10 0.95 5.23
N LEU A 57 -0.99 0.58 4.33
CA LEU A 57 -2.36 1.09 4.37
C LEU A 57 -3.23 0.15 5.19
N ASN A 58 -3.49 0.55 6.42
CA ASN A 58 -4.31 -0.25 7.32
C ASN A 58 -5.72 0.34 7.38
N PHE A 59 -6.69 -0.46 6.97
CA PHE A 59 -8.07 -0.03 6.99
C PHE A 59 -8.82 -0.58 8.20
N TYR A 60 -9.60 0.29 8.82
CA TYR A 60 -10.36 -0.10 10.01
C TYR A 60 -11.86 -0.07 9.71
N LYS A 61 -12.63 -0.49 10.71
CA LYS A 61 -14.08 -0.51 10.57
C LYS A 61 -14.63 0.92 10.68
N ASP A 62 -13.90 1.73 11.43
CA ASP A 62 -14.29 3.11 11.62
C ASP A 62 -13.05 4.01 11.61
N GLU A 63 -13.27 5.28 11.90
CA GLU A 63 -12.17 6.24 11.93
C GLU A 63 -11.32 6.03 13.18
N LYS A 64 -11.98 5.81 14.29
CA LYS A 64 -11.30 5.59 15.55
C LYS A 64 -10.42 4.34 15.45
N ILE A 65 -9.21 4.56 14.95
CA ILE A 65 -8.27 3.47 14.79
C ILE A 65 -7.66 3.11 16.15
N SER A 66 -6.35 2.89 16.15
CA SER A 66 -5.65 2.53 17.36
C SER A 66 -5.80 1.05 17.65
N LYS A 67 -7.05 0.60 17.61
CA LYS A 67 -7.35 -0.81 17.86
C LYS A 67 -6.77 -1.66 16.73
N GLU A 68 -7.19 -2.92 16.71
CA GLU A 68 -6.73 -3.85 15.69
C GLU A 68 -7.41 -3.54 14.36
N PRO A 69 -6.57 -3.37 13.31
CA PRO A 69 -7.09 -3.08 11.97
C PRO A 69 -7.68 -4.33 11.33
N LYS A 70 -8.68 -4.11 10.48
CA LYS A 70 -9.34 -5.20 9.79
C LYS A 70 -8.33 -5.92 8.90
N GLY A 71 -7.36 -5.16 8.42
CA GLY A 71 -6.33 -5.70 7.55
C GLY A 71 -5.26 -4.66 7.23
N SER A 72 -4.23 -5.10 6.55
CA SER A 72 -3.13 -4.23 6.18
C SER A 72 -2.64 -4.57 4.77
N ILE A 73 -2.22 -3.53 4.06
CA ILE A 73 -1.73 -3.71 2.71
C ILE A 73 -0.21 -3.53 2.70
N PHE A 74 0.49 -4.65 2.57
CA PHE A 74 1.94 -4.64 2.55
C PHE A 74 2.46 -3.97 1.27
N LEU A 75 2.35 -2.65 1.24
CA LEU A 75 2.81 -1.89 0.09
C LEU A 75 4.24 -2.31 -0.26
N ASP A 76 4.97 -2.71 0.77
CA ASP A 76 6.35 -3.15 0.58
C ASP A 76 6.38 -4.30 -0.42
N SER A 77 5.26 -4.98 -0.53
CA SER A 77 5.15 -6.11 -1.45
C SER A 77 4.28 -5.73 -2.65
N CYS A 78 3.28 -4.89 -2.37
CA CYS A 78 2.38 -4.44 -3.42
C CYS A 78 3.20 -4.14 -4.67
N MET A 79 2.71 -4.62 -5.81
CA MET A 79 3.39 -4.40 -7.06
C MET A 79 2.90 -3.10 -7.73
N GLY A 80 1.60 -2.90 -7.68
CA GLY A 80 1.01 -1.71 -8.27
C GLY A 80 -0.52 -1.79 -8.24
N VAL A 81 -1.15 -0.68 -8.61
CA VAL A 81 -2.60 -0.61 -8.62
C VAL A 81 -3.09 -0.67 -10.08
N VAL A 82 -3.98 -1.60 -10.33
CA VAL A 82 -4.53 -1.78 -11.66
C VAL A 82 -5.93 -1.15 -11.71
N GLN A 83 -6.44 -1.02 -12.93
CA GLN A 83 -7.75 -0.44 -13.13
C GLN A 83 -8.80 -1.54 -13.35
N ASN A 84 -9.89 -1.43 -12.61
CA ASN A 84 -10.96 -2.40 -12.71
C ASN A 84 -12.30 -1.69 -12.57
N ASN A 85 -12.66 -0.96 -13.61
CA ASN A 85 -13.91 -0.23 -13.62
C ASN A 85 -15.01 -1.10 -14.24
N LYS A 86 -14.86 -2.39 -14.03
CA LYS A 86 -15.83 -3.35 -14.57
C LYS A 86 -16.82 -3.73 -13.47
N VAL A 87 -16.27 -4.17 -12.35
CA VAL A 87 -17.10 -4.57 -11.22
C VAL A 87 -17.95 -3.39 -10.78
N ARG A 88 -17.37 -2.56 -9.92
CA ARG A 88 -18.06 -1.39 -9.41
C ARG A 88 -17.55 -0.13 -10.10
N ARG A 89 -18.19 0.99 -9.78
CA ARG A 89 -17.81 2.26 -10.37
C ARG A 89 -16.53 2.78 -9.72
N PHE A 90 -15.49 2.86 -10.53
CA PHE A 90 -14.20 3.34 -10.06
C PHE A 90 -13.59 2.36 -9.05
N ALA A 91 -13.30 1.16 -9.55
CA ALA A 91 -12.71 0.13 -8.71
C ALA A 91 -11.36 -0.29 -9.29
N PHE A 92 -10.36 -0.35 -8.42
CA PHE A 92 -9.02 -0.73 -8.83
C PHE A 92 -8.51 -1.91 -7.99
N GLU A 93 -7.76 -2.78 -8.66
CA GLU A 93 -7.21 -3.95 -7.99
C GLU A 93 -5.74 -3.69 -7.61
N LEU A 94 -5.37 -4.19 -6.45
CA LEU A 94 -4.01 -4.03 -5.96
C LEU A 94 -3.23 -5.32 -6.20
N LYS A 95 -2.29 -5.24 -7.13
CA LYS A 95 -1.47 -6.39 -7.46
C LYS A 95 -0.36 -6.56 -6.40
N MET A 96 -0.53 -7.58 -5.58
CA MET A 96 0.44 -7.85 -4.53
C MET A 96 1.43 -8.93 -4.96
N GLN A 97 2.54 -9.01 -4.24
CA GLN A 97 3.57 -9.98 -4.54
C GLN A 97 3.39 -11.23 -3.68
N ASP A 98 2.54 -11.09 -2.66
CA ASP A 98 2.26 -12.19 -1.76
C ASP A 98 1.15 -13.06 -2.34
N LYS A 99 1.27 -13.33 -3.63
CA LYS A 99 0.29 -14.15 -4.32
C LYS A 99 -1.12 -13.75 -3.86
N SER A 100 -1.57 -12.61 -4.38
CA SER A 100 -2.88 -12.10 -4.03
C SER A 100 -3.04 -10.66 -4.52
N SER A 101 -4.27 -10.16 -4.42
CA SER A 101 -4.55 -8.81 -4.85
C SER A 101 -5.90 -8.35 -4.28
N TYR A 102 -5.94 -7.10 -3.85
CA TYR A 102 -7.16 -6.54 -3.29
C TYR A 102 -8.01 -5.88 -4.37
N LEU A 103 -9.14 -5.35 -3.94
CA LEU A 103 -10.06 -4.69 -4.86
C LEU A 103 -10.70 -3.49 -4.17
N LEU A 104 -10.11 -2.33 -4.37
CA LEU A 104 -10.61 -1.11 -3.76
C LEU A 104 -11.53 -0.41 -4.76
N ALA A 105 -12.30 0.54 -4.23
CA ALA A 105 -13.23 1.30 -5.06
C ALA A 105 -13.67 2.56 -4.30
N ALA A 106 -13.55 3.69 -4.99
CA ALA A 106 -13.92 4.97 -4.39
C ALA A 106 -15.31 5.36 -4.89
N ASP A 107 -15.87 6.36 -4.24
CA ASP A 107 -17.20 6.84 -4.61
C ASP A 107 -17.09 7.69 -5.88
N SER A 108 -15.99 8.43 -5.97
CA SER A 108 -15.76 9.28 -7.12
C SER A 108 -14.43 8.93 -7.77
N GLU A 109 -14.36 9.15 -9.08
CA GLU A 109 -13.16 8.86 -9.83
C GLU A 109 -11.93 9.39 -9.09
N VAL A 110 -12.10 10.56 -8.49
CA VAL A 110 -11.02 11.19 -7.76
C VAL A 110 -10.58 10.28 -6.61
N GLU A 111 -11.54 9.97 -5.74
CA GLU A 111 -11.26 9.12 -4.60
C GLU A 111 -10.71 7.77 -5.07
N MET A 112 -10.89 7.51 -6.36
CA MET A 112 -10.42 6.27 -6.95
C MET A 112 -9.00 6.43 -7.50
N GLU A 113 -8.73 7.63 -7.99
CA GLU A 113 -7.41 7.92 -8.54
C GLU A 113 -6.43 8.31 -7.42
N GLU A 114 -6.98 8.98 -6.42
CA GLU A 114 -6.17 9.41 -5.28
C GLU A 114 -5.39 8.23 -4.71
N TRP A 115 -6.14 7.25 -4.23
CA TRP A 115 -5.53 6.07 -3.65
C TRP A 115 -4.64 5.42 -4.71
N ILE A 116 -5.24 5.17 -5.87
CA ILE A 116 -4.52 4.56 -6.97
C ILE A 116 -3.15 5.25 -7.12
N THR A 117 -3.10 6.50 -6.69
CA THR A 117 -1.88 7.27 -6.77
C THR A 117 -1.03 7.07 -5.51
N ILE A 118 -1.70 7.15 -4.37
CA ILE A 118 -1.03 6.98 -3.10
C ILE A 118 -0.37 5.59 -3.06
N LEU A 119 -1.20 4.57 -3.07
CA LEU A 119 -0.71 3.20 -3.04
C LEU A 119 0.44 3.06 -4.05
N ASN A 120 0.16 3.50 -5.27
CA ASN A 120 1.15 3.42 -6.33
C ASN A 120 2.42 4.16 -5.90
N LYS A 121 2.22 5.39 -5.47
CA LYS A 121 3.34 6.22 -5.02
C LYS A 121 4.30 5.35 -4.19
N ILE A 122 3.84 4.97 -3.01
CA ILE A 122 4.64 4.15 -2.12
C ILE A 122 5.19 2.95 -2.90
N LEU A 123 4.34 2.39 -3.74
CA LEU A 123 4.73 1.24 -4.54
C LEU A 123 5.89 1.63 -5.45
N GLN A 124 5.89 2.89 -5.86
CA GLN A 124 6.94 3.40 -6.72
C GLN A 124 8.12 3.90 -5.89
N LEU A 125 7.80 4.45 -4.73
CA LEU A 125 8.83 4.96 -3.83
C LEU A 125 9.57 3.78 -3.19
N ASN A 126 8.83 2.70 -2.99
CA ASN A 126 9.41 1.51 -2.40
C ASN A 126 10.54 0.98 -3.29
N PHE A 127 10.37 1.20 -4.59
CA PHE A 127 11.37 0.75 -5.55
C PHE A 127 12.64 1.59 -5.45
N GLU A 128 12.45 2.88 -5.27
CA GLU A 128 13.58 3.80 -5.15
C GLU A 128 14.14 3.77 -3.72
N ALA A 129 13.29 3.36 -2.79
CA ALA A 129 13.68 3.28 -1.40
C ALA A 129 14.68 2.13 -1.22
N ALA A 130 14.61 1.18 -2.14
CA ALA A 130 15.49 0.03 -2.10
C ALA A 130 16.86 0.42 -2.64
N MET A 131 16.85 1.05 -3.81
CA MET A 131 18.08 1.48 -4.45
C MET A 131 18.84 2.47 -3.55
N GLN A 132 18.07 3.29 -2.86
CA GLN A 132 18.65 4.28 -1.97
C GLN A 132 19.30 3.59 -0.75
N GLU A 133 18.55 2.67 -0.16
CA GLU A 133 19.04 1.94 0.99
C GLU A 133 20.22 1.07 0.59
N LYS A 134 20.07 0.37 -0.52
CA LYS A 134 21.12 -0.51 -1.00
C LYS A 134 22.46 0.22 -0.92
N ARG A 135 22.47 1.46 -1.38
CA ARG A 135 23.68 2.26 -1.35
C ARG A 135 23.78 3.03 -0.03
N ASN A 136 23.61 2.29 1.05
CA ASN A 136 23.68 2.88 2.38
C ASN A 136 23.73 1.76 3.43
N GLY A 137 24.91 1.65 4.04
CA GLY A 137 25.10 0.63 5.07
C GLY A 137 24.25 0.92 6.31
N ASP A 138 23.00 0.49 6.23
CA ASP A 138 22.08 0.70 7.34
C ASP A 138 20.78 -0.07 7.06
N SER A 139 20.57 -1.11 7.85
CA SER A 139 19.38 -1.93 7.71
C SER A 139 19.44 -3.11 8.68
N HIS A 140 18.33 -3.84 8.73
CA HIS A 140 18.24 -5.00 9.61
C HIS A 140 17.38 -6.08 8.96
N GLU A 141 17.22 -7.19 9.68
CA GLU A 141 16.44 -8.30 9.19
C GLU A 141 15.01 -8.22 9.74
N ASP A 142 14.08 -8.74 8.96
CA ASP A 142 12.68 -8.75 9.37
C ASP A 142 11.83 -9.35 8.24
N ASP A 143 10.66 -9.83 8.62
CA ASP A 143 9.76 -10.43 7.66
C ASP A 143 8.47 -10.86 8.38
N GLU A 144 7.48 -11.22 7.58
CA GLU A 144 6.20 -11.65 8.12
C GLU A 144 5.51 -12.63 7.17
N SER A 145 5.63 -13.90 7.50
CA SER A 145 5.03 -14.95 6.68
C SER A 145 5.64 -14.93 5.28
N GLY A 146 5.43 -16.02 4.56
CA GLY A 146 5.95 -16.14 3.21
C GLY A 146 4.91 -16.77 2.28
N PRO A 147 5.43 -17.36 1.16
CA PRO A 147 4.56 -17.99 0.19
C PRO A 147 4.04 -19.34 0.70
N SER A 148 2.86 -19.70 0.24
CA SER A 148 2.25 -20.96 0.65
C SER A 148 0.86 -21.09 0.02
N SER A 149 0.85 -21.58 -1.22
CA SER A 149 -0.40 -21.77 -1.94
C SER A 149 -0.36 -23.08 -2.72
N GLY A 150 -1.52 -23.46 -3.24
CA GLY A 150 -1.63 -24.68 -4.01
C GLY A 150 -1.61 -24.39 -5.51
N GLY A 1 21.84 -5.23 0.68
CA GLY A 1 22.21 -4.61 -0.58
C GLY A 1 21.32 -5.11 -1.72
N SER A 2 21.13 -4.25 -2.71
CA SER A 2 20.30 -4.59 -3.85
C SER A 2 20.76 -3.80 -5.07
N SER A 3 20.42 -4.33 -6.24
CA SER A 3 20.79 -3.69 -7.49
C SER A 3 19.70 -3.93 -8.54
N GLY A 4 19.76 -3.13 -9.59
CA GLY A 4 18.79 -3.24 -10.68
C GLY A 4 19.48 -3.47 -12.02
N SER A 5 18.69 -3.86 -13.01
CA SER A 5 19.22 -4.11 -14.34
C SER A 5 18.30 -3.48 -15.39
N SER A 6 18.58 -2.22 -15.68
CA SER A 6 17.78 -1.49 -16.66
C SER A 6 18.30 -0.05 -16.78
N GLY A 7 18.22 0.47 -18.00
CA GLY A 7 18.67 1.83 -18.26
C GLY A 7 17.59 2.84 -17.88
N ALA A 8 17.24 2.83 -16.60
CA ALA A 8 16.21 3.74 -16.11
C ALA A 8 16.80 4.59 -14.97
N ALA A 9 17.45 5.67 -15.35
CA ALA A 9 18.06 6.56 -14.38
C ALA A 9 17.12 7.74 -14.11
N SER A 10 16.27 7.55 -13.12
CA SER A 10 15.31 8.58 -12.75
C SER A 10 15.81 9.34 -11.50
N LEU A 11 15.65 10.65 -11.55
CA LEU A 11 16.08 11.49 -10.45
C LEU A 11 14.99 12.53 -10.16
N GLY A 12 15.13 13.19 -9.02
CA GLY A 12 14.18 14.21 -8.62
C GLY A 12 13.18 13.66 -7.60
N SER A 13 13.69 13.39 -6.41
CA SER A 13 12.86 12.85 -5.34
C SER A 13 13.23 13.51 -4.02
N GLN A 14 12.26 14.22 -3.45
CA GLN A 14 12.48 14.91 -2.18
C GLN A 14 11.99 14.03 -1.02
N LYS A 15 12.80 13.99 0.01
CA LYS A 15 12.47 13.20 1.19
C LYS A 15 11.35 13.90 1.97
N GLY A 16 10.65 13.11 2.77
CA GLY A 16 9.55 13.64 3.56
C GLY A 16 8.65 12.52 4.07
N GLY A 17 7.43 12.51 3.56
CA GLY A 17 6.45 11.50 3.94
C GLY A 17 5.11 11.73 3.24
N ILE A 18 4.47 10.63 2.90
CA ILE A 18 3.17 10.69 2.23
C ILE A 18 2.11 10.04 3.11
N THR A 19 0.87 10.14 2.65
CA THR A 19 -0.24 9.56 3.39
C THR A 19 -1.57 10.09 2.84
N LYS A 20 -2.65 9.47 3.30
CA LYS A 20 -3.98 9.87 2.87
C LYS A 20 -5.02 9.01 3.59
N HIS A 21 -6.28 9.32 3.33
CA HIS A 21 -7.38 8.59 3.93
C HIS A 21 -8.58 8.58 2.99
N GLY A 22 -9.66 7.97 3.45
CA GLY A 22 -10.87 7.89 2.66
C GLY A 22 -11.51 6.50 2.78
N TRP A 23 -12.83 6.49 2.83
CA TRP A 23 -13.57 5.25 2.94
C TRP A 23 -13.45 4.50 1.60
N LEU A 24 -12.82 3.35 1.67
CA LEU A 24 -12.62 2.53 0.48
C LEU A 24 -13.43 1.24 0.61
N TYR A 25 -13.58 0.55 -0.51
CA TYR A 25 -14.32 -0.70 -0.53
C TYR A 25 -13.40 -1.88 -0.84
N LYS A 26 -13.04 -2.60 0.21
CA LYS A 26 -12.16 -3.75 0.06
C LYS A 26 -12.96 -4.93 -0.52
N GLY A 27 -12.24 -5.80 -1.21
CA GLY A 27 -12.87 -6.97 -1.81
C GLY A 27 -11.83 -7.99 -2.26
N ASN A 28 -12.16 -8.71 -3.31
CA ASN A 28 -11.26 -9.72 -3.84
C ASN A 28 -11.86 -10.30 -5.12
N MET A 29 -11.18 -10.05 -6.23
CA MET A 29 -11.63 -10.54 -7.52
C MET A 29 -11.77 -12.07 -7.50
N ASN A 30 -12.72 -12.54 -8.30
CA ASN A 30 -12.97 -13.98 -8.38
C ASN A 30 -13.55 -14.30 -9.76
N SER A 31 -13.50 -15.59 -10.09
CA SER A 31 -14.01 -16.05 -11.36
C SER A 31 -15.33 -15.33 -11.69
N ALA A 32 -16.42 -15.97 -11.30
CA ALA A 32 -17.74 -15.41 -11.55
C ALA A 32 -17.79 -13.98 -11.01
N ILE A 33 -18.97 -13.39 -11.08
CA ILE A 33 -19.16 -12.03 -10.60
C ILE A 33 -19.63 -12.06 -9.14
N SER A 34 -20.67 -12.84 -8.91
CA SER A 34 -21.22 -12.97 -7.56
C SER A 34 -20.11 -13.36 -6.58
N VAL A 35 -19.04 -13.91 -7.14
CA VAL A 35 -17.90 -14.33 -6.33
C VAL A 35 -16.88 -13.20 -6.26
N THR A 36 -16.93 -12.34 -7.27
CA THR A 36 -16.00 -11.22 -7.35
C THR A 36 -16.36 -10.18 -6.29
N MET A 37 -17.64 -10.13 -5.96
CA MET A 37 -18.12 -9.18 -4.96
C MET A 37 -17.99 -9.75 -3.55
N ARG A 38 -18.49 -10.97 -3.39
CA ARG A 38 -18.43 -11.64 -2.10
C ARG A 38 -19.25 -10.87 -1.07
N SER A 39 -18.67 -9.78 -0.59
CA SER A 39 -19.32 -8.95 0.41
C SER A 39 -18.71 -7.54 0.41
N PHE A 40 -18.64 -6.95 -0.77
CA PHE A 40 -18.08 -5.62 -0.91
C PHE A 40 -18.52 -4.72 0.24
N LYS A 41 -17.58 -4.48 1.15
CA LYS A 41 -17.86 -3.63 2.30
C LYS A 41 -16.99 -2.38 2.22
N ARG A 42 -17.51 -1.30 2.79
CA ARG A 42 -16.79 -0.04 2.78
C ARG A 42 -16.24 0.25 4.19
N ARG A 43 -14.93 0.47 4.24
CA ARG A 43 -14.27 0.76 5.49
C ARG A 43 -13.25 1.88 5.30
N PHE A 44 -12.99 2.60 6.40
CA PHE A 44 -12.04 3.69 6.37
C PHE A 44 -10.61 3.17 6.20
N PHE A 45 -10.00 3.57 5.09
CA PHE A 45 -8.64 3.16 4.79
C PHE A 45 -7.63 4.19 5.29
N HIS A 46 -6.83 3.76 6.27
CA HIS A 46 -5.83 4.63 6.84
C HIS A 46 -4.46 4.26 6.30
N LEU A 47 -3.69 5.30 5.94
CA LEU A 47 -2.36 5.08 5.40
C LEU A 47 -1.33 5.59 6.42
N ILE A 48 -0.35 4.72 6.67
CA ILE A 48 0.71 5.06 7.61
C ILE A 48 2.04 4.50 7.10
N GLN A 49 3.11 5.21 7.43
CA GLN A 49 4.43 4.80 7.02
C GLN A 49 5.08 3.90 8.08
N LEU A 50 5.30 2.65 7.70
CA LEU A 50 5.90 1.69 8.61
C LEU A 50 7.25 2.23 9.11
N GLY A 51 7.96 1.39 9.83
CA GLY A 51 9.25 1.77 10.37
C GLY A 51 10.36 1.62 9.31
N ASP A 52 10.53 0.39 8.87
CA ASP A 52 11.54 0.09 7.87
C ASP A 52 11.57 1.23 6.83
N GLY A 53 10.41 1.84 6.64
CA GLY A 53 10.29 2.93 5.68
C GLY A 53 9.07 2.74 4.78
N SER A 54 8.77 1.48 4.52
CA SER A 54 7.63 1.13 3.67
C SER A 54 6.33 1.60 4.33
N TYR A 55 5.27 1.55 3.54
CA TYR A 55 3.97 1.97 4.04
C TYR A 55 3.02 0.77 4.15
N ASN A 56 1.87 1.02 4.75
CA ASN A 56 0.87 -0.03 4.94
C ASN A 56 -0.51 0.60 5.03
N LEU A 57 -1.42 0.07 4.22
CA LEU A 57 -2.79 0.57 4.20
C LEU A 57 -3.63 -0.20 5.21
N ASN A 58 -3.84 0.43 6.36
CA ASN A 58 -4.62 -0.18 7.42
C ASN A 58 -6.01 0.43 7.44
N PHE A 59 -7.00 -0.39 7.09
CA PHE A 59 -8.38 0.07 7.06
C PHE A 59 -9.12 -0.39 8.32
N TYR A 60 -9.81 0.57 8.94
CA TYR A 60 -10.56 0.29 10.14
C TYR A 60 -12.06 0.32 9.86
N LYS A 61 -12.81 -0.33 10.75
CA LYS A 61 -14.25 -0.38 10.62
C LYS A 61 -14.82 1.03 10.62
N ASP A 62 -14.27 1.85 11.50
CA ASP A 62 -14.70 3.24 11.62
C ASP A 62 -13.49 4.16 11.53
N GLU A 63 -13.77 5.46 11.60
CA GLU A 63 -12.71 6.45 11.54
C GLU A 63 -11.80 6.33 12.75
N LYS A 64 -12.42 6.14 13.90
CA LYS A 64 -11.65 6.02 15.14
C LYS A 64 -10.72 4.81 15.04
N ILE A 65 -9.49 5.09 14.66
CA ILE A 65 -8.49 4.04 14.52
C ILE A 65 -7.82 3.80 15.88
N SER A 66 -6.52 3.55 15.82
CA SER A 66 -5.75 3.30 17.03
C SER A 66 -5.90 1.83 17.44
N LYS A 67 -7.15 1.38 17.52
CA LYS A 67 -7.43 0.01 17.90
C LYS A 67 -6.88 -0.93 16.83
N GLU A 68 -7.26 -2.20 16.94
CA GLU A 68 -6.81 -3.20 15.99
C GLU A 68 -7.49 -3.00 14.64
N PRO A 69 -6.65 -2.94 13.57
CA PRO A 69 -7.16 -2.76 12.23
C PRO A 69 -7.81 -4.04 11.70
N LYS A 70 -8.64 -3.87 10.68
CA LYS A 70 -9.32 -5.00 10.07
C LYS A 70 -8.35 -5.76 9.17
N GLY A 71 -7.41 -5.02 8.60
CA GLY A 71 -6.42 -5.60 7.72
C GLY A 71 -5.40 -4.55 7.27
N SER A 72 -4.33 -5.04 6.64
CA SER A 72 -3.29 -4.16 6.16
C SER A 72 -2.77 -4.66 4.80
N ILE A 73 -2.16 -3.74 4.07
CA ILE A 73 -1.62 -4.08 2.76
C ILE A 73 -0.11 -3.83 2.77
N PHE A 74 0.62 -4.85 2.35
CA PHE A 74 2.07 -4.77 2.31
C PHE A 74 2.54 -4.04 1.04
N LEU A 75 2.38 -2.73 1.06
CA LEU A 75 2.78 -1.91 -0.07
C LEU A 75 4.19 -2.31 -0.52
N ASP A 76 5.04 -2.54 0.46
CA ASP A 76 6.42 -2.93 0.19
C ASP A 76 6.43 -4.10 -0.79
N SER A 77 5.31 -4.83 -0.80
CA SER A 77 5.18 -5.97 -1.70
C SER A 77 4.34 -5.59 -2.91
N CYS A 78 3.41 -4.67 -2.69
CA CYS A 78 2.54 -4.21 -3.76
C CYS A 78 3.40 -3.95 -5.00
N MET A 79 3.07 -4.68 -6.05
CA MET A 79 3.80 -4.54 -7.31
C MET A 79 3.32 -3.32 -8.10
N GLY A 80 2.07 -2.97 -7.87
CA GLY A 80 1.48 -1.82 -8.54
C GLY A 80 -0.05 -1.86 -8.45
N VAL A 81 -0.66 -0.75 -8.83
CA VAL A 81 -2.11 -0.64 -8.81
C VAL A 81 -2.65 -0.70 -10.23
N VAL A 82 -3.59 -1.61 -10.45
CA VAL A 82 -4.20 -1.77 -11.76
C VAL A 82 -5.54 -1.05 -11.79
N GLN A 83 -6.10 -0.96 -12.98
CA GLN A 83 -7.39 -0.30 -13.16
C GLN A 83 -8.50 -1.34 -13.34
N ASN A 84 -9.66 -1.01 -12.80
CA ASN A 84 -10.80 -1.90 -12.89
C ASN A 84 -12.09 -1.07 -12.99
N ASN A 85 -13.01 -1.57 -13.78
CA ASN A 85 -14.28 -0.89 -13.97
C ASN A 85 -15.35 -1.90 -14.41
N LYS A 86 -15.11 -3.15 -14.03
CA LYS A 86 -16.04 -4.21 -14.37
C LYS A 86 -16.99 -4.46 -13.20
N VAL A 87 -16.42 -4.45 -12.01
CA VAL A 87 -17.20 -4.67 -10.80
C VAL A 87 -17.93 -3.38 -10.43
N ARG A 88 -17.20 -2.51 -9.73
CA ARG A 88 -17.77 -1.24 -9.31
C ARG A 88 -17.14 -0.09 -10.10
N ARG A 89 -17.80 1.06 -10.03
CA ARG A 89 -17.32 2.24 -10.73
C ARG A 89 -16.06 2.79 -10.05
N PHE A 90 -15.03 2.98 -10.86
CA PHE A 90 -13.77 3.50 -10.34
C PHE A 90 -13.17 2.57 -9.29
N ALA A 91 -12.79 1.39 -9.76
CA ALA A 91 -12.20 0.39 -8.87
C ALA A 91 -10.81 0.01 -9.38
N PHE A 92 -9.93 -0.29 -8.43
CA PHE A 92 -8.57 -0.67 -8.78
C PHE A 92 -8.11 -1.85 -7.94
N GLU A 93 -7.38 -2.75 -8.58
CA GLU A 93 -6.87 -3.93 -7.90
C GLU A 93 -5.40 -3.72 -7.50
N LEU A 94 -5.08 -4.18 -6.30
CA LEU A 94 -3.73 -4.06 -5.78
C LEU A 94 -2.94 -5.32 -6.11
N LYS A 95 -2.04 -5.19 -7.08
CA LYS A 95 -1.23 -6.32 -7.49
C LYS A 95 -0.11 -6.52 -6.48
N MET A 96 -0.32 -7.47 -5.59
CA MET A 96 0.66 -7.78 -4.56
C MET A 96 1.66 -8.82 -5.05
N GLN A 97 2.72 -9.00 -4.27
CA GLN A 97 3.75 -9.96 -4.61
C GLN A 97 3.58 -11.25 -3.81
N ASP A 98 2.72 -11.16 -2.79
CA ASP A 98 2.46 -12.30 -1.93
C ASP A 98 1.34 -13.14 -2.55
N LYS A 99 1.45 -13.35 -3.85
CA LYS A 99 0.46 -14.14 -4.57
C LYS A 99 -0.94 -13.77 -4.08
N SER A 100 -1.30 -12.51 -4.30
CA SER A 100 -2.60 -12.03 -3.87
C SER A 100 -2.84 -10.62 -4.42
N SER A 101 -4.10 -10.19 -4.33
CA SER A 101 -4.46 -8.87 -4.82
C SER A 101 -5.82 -8.46 -4.23
N TYR A 102 -5.86 -7.23 -3.75
CA TYR A 102 -7.07 -6.70 -3.15
C TYR A 102 -7.86 -5.87 -4.16
N LEU A 103 -9.19 -5.96 -4.05
CA LEU A 103 -10.06 -5.23 -4.96
C LEU A 103 -10.55 -3.96 -4.26
N LEU A 104 -9.84 -2.87 -4.51
CA LEU A 104 -10.18 -1.59 -3.92
C LEU A 104 -11.12 -0.84 -4.86
N ALA A 105 -11.99 -0.03 -4.27
CA ALA A 105 -12.94 0.75 -5.04
C ALA A 105 -13.40 1.96 -4.22
N ALA A 106 -13.39 3.11 -4.86
CA ALA A 106 -13.80 4.34 -4.21
C ALA A 106 -15.22 4.70 -4.64
N ASP A 107 -15.70 5.81 -4.10
CA ASP A 107 -17.03 6.28 -4.43
C ASP A 107 -16.97 7.21 -5.64
N SER A 108 -15.81 7.82 -5.81
CA SER A 108 -15.60 8.74 -6.92
C SER A 108 -14.23 8.49 -7.55
N GLU A 109 -14.12 8.83 -8.82
CA GLU A 109 -12.89 8.65 -9.56
C GLU A 109 -11.70 9.19 -8.73
N VAL A 110 -11.92 10.36 -8.15
CA VAL A 110 -10.89 10.99 -7.34
C VAL A 110 -10.43 10.01 -6.25
N GLU A 111 -11.37 9.67 -5.39
CA GLU A 111 -11.07 8.74 -4.30
C GLU A 111 -10.46 7.46 -4.85
N MET A 112 -10.67 7.24 -6.14
CA MET A 112 -10.14 6.06 -6.80
C MET A 112 -8.74 6.33 -7.38
N GLU A 113 -8.54 7.58 -7.77
CA GLU A 113 -7.26 7.97 -8.35
C GLU A 113 -6.29 8.38 -7.23
N GLU A 114 -6.85 9.03 -6.22
CA GLU A 114 -6.05 9.49 -5.09
C GLU A 114 -5.14 8.36 -4.59
N TRP A 115 -5.77 7.24 -4.26
CA TRP A 115 -5.03 6.08 -3.77
C TRP A 115 -4.11 5.61 -4.89
N ILE A 116 -4.72 5.29 -6.03
CA ILE A 116 -3.97 4.81 -7.18
C ILE A 116 -2.69 5.64 -7.31
N THR A 117 -2.76 6.88 -6.87
CA THR A 117 -1.62 7.77 -6.94
C THR A 117 -0.71 7.56 -5.71
N ILE A 118 -1.35 7.52 -4.55
CA ILE A 118 -0.61 7.32 -3.30
C ILE A 118 0.09 5.96 -3.34
N LEU A 119 -0.72 4.92 -3.33
CA LEU A 119 -0.19 3.56 -3.36
C LEU A 119 0.96 3.49 -4.37
N ASN A 120 0.64 3.83 -5.61
CA ASN A 120 1.62 3.81 -6.67
C ASN A 120 2.87 4.58 -6.22
N LYS A 121 2.61 5.73 -5.58
CA LYS A 121 3.69 6.56 -5.11
C LYS A 121 4.68 5.72 -4.32
N ILE A 122 4.26 5.34 -3.12
CA ILE A 122 5.10 4.53 -2.25
C ILE A 122 5.68 3.36 -3.05
N LEU A 123 4.86 2.84 -3.96
CA LEU A 123 5.28 1.72 -4.79
C LEU A 123 6.48 2.16 -5.64
N GLN A 124 6.42 3.40 -6.09
CA GLN A 124 7.50 3.94 -6.91
C GLN A 124 8.60 4.53 -6.02
N LEU A 125 8.18 4.97 -4.85
CA LEU A 125 9.12 5.57 -3.90
C LEU A 125 9.83 4.45 -3.13
N ASN A 126 9.26 3.27 -3.22
CA ASN A 126 9.82 2.11 -2.54
C ASN A 126 10.99 1.56 -3.35
N PHE A 127 10.92 1.78 -4.66
CA PHE A 127 11.97 1.32 -5.56
C PHE A 127 13.23 2.16 -5.40
N GLU A 128 13.03 3.45 -5.26
CA GLU A 128 14.15 4.37 -5.11
C GLU A 128 14.74 4.24 -3.70
N ALA A 129 13.91 3.79 -2.78
CA ALA A 129 14.34 3.62 -1.40
C ALA A 129 15.32 2.44 -1.32
N ALA A 130 15.01 1.41 -2.08
CA ALA A 130 15.85 0.22 -2.11
C ALA A 130 17.26 0.61 -2.54
N MET A 131 17.33 1.43 -3.58
CA MET A 131 18.61 1.87 -4.10
C MET A 131 19.26 2.88 -3.15
N GLN A 132 18.43 3.55 -2.38
CA GLN A 132 18.90 4.53 -1.42
C GLN A 132 19.51 3.84 -0.20
N GLU A 133 18.87 2.74 0.20
CA GLU A 133 19.34 1.98 1.34
C GLU A 133 20.58 1.16 0.96
N LYS A 134 20.68 0.85 -0.32
CA LYS A 134 21.80 0.08 -0.81
C LYS A 134 23.10 0.74 -0.36
N ARG A 135 23.20 2.04 -0.60
CA ARG A 135 24.38 2.79 -0.22
C ARG A 135 24.82 2.41 1.20
N ASN A 136 23.85 1.96 1.98
CA ASN A 136 24.11 1.56 3.35
C ASN A 136 24.00 0.04 3.47
N GLY A 137 24.99 -0.64 2.90
CA GLY A 137 25.00 -2.09 2.94
C GLY A 137 26.40 -2.63 2.62
N ASP A 138 26.91 -2.24 1.46
CA ASP A 138 28.23 -2.68 1.04
C ASP A 138 28.88 -1.56 0.21
N SER A 139 29.89 -0.93 0.81
CA SER A 139 30.60 0.14 0.15
C SER A 139 31.65 0.73 1.09
N HIS A 140 32.50 1.58 0.52
CA HIS A 140 33.55 2.22 1.29
C HIS A 140 33.01 2.61 2.67
N GLU A 141 33.93 2.79 3.61
CA GLU A 141 33.57 3.17 4.96
C GLU A 141 32.41 4.18 4.93
N ASP A 142 31.23 3.67 5.29
CA ASP A 142 30.04 4.51 5.31
C ASP A 142 28.82 3.65 5.61
N ASP A 143 28.49 3.57 6.89
CA ASP A 143 27.35 2.77 7.32
C ASP A 143 26.83 3.33 8.65
N GLU A 144 25.55 3.07 8.90
CA GLU A 144 24.92 3.53 10.13
C GLU A 144 23.49 2.98 10.23
N SER A 145 23.33 2.05 11.17
CA SER A 145 22.03 1.43 11.39
C SER A 145 21.91 0.98 12.84
N GLY A 146 20.69 0.60 13.21
CA GLY A 146 20.42 0.14 14.56
C GLY A 146 19.56 -1.13 14.56
N PRO A 147 20.02 -2.14 15.34
CA PRO A 147 19.32 -3.40 15.43
C PRO A 147 18.06 -3.25 16.29
N SER A 148 18.26 -2.81 17.51
CA SER A 148 17.15 -2.62 18.44
C SER A 148 16.55 -3.98 18.81
N SER A 149 16.13 -4.08 20.06
CA SER A 149 15.53 -5.32 20.55
C SER A 149 14.20 -5.02 21.24
N GLY A 150 13.41 -6.07 21.41
CA GLY A 150 12.10 -5.93 22.04
C GLY A 150 12.23 -5.27 23.41
N GLY A 1 34.30 2.82 -3.89
CA GLY A 1 34.20 1.79 -4.91
C GLY A 1 35.35 1.88 -5.91
N SER A 2 35.04 1.56 -7.16
CA SER A 2 36.05 1.60 -8.21
C SER A 2 35.74 2.75 -9.18
N SER A 3 34.55 2.68 -9.76
CA SER A 3 34.12 3.71 -10.70
C SER A 3 32.69 3.45 -11.15
N GLY A 4 31.80 4.35 -10.76
CA GLY A 4 30.40 4.23 -11.12
C GLY A 4 29.51 4.24 -9.86
N SER A 5 28.53 3.34 -9.87
CA SER A 5 27.61 3.24 -8.75
C SER A 5 27.18 4.63 -8.30
N SER A 6 26.06 5.08 -8.86
CA SER A 6 25.52 6.38 -8.53
C SER A 6 24.22 6.62 -9.29
N GLY A 7 23.54 7.69 -8.90
CA GLY A 7 22.28 8.04 -9.54
C GLY A 7 22.51 8.51 -10.99
N ALA A 8 21.48 9.13 -11.54
CA ALA A 8 21.55 9.63 -12.90
C ALA A 8 21.59 11.16 -12.89
N ALA A 9 22.41 11.71 -13.78
CA ALA A 9 22.54 13.15 -13.87
C ALA A 9 22.57 13.75 -12.46
N SER A 10 23.74 13.73 -11.86
CA SER A 10 23.92 14.27 -10.53
C SER A 10 22.97 13.56 -9.56
N LEU A 11 23.23 13.76 -8.27
CA LEU A 11 22.41 13.15 -7.24
C LEU A 11 21.35 14.14 -6.78
N GLY A 12 20.16 13.62 -6.51
CA GLY A 12 19.05 14.45 -6.06
C GLY A 12 18.02 13.63 -5.30
N SER A 13 17.26 14.31 -4.46
CA SER A 13 16.24 13.66 -3.67
C SER A 13 15.24 14.70 -3.14
N GLN A 14 14.15 14.18 -2.58
CA GLN A 14 13.12 15.05 -2.03
C GLN A 14 12.83 14.69 -0.58
N LYS A 15 12.00 15.50 0.05
CA LYS A 15 11.64 15.28 1.44
C LYS A 15 10.20 15.78 1.67
N GLY A 16 9.54 15.15 2.63
CA GLY A 16 8.18 15.51 2.97
C GLY A 16 7.45 14.35 3.63
N GLY A 17 6.47 13.82 2.90
CA GLY A 17 5.69 12.70 3.41
C GLY A 17 4.38 12.56 2.64
N ILE A 18 3.93 11.31 2.51
CA ILE A 18 2.70 11.03 1.81
C ILE A 18 1.69 10.40 2.77
N THR A 19 0.44 10.35 2.33
CA THR A 19 -0.62 9.78 3.14
C THR A 19 -1.99 10.09 2.53
N LYS A 20 -3.01 9.48 3.11
CA LYS A 20 -4.37 9.69 2.64
C LYS A 20 -5.32 8.85 3.48
N HIS A 21 -6.62 9.09 3.27
CA HIS A 21 -7.64 8.36 4.00
C HIS A 21 -8.93 8.35 3.19
N GLY A 22 -9.97 7.77 3.79
CA GLY A 22 -11.26 7.69 3.14
C GLY A 22 -11.85 6.28 3.25
N TRP A 23 -13.13 6.18 2.94
CA TRP A 23 -13.82 4.90 3.01
C TRP A 23 -13.67 4.22 1.64
N LEU A 24 -13.02 3.07 1.66
CA LEU A 24 -12.80 2.31 0.45
C LEU A 24 -13.64 1.03 0.48
N TYR A 25 -13.59 0.29 -0.61
CA TYR A 25 -14.35 -0.94 -0.72
C TYR A 25 -13.42 -2.12 -1.00
N LYS A 26 -13.09 -2.85 0.06
CA LYS A 26 -12.22 -4.01 -0.07
C LYS A 26 -13.02 -5.19 -0.63
N GLY A 27 -12.29 -6.09 -1.27
CA GLY A 27 -12.92 -7.27 -1.85
C GLY A 27 -11.88 -8.17 -2.52
N ASN A 28 -12.37 -9.26 -3.09
CA ASN A 28 -11.50 -10.20 -3.77
C ASN A 28 -11.87 -10.26 -5.25
N MET A 29 -11.07 -9.58 -6.07
CA MET A 29 -11.30 -9.55 -7.50
C MET A 29 -11.62 -10.95 -8.03
N ASN A 30 -12.15 -10.99 -9.24
CA ASN A 30 -12.50 -12.24 -9.88
C ASN A 30 -13.44 -11.97 -11.06
N SER A 31 -13.45 -12.92 -11.99
CA SER A 31 -14.29 -12.79 -13.16
C SER A 31 -15.75 -12.58 -12.75
N ALA A 32 -16.35 -13.65 -12.22
CA ALA A 32 -17.72 -13.58 -11.79
C ALA A 32 -17.88 -12.47 -10.75
N ILE A 33 -18.69 -11.48 -11.11
CA ILE A 33 -18.93 -10.35 -10.23
C ILE A 33 -19.44 -10.86 -8.88
N SER A 34 -20.50 -11.64 -8.95
CA SER A 34 -21.10 -12.20 -7.74
C SER A 34 -20.00 -12.64 -6.77
N VAL A 35 -18.86 -13.01 -7.34
CA VAL A 35 -17.74 -13.44 -6.54
C VAL A 35 -16.84 -12.24 -6.23
N THR A 36 -16.43 -11.56 -7.29
CA THR A 36 -15.58 -10.40 -7.16
C THR A 36 -15.97 -9.59 -5.93
N MET A 37 -17.25 -9.63 -5.61
CA MET A 37 -17.77 -8.91 -4.46
C MET A 37 -17.31 -9.56 -3.15
N ARG A 38 -17.64 -10.84 -3.01
CA ARG A 38 -17.27 -11.58 -1.83
C ARG A 38 -17.18 -10.64 -0.62
N SER A 39 -18.34 -10.16 -0.19
CA SER A 39 -18.39 -9.25 0.94
C SER A 39 -17.72 -7.92 0.59
N PHE A 40 -18.31 -7.24 -0.38
CA PHE A 40 -17.79 -5.96 -0.83
C PHE A 40 -18.35 -4.82 0.02
N LYS A 41 -17.88 -4.76 1.26
CA LYS A 41 -18.33 -3.73 2.18
C LYS A 41 -17.40 -2.52 2.07
N ARG A 42 -17.82 -1.43 2.70
CA ARG A 42 -17.02 -0.21 2.68
C ARG A 42 -16.40 0.04 4.06
N ARG A 43 -15.07 0.05 4.08
CA ARG A 43 -14.35 0.28 5.33
C ARG A 43 -13.37 1.44 5.17
N PHE A 44 -13.00 2.01 6.29
CA PHE A 44 -12.07 3.14 6.29
C PHE A 44 -10.63 2.65 6.16
N PHE A 45 -9.96 3.16 5.14
CA PHE A 45 -8.58 2.79 4.90
C PHE A 45 -7.62 3.88 5.39
N HIS A 46 -6.83 3.53 6.39
CA HIS A 46 -5.88 4.45 6.97
C HIS A 46 -4.49 4.16 6.41
N LEU A 47 -3.78 5.23 6.11
CA LEU A 47 -2.43 5.11 5.56
C LEU A 47 -1.42 5.69 6.56
N ILE A 48 -0.41 4.90 6.87
CA ILE A 48 0.62 5.32 7.79
C ILE A 48 1.99 4.84 7.29
N GLN A 49 3.01 5.59 7.68
CA GLN A 49 4.36 5.26 7.28
C GLN A 49 5.08 4.50 8.39
N LEU A 50 5.37 3.24 8.11
CA LEU A 50 6.06 2.40 9.08
C LEU A 50 7.23 3.18 9.69
N GLY A 51 7.76 2.64 10.77
CA GLY A 51 8.88 3.26 11.46
C GLY A 51 10.20 2.91 10.77
N ASP A 52 10.35 3.41 9.55
CA ASP A 52 11.55 3.17 8.78
C ASP A 52 11.53 4.03 7.52
N GLY A 53 10.43 3.94 6.80
CA GLY A 53 10.27 4.71 5.57
C GLY A 53 9.11 4.17 4.73
N SER A 54 8.95 2.85 4.78
CA SER A 54 7.89 2.20 4.02
C SER A 54 6.52 2.68 4.53
N TYR A 55 5.49 2.27 3.82
CA TYR A 55 4.14 2.64 4.18
C TYR A 55 3.22 1.42 4.22
N ASN A 56 2.23 1.49 5.10
CA ASN A 56 1.29 0.40 5.24
C ASN A 56 -0.13 0.97 5.32
N LEU A 57 -0.99 0.43 4.46
CA LEU A 57 -2.37 0.87 4.40
C LEU A 57 -3.22 0.00 5.33
N ASN A 58 -3.51 0.53 6.50
CA ASN A 58 -4.31 -0.18 7.48
C ASN A 58 -5.74 0.35 7.46
N PHE A 59 -6.69 -0.54 7.24
CA PHE A 59 -8.10 -0.18 7.20
C PHE A 59 -8.82 -0.67 8.45
N TYR A 60 -9.67 0.21 8.98
CA TYR A 60 -10.43 -0.11 10.17
C TYR A 60 -11.93 -0.16 9.86
N LYS A 61 -12.68 -0.79 10.76
CA LYS A 61 -14.10 -0.91 10.60
C LYS A 61 -14.75 0.48 10.70
N ASP A 62 -14.13 1.32 11.52
CA ASP A 62 -14.62 2.67 11.71
C ASP A 62 -13.47 3.67 11.54
N GLU A 63 -13.80 4.94 11.67
CA GLU A 63 -12.81 5.99 11.54
C GLU A 63 -11.84 5.96 12.72
N LYS A 64 -12.38 5.63 13.88
CA LYS A 64 -11.57 5.56 15.09
C LYS A 64 -10.54 4.44 14.94
N ILE A 65 -9.33 4.84 14.58
CA ILE A 65 -8.25 3.88 14.40
C ILE A 65 -7.53 3.68 15.73
N SER A 66 -6.21 3.64 15.64
CA SER A 66 -5.39 3.45 16.83
C SER A 66 -5.41 1.98 17.26
N LYS A 67 -6.63 1.48 17.46
CA LYS A 67 -6.80 0.08 17.87
C LYS A 67 -6.25 -0.84 16.77
N GLU A 68 -6.58 -2.11 16.90
CA GLU A 68 -6.12 -3.10 15.93
C GLU A 68 -6.95 -2.98 14.65
N PRO A 69 -6.21 -2.82 13.52
CA PRO A 69 -6.84 -2.69 12.21
C PRO A 69 -7.34 -4.05 11.72
N LYS A 70 -8.11 -4.01 10.65
CA LYS A 70 -8.66 -5.22 10.07
C LYS A 70 -7.59 -5.92 9.23
N GLY A 71 -6.72 -5.10 8.64
CA GLY A 71 -5.64 -5.61 7.82
C GLY A 71 -4.72 -4.49 7.36
N SER A 72 -3.65 -4.89 6.68
CA SER A 72 -2.69 -3.93 6.17
C SER A 72 -2.17 -4.36 4.80
N ILE A 73 -1.70 -3.39 4.04
CA ILE A 73 -1.18 -3.66 2.71
C ILE A 73 0.32 -3.40 2.69
N PHE A 74 1.08 -4.48 2.51
CA PHE A 74 2.52 -4.38 2.47
C PHE A 74 2.99 -3.65 1.20
N LEU A 75 2.85 -2.33 1.23
CA LEU A 75 3.25 -1.51 0.11
C LEU A 75 4.69 -1.87 -0.30
N ASP A 76 5.44 -2.35 0.68
CA ASP A 76 6.83 -2.73 0.44
C ASP A 76 6.87 -3.86 -0.60
N SER A 77 5.75 -4.57 -0.70
CA SER A 77 5.65 -5.67 -1.64
C SER A 77 4.80 -5.25 -2.85
N CYS A 78 3.79 -4.44 -2.57
CA CYS A 78 2.91 -3.96 -3.62
C CYS A 78 3.76 -3.57 -4.83
N MET A 79 3.50 -4.24 -5.93
CA MET A 79 4.23 -3.98 -7.16
C MET A 79 3.67 -2.75 -7.87
N GLY A 80 2.35 -2.69 -7.95
CA GLY A 80 1.69 -1.57 -8.61
C GLY A 80 0.17 -1.75 -8.56
N VAL A 81 -0.52 -0.64 -8.78
CA VAL A 81 -1.98 -0.65 -8.78
C VAL A 81 -2.50 -0.84 -10.20
N VAL A 82 -3.43 -1.76 -10.34
CA VAL A 82 -4.01 -2.05 -11.65
C VAL A 82 -5.34 -1.31 -11.77
N GLN A 83 -5.87 -1.30 -12.99
CA GLN A 83 -7.13 -0.64 -13.26
C GLN A 83 -8.22 -1.68 -13.54
N ASN A 84 -9.37 -1.45 -12.94
CA ASN A 84 -10.51 -2.36 -13.11
C ASN A 84 -11.67 -1.60 -13.76
N ASN A 85 -12.86 -2.16 -13.60
CA ASN A 85 -14.05 -1.54 -14.15
C ASN A 85 -15.21 -2.52 -14.04
N LYS A 86 -14.89 -3.80 -14.13
CA LYS A 86 -15.90 -4.84 -14.03
C LYS A 86 -16.70 -4.65 -12.75
N VAL A 87 -15.98 -4.66 -11.63
CA VAL A 87 -16.61 -4.49 -10.33
C VAL A 87 -17.41 -3.19 -10.31
N ARG A 88 -16.68 -2.08 -10.30
CA ARG A 88 -17.30 -0.77 -10.28
C ARG A 88 -16.71 0.11 -11.38
N ARG A 89 -17.31 1.28 -11.54
CA ARG A 89 -16.85 2.23 -12.55
C ARG A 89 -15.49 2.79 -12.16
N PHE A 90 -15.18 2.71 -10.87
CA PHE A 90 -13.91 3.21 -10.37
C PHE A 90 -13.33 2.26 -9.32
N ALA A 91 -12.91 1.10 -9.79
CA ALA A 91 -12.32 0.10 -8.90
C ALA A 91 -10.94 -0.29 -9.42
N PHE A 92 -9.99 -0.35 -8.50
CA PHE A 92 -8.63 -0.71 -8.85
C PHE A 92 -8.12 -1.84 -7.96
N GLU A 93 -7.40 -2.76 -8.58
CA GLU A 93 -6.85 -3.90 -7.85
C GLU A 93 -5.38 -3.66 -7.52
N LEU A 94 -4.98 -4.13 -6.35
CA LEU A 94 -3.61 -3.97 -5.90
C LEU A 94 -2.85 -5.28 -6.12
N LYS A 95 -1.73 -5.17 -6.81
CA LYS A 95 -0.90 -6.33 -7.09
C LYS A 95 0.26 -6.38 -6.11
N MET A 96 0.35 -7.50 -5.41
CA MET A 96 1.41 -7.69 -4.41
C MET A 96 2.60 -8.44 -5.03
N GLN A 97 3.57 -8.72 -4.18
CA GLN A 97 4.77 -9.42 -4.62
C GLN A 97 4.86 -10.79 -3.94
N ASP A 98 4.78 -10.76 -2.61
CA ASP A 98 4.86 -11.98 -1.84
C ASP A 98 3.57 -12.15 -1.03
N LYS A 99 2.47 -11.69 -1.63
CA LYS A 99 1.17 -11.79 -0.98
C LYS A 99 0.12 -12.19 -2.01
N SER A 100 -0.78 -11.26 -2.30
CA SER A 100 -1.84 -11.51 -3.26
C SER A 100 -2.20 -10.21 -3.98
N SER A 101 -3.49 -9.88 -3.93
CA SER A 101 -3.97 -8.68 -4.57
C SER A 101 -5.34 -8.29 -4.00
N TYR A 102 -5.44 -7.04 -3.58
CA TYR A 102 -6.68 -6.54 -3.02
C TYR A 102 -7.52 -5.82 -4.08
N LEU A 103 -8.82 -5.78 -3.83
CA LEU A 103 -9.73 -5.13 -4.75
C LEU A 103 -10.34 -3.90 -4.07
N LEU A 104 -9.72 -2.75 -4.35
CA LEU A 104 -10.19 -1.50 -3.78
C LEU A 104 -11.08 -0.78 -4.79
N ALA A 105 -12.10 -0.12 -4.27
CA ALA A 105 -13.03 0.61 -5.11
C ALA A 105 -13.56 1.83 -4.35
N ALA A 106 -13.46 2.97 -5.01
CA ALA A 106 -13.92 4.22 -4.40
C ALA A 106 -15.30 4.57 -4.97
N ASP A 107 -15.90 5.59 -4.37
CA ASP A 107 -17.22 6.04 -4.80
C ASP A 107 -17.06 6.99 -5.99
N SER A 108 -15.96 7.73 -5.98
CA SER A 108 -15.69 8.67 -7.06
C SER A 108 -14.34 8.35 -7.70
N GLU A 109 -14.25 8.66 -8.99
CA GLU A 109 -13.03 8.41 -9.73
C GLU A 109 -11.82 8.94 -8.97
N VAL A 110 -12.00 10.11 -8.38
CA VAL A 110 -10.93 10.74 -7.61
C VAL A 110 -10.43 9.77 -6.55
N GLU A 111 -11.32 9.45 -5.62
CA GLU A 111 -10.99 8.54 -4.54
C GLU A 111 -10.36 7.26 -5.10
N MET A 112 -10.66 7.01 -6.37
CA MET A 112 -10.13 5.83 -7.04
C MET A 112 -8.76 6.12 -7.66
N GLU A 113 -8.59 7.36 -8.10
CA GLU A 113 -7.33 7.77 -8.71
C GLU A 113 -6.33 8.18 -7.63
N GLU A 114 -6.85 8.81 -6.59
CA GLU A 114 -6.00 9.26 -5.50
C GLU A 114 -5.12 8.11 -5.00
N TRP A 115 -5.77 7.14 -4.37
CA TRP A 115 -5.06 5.98 -3.85
C TRP A 115 -4.13 5.46 -4.96
N ILE A 116 -4.73 5.21 -6.12
CA ILE A 116 -3.99 4.70 -7.26
C ILE A 116 -2.64 5.44 -7.34
N THR A 117 -2.69 6.73 -7.05
CA THR A 117 -1.50 7.55 -7.08
C THR A 117 -0.69 7.39 -5.79
N ILE A 118 -1.41 7.40 -4.67
CA ILE A 118 -0.78 7.25 -3.38
C ILE A 118 -0.03 5.91 -3.33
N LEU A 119 -0.78 4.84 -3.50
CA LEU A 119 -0.21 3.50 -3.47
C LEU A 119 0.94 3.43 -4.49
N ASN A 120 0.70 4.02 -5.65
CA ASN A 120 1.69 4.04 -6.70
C ASN A 120 2.89 4.87 -6.25
N LYS A 121 2.60 5.90 -5.47
CA LYS A 121 3.65 6.77 -4.97
C LYS A 121 4.64 5.96 -4.13
N ILE A 122 4.11 5.37 -3.07
CA ILE A 122 4.94 4.57 -2.19
C ILE A 122 5.49 3.37 -2.95
N LEU A 123 4.70 2.91 -3.91
CA LEU A 123 5.09 1.77 -4.73
C LEU A 123 6.33 2.14 -5.54
N GLN A 124 6.24 3.28 -6.22
CA GLN A 124 7.34 3.74 -7.04
C GLN A 124 8.50 4.21 -6.15
N LEU A 125 8.14 4.80 -5.02
CA LEU A 125 9.13 5.30 -4.08
C LEU A 125 9.81 4.11 -3.40
N ASN A 126 9.04 3.05 -3.19
CA ASN A 126 9.56 1.86 -2.56
C ASN A 126 10.73 1.31 -3.39
N PHE A 127 10.60 1.46 -4.70
CA PHE A 127 11.63 0.99 -5.60
C PHE A 127 12.92 1.80 -5.45
N GLU A 128 12.74 3.10 -5.26
CA GLU A 128 13.86 4.00 -5.09
C GLU A 128 14.39 3.94 -3.66
N ALA A 129 13.49 3.56 -2.75
CA ALA A 129 13.84 3.47 -1.35
C ALA A 129 14.80 2.29 -1.14
N ALA A 130 14.71 1.34 -2.07
CA ALA A 130 15.56 0.16 -2.01
C ALA A 130 16.95 0.51 -2.52
N MET A 131 16.98 1.18 -3.66
CA MET A 131 18.23 1.59 -4.27
C MET A 131 18.97 2.60 -3.40
N GLN A 132 18.20 3.35 -2.63
CA GLN A 132 18.76 4.35 -1.75
C GLN A 132 19.37 3.69 -0.51
N GLU A 133 18.60 2.77 0.06
CA GLU A 133 19.05 2.05 1.25
C GLU A 133 20.24 1.16 0.91
N LYS A 134 20.26 0.70 -0.34
CA LYS A 134 21.33 -0.16 -0.80
C LYS A 134 22.68 0.47 -0.44
N ARG A 135 22.81 1.74 -0.80
CA ARG A 135 24.04 2.46 -0.52
C ARG A 135 24.05 2.95 0.94
N ASN A 136 23.82 2.02 1.85
CA ASN A 136 23.81 2.33 3.26
C ASN A 136 23.62 1.05 4.06
N GLY A 137 22.51 0.37 3.79
CA GLY A 137 22.21 -0.87 4.48
C GLY A 137 21.29 -1.76 3.64
N ASP A 138 20.50 -2.57 4.33
CA ASP A 138 19.58 -3.46 3.66
C ASP A 138 20.36 -4.35 2.67
N SER A 139 19.69 -5.39 2.21
CA SER A 139 20.30 -6.31 1.27
C SER A 139 20.64 -5.59 -0.04
N HIS A 140 21.91 -5.67 -0.40
CA HIS A 140 22.38 -5.03 -1.62
C HIS A 140 22.07 -5.91 -2.82
N GLU A 141 22.03 -5.29 -3.99
CA GLU A 141 21.75 -6.00 -5.22
C GLU A 141 23.05 -6.30 -5.97
N ASP A 142 22.91 -7.10 -7.03
CA ASP A 142 24.06 -7.47 -7.84
C ASP A 142 24.93 -6.24 -8.06
N ASP A 143 24.30 -5.20 -8.61
CA ASP A 143 25.01 -3.96 -8.88
C ASP A 143 24.09 -3.00 -9.63
N GLU A 144 24.42 -1.72 -9.55
CA GLU A 144 23.62 -0.70 -10.20
C GLU A 144 24.53 0.35 -10.84
N SER A 145 24.76 0.19 -12.13
CA SER A 145 25.61 1.11 -12.87
C SER A 145 25.00 2.51 -12.85
N GLY A 146 25.78 3.46 -13.32
CA GLY A 146 25.34 4.84 -13.36
C GLY A 146 26.53 5.80 -13.48
N PRO A 147 26.23 7.02 -14.01
CA PRO A 147 27.27 8.03 -14.18
C PRO A 147 27.63 8.67 -12.85
N SER A 148 28.88 9.13 -12.77
CA SER A 148 29.36 9.76 -11.55
C SER A 148 28.34 10.79 -11.05
N SER A 149 28.50 11.17 -9.80
CA SER A 149 27.60 12.13 -9.19
C SER A 149 28.41 13.26 -8.53
N GLY A 150 29.26 12.86 -7.60
CA GLY A 150 30.09 13.82 -6.89
C GLY A 150 31.39 13.17 -6.42
N GLY A 1 21.52 -6.04 27.23
CA GLY A 1 20.72 -6.83 28.15
C GLY A 1 21.04 -8.32 28.03
N SER A 2 20.40 -8.96 27.08
CA SER A 2 20.61 -10.37 26.85
C SER A 2 20.08 -10.78 25.48
N SER A 3 18.79 -10.51 25.28
CA SER A 3 18.14 -10.84 24.02
C SER A 3 18.84 -10.12 22.87
N GLY A 4 18.56 -10.60 21.67
CA GLY A 4 19.15 -10.01 20.48
C GLY A 4 19.35 -11.06 19.38
N SER A 5 20.43 -10.90 18.63
CA SER A 5 20.74 -11.83 17.56
C SER A 5 19.84 -11.56 16.36
N SER A 6 20.39 -10.84 15.39
CA SER A 6 19.64 -10.50 14.19
C SER A 6 20.52 -9.67 13.24
N GLY A 7 20.47 -10.03 11.97
CA GLY A 7 21.24 -9.33 10.97
C GLY A 7 20.50 -9.30 9.62
N ALA A 8 20.39 -8.10 9.07
CA ALA A 8 19.72 -7.92 7.81
C ALA A 8 19.49 -6.42 7.56
N ALA A 9 19.06 -6.11 6.35
CA ALA A 9 18.80 -4.73 5.97
C ALA A 9 17.31 -4.55 5.67
N SER A 10 16.78 -3.42 6.11
CA SER A 10 15.38 -3.11 5.90
C SER A 10 14.99 -1.86 6.69
N LEU A 11 14.38 -0.92 5.97
CA LEU A 11 13.95 0.32 6.59
C LEU A 11 15.15 1.27 6.69
N GLY A 12 14.91 2.52 6.34
CA GLY A 12 15.95 3.53 6.39
C GLY A 12 15.47 4.78 7.12
N SER A 13 15.74 5.93 6.50
CA SER A 13 15.34 7.20 7.09
C SER A 13 15.22 8.26 5.99
N GLN A 14 14.04 8.87 5.92
CA GLN A 14 13.79 9.89 4.92
C GLN A 14 12.96 11.02 5.53
N LYS A 15 12.97 12.16 4.84
CA LYS A 15 12.23 13.32 5.30
C LYS A 15 11.28 13.79 4.20
N GLY A 16 9.99 13.78 4.52
CA GLY A 16 8.98 14.19 3.57
C GLY A 16 8.47 13.00 2.76
N GLY A 17 7.35 12.46 3.21
CA GLY A 17 6.74 11.32 2.53
C GLY A 17 5.35 11.67 2.00
N ILE A 18 4.51 10.65 1.89
CA ILE A 18 3.16 10.85 1.39
C ILE A 18 2.17 10.41 2.47
N THR A 19 0.89 10.43 2.10
CA THR A 19 -0.16 10.05 3.02
C THR A 19 -1.54 10.37 2.41
N LYS A 20 -2.56 9.80 3.02
CA LYS A 20 -3.93 10.01 2.56
C LYS A 20 -4.90 9.27 3.48
N HIS A 21 -6.16 9.65 3.38
CA HIS A 21 -7.19 9.03 4.19
C HIS A 21 -8.55 9.16 3.50
N GLY A 22 -9.51 8.38 3.99
CA GLY A 22 -10.84 8.40 3.43
C GLY A 22 -11.47 7.01 3.47
N TRP A 23 -12.80 7.00 3.40
CA TRP A 23 -13.54 5.74 3.43
C TRP A 23 -13.30 5.03 2.09
N LEU A 24 -12.96 3.74 2.20
CA LEU A 24 -12.70 2.94 1.02
C LEU A 24 -13.46 1.62 1.13
N TYR A 25 -13.56 0.93 0.01
CA TYR A 25 -14.26 -0.35 -0.03
C TYR A 25 -13.30 -1.48 -0.41
N LYS A 26 -13.05 -2.35 0.56
CA LYS A 26 -12.15 -3.47 0.34
C LYS A 26 -12.92 -4.59 -0.36
N GLY A 27 -12.17 -5.42 -1.08
CA GLY A 27 -12.77 -6.53 -1.80
C GLY A 27 -11.99 -7.83 -1.55
N ASN A 28 -11.55 -8.43 -2.64
CA ASN A 28 -10.80 -9.68 -2.55
C ASN A 28 -10.21 -10.01 -3.92
N MET A 29 -11.06 -9.87 -4.94
CA MET A 29 -10.64 -10.15 -6.30
C MET A 29 -10.37 -11.64 -6.50
N ASN A 30 -10.76 -12.13 -7.66
CA ASN A 30 -10.56 -13.53 -7.98
C ASN A 30 -11.11 -13.82 -9.37
N SER A 31 -10.90 -15.05 -9.83
CA SER A 31 -11.37 -15.46 -11.13
C SER A 31 -12.81 -14.97 -11.36
N ALA A 32 -13.74 -15.69 -10.76
CA ALA A 32 -15.15 -15.36 -10.87
C ALA A 32 -15.35 -13.88 -10.51
N ILE A 33 -16.34 -13.28 -11.14
CA ILE A 33 -16.64 -11.88 -10.89
C ILE A 33 -17.45 -11.76 -9.60
N SER A 34 -18.50 -12.55 -9.51
CA SER A 34 -19.36 -12.55 -8.34
C SER A 34 -18.51 -12.71 -7.08
N VAL A 35 -17.32 -13.25 -7.27
CA VAL A 35 -16.42 -13.47 -6.15
C VAL A 35 -15.49 -12.25 -6.01
N THR A 36 -14.95 -11.83 -7.15
CA THR A 36 -14.04 -10.69 -7.18
C THR A 36 -14.55 -9.59 -6.24
N MET A 37 -15.85 -9.39 -6.27
CA MET A 37 -16.47 -8.37 -5.43
C MET A 37 -16.43 -8.78 -3.95
N ARG A 38 -16.88 -10.00 -3.70
CA ARG A 38 -16.90 -10.53 -2.34
C ARG A 38 -17.66 -9.57 -1.42
N SER A 39 -18.73 -9.01 -1.96
CA SER A 39 -19.55 -8.08 -1.20
C SER A 39 -18.71 -6.87 -0.77
N PHE A 40 -18.39 -6.05 -1.76
CA PHE A 40 -17.60 -4.85 -1.50
C PHE A 40 -18.00 -4.20 -0.18
N LYS A 41 -17.18 -4.42 0.83
CA LYS A 41 -17.43 -3.87 2.15
C LYS A 41 -16.71 -2.53 2.28
N ARG A 42 -17.34 -1.62 3.00
CA ARG A 42 -16.78 -0.30 3.21
C ARG A 42 -15.92 -0.29 4.47
N ARG A 43 -14.71 0.25 4.34
CA ARG A 43 -13.80 0.32 5.46
C ARG A 43 -12.89 1.56 5.32
N PHE A 44 -12.42 2.04 6.45
CA PHE A 44 -11.54 3.20 6.47
C PHE A 44 -10.09 2.80 6.20
N PHE A 45 -9.52 3.42 5.18
CA PHE A 45 -8.14 3.14 4.80
C PHE A 45 -7.24 4.32 5.13
N HIS A 46 -6.33 4.08 6.07
CA HIS A 46 -5.39 5.11 6.49
C HIS A 46 -3.96 4.67 6.19
N LEU A 47 -3.28 5.46 5.39
CA LEU A 47 -1.91 5.16 5.02
C LEU A 47 -0.97 5.60 6.14
N ILE A 48 0.00 4.74 6.43
CA ILE A 48 0.96 5.04 7.48
C ILE A 48 2.35 4.57 7.03
N GLN A 49 3.35 5.34 7.42
CA GLN A 49 4.73 5.02 7.07
C GLN A 49 5.30 4.00 8.06
N LEU A 50 5.94 2.99 7.50
CA LEU A 50 6.55 1.94 8.32
C LEU A 50 7.49 2.58 9.34
N GLY A 51 8.24 1.72 10.01
CA GLY A 51 9.18 2.19 11.02
C GLY A 51 9.67 3.60 10.71
N ASP A 52 10.16 3.76 9.47
CA ASP A 52 10.66 5.05 9.04
C ASP A 52 11.25 4.90 7.62
N GLY A 53 10.36 4.70 6.67
CA GLY A 53 10.78 4.55 5.28
C GLY A 53 9.62 4.08 4.40
N SER A 54 9.47 2.76 4.34
CA SER A 54 8.40 2.17 3.55
C SER A 54 7.04 2.60 4.09
N TYR A 55 6.01 2.32 3.31
CA TYR A 55 4.66 2.66 3.71
C TYR A 55 3.75 1.43 3.76
N ASN A 56 2.65 1.57 4.46
CA ASN A 56 1.70 0.48 4.61
C ASN A 56 0.29 1.04 4.75
N LEU A 57 -0.62 0.50 3.94
CA LEU A 57 -1.99 0.95 3.97
C LEU A 57 -2.79 0.07 4.93
N ASN A 58 -3.07 0.62 6.10
CA ASN A 58 -3.82 -0.09 7.12
C ASN A 58 -5.28 0.34 7.07
N PHE A 59 -6.14 -0.63 6.84
CA PHE A 59 -7.58 -0.36 6.77
C PHE A 59 -8.27 -0.78 8.06
N TYR A 60 -9.05 0.15 8.60
CA TYR A 60 -9.78 -0.10 9.84
C TYR A 60 -11.27 -0.26 9.56
N LYS A 61 -11.97 -0.74 10.58
CA LYS A 61 -13.40 -0.96 10.46
C LYS A 61 -14.12 0.39 10.45
N ASP A 62 -13.53 1.35 11.16
CA ASP A 62 -14.11 2.68 11.24
C ASP A 62 -12.97 3.71 11.20
N GLU A 63 -13.37 4.97 11.12
CA GLU A 63 -12.41 6.06 11.08
C GLU A 63 -11.42 5.94 12.24
N LYS A 64 -11.95 6.05 13.45
CA LYS A 64 -11.14 5.96 14.65
C LYS A 64 -10.05 4.90 14.43
N ILE A 65 -8.84 5.39 14.16
CA ILE A 65 -7.72 4.50 13.93
C ILE A 65 -6.93 4.34 15.24
N SER A 66 -5.62 4.26 15.10
CA SER A 66 -4.74 4.11 16.24
C SER A 66 -4.79 2.66 16.74
N LYS A 67 -6.00 2.20 17.01
CA LYS A 67 -6.19 0.83 17.49
C LYS A 67 -5.60 -0.14 16.46
N GLU A 68 -5.93 -1.42 16.66
CA GLU A 68 -5.45 -2.46 15.77
C GLU A 68 -6.26 -2.46 14.47
N PRO A 69 -5.53 -2.28 13.34
CA PRO A 69 -6.17 -2.25 12.03
C PRO A 69 -6.56 -3.66 11.59
N LYS A 70 -7.59 -3.72 10.76
CA LYS A 70 -8.09 -4.99 10.26
C LYS A 70 -6.95 -5.70 9.50
N GLY A 71 -6.10 -4.89 8.89
CA GLY A 71 -4.98 -5.42 8.12
C GLY A 71 -4.13 -4.30 7.55
N SER A 72 -2.98 -4.69 7.02
CA SER A 72 -2.06 -3.72 6.43
C SER A 72 -1.54 -4.24 5.09
N ILE A 73 -1.63 -3.38 4.09
CA ILE A 73 -1.18 -3.74 2.75
C ILE A 73 0.33 -3.52 2.66
N PHE A 74 1.03 -4.55 2.20
CA PHE A 74 2.47 -4.49 2.06
C PHE A 74 2.86 -3.83 0.74
N LEU A 75 2.72 -2.50 0.72
CA LEU A 75 3.06 -1.74 -0.48
C LEU A 75 4.46 -2.13 -0.95
N ASP A 76 5.29 -2.51 0.01
CA ASP A 76 6.66 -2.90 -0.29
C ASP A 76 6.64 -4.11 -1.22
N SER A 77 5.50 -4.79 -1.23
CA SER A 77 5.34 -5.97 -2.06
C SER A 77 4.46 -5.64 -3.27
N CYS A 78 3.44 -4.83 -3.01
CA CYS A 78 2.52 -4.42 -4.05
C CYS A 78 3.32 -4.21 -5.34
N MET A 79 2.71 -4.62 -6.45
CA MET A 79 3.35 -4.47 -7.75
C MET A 79 2.87 -3.21 -8.47
N GLY A 80 1.59 -2.93 -8.28
CA GLY A 80 0.99 -1.76 -8.91
C GLY A 80 -0.54 -1.81 -8.81
N VAL A 81 -1.16 -0.70 -9.19
CA VAL A 81 -2.60 -0.61 -9.16
C VAL A 81 -3.16 -0.76 -10.58
N VAL A 82 -4.27 -1.48 -10.67
CA VAL A 82 -4.91 -1.72 -11.95
C VAL A 82 -6.32 -1.09 -11.94
N GLN A 83 -6.87 -0.95 -13.13
CA GLN A 83 -8.20 -0.37 -13.27
C GLN A 83 -9.23 -1.49 -13.45
N ASN A 84 -10.18 -1.51 -12.53
CA ASN A 84 -11.24 -2.51 -12.58
C ASN A 84 -12.60 -1.81 -12.61
N ASN A 85 -13.04 -1.52 -13.82
CA ASN A 85 -14.32 -0.84 -14.01
C ASN A 85 -15.41 -1.90 -14.27
N LYS A 86 -15.24 -3.03 -13.61
CA LYS A 86 -16.20 -4.12 -13.77
C LYS A 86 -17.14 -4.14 -12.55
N VAL A 87 -16.56 -4.49 -11.41
CA VAL A 87 -17.32 -4.56 -10.17
C VAL A 87 -18.00 -3.21 -9.93
N ARG A 88 -17.18 -2.18 -9.84
CA ARG A 88 -17.68 -0.83 -9.61
C ARG A 88 -17.09 0.14 -10.63
N ARG A 89 -17.89 1.14 -10.98
CA ARG A 89 -17.46 2.14 -11.94
C ARG A 89 -16.07 2.68 -11.56
N PHE A 90 -15.84 2.74 -10.25
CA PHE A 90 -14.58 3.25 -9.74
C PHE A 90 -13.96 2.26 -8.74
N ALA A 91 -13.47 1.15 -9.29
CA ALA A 91 -12.85 0.13 -8.46
C ALA A 91 -11.52 -0.29 -9.07
N PHE A 92 -10.49 -0.29 -8.24
CA PHE A 92 -9.16 -0.66 -8.68
C PHE A 92 -8.62 -1.85 -7.89
N GLU A 93 -7.90 -2.72 -8.58
CA GLU A 93 -7.32 -3.90 -7.95
C GLU A 93 -5.85 -3.66 -7.61
N LEU A 94 -5.44 -4.16 -6.46
CA LEU A 94 -4.07 -4.01 -6.02
C LEU A 94 -3.30 -5.30 -6.31
N LYS A 95 -2.44 -5.22 -7.31
CA LYS A 95 -1.64 -6.38 -7.70
C LYS A 95 -0.50 -6.56 -6.69
N MET A 96 -0.67 -7.56 -5.83
CA MET A 96 0.34 -7.85 -4.82
C MET A 96 1.34 -8.89 -5.32
N GLN A 97 2.42 -9.03 -4.57
CA GLN A 97 3.46 -9.98 -4.93
C GLN A 97 3.34 -11.24 -4.06
N ASP A 98 2.57 -11.13 -3.00
CA ASP A 98 2.37 -12.25 -2.10
C ASP A 98 1.20 -13.10 -2.59
N LYS A 99 1.19 -13.33 -3.89
CA LYS A 99 0.15 -14.13 -4.50
C LYS A 99 -1.22 -13.68 -3.95
N SER A 100 -1.77 -12.67 -4.58
CA SER A 100 -3.06 -12.14 -4.17
C SER A 100 -3.24 -10.72 -4.71
N SER A 101 -4.44 -10.18 -4.49
CA SER A 101 -4.75 -8.83 -4.94
C SER A 101 -6.00 -8.32 -4.24
N TYR A 102 -5.96 -7.05 -3.86
CA TYR A 102 -7.09 -6.44 -3.18
C TYR A 102 -7.96 -5.65 -4.17
N LEU A 103 -9.15 -5.28 -3.70
CA LEU A 103 -10.07 -4.54 -4.52
C LEU A 103 -10.55 -3.31 -3.76
N LEU A 104 -9.94 -2.17 -4.09
CA LEU A 104 -10.30 -0.92 -3.44
C LEU A 104 -11.16 -0.08 -4.38
N ALA A 105 -12.35 0.25 -3.91
CA ALA A 105 -13.28 1.05 -4.69
C ALA A 105 -13.73 2.26 -3.88
N ALA A 106 -13.72 3.42 -4.54
CA ALA A 106 -14.12 4.65 -3.89
C ALA A 106 -15.56 4.98 -4.30
N ASP A 107 -16.04 6.10 -3.77
CA ASP A 107 -17.39 6.55 -4.07
C ASP A 107 -17.37 7.44 -5.31
N SER A 108 -16.24 8.10 -5.51
CA SER A 108 -16.07 8.99 -6.65
C SER A 108 -14.77 8.67 -7.38
N GLU A 109 -14.74 9.00 -8.66
CA GLU A 109 -13.57 8.76 -9.47
C GLU A 109 -12.31 9.27 -8.76
N VAL A 110 -12.40 10.50 -8.29
CA VAL A 110 -11.28 11.12 -7.60
C VAL A 110 -10.82 10.19 -6.47
N GLU A 111 -11.69 10.01 -5.49
CA GLU A 111 -11.39 9.15 -4.35
C GLU A 111 -10.82 7.82 -4.84
N MET A 112 -11.18 7.46 -6.06
CA MET A 112 -10.71 6.21 -6.66
C MET A 112 -9.35 6.41 -7.33
N GLU A 113 -9.16 7.60 -7.88
CA GLU A 113 -7.92 7.92 -8.56
C GLU A 113 -6.84 8.30 -7.54
N GLU A 114 -7.27 9.00 -6.50
CA GLU A 114 -6.36 9.42 -5.46
C GLU A 114 -5.50 8.24 -5.00
N TRP A 115 -6.17 7.21 -4.51
CA TRP A 115 -5.48 6.03 -4.02
C TRP A 115 -4.68 5.44 -5.19
N ILE A 116 -5.39 5.19 -6.28
CA ILE A 116 -4.76 4.63 -7.47
C ILE A 116 -3.36 5.23 -7.63
N THR A 117 -3.24 6.48 -7.21
CA THR A 117 -1.97 7.19 -7.30
C THR A 117 -1.11 6.90 -6.07
N ILE A 118 -1.60 7.37 -4.92
CA ILE A 118 -0.89 7.17 -3.67
C ILE A 118 -0.30 5.76 -3.64
N LEU A 119 -1.14 4.80 -4.00
CA LEU A 119 -0.72 3.40 -4.03
C LEU A 119 0.46 3.24 -4.98
N ASN A 120 0.18 3.40 -6.26
CA ASN A 120 1.21 3.28 -7.27
C ASN A 120 2.33 4.26 -6.98
N LYS A 121 2.03 5.21 -6.10
CA LYS A 121 3.01 6.22 -5.72
C LYS A 121 4.08 5.57 -4.82
N ILE A 122 3.62 5.05 -3.71
CA ILE A 122 4.52 4.40 -2.76
C ILE A 122 5.19 3.21 -3.44
N LEU A 123 4.41 2.48 -4.21
CA LEU A 123 4.91 1.33 -4.93
C LEU A 123 6.16 1.72 -5.71
N GLN A 124 6.16 2.96 -6.18
CA GLN A 124 7.28 3.48 -6.94
C GLN A 124 8.38 3.99 -6.02
N LEU A 125 7.94 4.52 -4.87
CA LEU A 125 8.87 5.05 -3.89
C LEU A 125 9.59 3.89 -3.20
N ASN A 126 8.87 2.78 -3.07
CA ASN A 126 9.42 1.60 -2.43
C ASN A 126 10.60 1.08 -3.25
N PHE A 127 10.50 1.27 -4.56
CA PHE A 127 11.56 0.85 -5.47
C PHE A 127 12.83 1.67 -5.26
N GLU A 128 12.61 2.97 -5.03
CA GLU A 128 13.73 3.88 -4.83
C GLU A 128 14.21 3.81 -3.38
N ALA A 129 13.31 3.38 -2.50
CA ALA A 129 13.63 3.27 -1.09
C ALA A 129 14.59 2.09 -0.88
N ALA A 130 14.31 1.00 -1.60
CA ALA A 130 15.12 -0.19 -1.50
C ALA A 130 16.58 0.16 -1.83
N MET A 131 16.74 0.93 -2.90
CA MET A 131 18.06 1.34 -3.33
C MET A 131 18.65 2.37 -2.37
N GLN A 132 17.77 3.05 -1.65
CA GLN A 132 18.19 4.06 -0.69
C GLN A 132 18.64 3.40 0.61
N GLU A 133 17.92 2.34 0.98
CA GLU A 133 18.24 1.62 2.20
C GLU A 133 19.48 0.75 1.99
N LYS A 134 19.61 0.24 0.77
CA LYS A 134 20.74 -0.61 0.43
C LYS A 134 22.03 0.01 0.98
N ARG A 135 22.18 1.31 0.73
CA ARG A 135 23.35 2.02 1.20
C ARG A 135 23.05 2.72 2.53
N ASN A 136 21.76 2.89 2.79
CA ASN A 136 21.33 3.54 4.01
C ASN A 136 22.25 4.72 4.32
N GLY A 137 21.91 5.86 3.74
CA GLY A 137 22.70 7.06 3.95
C GLY A 137 22.51 7.62 5.36
N ASP A 138 22.90 6.81 6.34
CA ASP A 138 22.77 7.21 7.73
C ASP A 138 23.77 6.40 8.57
N SER A 139 23.95 6.85 9.81
CA SER A 139 24.85 6.19 10.73
C SER A 139 24.23 4.90 11.25
N HIS A 140 24.20 3.90 10.39
CA HIS A 140 23.63 2.61 10.75
C HIS A 140 22.12 2.76 10.97
N GLU A 141 21.38 1.80 10.43
CA GLU A 141 19.94 1.81 10.55
C GLU A 141 19.31 0.81 9.59
N ASP A 142 19.15 -0.42 10.07
CA ASP A 142 18.57 -1.48 9.27
C ASP A 142 17.58 -2.27 10.11
N ASP A 143 17.05 -3.33 9.52
CA ASP A 143 16.09 -4.19 10.21
C ASP A 143 16.06 -5.56 9.53
N GLU A 144 14.96 -6.25 9.72
CA GLU A 144 14.79 -7.57 9.14
C GLU A 144 13.36 -7.75 8.62
N SER A 145 13.27 -7.94 7.31
CA SER A 145 11.97 -8.12 6.67
C SER A 145 12.15 -8.21 5.16
N GLY A 146 11.09 -8.65 4.50
CA GLY A 146 11.11 -8.80 3.05
C GLY A 146 11.42 -10.25 2.65
N PRO A 147 10.33 -11.01 2.36
CA PRO A 147 10.48 -12.39 1.96
C PRO A 147 10.98 -12.51 0.52
N SER A 148 11.01 -13.74 0.04
CA SER A 148 11.46 -14.00 -1.32
C SER A 148 11.39 -15.49 -1.62
N SER A 149 10.69 -15.81 -2.70
CA SER A 149 10.53 -17.20 -3.10
C SER A 149 9.87 -17.27 -4.49
N GLY A 150 10.41 -18.15 -5.31
CA GLY A 150 9.88 -18.33 -6.65
C GLY A 150 9.08 -19.62 -6.77
N GLY A 1 15.31 -12.89 8.66
CA GLY A 1 14.49 -11.69 8.60
C GLY A 1 13.80 -11.56 7.23
N SER A 2 14.48 -10.89 6.32
CA SER A 2 13.95 -10.70 4.98
C SER A 2 15.10 -10.60 3.98
N SER A 3 14.73 -10.63 2.70
CA SER A 3 15.71 -10.54 1.64
C SER A 3 15.57 -9.21 0.91
N GLY A 4 14.39 -8.99 0.35
CA GLY A 4 14.12 -7.75 -0.37
C GLY A 4 14.47 -7.91 -1.86
N SER A 5 13.61 -7.37 -2.69
CA SER A 5 13.81 -7.43 -4.13
C SER A 5 12.91 -6.42 -4.84
N SER A 6 13.33 -6.02 -6.03
CA SER A 6 12.56 -5.08 -6.82
C SER A 6 13.07 -5.04 -8.26
N GLY A 7 12.17 -4.72 -9.17
CA GLY A 7 12.52 -4.66 -10.58
C GLY A 7 11.55 -3.76 -11.34
N ALA A 8 11.81 -2.47 -11.27
CA ALA A 8 10.98 -1.49 -11.96
C ALA A 8 11.85 -0.37 -12.51
N ALA A 9 11.23 0.49 -13.31
CA ALA A 9 11.94 1.60 -13.90
C ALA A 9 12.22 2.66 -12.84
N SER A 10 13.29 3.41 -13.06
CA SER A 10 13.67 4.45 -12.12
C SER A 10 12.74 5.66 -12.26
N LEU A 11 11.50 5.46 -11.83
CA LEU A 11 10.51 6.51 -11.90
C LEU A 11 9.99 6.81 -10.50
N GLY A 12 9.35 7.97 -10.37
CA GLY A 12 8.80 8.39 -9.10
C GLY A 12 9.19 9.84 -8.78
N SER A 13 9.33 10.10 -7.49
CA SER A 13 9.70 11.44 -7.04
C SER A 13 10.62 11.35 -5.82
N GLN A 14 11.05 12.51 -5.36
CA GLN A 14 11.93 12.58 -4.20
C GLN A 14 11.31 11.84 -3.02
N LYS A 15 12.15 11.54 -2.04
CA LYS A 15 11.69 10.84 -0.85
C LYS A 15 11.36 11.87 0.24
N GLY A 16 10.18 11.69 0.83
CA GLY A 16 9.73 12.58 1.88
C GLY A 16 8.71 11.89 2.79
N GLY A 17 7.47 12.36 2.69
CA GLY A 17 6.40 11.79 3.49
C GLY A 17 5.05 11.92 2.77
N ILE A 18 4.33 10.81 2.73
CA ILE A 18 3.03 10.78 2.08
C ILE A 18 1.96 10.40 3.10
N THR A 19 0.75 10.19 2.60
CA THR A 19 -0.36 9.82 3.45
C THR A 19 -1.68 9.89 2.67
N LYS A 20 -2.71 9.32 3.27
CA LYS A 20 -4.03 9.31 2.64
C LYS A 20 -5.01 8.56 3.54
N HIS A 21 -6.25 9.06 3.55
CA HIS A 21 -7.28 8.45 4.36
C HIS A 21 -8.65 8.66 3.69
N GLY A 22 -9.50 7.66 3.84
CA GLY A 22 -10.84 7.71 3.26
C GLY A 22 -11.54 6.36 3.38
N TRP A 23 -12.79 6.36 2.96
CA TRP A 23 -13.59 5.14 3.01
C TRP A 23 -13.53 4.47 1.64
N LEU A 24 -12.78 3.38 1.59
CA LEU A 24 -12.64 2.64 0.35
C LEU A 24 -13.51 1.38 0.39
N TYR A 25 -13.41 0.59 -0.66
CA TYR A 25 -14.19 -0.63 -0.75
C TYR A 25 -13.28 -1.84 -0.99
N LYS A 26 -12.91 -2.48 0.11
CA LYS A 26 -12.05 -3.65 0.05
C LYS A 26 -12.87 -4.87 -0.39
N GLY A 27 -12.17 -5.84 -0.97
CA GLY A 27 -12.82 -7.05 -1.45
C GLY A 27 -11.81 -7.99 -2.09
N ASN A 28 -12.34 -9.07 -2.65
CA ASN A 28 -11.49 -10.06 -3.30
C ASN A 28 -11.96 -10.25 -4.75
N MET A 29 -11.00 -10.23 -5.65
CA MET A 29 -11.30 -10.40 -7.07
C MET A 29 -11.75 -11.83 -7.36
N ASN A 30 -12.29 -12.02 -8.56
CA ASN A 30 -12.76 -13.32 -8.98
C ASN A 30 -13.48 -13.20 -10.32
N SER A 31 -13.19 -14.14 -11.20
CA SER A 31 -13.81 -14.15 -12.52
C SER A 31 -15.29 -13.77 -12.41
N ALA A 32 -16.04 -14.63 -11.73
CA ALA A 32 -17.45 -14.39 -11.54
C ALA A 32 -17.66 -13.03 -10.89
N ILE A 33 -18.15 -12.09 -11.69
CA ILE A 33 -18.41 -10.75 -11.20
C ILE A 33 -19.25 -10.83 -9.93
N SER A 34 -20.08 -11.86 -9.87
CA SER A 34 -20.95 -12.06 -8.71
C SER A 34 -20.10 -12.28 -7.46
N VAL A 35 -18.95 -12.89 -7.66
CA VAL A 35 -18.04 -13.17 -6.56
C VAL A 35 -17.01 -12.04 -6.44
N THR A 36 -16.50 -11.64 -7.59
CA THR A 36 -15.51 -10.57 -7.63
C THR A 36 -15.91 -9.44 -6.67
N MET A 37 -17.13 -8.97 -6.83
CA MET A 37 -17.64 -7.90 -6.00
C MET A 37 -17.66 -8.32 -4.53
N ARG A 38 -18.17 -9.52 -4.29
CA ARG A 38 -18.25 -10.05 -2.94
C ARG A 38 -18.81 -9.00 -1.99
N SER A 39 -20.07 -8.64 -2.22
CA SER A 39 -20.73 -7.66 -1.38
C SER A 39 -19.75 -6.52 -1.04
N PHE A 40 -19.21 -5.91 -2.09
CA PHE A 40 -18.26 -4.82 -1.90
C PHE A 40 -18.65 -3.96 -0.69
N LYS A 41 -17.90 -4.16 0.38
CA LYS A 41 -18.14 -3.42 1.61
C LYS A 41 -17.28 -2.15 1.62
N ARG A 42 -17.64 -1.23 2.50
CA ARG A 42 -16.91 0.02 2.61
C ARG A 42 -16.23 0.11 3.98
N ARG A 43 -14.98 0.56 3.95
CA ARG A 43 -14.21 0.69 5.17
C ARG A 43 -13.21 1.85 5.04
N PHE A 44 -12.70 2.27 6.19
CA PHE A 44 -11.74 3.37 6.22
C PHE A 44 -10.30 2.83 6.12
N PHE A 45 -9.56 3.43 5.21
CA PHE A 45 -8.17 3.04 5.00
C PHE A 45 -7.21 4.09 5.55
N HIS A 46 -6.40 3.67 6.52
CA HIS A 46 -5.43 4.57 7.13
C HIS A 46 -4.04 4.31 6.53
N LEU A 47 -3.30 5.39 6.37
CA LEU A 47 -1.96 5.29 5.82
C LEU A 47 -0.95 5.76 6.87
N ILE A 48 0.04 4.90 7.12
CA ILE A 48 1.07 5.22 8.09
C ILE A 48 2.42 4.69 7.59
N GLN A 49 3.47 5.40 7.96
CA GLN A 49 4.81 5.02 7.55
C GLN A 49 5.48 4.20 8.65
N LEU A 50 5.88 2.98 8.28
CA LEU A 50 6.54 2.09 9.21
C LEU A 50 7.79 2.76 9.77
N GLY A 51 8.35 2.14 10.79
CA GLY A 51 9.55 2.67 11.42
C GLY A 51 10.80 2.28 10.64
N ASP A 52 10.85 2.75 9.39
CA ASP A 52 11.98 2.45 8.52
C ASP A 52 11.94 3.39 7.31
N GLY A 53 10.76 3.49 6.72
CA GLY A 53 10.58 4.34 5.56
C GLY A 53 9.37 3.88 4.72
N SER A 54 9.19 2.58 4.69
CA SER A 54 8.08 2.00 3.94
C SER A 54 6.75 2.44 4.56
N TYR A 55 5.69 2.29 3.76
CA TYR A 55 4.37 2.67 4.21
C TYR A 55 3.43 1.46 4.25
N ASN A 56 2.51 1.50 5.19
CA ASN A 56 1.55 0.41 5.34
C ASN A 56 0.13 0.99 5.40
N LEU A 57 -0.71 0.47 4.53
CA LEU A 57 -2.09 0.93 4.46
C LEU A 57 -2.96 0.04 5.37
N ASN A 58 -3.26 0.57 6.55
CA ASN A 58 -4.07 -0.16 7.50
C ASN A 58 -5.49 0.42 7.50
N PHE A 59 -6.45 -0.46 7.25
CA PHE A 59 -7.85 -0.05 7.23
C PHE A 59 -8.59 -0.56 8.46
N TYR A 60 -9.49 0.27 8.95
CA TYR A 60 -10.28 -0.09 10.13
C TYR A 60 -11.77 -0.10 9.80
N LYS A 61 -12.56 -0.53 10.77
CA LYS A 61 -14.00 -0.60 10.60
C LYS A 61 -14.59 0.80 10.71
N ASP A 62 -13.96 1.61 11.55
CA ASP A 62 -14.42 2.98 11.75
C ASP A 62 -13.21 3.92 11.68
N GLU A 63 -13.52 5.21 11.61
CA GLU A 63 -12.48 6.22 11.53
C GLU A 63 -11.56 6.13 12.76
N LYS A 64 -12.16 5.79 13.88
CA LYS A 64 -11.42 5.67 15.12
C LYS A 64 -10.43 4.51 15.02
N ILE A 65 -9.22 4.85 14.59
CA ILE A 65 -8.18 3.86 14.43
C ILE A 65 -7.49 3.62 15.78
N SER A 66 -6.18 3.48 15.73
CA SER A 66 -5.39 3.25 16.93
C SER A 66 -5.56 1.80 17.39
N LYS A 67 -6.81 1.41 17.59
CA LYS A 67 -7.12 0.06 18.02
C LYS A 67 -6.59 -0.94 16.99
N GLU A 68 -7.00 -2.19 17.16
CA GLU A 68 -6.58 -3.24 16.25
C GLU A 68 -7.26 -3.07 14.89
N PRO A 69 -6.41 -2.89 13.84
CA PRO A 69 -6.92 -2.72 12.50
C PRO A 69 -7.41 -4.04 11.92
N LYS A 70 -8.25 -3.94 10.90
CA LYS A 70 -8.80 -5.12 10.25
C LYS A 70 -7.69 -5.86 9.51
N GLY A 71 -6.74 -5.07 9.01
CA GLY A 71 -5.62 -5.63 8.28
C GLY A 71 -4.65 -4.54 7.81
N SER A 72 -3.99 -4.81 6.70
CA SER A 72 -3.04 -3.86 6.15
C SER A 72 -2.62 -4.30 4.75
N ILE A 73 -1.90 -3.41 4.07
CA ILE A 73 -1.43 -3.70 2.73
C ILE A 73 0.09 -3.49 2.67
N PHE A 74 0.80 -4.61 2.67
CA PHE A 74 2.25 -4.57 2.62
C PHE A 74 2.73 -3.95 1.31
N LEU A 75 2.67 -2.63 1.24
CA LEU A 75 3.08 -1.91 0.06
C LEU A 75 4.51 -2.34 -0.32
N ASP A 76 5.20 -2.89 0.67
CA ASP A 76 6.57 -3.35 0.45
C ASP A 76 6.55 -4.50 -0.55
N SER A 77 5.40 -5.15 -0.65
CA SER A 77 5.25 -6.27 -1.56
C SER A 77 4.41 -5.85 -2.77
N CYS A 78 3.43 -5.01 -2.51
CA CYS A 78 2.55 -4.52 -3.56
C CYS A 78 3.42 -4.17 -4.77
N MET A 79 3.03 -4.73 -5.91
CA MET A 79 3.76 -4.48 -7.15
C MET A 79 3.26 -3.20 -7.84
N GLY A 80 1.95 -3.00 -7.76
CA GLY A 80 1.34 -1.83 -8.37
C GLY A 80 -0.18 -1.89 -8.25
N VAL A 81 -0.82 -0.86 -8.78
CA VAL A 81 -2.28 -0.78 -8.75
C VAL A 81 -2.82 -0.95 -10.16
N VAL A 82 -3.79 -1.84 -10.28
CA VAL A 82 -4.41 -2.12 -11.57
C VAL A 82 -5.81 -1.50 -11.60
N GLN A 83 -6.37 -1.45 -12.80
CA GLN A 83 -7.70 -0.89 -12.98
C GLN A 83 -8.71 -1.99 -13.30
N ASN A 84 -9.83 -1.95 -12.60
CA ASN A 84 -10.88 -2.93 -12.79
C ASN A 84 -12.17 -2.22 -13.23
N ASN A 85 -12.94 -1.80 -12.25
CA ASN A 85 -14.20 -1.12 -12.53
C ASN A 85 -15.28 -2.16 -12.84
N LYS A 86 -14.96 -3.02 -13.78
CA LYS A 86 -15.89 -4.06 -14.19
C LYS A 86 -16.55 -4.66 -12.95
N VAL A 87 -15.82 -4.60 -11.84
CA VAL A 87 -16.32 -5.14 -10.59
C VAL A 87 -17.26 -4.11 -9.95
N ARG A 88 -16.74 -2.91 -9.75
CA ARG A 88 -17.52 -1.85 -9.15
C ARG A 88 -17.06 -0.48 -9.67
N ARG A 89 -18.01 0.42 -9.84
CA ARG A 89 -17.71 1.75 -10.34
C ARG A 89 -16.46 2.30 -9.67
N PHE A 90 -15.39 2.36 -10.44
CA PHE A 90 -14.12 2.85 -9.93
C PHE A 90 -13.53 1.90 -8.89
N ALA A 91 -13.03 0.78 -9.37
CA ALA A 91 -12.44 -0.22 -8.50
C ALA A 91 -11.06 -0.62 -9.05
N PHE A 92 -10.09 -0.65 -8.14
CA PHE A 92 -8.74 -1.03 -8.51
C PHE A 92 -8.22 -2.17 -7.64
N GLU A 93 -7.48 -3.07 -8.28
CA GLU A 93 -6.91 -4.20 -7.58
C GLU A 93 -5.44 -3.94 -7.21
N LEU A 94 -5.07 -4.42 -6.05
CA LEU A 94 -3.70 -4.25 -5.57
C LEU A 94 -2.92 -5.54 -5.79
N LYS A 95 -2.02 -5.48 -6.77
CA LYS A 95 -1.19 -6.64 -7.09
C LYS A 95 -0.09 -6.78 -6.06
N MET A 96 -0.16 -7.88 -5.31
CA MET A 96 0.82 -8.15 -4.28
C MET A 96 1.87 -9.15 -4.77
N GLN A 97 3.08 -9.00 -4.24
CA GLN A 97 4.17 -9.87 -4.61
C GLN A 97 3.88 -11.31 -4.15
N ASP A 98 2.90 -11.42 -3.27
CA ASP A 98 2.52 -12.72 -2.73
C ASP A 98 1.41 -13.31 -3.61
N LYS A 99 1.37 -12.86 -4.85
CA LYS A 99 0.37 -13.34 -5.80
C LYS A 99 -0.98 -12.70 -5.46
N SER A 100 -1.39 -12.89 -4.21
CA SER A 100 -2.66 -12.35 -3.76
C SER A 100 -2.81 -10.90 -4.23
N SER A 101 -4.02 -10.38 -4.06
CA SER A 101 -4.30 -9.01 -4.46
C SER A 101 -5.62 -8.55 -3.84
N TYR A 102 -5.61 -7.30 -3.37
CA TYR A 102 -6.79 -6.73 -2.76
C TYR A 102 -7.69 -6.06 -3.80
N LEU A 103 -8.93 -5.83 -3.41
CA LEU A 103 -9.90 -5.21 -4.30
C LEU A 103 -10.39 -3.91 -3.67
N LEU A 104 -9.75 -2.82 -4.07
CA LEU A 104 -10.11 -1.51 -3.55
C LEU A 104 -11.10 -0.84 -4.50
N ALA A 105 -11.86 0.09 -3.96
CA ALA A 105 -12.85 0.80 -4.75
C ALA A 105 -13.28 2.07 -4.01
N ALA A 106 -13.37 3.15 -4.76
CA ALA A 106 -13.77 4.43 -4.18
C ALA A 106 -15.21 4.74 -4.58
N ASP A 107 -15.73 5.83 -4.03
CA ASP A 107 -17.08 6.25 -4.32
C ASP A 107 -17.09 7.08 -5.61
N SER A 108 -15.97 7.73 -5.87
CA SER A 108 -15.84 8.56 -7.07
C SER A 108 -14.48 8.31 -7.72
N GLU A 109 -14.43 8.60 -9.01
CA GLU A 109 -13.19 8.41 -9.76
C GLU A 109 -12.00 8.96 -8.98
N VAL A 110 -12.15 10.19 -8.53
CA VAL A 110 -11.09 10.84 -7.77
C VAL A 110 -10.66 9.93 -6.62
N GLU A 111 -11.61 9.68 -5.73
CA GLU A 111 -11.35 8.82 -4.58
C GLU A 111 -10.72 7.49 -5.04
N MET A 112 -10.95 7.17 -6.30
CA MET A 112 -10.42 5.95 -6.86
C MET A 112 -9.04 6.17 -7.47
N GLU A 113 -8.84 7.39 -7.98
CA GLU A 113 -7.56 7.74 -8.59
C GLU A 113 -6.56 8.14 -7.50
N GLU A 114 -7.07 8.82 -6.48
CA GLU A 114 -6.24 9.28 -5.39
C GLU A 114 -5.40 8.12 -4.85
N TRP A 115 -6.09 7.08 -4.42
CA TRP A 115 -5.44 5.90 -3.88
C TRP A 115 -4.57 5.29 -4.99
N ILE A 116 -5.23 4.98 -6.10
CA ILE A 116 -4.55 4.39 -7.24
C ILE A 116 -3.15 4.99 -7.35
N THR A 117 -3.05 6.27 -6.99
CA THR A 117 -1.78 6.97 -7.06
C THR A 117 -0.94 6.65 -5.81
N ILE A 118 -1.44 7.14 -4.67
CA ILE A 118 -0.75 6.92 -3.41
C ILE A 118 -0.17 5.51 -3.38
N LEU A 119 -1.04 4.54 -3.65
CA LEU A 119 -0.63 3.15 -3.65
C LEU A 119 0.60 2.98 -4.55
N ASN A 120 0.38 3.22 -5.84
CA ASN A 120 1.46 3.11 -6.81
C ASN A 120 2.55 4.13 -6.48
N LYS A 121 2.22 5.03 -5.56
CA LYS A 121 3.15 6.06 -5.15
C LYS A 121 4.24 5.44 -4.27
N ILE A 122 3.80 4.83 -3.18
CA ILE A 122 4.72 4.19 -2.25
C ILE A 122 5.38 2.99 -2.94
N LEU A 123 4.64 2.39 -3.86
CA LEU A 123 5.14 1.25 -4.60
C LEU A 123 6.35 1.67 -5.42
N GLN A 124 6.15 2.70 -6.24
CA GLN A 124 7.21 3.21 -7.08
C GLN A 124 8.33 3.83 -6.22
N LEU A 125 7.91 4.42 -5.12
CA LEU A 125 8.85 5.06 -4.21
C LEU A 125 9.64 3.98 -3.47
N ASN A 126 8.94 2.91 -3.12
CA ASN A 126 9.56 1.80 -2.41
C ASN A 126 10.79 1.33 -3.19
N PHE A 127 10.69 1.42 -4.51
CA PHE A 127 11.79 1.02 -5.37
C PHE A 127 12.99 1.93 -5.20
N GLU A 128 12.71 3.23 -5.25
CA GLU A 128 13.76 4.23 -5.10
C GLU A 128 14.27 4.26 -3.66
N ALA A 129 13.40 3.86 -2.75
CA ALA A 129 13.73 3.84 -1.34
C ALA A 129 14.78 2.74 -1.09
N ALA A 130 14.75 1.74 -1.95
CA ALA A 130 15.69 0.63 -1.83
C ALA A 130 17.06 1.08 -2.33
N MET A 131 17.06 1.76 -3.46
CA MET A 131 18.30 2.25 -4.05
C MET A 131 18.92 3.35 -3.19
N GLN A 132 18.09 3.92 -2.33
CA GLN A 132 18.54 4.97 -1.44
C GLN A 132 19.32 4.39 -0.27
N GLU A 133 18.92 3.20 0.14
CA GLU A 133 19.58 2.53 1.25
C GLU A 133 20.70 1.61 0.73
N LYS A 134 20.42 0.97 -0.40
CA LYS A 134 21.40 0.08 -0.99
C LYS A 134 22.76 0.79 -1.08
N ARG A 135 22.72 2.02 -1.56
CA ARG A 135 23.93 2.80 -1.69
C ARG A 135 24.77 2.70 -0.42
N ASN A 136 24.10 2.41 0.68
CA ASN A 136 24.77 2.28 1.96
C ASN A 136 24.58 0.85 2.49
N GLY A 137 25.41 -0.04 1.97
CA GLY A 137 25.35 -1.43 2.38
C GLY A 137 25.81 -2.36 1.25
N ASP A 138 25.21 -2.15 0.08
CA ASP A 138 25.55 -2.95 -1.08
C ASP A 138 25.94 -2.02 -2.24
N SER A 139 26.47 -2.63 -3.29
CA SER A 139 26.90 -1.88 -4.45
C SER A 139 25.69 -1.49 -5.30
N HIS A 140 25.50 -0.19 -5.47
CA HIS A 140 24.38 0.31 -6.25
C HIS A 140 24.35 1.85 -6.16
N GLU A 141 24.57 2.47 -7.29
CA GLU A 141 24.56 3.93 -7.36
C GLU A 141 23.40 4.42 -8.22
N ASP A 142 23.26 5.73 -8.29
CA ASP A 142 22.21 6.34 -9.07
C ASP A 142 22.26 7.86 -8.91
N ASP A 143 21.81 8.55 -9.95
CA ASP A 143 21.81 10.00 -9.95
C ASP A 143 20.51 10.50 -9.30
N GLU A 144 20.46 11.81 -9.08
CA GLU A 144 19.29 12.42 -8.48
C GLU A 144 19.19 13.89 -8.88
N SER A 145 18.01 14.27 -9.36
CA SER A 145 17.77 15.63 -9.78
C SER A 145 17.96 16.59 -8.61
N GLY A 146 17.80 17.88 -8.89
CA GLY A 146 17.95 18.89 -7.87
C GLY A 146 16.59 19.46 -7.45
N PRO A 147 16.14 19.02 -6.26
CA PRO A 147 14.86 19.48 -5.73
C PRO A 147 14.95 20.92 -5.21
N SER A 148 13.84 21.40 -4.69
CA SER A 148 13.79 22.75 -4.15
C SER A 148 13.19 22.73 -2.74
N SER A 149 13.93 23.30 -1.81
CA SER A 149 13.48 23.36 -0.42
C SER A 149 12.36 24.38 -0.29
N GLY A 150 11.41 24.04 0.58
CA GLY A 150 10.27 24.91 0.81
C GLY A 150 10.71 26.37 0.98
#